data_2RO1
#
_entry.id   2RO1
#
loop_
_entity.id
_entity.type
_entity.pdbx_description
1 polymer 'Transcription intermediary factor 1-beta'
2 non-polymer 'ZINC ION'
#
_entity_poly.entity_id   1
_entity_poly.type   'polypeptide(L)'
_entity_poly.pdbx_seq_one_letter_code
;SATICRVCQKPGDLVMCNQCEFCFHLDCHLPALQDVPGEEWSCSLCHVLPDLKEEDGSLSLDGADSTGVVAKLSPANQRK
CERVLLALFCHEPCRPLHQLATDSTFSLDQPGGTLDLTLIRARLQEKLSPPYSSPQEFAQDVGRMFKQFNKLTEDKADVQ
SIIGLQRFFETRMNEAFGDTKFSAVLVEP
;
_entity_poly.pdbx_strand_id   A
#
loop_
_chem_comp.id
_chem_comp.type
_chem_comp.name
_chem_comp.formula
ZN non-polymer 'ZINC ION' 'Zn 2'
#
# COMPACT_ATOMS: atom_id res chain seq x y z
N SER A 1 -1.91 -18.49 -15.49
CA SER A 1 -2.35 -17.58 -14.40
C SER A 1 -3.38 -16.57 -14.92
N ALA A 2 -4.34 -16.24 -14.06
CA ALA A 2 -5.39 -15.29 -14.41
C ALA A 2 -5.00 -13.86 -14.10
N THR A 3 -5.74 -12.93 -14.69
CA THR A 3 -5.53 -11.53 -14.45
C THR A 3 -5.55 -11.25 -12.98
N ILE A 4 -6.72 -11.47 -12.41
CA ILE A 4 -6.99 -11.31 -11.00
C ILE A 4 -6.25 -10.20 -10.32
N CYS A 5 -7.05 -9.28 -9.83
CA CYS A 5 -6.55 -8.16 -9.09
C CYS A 5 -5.75 -8.69 -7.94
N ARG A 6 -4.52 -9.06 -8.24
CA ARG A 6 -3.59 -9.65 -7.28
C ARG A 6 -4.08 -9.45 -5.86
N VAL A 7 -4.51 -8.22 -5.59
CA VAL A 7 -5.06 -7.87 -4.31
C VAL A 7 -6.14 -8.86 -4.00
N CYS A 8 -7.26 -8.68 -4.69
CA CYS A 8 -8.39 -9.57 -4.54
C CYS A 8 -8.07 -10.97 -5.07
N GLN A 9 -7.24 -11.00 -6.12
CA GLN A 9 -6.89 -12.23 -6.81
C GLN A 9 -8.10 -12.69 -7.60
N LYS A 10 -8.95 -11.73 -7.94
CA LYS A 10 -10.11 -11.97 -8.72
C LYS A 10 -10.02 -11.30 -10.07
N PRO A 11 -10.35 -12.04 -11.11
CA PRO A 11 -10.31 -11.55 -12.48
C PRO A 11 -11.31 -10.43 -12.71
N GLY A 12 -11.08 -9.68 -13.76
CA GLY A 12 -11.99 -8.58 -14.07
C GLY A 12 -11.36 -7.52 -14.95
N ASP A 13 -11.82 -6.28 -14.75
CA ASP A 13 -11.28 -5.15 -15.48
C ASP A 13 -9.97 -4.73 -14.86
N LEU A 14 -9.19 -5.73 -14.54
CA LEU A 14 -7.91 -5.58 -13.94
C LEU A 14 -6.88 -5.13 -14.90
N VAL A 15 -5.84 -4.64 -14.30
CA VAL A 15 -4.73 -4.12 -15.01
C VAL A 15 -3.49 -4.92 -14.66
N MET A 16 -2.99 -5.65 -15.62
CA MET A 16 -1.87 -6.51 -15.39
C MET A 16 -0.57 -5.76 -15.42
N CYS A 17 0.24 -6.01 -14.40
CA CYS A 17 1.54 -5.41 -14.31
C CYS A 17 2.31 -5.82 -15.53
N ASN A 18 2.45 -4.88 -16.45
CA ASN A 18 3.16 -5.11 -17.68
C ASN A 18 4.52 -5.72 -17.38
N GLN A 19 4.87 -5.73 -16.11
CA GLN A 19 6.15 -6.26 -15.66
C GLN A 19 6.02 -7.49 -14.76
N CYS A 20 5.00 -7.54 -13.89
CA CYS A 20 4.90 -8.69 -12.99
C CYS A 20 3.47 -9.25 -12.83
N GLU A 21 2.72 -9.22 -13.92
CA GLU A 21 1.34 -9.74 -13.96
C GLU A 21 0.44 -9.25 -12.83
N PHE A 22 0.99 -8.49 -11.89
CA PHE A 22 0.23 -7.93 -10.80
C PHE A 22 -0.96 -7.13 -11.32
N CYS A 23 -2.10 -7.80 -11.44
CA CYS A 23 -3.30 -7.18 -11.91
C CYS A 23 -4.03 -6.51 -10.81
N PHE A 24 -4.71 -5.46 -11.14
CA PHE A 24 -5.43 -4.70 -10.15
C PHE A 24 -6.74 -4.13 -10.68
N HIS A 25 -7.76 -4.29 -9.87
CA HIS A 25 -9.06 -3.69 -10.15
C HIS A 25 -8.94 -2.20 -10.18
N LEU A 26 -7.71 -1.75 -10.05
CA LEU A 26 -7.40 -0.35 -10.03
C LEU A 26 -7.79 0.27 -8.74
N ASP A 27 -9.06 0.24 -8.48
CA ASP A 27 -9.59 0.78 -7.26
C ASP A 27 -8.94 0.11 -6.06
N CYS A 28 -8.61 -1.19 -6.21
CA CYS A 28 -7.94 -1.89 -5.16
C CYS A 28 -6.50 -1.47 -5.15
N HIS A 29 -6.02 -0.91 -6.29
CA HIS A 29 -4.68 -0.40 -6.31
C HIS A 29 -4.54 0.38 -5.04
N LEU A 30 -3.42 0.25 -4.37
CA LEU A 30 -3.25 0.92 -3.10
C LEU A 30 -3.84 2.30 -3.08
N PRO A 31 -3.35 3.22 -3.90
CA PRO A 31 -3.89 4.55 -3.91
C PRO A 31 -5.06 4.63 -4.86
N ALA A 32 -5.41 3.46 -5.34
CA ALA A 32 -6.48 3.28 -6.30
C ALA A 32 -6.16 4.02 -7.57
N LEU A 33 -6.11 3.28 -8.66
CA LEU A 33 -5.81 3.85 -9.94
C LEU A 33 -6.65 5.06 -10.24
N GLN A 34 -6.51 5.51 -11.46
CA GLN A 34 -7.21 6.64 -11.93
C GLN A 34 -8.29 6.15 -12.84
N ASP A 35 -7.92 5.04 -13.45
CA ASP A 35 -8.67 4.34 -14.44
C ASP A 35 -7.67 3.77 -15.36
N VAL A 36 -7.56 2.50 -15.21
CA VAL A 36 -6.59 1.70 -15.86
C VAL A 36 -5.41 2.48 -16.39
N PRO A 37 -4.31 2.22 -15.71
CA PRO A 37 -2.99 2.82 -15.93
C PRO A 37 -2.32 2.27 -17.16
N GLY A 38 -3.15 1.95 -18.12
CA GLY A 38 -2.68 1.40 -19.36
C GLY A 38 -2.19 -0.01 -19.19
N GLU A 39 -2.20 -0.78 -20.27
CA GLU A 39 -1.75 -2.15 -20.25
C GLU A 39 -0.24 -2.22 -20.11
N GLU A 40 0.37 -1.09 -19.73
CA GLU A 40 1.78 -1.01 -19.57
C GLU A 40 2.13 -0.61 -18.14
N TRP A 41 1.10 -0.50 -17.30
CA TRP A 41 1.30 -0.14 -15.93
C TRP A 41 2.20 -1.16 -15.29
N SER A 42 2.50 -0.91 -14.06
CA SER A 42 3.38 -1.78 -13.30
C SER A 42 3.20 -1.56 -11.82
N CYS A 43 2.15 -2.13 -11.25
CA CYS A 43 1.89 -1.97 -9.83
C CYS A 43 2.22 -0.56 -9.35
N SER A 44 2.30 -0.43 -8.04
CA SER A 44 2.76 0.79 -7.42
C SER A 44 4.13 0.47 -6.85
N LEU A 45 4.36 -0.83 -6.66
CA LEU A 45 5.61 -1.38 -6.17
C LEU A 45 6.59 -1.49 -7.32
N CYS A 46 6.01 -1.42 -8.50
CA CYS A 46 6.75 -1.53 -9.76
C CYS A 46 6.72 -0.23 -10.54
N HIS A 47 5.65 0.55 -10.36
CA HIS A 47 5.47 1.80 -11.10
C HIS A 47 5.28 2.98 -10.19
N VAL A 48 4.57 2.76 -9.11
CA VAL A 48 4.28 3.81 -8.17
C VAL A 48 3.62 5.00 -8.87
N LEU A 49 3.40 6.08 -8.13
CA LEU A 49 2.76 7.29 -8.68
C LEU A 49 3.08 7.53 -10.13
N PRO A 50 2.08 8.01 -10.88
CA PRO A 50 2.22 8.32 -12.28
C PRO A 50 3.23 9.40 -12.50
N ASP A 51 4.32 8.94 -13.00
CA ASP A 51 5.48 9.77 -13.29
C ASP A 51 5.33 10.47 -14.63
N LEU A 52 4.19 10.23 -15.26
CA LEU A 52 3.88 10.80 -16.54
C LEU A 52 4.07 12.30 -16.62
N LYS A 53 4.40 12.93 -15.50
CA LYS A 53 4.63 14.35 -15.47
C LYS A 53 5.65 14.72 -16.54
N GLU A 54 6.39 13.70 -17.00
CA GLU A 54 7.41 13.88 -18.01
C GLU A 54 8.48 14.84 -17.55
N GLU A 55 8.18 16.12 -17.66
CA GLU A 55 9.08 17.16 -17.24
C GLU A 55 9.18 17.20 -15.72
N ASP A 56 9.54 18.36 -15.17
CA ASP A 56 9.69 18.56 -13.74
C ASP A 56 10.39 17.39 -13.06
N GLY A 57 11.31 16.76 -13.79
CA GLY A 57 12.06 15.65 -13.23
C GLY A 57 12.93 16.11 -12.09
N SER A 58 13.16 17.43 -12.04
CA SER A 58 13.97 18.04 -11.00
C SER A 58 14.03 19.55 -11.19
N LEU A 59 13.05 20.10 -11.92
CA LEU A 59 13.00 21.52 -12.18
C LEU A 59 11.57 22.03 -12.12
N SER A 60 11.28 22.87 -11.12
CA SER A 60 9.94 23.42 -10.96
C SER A 60 9.97 24.45 -9.86
N LEU A 61 11.09 24.44 -9.14
CA LEU A 61 11.33 25.34 -8.03
C LEU A 61 10.44 25.04 -6.84
N ASP A 62 9.13 25.14 -7.04
CA ASP A 62 8.15 24.90 -5.99
C ASP A 62 6.75 25.26 -6.47
N GLY A 63 5.84 24.28 -6.40
CA GLY A 63 4.48 24.51 -6.82
C GLY A 63 3.48 23.74 -6.00
N ALA A 64 2.87 22.73 -6.62
CA ALA A 64 1.89 21.92 -5.94
C ALA A 64 2.51 20.64 -5.38
N ASP A 65 3.58 20.20 -6.02
CA ASP A 65 4.28 18.99 -5.59
C ASP A 65 5.50 18.74 -6.48
N SER A 66 6.65 18.53 -5.83
CA SER A 66 7.89 18.27 -6.56
C SER A 66 8.84 17.43 -5.72
N THR A 67 9.03 17.83 -4.47
CA THR A 67 9.92 17.11 -3.57
C THR A 67 9.40 17.15 -2.13
N GLY A 68 8.55 18.14 -1.84
CA GLY A 68 8.01 18.26 -0.49
C GLY A 68 6.72 19.06 -0.46
N VAL A 69 5.59 18.38 -0.59
CA VAL A 69 4.28 19.03 -0.57
C VAL A 69 3.79 19.16 0.88
N VAL A 70 4.40 18.39 1.77
CA VAL A 70 4.06 18.39 3.17
C VAL A 70 5.19 17.78 3.97
N ALA A 71 5.79 16.77 3.38
CA ALA A 71 6.91 16.08 3.97
C ALA A 71 6.54 15.40 5.25
N LYS A 72 5.25 15.19 5.37
CA LYS A 72 4.70 14.45 6.46
C LYS A 72 5.17 13.07 6.22
N LEU A 73 4.40 12.35 5.48
CA LEU A 73 4.78 11.05 5.08
C LEU A 73 5.58 11.22 3.81
N SER A 74 5.56 12.48 3.36
CA SER A 74 6.29 12.93 2.19
C SER A 74 5.78 12.28 0.93
N PRO A 75 5.78 13.01 -0.18
CA PRO A 75 5.31 12.50 -1.47
C PRO A 75 5.79 11.11 -1.76
N ALA A 76 7.10 10.98 -1.75
CA ALA A 76 7.76 9.74 -2.05
C ALA A 76 7.80 8.78 -0.86
N ASN A 77 8.00 9.30 0.34
CA ASN A 77 8.06 8.43 1.51
C ASN A 77 6.67 7.84 1.72
N GLN A 78 5.67 8.59 1.31
CA GLN A 78 4.31 8.19 1.44
C GLN A 78 4.11 7.10 0.43
N ARG A 79 4.76 7.36 -0.68
CA ARG A 79 4.77 6.48 -1.80
C ARG A 79 5.40 5.14 -1.43
N LYS A 80 6.38 5.19 -0.52
CA LYS A 80 7.07 3.97 -0.08
C LYS A 80 6.18 3.12 0.78
N CYS A 81 5.50 3.75 1.73
CA CYS A 81 4.65 3.03 2.58
C CYS A 81 3.50 2.57 1.72
N GLU A 82 3.25 3.33 0.65
CA GLU A 82 2.23 2.94 -0.27
C GLU A 82 2.76 1.78 -1.12
N ARG A 83 4.07 1.65 -1.14
CA ARG A 83 4.68 0.55 -1.86
C ARG A 83 4.50 -0.66 -0.99
N VAL A 84 4.12 -0.36 0.25
CA VAL A 84 3.87 -1.37 1.25
C VAL A 84 2.42 -1.75 1.34
N LEU A 85 1.57 -0.86 1.88
CA LEU A 85 0.17 -1.16 1.97
C LEU A 85 -0.18 -1.91 0.77
N LEU A 86 0.41 -1.49 -0.34
CA LEU A 86 0.19 -2.16 -1.56
C LEU A 86 0.77 -3.56 -1.49
N ALA A 87 2.10 -3.65 -1.25
CA ALA A 87 2.73 -4.95 -1.17
C ALA A 87 1.82 -5.88 -0.40
N LEU A 88 1.37 -5.37 0.74
CA LEU A 88 0.45 -6.05 1.56
C LEU A 88 -0.77 -6.38 0.75
N PHE A 89 -1.43 -5.33 0.34
CA PHE A 89 -2.67 -5.40 -0.44
C PHE A 89 -2.68 -6.60 -1.38
N CYS A 90 -1.67 -6.61 -2.24
CA CYS A 90 -1.47 -7.64 -3.24
C CYS A 90 -1.58 -9.06 -2.69
N HIS A 91 -0.91 -9.35 -1.58
CA HIS A 91 -0.90 -10.69 -1.06
C HIS A 91 -2.20 -11.11 -0.39
N GLU A 92 -2.24 -12.34 0.09
CA GLU A 92 -3.44 -12.87 0.70
C GLU A 92 -3.56 -12.49 2.18
N PRO A 93 -2.54 -12.77 2.99
CA PRO A 93 -2.55 -12.45 4.41
C PRO A 93 -3.14 -11.07 4.67
N CYS A 94 -2.83 -10.15 3.79
CA CYS A 94 -3.38 -8.82 3.92
C CYS A 94 -4.87 -8.88 3.71
N ARG A 95 -5.34 -9.64 2.73
CA ARG A 95 -6.78 -9.71 2.51
C ARG A 95 -7.50 -9.66 3.86
N PRO A 96 -7.20 -10.59 4.80
CA PRO A 96 -7.77 -10.50 6.15
C PRO A 96 -7.53 -9.12 6.73
N LEU A 97 -6.27 -8.66 6.61
CA LEU A 97 -5.87 -7.37 7.12
C LEU A 97 -6.69 -6.22 6.61
N HIS A 98 -6.81 -6.11 5.30
CA HIS A 98 -7.53 -5.03 4.68
C HIS A 98 -8.74 -4.68 5.50
N GLN A 99 -9.29 -5.72 6.09
CA GLN A 99 -10.48 -5.61 6.87
C GLN A 99 -10.42 -6.44 8.15
N LEU A 100 -10.03 -5.80 9.25
CA LEU A 100 -9.93 -6.47 10.54
C LEU A 100 -10.66 -5.71 11.63
N ALA A 101 -10.49 -4.41 11.59
CA ALA A 101 -11.03 -3.54 12.59
C ALA A 101 -12.54 -3.47 12.54
N THR A 102 -13.07 -2.71 13.48
CA THR A 102 -14.49 -2.48 13.59
C THR A 102 -14.69 -1.01 13.38
N ASP A 103 -13.59 -0.45 12.88
CA ASP A 103 -13.41 0.94 12.57
C ASP A 103 -14.57 1.82 13.03
N SER A 104 -15.68 1.79 12.28
CA SER A 104 -16.84 2.62 12.61
C SER A 104 -16.44 4.09 12.57
N THR A 105 -15.95 4.56 13.69
CA THR A 105 -15.48 5.93 13.81
C THR A 105 -14.32 6.03 14.78
N PHE A 106 -13.40 5.08 14.72
CA PHE A 106 -12.25 5.14 15.57
C PHE A 106 -11.15 4.23 15.10
N SER A 107 -10.22 4.88 14.49
CA SER A 107 -9.04 4.27 13.93
C SER A 107 -8.02 5.36 13.62
N LEU A 108 -8.55 6.53 13.28
CA LEU A 108 -7.75 7.69 12.98
C LEU A 108 -6.83 8.02 14.10
N ASP A 109 -7.28 7.67 15.27
CA ASP A 109 -6.51 7.89 16.48
C ASP A 109 -7.01 7.01 17.58
N GLN A 110 -7.72 5.98 17.18
CA GLN A 110 -8.27 5.04 18.08
C GLN A 110 -7.18 4.53 19.00
N PRO A 111 -7.60 3.99 20.12
CA PRO A 111 -6.71 3.43 21.14
C PRO A 111 -6.09 2.13 20.66
N GLY A 112 -5.25 2.26 19.65
CA GLY A 112 -4.61 1.10 19.06
C GLY A 112 -5.59 -0.03 18.89
N GLY A 113 -6.57 0.20 18.02
CA GLY A 113 -7.62 -0.78 17.81
C GLY A 113 -7.22 -2.00 17.00
N THR A 114 -7.21 -1.88 15.68
CA THR A 114 -6.92 -2.99 14.83
C THR A 114 -6.40 -2.58 13.49
N LEU A 115 -6.78 -1.39 13.10
CA LEU A 115 -6.42 -0.86 11.82
C LEU A 115 -6.58 -1.92 10.75
N ASP A 116 -6.01 -1.65 9.61
CA ASP A 116 -6.03 -2.56 8.51
C ASP A 116 -5.43 -1.84 7.30
N LEU A 117 -5.09 -2.56 6.23
CA LEU A 117 -4.48 -1.93 5.08
C LEU A 117 -5.19 -0.68 4.72
N THR A 118 -6.49 -0.81 4.58
CA THR A 118 -7.32 0.29 4.16
C THR A 118 -7.27 1.40 5.19
N LEU A 119 -7.21 1.00 6.45
CA LEU A 119 -7.08 1.94 7.54
C LEU A 119 -5.91 2.83 7.23
N ILE A 120 -4.79 2.17 7.33
CA ILE A 120 -3.48 2.71 7.07
C ILE A 120 -3.35 3.40 5.73
N ARG A 121 -4.03 2.80 4.77
CA ARG A 121 -3.97 3.22 3.39
C ARG A 121 -4.62 4.53 3.20
N ALA A 122 -5.73 4.66 3.82
CA ALA A 122 -6.47 5.88 3.76
C ALA A 122 -5.63 6.98 4.36
N ARG A 123 -4.92 6.61 5.42
CA ARG A 123 -4.02 7.51 6.11
C ARG A 123 -3.02 7.99 5.11
N LEU A 124 -2.29 7.01 4.63
CA LEU A 124 -1.30 7.17 3.61
C LEU A 124 -1.88 8.00 2.48
N GLN A 125 -3.12 7.66 2.15
CA GLN A 125 -3.86 8.25 1.04
C GLN A 125 -4.39 9.63 1.34
N GLU A 126 -4.60 9.87 2.63
CA GLU A 126 -5.21 11.10 3.10
C GLU A 126 -6.70 10.97 2.86
N LYS A 127 -7.06 9.76 2.47
CA LYS A 127 -8.39 9.39 2.24
C LYS A 127 -9.11 9.47 3.54
N LEU A 128 -8.38 8.97 4.50
CA LEU A 128 -8.80 8.90 5.86
C LEU A 128 -9.06 10.28 6.45
N SER A 129 -8.07 10.81 7.12
CA SER A 129 -8.18 12.14 7.77
C SER A 129 -6.91 12.58 8.42
N PRO A 130 -6.30 11.67 9.19
CA PRO A 130 -5.11 11.96 9.99
C PRO A 130 -3.73 11.53 9.44
N PRO A 131 -3.55 11.26 8.13
CA PRO A 131 -2.31 10.84 7.49
C PRO A 131 -1.08 10.97 8.35
N TYR A 132 -0.24 9.96 8.26
CA TYR A 132 0.96 9.89 9.06
C TYR A 132 1.97 10.93 8.69
N SER A 133 3.22 10.53 8.84
CA SER A 133 4.33 11.36 8.54
C SER A 133 5.58 10.52 8.36
N SER A 134 5.42 9.19 8.26
CA SER A 134 6.56 8.34 8.05
C SER A 134 6.09 6.96 7.65
N PRO A 135 6.74 6.36 6.65
CA PRO A 135 6.38 5.02 6.22
C PRO A 135 6.67 4.04 7.32
N GLN A 136 7.27 4.56 8.37
CA GLN A 136 7.52 3.76 9.53
C GLN A 136 6.36 3.99 10.46
N GLU A 137 5.73 5.17 10.35
CA GLU A 137 4.58 5.47 11.13
C GLU A 137 3.53 4.54 10.68
N PHE A 138 3.52 4.47 9.39
CA PHE A 138 2.65 3.65 8.63
C PHE A 138 2.89 2.22 9.00
N ALA A 139 4.07 1.79 8.66
CA ALA A 139 4.57 0.47 8.94
C ALA A 139 4.27 0.10 10.36
N GLN A 140 4.35 1.09 11.21
CA GLN A 140 4.05 0.89 12.58
C GLN A 140 2.63 0.45 12.72
N ASP A 141 1.77 1.11 11.95
CA ASP A 141 0.36 0.79 11.99
C ASP A 141 0.16 -0.54 11.32
N VAL A 142 0.57 -0.70 10.11
CA VAL A 142 0.41 -1.96 9.48
C VAL A 142 1.06 -3.03 10.31
N GLY A 143 2.12 -2.63 10.95
CA GLY A 143 2.81 -3.52 11.84
C GLY A 143 1.91 -3.82 13.00
N ARG A 144 0.94 -2.94 13.21
CA ARG A 144 -0.04 -3.10 14.25
C ARG A 144 -1.05 -4.07 13.73
N MET A 145 -1.47 -3.72 12.52
CA MET A 145 -2.36 -4.46 11.73
C MET A 145 -2.05 -5.89 11.97
N PHE A 146 -0.81 -6.16 11.61
CA PHE A 146 -0.12 -7.43 11.75
C PHE A 146 -0.25 -7.96 13.16
N LYS A 147 -0.03 -7.09 14.14
CA LYS A 147 -0.14 -7.47 15.52
C LYS A 147 -1.50 -8.06 15.83
N GLN A 148 -2.53 -7.26 15.63
CA GLN A 148 -3.89 -7.70 15.89
C GLN A 148 -4.31 -8.60 14.75
N PHE A 149 -3.51 -8.59 13.73
CA PHE A 149 -3.73 -9.42 12.57
C PHE A 149 -3.49 -10.83 13.02
N ASN A 150 -2.46 -10.94 13.82
CA ASN A 150 -1.97 -12.17 14.37
C ASN A 150 -2.77 -12.61 15.58
N LYS A 151 -3.48 -11.66 16.19
CA LYS A 151 -4.27 -11.94 17.38
C LYS A 151 -5.77 -12.07 17.11
N LEU A 152 -6.19 -11.57 15.97
CA LEU A 152 -7.58 -11.59 15.58
C LEU A 152 -7.88 -12.73 14.67
N THR A 153 -6.91 -13.01 13.83
CA THR A 153 -7.01 -14.09 12.88
C THR A 153 -7.64 -15.27 13.54
N GLU A 154 -6.82 -15.95 14.28
CA GLU A 154 -7.21 -17.12 15.03
C GLU A 154 -7.82 -18.21 14.15
N ASP A 155 -8.17 -17.83 12.94
CA ASP A 155 -8.79 -18.74 11.99
C ASP A 155 -7.82 -19.17 10.91
N LYS A 156 -6.85 -18.32 10.58
CA LYS A 156 -5.88 -18.63 9.55
C LYS A 156 -4.79 -19.57 10.07
N ALA A 157 -3.56 -19.07 10.13
CA ALA A 157 -2.46 -19.86 10.66
C ALA A 157 -2.30 -19.53 12.10
N ASP A 158 -1.84 -18.32 12.30
CA ASP A 158 -1.65 -17.73 13.59
C ASP A 158 -0.70 -16.57 13.46
N VAL A 159 0.56 -16.90 13.45
CA VAL A 159 1.62 -15.95 13.33
C VAL A 159 2.17 -15.87 11.95
N GLN A 160 2.78 -16.95 11.56
CA GLN A 160 3.48 -17.04 10.29
C GLN A 160 2.63 -16.67 9.07
N SER A 161 1.35 -16.38 9.27
CA SER A 161 0.53 -15.96 8.15
C SER A 161 0.71 -14.49 8.11
N ILE A 162 0.66 -13.96 9.31
CA ILE A 162 0.90 -12.60 9.58
C ILE A 162 2.31 -12.33 9.15
N ILE A 163 3.26 -13.01 9.79
CA ILE A 163 4.65 -12.85 9.52
C ILE A 163 4.99 -12.92 8.06
N GLY A 164 4.65 -14.01 7.38
CA GLY A 164 4.99 -14.10 5.97
C GLY A 164 4.58 -12.85 5.24
N LEU A 165 3.51 -12.23 5.71
CA LEU A 165 3.01 -11.02 5.20
C LEU A 165 3.82 -9.88 5.80
N GLN A 166 4.22 -10.05 7.06
CA GLN A 166 4.99 -9.06 7.76
C GLN A 166 6.37 -8.93 7.11
N ARG A 167 6.83 -10.02 6.48
CA ARG A 167 8.10 -10.05 5.79
C ARG A 167 7.92 -9.37 4.44
N PHE A 168 6.84 -9.76 3.76
CA PHE A 168 6.47 -9.21 2.48
C PHE A 168 6.40 -7.70 2.64
N PHE A 169 5.64 -7.31 3.62
CA PHE A 169 5.53 -5.96 4.08
C PHE A 169 6.86 -5.24 3.99
N GLU A 170 7.77 -5.72 4.82
CA GLU A 170 9.08 -5.14 4.94
C GLU A 170 9.93 -5.26 3.69
N THR A 171 9.55 -6.18 2.82
CA THR A 171 10.23 -6.42 1.57
C THR A 171 10.08 -5.26 0.63
N ARG A 172 8.83 -4.98 0.26
CA ARG A 172 8.56 -3.88 -0.64
C ARG A 172 8.86 -2.61 0.12
N MET A 173 8.44 -2.57 1.38
CA MET A 173 8.79 -1.45 2.20
C MET A 173 10.31 -1.29 2.12
N ASN A 174 11.00 -2.40 1.87
CA ASN A 174 12.46 -2.37 1.75
C ASN A 174 12.84 -1.90 0.36
N GLU A 175 12.06 -2.36 -0.61
CA GLU A 175 12.28 -2.00 -2.00
C GLU A 175 12.15 -0.49 -2.16
N ALA A 176 10.96 -0.01 -1.90
CA ALA A 176 10.65 1.41 -1.96
C ALA A 176 11.67 2.23 -1.20
N PHE A 177 12.10 1.72 -0.05
CA PHE A 177 13.07 2.41 0.78
C PHE A 177 14.50 2.24 0.28
N GLY A 178 14.64 2.08 -1.03
CA GLY A 178 15.95 1.93 -1.64
C GLY A 178 15.90 2.23 -3.11
N ASP A 179 15.48 1.25 -3.89
CA ASP A 179 15.38 1.41 -5.34
C ASP A 179 14.62 0.24 -5.99
N THR A 180 14.13 -0.70 -5.17
CA THR A 180 13.42 -1.86 -5.68
C THR A 180 14.24 -2.52 -6.78
N LYS A 181 15.54 -2.29 -6.68
CA LYS A 181 16.51 -2.79 -7.63
C LYS A 181 17.16 -4.07 -7.13
N PHE A 182 16.81 -4.41 -5.90
CA PHE A 182 17.36 -5.59 -5.23
C PHE A 182 17.27 -6.81 -6.13
N SER A 183 16.05 -7.25 -6.41
CA SER A 183 15.82 -8.41 -7.26
C SER A 183 14.51 -8.26 -8.02
N ALA A 184 14.61 -8.02 -9.32
CA ALA A 184 13.43 -7.83 -10.16
C ALA A 184 12.86 -9.15 -10.63
N VAL A 185 13.56 -10.22 -10.30
CA VAL A 185 13.15 -11.55 -10.66
C VAL A 185 12.43 -12.25 -9.54
N LEU A 186 12.26 -11.52 -8.46
CA LEU A 186 11.59 -12.02 -7.28
C LEU A 186 10.24 -11.35 -7.11
N VAL A 187 10.04 -10.33 -7.90
CA VAL A 187 8.83 -9.55 -7.90
C VAL A 187 7.84 -10.15 -8.88
N GLU A 188 8.34 -11.15 -9.58
CA GLU A 188 7.56 -11.86 -10.58
C GLU A 188 7.22 -13.28 -10.11
N PRO A 189 6.03 -13.47 -9.50
CA PRO A 189 5.60 -14.79 -9.01
C PRO A 189 5.69 -15.87 -10.09
ZN ZN B . -9.60 -6.03 -6.46
ZN ZN C . 4.32 -5.42 -10.60
N SER A 1 -6.27 -19.09 -15.63
CA SER A 1 -5.68 -17.84 -16.16
C SER A 1 -6.54 -16.64 -15.79
N ALA A 2 -6.69 -16.42 -14.49
CA ALA A 2 -7.49 -15.29 -14.00
C ALA A 2 -6.62 -14.11 -13.61
N THR A 3 -6.98 -12.95 -14.12
CA THR A 3 -6.26 -11.73 -13.78
C THR A 3 -6.32 -11.52 -12.30
N ILE A 4 -7.54 -11.46 -11.79
CA ILE A 4 -7.83 -11.28 -10.38
C ILE A 4 -7.01 -10.22 -9.72
N CYS A 5 -7.76 -9.28 -9.21
CA CYS A 5 -7.21 -8.16 -8.52
C CYS A 5 -6.40 -8.60 -7.34
N ARG A 6 -5.14 -8.98 -7.61
CA ARG A 6 -4.20 -9.45 -6.59
C ARG A 6 -4.68 -9.11 -5.17
N VAL A 7 -5.18 -7.89 -5.03
CA VAL A 7 -5.72 -7.41 -3.78
C VAL A 7 -6.83 -8.36 -3.37
N CYS A 8 -7.89 -8.32 -4.16
CA CYS A 8 -9.04 -9.19 -3.95
C CYS A 8 -8.78 -10.62 -4.43
N GLN A 9 -7.95 -10.74 -5.47
CA GLN A 9 -7.67 -12.01 -6.12
C GLN A 9 -8.92 -12.46 -6.83
N LYS A 10 -9.76 -11.48 -7.14
CA LYS A 10 -10.96 -11.70 -7.87
C LYS A 10 -10.85 -11.15 -9.27
N PRO A 11 -11.31 -11.94 -10.23
CA PRO A 11 -11.26 -11.54 -11.62
C PRO A 11 -12.13 -10.34 -11.87
N GLY A 12 -11.74 -9.59 -12.86
CA GLY A 12 -12.49 -8.41 -13.20
C GLY A 12 -11.70 -7.50 -14.11
N ASP A 13 -12.06 -6.25 -14.13
CA ASP A 13 -11.37 -5.27 -14.92
C ASP A 13 -10.11 -4.82 -14.22
N LEU A 14 -9.30 -5.78 -13.81
CA LEU A 14 -8.08 -5.49 -13.15
C LEU A 14 -7.07 -4.95 -14.09
N VAL A 15 -6.28 -4.11 -13.54
CA VAL A 15 -5.21 -3.50 -14.23
C VAL A 15 -3.97 -4.33 -13.94
N MET A 16 -3.30 -4.79 -14.97
CA MET A 16 -2.15 -5.65 -14.80
C MET A 16 -0.85 -4.86 -14.79
N CYS A 17 0.02 -5.17 -13.82
CA CYS A 17 1.31 -4.51 -13.75
C CYS A 17 2.02 -4.81 -15.02
N ASN A 18 2.27 -3.79 -15.82
CA ASN A 18 2.92 -4.03 -17.08
C ASN A 18 4.31 -4.60 -16.84
N GLN A 19 4.64 -4.82 -15.56
CA GLN A 19 5.93 -5.36 -15.20
C GLN A 19 5.85 -6.72 -14.54
N CYS A 20 4.81 -6.95 -13.75
CA CYS A 20 4.68 -8.22 -13.04
C CYS A 20 3.55 -9.06 -13.60
N GLU A 21 2.37 -8.48 -13.44
CA GLU A 21 1.09 -9.08 -13.79
C GLU A 21 0.04 -8.61 -12.78
N PHE A 22 0.51 -8.14 -11.60
CA PHE A 22 -0.34 -7.64 -10.54
C PHE A 22 -1.63 -7.10 -11.08
N CYS A 23 -2.70 -7.29 -10.35
CA CYS A 23 -3.99 -6.84 -10.81
C CYS A 23 -4.74 -6.14 -9.72
N PHE A 24 -5.20 -4.96 -10.03
CA PHE A 24 -5.97 -4.23 -9.09
C PHE A 24 -7.24 -3.76 -9.76
N HIS A 25 -8.29 -3.74 -9.00
CA HIS A 25 -9.54 -3.21 -9.46
C HIS A 25 -9.41 -1.73 -9.65
N LEU A 26 -8.14 -1.30 -9.75
CA LEU A 26 -7.78 0.07 -9.84
C LEU A 26 -8.00 0.68 -8.48
N ASP A 27 -9.22 0.56 -8.04
CA ASP A 27 -9.63 1.08 -6.75
C ASP A 27 -8.88 0.37 -5.64
N CYS A 28 -8.74 -0.95 -5.74
CA CYS A 28 -8.02 -1.67 -4.74
C CYS A 28 -6.56 -1.33 -4.87
N HIS A 29 -6.17 -0.79 -6.04
CA HIS A 29 -4.80 -0.35 -6.16
C HIS A 29 -4.55 0.48 -4.95
N LEU A 30 -3.40 0.32 -4.34
CA LEU A 30 -3.12 1.03 -3.12
C LEU A 30 -3.70 2.43 -3.12
N PRO A 31 -3.19 3.38 -3.90
CA PRO A 31 -3.74 4.71 -3.87
C PRO A 31 -4.87 4.85 -4.87
N ALA A 32 -5.31 3.69 -5.29
CA ALA A 32 -6.36 3.53 -6.27
C ALA A 32 -6.10 4.28 -7.55
N LEU A 33 -6.01 3.52 -8.61
CA LEU A 33 -5.77 4.03 -9.93
C LEU A 33 -6.71 5.11 -10.36
N GLN A 34 -6.60 5.38 -11.64
CA GLN A 34 -7.40 6.37 -12.29
C GLN A 34 -8.63 5.75 -12.92
N ASP A 35 -8.47 4.49 -13.29
CA ASP A 35 -9.53 3.70 -13.96
C ASP A 35 -8.87 2.59 -14.71
N VAL A 36 -7.65 2.92 -15.08
CA VAL A 36 -6.69 2.08 -15.72
C VAL A 36 -5.60 2.81 -16.44
N PRO A 37 -4.40 2.61 -15.89
CA PRO A 37 -3.15 3.15 -16.38
C PRO A 37 -2.89 2.77 -17.81
N GLY A 38 -3.75 1.91 -18.27
CA GLY A 38 -3.66 1.39 -19.61
C GLY A 38 -3.17 -0.02 -19.63
N GLU A 39 -2.09 -0.24 -20.35
CA GLU A 39 -1.47 -1.54 -20.47
C GLU A 39 0.03 -1.42 -20.23
N GLU A 40 0.45 -0.30 -19.66
CA GLU A 40 1.82 -0.03 -19.40
C GLU A 40 2.05 0.33 -17.95
N TRP A 41 1.06 0.00 -17.14
CA TRP A 41 1.11 0.26 -15.73
C TRP A 41 2.33 -0.44 -15.16
N SER A 42 2.36 -0.52 -13.89
CA SER A 42 3.44 -1.19 -13.18
C SER A 42 3.12 -1.22 -11.69
N CYS A 43 2.31 -2.19 -11.31
CA CYS A 43 1.84 -2.35 -9.92
C CYS A 43 2.59 -1.49 -8.91
N SER A 44 2.02 -0.33 -8.57
CA SER A 44 2.56 0.64 -7.60
C SER A 44 4.00 0.35 -7.21
N LEU A 45 4.21 -0.77 -6.55
CA LEU A 45 5.54 -1.20 -6.12
C LEU A 45 6.54 -1.06 -7.27
N CYS A 46 5.96 -0.90 -8.46
CA CYS A 46 6.71 -0.73 -9.70
C CYS A 46 6.44 0.64 -10.31
N HIS A 47 5.21 1.13 -10.14
CA HIS A 47 4.79 2.40 -10.73
C HIS A 47 4.76 3.50 -9.72
N VAL A 48 4.15 3.19 -8.61
CA VAL A 48 4.00 4.12 -7.54
C VAL A 48 3.29 5.39 -8.01
N LEU A 49 3.00 6.30 -7.09
CA LEU A 49 2.31 7.53 -7.45
C LEU A 49 2.92 8.22 -8.65
N PRO A 50 2.07 8.65 -9.59
CA PRO A 50 2.48 9.32 -10.81
C PRO A 50 3.20 10.63 -10.56
N ASP A 51 2.42 11.64 -10.23
CA ASP A 51 2.92 12.98 -9.94
C ASP A 51 3.29 13.71 -11.21
N LEU A 52 3.11 13.03 -12.31
CA LEU A 52 3.38 13.55 -13.62
C LEU A 52 2.96 15.00 -13.78
N LYS A 53 3.91 15.89 -13.56
CA LYS A 53 3.66 17.31 -13.70
C LYS A 53 3.24 17.62 -15.13
N GLU A 54 3.85 16.91 -16.07
CA GLU A 54 3.57 17.09 -17.48
C GLU A 54 3.68 18.56 -17.87
N GLU A 55 2.85 19.01 -18.80
CA GLU A 55 2.88 20.37 -19.26
C GLU A 55 2.53 21.35 -18.13
N ASP A 56 3.45 22.26 -17.84
CA ASP A 56 3.29 23.28 -16.82
C ASP A 56 2.74 22.72 -15.51
N GLY A 57 3.25 21.55 -15.12
CA GLY A 57 2.81 20.96 -13.88
C GLY A 57 3.48 21.62 -12.69
N SER A 58 4.39 22.53 -12.99
CA SER A 58 5.12 23.26 -11.96
C SER A 58 5.63 24.59 -12.49
N LEU A 59 5.42 24.84 -13.79
CA LEU A 59 5.86 26.07 -14.42
C LEU A 59 4.70 26.76 -15.13
N SER A 60 4.15 27.79 -14.50
CA SER A 60 3.02 28.51 -15.06
C SER A 60 2.65 29.64 -14.12
N LEU A 61 3.51 29.80 -13.12
CA LEU A 61 3.37 30.81 -12.08
C LEU A 61 2.23 30.49 -11.13
N ASP A 62 1.06 30.19 -11.67
CA ASP A 62 -0.11 29.86 -10.85
C ASP A 62 0.26 28.84 -9.78
N GLY A 63 0.25 29.29 -8.53
CA GLY A 63 0.58 28.42 -7.42
C GLY A 63 2.05 28.44 -7.10
N ALA A 64 2.51 27.38 -6.44
CA ALA A 64 3.90 27.26 -6.09
C ALA A 64 4.25 25.86 -5.62
N ASP A 65 3.22 25.12 -5.20
CA ASP A 65 3.40 23.76 -4.72
C ASP A 65 4.22 22.93 -5.69
N SER A 66 5.40 22.49 -5.25
CA SER A 66 6.29 21.68 -6.09
C SER A 66 5.81 20.24 -6.12
N THR A 67 5.59 19.67 -4.94
CA THR A 67 5.12 18.29 -4.83
C THR A 67 3.81 18.23 -4.05
N GLY A 68 3.21 19.40 -3.83
CA GLY A 68 1.96 19.48 -3.10
C GLY A 68 2.16 19.87 -1.65
N VAL A 69 3.27 20.57 -1.40
CA VAL A 69 3.62 21.03 -0.05
C VAL A 69 3.04 20.12 1.04
N VAL A 70 3.67 18.96 1.23
CA VAL A 70 3.25 18.01 2.20
C VAL A 70 4.36 17.75 3.21
N ALA A 71 5.28 16.88 2.84
CA ALA A 71 6.40 16.58 3.71
C ALA A 71 5.93 16.06 5.04
N LYS A 72 4.70 15.61 4.99
CA LYS A 72 4.03 15.00 6.12
C LYS A 72 4.57 13.61 6.14
N LEU A 73 4.05 12.82 5.27
CA LEU A 73 4.54 11.51 5.04
C LEU A 73 5.66 11.72 4.04
N SER A 74 5.30 12.54 3.05
CA SER A 74 6.17 12.98 1.95
C SER A 74 5.79 12.30 0.64
N PRO A 75 5.91 13.00 -0.48
CA PRO A 75 5.58 12.49 -1.81
C PRO A 75 6.08 11.08 -2.04
N ALA A 76 7.40 10.97 -1.94
CA ALA A 76 8.09 9.73 -2.15
C ALA A 76 7.90 8.77 -0.99
N ASN A 77 7.99 9.28 0.21
CA ASN A 77 7.85 8.45 1.39
C ASN A 77 6.49 7.79 1.39
N GLN A 78 5.48 8.55 0.99
CA GLN A 78 4.14 8.06 0.92
C GLN A 78 4.09 7.07 -0.20
N ARG A 79 4.90 7.37 -1.20
CA ARG A 79 5.03 6.53 -2.37
C ARG A 79 5.52 5.13 -2.02
N LYS A 80 6.64 5.07 -1.29
CA LYS A 80 7.23 3.82 -0.87
C LYS A 80 6.27 2.97 -0.05
N CYS A 81 5.82 3.53 1.05
CA CYS A 81 4.91 2.90 1.94
C CYS A 81 3.68 2.48 1.14
N GLU A 82 3.18 3.35 0.28
CA GLU A 82 2.05 3.00 -0.54
C GLU A 82 2.33 1.74 -1.33
N ARG A 83 3.60 1.53 -1.60
CA ARG A 83 4.05 0.36 -2.32
C ARG A 83 4.06 -0.78 -1.34
N VAL A 84 4.05 -0.41 -0.08
CA VAL A 84 4.04 -1.35 1.03
C VAL A 84 2.67 -1.80 1.39
N LEU A 85 1.74 -0.88 1.48
CA LEU A 85 0.42 -1.20 1.82
C LEU A 85 -0.06 -2.13 0.77
N LEU A 86 0.23 -1.74 -0.44
CA LEU A 86 -0.03 -2.55 -1.56
C LEU A 86 0.72 -3.83 -1.39
N ALA A 87 2.06 -3.72 -1.22
CA ALA A 87 2.87 -4.88 -1.04
C ALA A 87 2.09 -5.90 -0.25
N LEU A 88 1.55 -5.44 0.86
CA LEU A 88 0.74 -6.25 1.68
C LEU A 88 -0.46 -6.70 0.88
N PHE A 89 -1.34 -5.76 0.63
CA PHE A 89 -2.60 -6.00 -0.08
C PHE A 89 -2.51 -7.12 -1.12
N CYS A 90 -1.59 -6.97 -2.05
CA CYS A 90 -1.39 -7.94 -3.13
C CYS A 90 -1.38 -9.40 -2.66
N HIS A 91 -0.76 -9.70 -1.52
CA HIS A 91 -0.69 -11.08 -1.08
C HIS A 91 -1.95 -11.51 -0.33
N GLU A 92 -1.97 -12.76 0.12
CA GLU A 92 -3.13 -13.26 0.85
C GLU A 92 -3.06 -12.94 2.35
N PRO A 93 -1.96 -13.27 3.03
CA PRO A 93 -1.78 -12.95 4.44
C PRO A 93 -2.47 -11.62 4.77
N CYS A 94 -2.24 -10.67 3.91
CA CYS A 94 -2.87 -9.40 4.06
C CYS A 94 -4.34 -9.53 3.76
N ARG A 95 -4.73 -10.35 2.78
CA ARG A 95 -6.16 -10.53 2.50
C ARG A 95 -6.94 -10.27 3.79
N PRO A 96 -6.67 -11.04 4.88
CA PRO A 96 -7.26 -10.73 6.20
C PRO A 96 -6.94 -9.31 6.62
N LEU A 97 -5.65 -8.94 6.53
CA LEU A 97 -5.22 -7.61 6.90
C LEU A 97 -6.02 -6.51 6.21
N HIS A 98 -6.27 -6.66 4.91
CA HIS A 98 -7.03 -5.69 4.14
C HIS A 98 -8.18 -5.13 4.97
N GLN A 99 -8.88 -6.04 5.60
CA GLN A 99 -10.02 -5.75 6.43
C GLN A 99 -9.84 -6.37 7.80
N LEU A 100 -9.18 -5.62 8.66
CA LEU A 100 -8.88 -6.08 10.01
C LEU A 100 -9.78 -5.42 11.01
N ALA A 101 -9.89 -4.12 10.88
CA ALA A 101 -10.68 -3.32 11.80
C ALA A 101 -12.10 -3.17 11.29
N THR A 102 -12.77 -2.11 11.75
CA THR A 102 -14.11 -1.80 11.35
C THR A 102 -14.09 -0.34 10.94
N ASP A 103 -12.86 0.07 10.65
CA ASP A 103 -12.51 1.42 10.27
C ASP A 103 -13.70 2.37 10.24
N SER A 104 -14.41 2.43 9.10
CA SER A 104 -15.56 3.32 8.97
C SER A 104 -15.24 4.70 9.53
N THR A 105 -13.99 5.11 9.38
CA THR A 105 -13.52 6.38 9.87
C THR A 105 -13.56 6.46 11.38
N PHE A 106 -12.65 5.78 12.06
CA PHE A 106 -12.63 5.89 13.49
C PHE A 106 -11.33 5.40 14.12
N SER A 107 -10.45 4.78 13.35
CA SER A 107 -9.20 4.31 13.94
C SER A 107 -8.41 5.47 14.54
N LEU A 108 -8.81 6.69 14.20
CA LEU A 108 -8.15 7.88 14.69
C LEU A 108 -8.46 8.09 16.14
N ASP A 109 -9.54 7.47 16.54
CA ASP A 109 -10.01 7.56 17.90
C ASP A 109 -10.90 6.38 18.26
N GLN A 110 -10.70 5.32 17.52
CA GLN A 110 -11.43 4.13 17.69
C GLN A 110 -11.37 3.66 19.13
N PRO A 111 -12.41 2.98 19.55
CA PRO A 111 -12.51 2.42 20.89
C PRO A 111 -11.42 1.40 21.11
N GLY A 112 -10.68 1.14 20.04
CA GLY A 112 -9.57 0.22 20.07
C GLY A 112 -9.08 -0.11 18.68
N GLY A 113 -8.16 0.71 18.19
CA GLY A 113 -7.61 0.52 16.85
C GLY A 113 -7.15 -0.89 16.55
N THR A 114 -7.46 -1.35 15.35
CA THR A 114 -7.08 -2.65 14.87
C THR A 114 -6.25 -2.48 13.62
N LEU A 115 -6.37 -1.29 13.10
CA LEU A 115 -5.72 -0.84 11.91
C LEU A 115 -5.49 -1.95 10.89
N ASP A 116 -6.00 -1.75 9.70
CA ASP A 116 -5.83 -2.72 8.67
C ASP A 116 -5.14 -2.06 7.50
N LEU A 117 -5.09 -2.71 6.38
CA LEU A 117 -4.42 -2.16 5.24
C LEU A 117 -5.22 -1.05 4.70
N THR A 118 -6.46 -1.35 4.44
CA THR A 118 -7.36 -0.40 3.87
C THR A 118 -7.42 0.80 4.77
N LEU A 119 -7.35 0.53 6.07
CA LEU A 119 -7.35 1.55 7.08
C LEU A 119 -6.15 2.44 6.88
N ILE A 120 -5.01 1.84 7.21
CA ILE A 120 -3.72 2.46 7.12
C ILE A 120 -3.58 3.18 5.79
N ARG A 121 -4.22 2.58 4.82
CA ARG A 121 -4.26 3.08 3.47
C ARG A 121 -4.92 4.41 3.43
N ALA A 122 -6.19 4.38 3.65
CA ALA A 122 -6.99 5.58 3.68
C ALA A 122 -6.25 6.70 4.40
N ARG A 123 -5.50 6.37 5.45
CA ARG A 123 -4.75 7.37 6.16
C ARG A 123 -3.69 7.86 5.22
N LEU A 124 -2.88 6.89 4.82
CA LEU A 124 -1.83 7.10 3.90
C LEU A 124 -2.34 7.92 2.70
N GLN A 125 -3.65 7.81 2.43
CA GLN A 125 -4.29 8.54 1.35
C GLN A 125 -4.88 9.84 1.89
N GLU A 126 -6.14 9.71 2.33
CA GLU A 126 -6.95 10.78 2.89
C GLU A 126 -8.41 10.36 2.83
N LYS A 127 -8.62 9.05 2.77
CA LYS A 127 -9.94 8.48 2.72
C LYS A 127 -10.46 8.37 4.11
N LEU A 128 -9.51 8.15 4.98
CA LEU A 128 -9.76 8.04 6.40
C LEU A 128 -9.48 9.34 7.10
N SER A 129 -8.22 9.50 7.39
CA SER A 129 -7.70 10.67 8.03
C SER A 129 -7.06 11.52 6.98
N PRO A 130 -6.13 12.44 7.29
CA PRO A 130 -5.54 13.23 6.26
C PRO A 130 -4.21 12.61 5.80
N PRO A 131 -3.22 13.39 5.30
CA PRO A 131 -1.94 12.83 4.86
C PRO A 131 -1.12 12.34 6.04
N TYR A 132 -0.52 11.16 5.94
CA TYR A 132 0.26 10.67 7.05
C TYR A 132 1.48 11.49 7.28
N SER A 133 2.32 11.01 8.18
CA SER A 133 3.51 11.73 8.54
C SER A 133 4.74 10.91 8.25
N SER A 134 4.56 9.68 7.80
CA SER A 134 5.72 8.85 7.49
C SER A 134 5.31 7.48 6.98
N PRO A 135 6.17 6.85 6.18
CA PRO A 135 5.91 5.50 5.71
C PRO A 135 5.88 4.61 6.91
N GLN A 136 6.71 4.99 7.88
CA GLN A 136 6.80 4.28 9.11
C GLN A 136 5.51 4.49 9.90
N GLU A 137 4.72 5.48 9.48
CA GLU A 137 3.46 5.75 10.09
C GLU A 137 2.57 4.57 9.96
N PHE A 138 2.21 4.33 8.74
CA PHE A 138 1.33 3.28 8.40
C PHE A 138 2.06 1.99 8.58
N ALA A 139 3.35 2.03 8.36
CA ALA A 139 4.17 0.83 8.49
C ALA A 139 4.12 0.33 9.93
N GLN A 140 4.29 1.23 10.88
CA GLN A 140 4.23 0.87 12.26
C GLN A 140 2.85 0.32 12.58
N ASP A 141 1.89 0.89 11.87
CA ASP A 141 0.50 0.50 12.00
C ASP A 141 0.34 -0.80 11.29
N VAL A 142 1.27 -1.11 10.39
CA VAL A 142 1.26 -2.35 9.70
C VAL A 142 1.72 -3.41 10.65
N GLY A 143 2.76 -3.08 11.39
CA GLY A 143 3.24 -4.00 12.36
C GLY A 143 2.14 -4.29 13.33
N ARG A 144 1.24 -3.32 13.44
CA ARG A 144 0.08 -3.40 14.28
C ARG A 144 -0.99 -4.22 13.57
N MET A 145 -1.17 -3.89 12.30
CA MET A 145 -2.06 -4.60 11.40
C MET A 145 -1.80 -6.06 11.63
N PHE A 146 -0.52 -6.27 11.69
CA PHE A 146 0.07 -7.55 11.89
C PHE A 146 -0.22 -8.01 13.31
N LYS A 147 -0.11 -7.09 14.25
CA LYS A 147 -0.33 -7.40 15.64
C LYS A 147 -1.73 -7.90 15.97
N GLN A 148 -2.76 -7.09 15.71
CA GLN A 148 -4.11 -7.50 16.07
C GLN A 148 -4.42 -8.75 15.30
N PHE A 149 -4.23 -8.67 14.01
CA PHE A 149 -4.50 -9.75 13.10
C PHE A 149 -3.83 -11.04 13.53
N ASN A 150 -2.55 -10.93 13.84
CA ASN A 150 -1.80 -12.09 14.26
C ASN A 150 -2.46 -12.68 15.50
N LYS A 151 -3.24 -11.83 16.15
CA LYS A 151 -4.01 -12.22 17.31
C LYS A 151 -5.45 -12.53 16.94
N LEU A 152 -5.87 -12.06 15.76
CA LEU A 152 -7.20 -12.28 15.26
C LEU A 152 -7.33 -13.75 15.02
N THR A 153 -6.18 -14.29 14.68
CA THR A 153 -6.00 -15.68 14.48
C THR A 153 -5.76 -16.38 15.79
N GLU A 154 -4.52 -16.30 16.22
CA GLU A 154 -4.08 -16.92 17.47
C GLU A 154 -4.11 -18.43 17.39
N ASP A 155 -5.21 -18.93 16.89
CA ASP A 155 -5.43 -20.34 16.77
C ASP A 155 -4.75 -20.86 15.53
N LYS A 156 -4.81 -20.02 14.52
CA LYS A 156 -4.26 -20.28 13.23
C LYS A 156 -2.74 -20.22 13.21
N ALA A 157 -2.15 -20.81 12.18
CA ALA A 157 -0.70 -20.79 12.00
C ALA A 157 -0.39 -19.68 11.03
N ASP A 158 -1.35 -18.78 10.97
CA ASP A 158 -1.33 -17.63 10.12
C ASP A 158 -0.40 -16.59 10.65
N VAL A 159 0.31 -16.96 11.67
CA VAL A 159 1.27 -16.09 12.29
C VAL A 159 2.38 -15.94 11.34
N GLN A 160 2.38 -16.80 10.38
CA GLN A 160 3.40 -16.78 9.37
C GLN A 160 2.86 -16.12 8.15
N SER A 161 1.63 -15.67 8.28
CA SER A 161 0.98 -14.93 7.25
C SER A 161 1.23 -13.52 7.66
N ILE A 162 1.24 -13.34 8.98
CA ILE A 162 1.57 -12.09 9.55
C ILE A 162 3.04 -11.86 9.43
N ILE A 163 3.83 -12.92 9.65
CA ILE A 163 5.25 -12.80 9.48
C ILE A 163 5.62 -12.62 8.03
N GLY A 164 5.00 -13.36 7.15
CA GLY A 164 5.30 -13.16 5.74
C GLY A 164 4.81 -11.78 5.36
N LEU A 165 3.65 -11.43 5.88
CA LEU A 165 3.10 -10.11 5.72
C LEU A 165 4.19 -9.18 6.14
N GLN A 166 4.67 -9.46 7.33
CA GLN A 166 5.72 -8.71 7.95
C GLN A 166 6.99 -8.66 7.10
N ARG A 167 7.33 -9.75 6.42
CA ARG A 167 8.52 -9.81 5.59
C ARG A 167 8.32 -9.07 4.28
N PHE A 168 7.27 -9.43 3.59
CA PHE A 168 6.90 -8.82 2.33
C PHE A 168 6.74 -7.33 2.57
N PHE A 169 6.01 -7.01 3.61
CA PHE A 169 5.83 -5.67 4.10
C PHE A 169 7.12 -4.89 4.02
N GLU A 170 8.07 -5.36 4.79
CA GLU A 170 9.38 -4.76 4.91
C GLU A 170 10.23 -4.84 3.65
N THR A 171 9.91 -5.82 2.83
CA THR A 171 10.61 -6.08 1.59
C THR A 171 10.31 -5.01 0.58
N ARG A 172 9.06 -4.84 0.24
CA ARG A 172 8.68 -3.82 -0.71
C ARG A 172 8.98 -2.50 -0.07
N MET A 173 8.64 -2.38 1.21
CA MET A 173 8.98 -1.22 1.96
C MET A 173 10.48 -1.03 1.88
N ASN A 174 11.19 -2.13 1.60
CA ASN A 174 12.63 -2.08 1.47
C ASN A 174 12.99 -1.57 0.08
N GLU A 175 12.50 -2.29 -0.92
CA GLU A 175 12.74 -1.96 -2.32
C GLU A 175 12.24 -0.57 -2.66
N ALA A 176 11.47 -0.01 -1.73
CA ALA A 176 10.93 1.33 -1.89
C ALA A 176 11.81 2.33 -1.19
N PHE A 177 12.38 1.88 -0.09
CA PHE A 177 13.26 2.70 0.73
C PHE A 177 14.72 2.54 0.30
N GLY A 178 14.94 2.26 -0.99
CA GLY A 178 16.29 2.09 -1.51
C GLY A 178 16.32 1.32 -2.82
N ASP A 179 15.53 0.25 -2.86
CA ASP A 179 15.39 -0.63 -4.02
C ASP A 179 16.39 -1.76 -3.99
N THR A 180 17.64 -1.40 -3.80
CA THR A 180 18.74 -2.36 -3.75
C THR A 180 19.98 -1.64 -3.28
N LYS A 181 19.74 -0.48 -2.69
CA LYS A 181 20.78 0.39 -2.17
C LYS A 181 21.28 -0.10 -0.83
N PHE A 182 20.88 -1.31 -0.52
CA PHE A 182 21.24 -1.95 0.75
C PHE A 182 21.80 -3.35 0.49
N SER A 183 20.95 -4.23 -0.02
CA SER A 183 21.34 -5.59 -0.34
C SER A 183 21.20 -5.82 -1.84
N ALA A 184 22.33 -5.76 -2.54
CA ALA A 184 22.37 -5.91 -3.99
C ALA A 184 21.44 -6.98 -4.50
N VAL A 185 22.00 -8.14 -4.74
CA VAL A 185 21.27 -9.27 -5.25
C VAL A 185 20.57 -10.05 -4.16
N LEU A 186 20.44 -9.42 -3.02
CA LEU A 186 19.81 -10.01 -1.86
C LEU A 186 18.49 -9.36 -1.53
N VAL A 187 18.18 -8.34 -2.30
CA VAL A 187 16.95 -7.59 -2.12
C VAL A 187 15.83 -8.12 -3.00
N GLU A 188 16.20 -9.03 -3.87
CA GLU A 188 15.25 -9.63 -4.80
C GLU A 188 14.31 -10.61 -4.07
N PRO A 189 13.03 -10.26 -3.92
CA PRO A 189 12.04 -11.11 -3.25
C PRO A 189 12.02 -12.53 -3.84
ZN ZN B . -10.09 -5.65 -5.95
ZN ZN C . 4.89 -4.82 -10.61
N SER A 1 -0.20 -15.53 -14.80
CA SER A 1 -1.19 -16.63 -14.92
C SER A 1 -2.61 -16.09 -15.08
N ALA A 2 -3.12 -15.48 -14.00
CA ALA A 2 -4.47 -14.91 -14.02
C ALA A 2 -4.45 -13.43 -13.87
N THR A 3 -5.23 -12.75 -14.69
CA THR A 3 -5.37 -11.33 -14.51
C THR A 3 -6.27 -11.18 -13.33
N ILE A 4 -5.66 -10.93 -12.18
CA ILE A 4 -6.36 -10.81 -10.92
C ILE A 4 -5.86 -9.69 -10.13
N CYS A 5 -6.78 -9.00 -9.53
CA CYS A 5 -6.46 -7.90 -8.71
C CYS A 5 -5.67 -8.40 -7.53
N ARG A 6 -4.41 -8.75 -7.77
CA ARG A 6 -3.52 -9.30 -6.75
C ARG A 6 -4.07 -9.04 -5.36
N VAL A 7 -4.51 -7.80 -5.16
CA VAL A 7 -5.14 -7.40 -3.93
C VAL A 7 -6.13 -8.46 -3.57
N CYS A 8 -7.16 -8.51 -4.39
CA CYS A 8 -8.21 -9.50 -4.29
C CYS A 8 -7.78 -10.85 -4.86
N GLN A 9 -6.86 -10.81 -5.85
CA GLN A 9 -6.44 -11.99 -6.57
C GLN A 9 -7.62 -12.50 -7.33
N LYS A 10 -8.55 -11.60 -7.56
CA LYS A 10 -9.72 -11.88 -8.30
C LYS A 10 -9.61 -11.42 -9.71
N PRO A 11 -9.92 -12.32 -10.61
CA PRO A 11 -9.89 -12.03 -12.01
C PRO A 11 -10.88 -10.98 -12.35
N GLY A 12 -10.51 -10.16 -13.29
CA GLY A 12 -11.40 -9.09 -13.69
C GLY A 12 -10.73 -8.07 -14.56
N ASP A 13 -11.38 -6.92 -14.67
CA ASP A 13 -10.84 -5.84 -15.43
C ASP A 13 -9.79 -5.11 -14.63
N LEU A 14 -8.85 -5.86 -14.11
CA LEU A 14 -7.79 -5.31 -13.35
C LEU A 14 -6.79 -4.63 -14.21
N VAL A 15 -5.95 -3.90 -13.56
CA VAL A 15 -4.85 -3.27 -14.21
C VAL A 15 -3.70 -4.20 -14.05
N MET A 16 -3.23 -4.77 -15.11
CA MET A 16 -2.15 -5.72 -15.01
C MET A 16 -0.82 -5.03 -15.24
N CYS A 17 0.02 -5.00 -14.20
CA CYS A 17 1.31 -4.34 -14.27
C CYS A 17 1.94 -4.59 -15.60
N ASN A 18 2.24 -3.51 -16.30
CA ASN A 18 2.84 -3.64 -17.59
C ASN A 18 4.18 -4.36 -17.46
N GLN A 19 4.49 -4.81 -16.22
CA GLN A 19 5.74 -5.50 -15.96
C GLN A 19 5.62 -6.74 -15.07
N CYS A 20 4.67 -6.77 -14.12
CA CYS A 20 4.59 -7.94 -13.20
C CYS A 20 3.27 -8.72 -13.22
N GLU A 21 2.46 -8.59 -14.25
CA GLU A 21 1.19 -9.30 -14.25
C GLU A 21 0.49 -9.10 -12.90
N PHE A 22 0.78 -7.94 -12.31
CA PHE A 22 0.26 -7.52 -11.00
C PHE A 22 -0.97 -6.68 -11.23
N CYS A 23 -2.11 -7.18 -10.81
CA CYS A 23 -3.34 -6.48 -11.10
C CYS A 23 -4.03 -5.94 -9.87
N PHE A 24 -4.69 -4.84 -10.11
CA PHE A 24 -5.49 -4.17 -9.10
C PHE A 24 -6.84 -3.77 -9.72
N HIS A 25 -7.86 -3.71 -8.90
CA HIS A 25 -9.17 -3.26 -9.36
C HIS A 25 -9.18 -1.78 -9.33
N LEU A 26 -7.98 -1.23 -9.33
CA LEU A 26 -7.80 0.18 -9.24
C LEU A 26 -8.20 0.67 -7.89
N ASP A 27 -9.47 0.51 -7.62
CA ASP A 27 -10.01 0.91 -6.35
C ASP A 27 -9.30 0.17 -5.23
N CYS A 28 -8.87 -1.06 -5.51
CA CYS A 28 -8.10 -1.81 -4.54
C CYS A 28 -6.68 -1.32 -4.60
N HIS A 29 -6.30 -0.78 -5.78
CA HIS A 29 -4.98 -0.20 -5.91
C HIS A 29 -4.82 0.71 -4.71
N LEU A 30 -3.74 0.54 -3.97
CA LEU A 30 -3.53 1.28 -2.74
C LEU A 30 -4.11 2.69 -2.76
N PRO A 31 -3.58 3.61 -3.56
CA PRO A 31 -4.13 4.94 -3.58
C PRO A 31 -5.32 5.04 -4.52
N ALA A 32 -5.66 3.88 -5.04
CA ALA A 32 -6.78 3.72 -5.93
C ALA A 32 -6.55 4.41 -7.26
N LEU A 33 -6.38 3.61 -8.31
CA LEU A 33 -6.20 4.18 -9.62
C LEU A 33 -7.30 5.13 -9.86
N GLN A 34 -8.40 4.67 -9.36
CA GLN A 34 -9.66 5.33 -9.41
C GLN A 34 -10.17 5.32 -10.81
N ASP A 35 -9.26 4.95 -11.68
CA ASP A 35 -9.52 4.92 -13.08
C ASP A 35 -8.29 4.51 -13.81
N VAL A 36 -8.39 3.32 -14.31
CA VAL A 36 -7.36 2.64 -15.02
C VAL A 36 -6.34 3.47 -15.79
N PRO A 37 -5.09 3.06 -15.57
CA PRO A 37 -3.87 3.53 -16.20
C PRO A 37 -3.62 2.69 -17.44
N GLY A 38 -4.75 2.40 -18.07
CA GLY A 38 -4.83 1.58 -19.28
C GLY A 38 -3.59 1.47 -20.12
N GLU A 39 -2.81 2.50 -20.10
CA GLU A 39 -1.59 2.54 -20.88
C GLU A 39 -0.63 1.41 -20.47
N GLU A 40 0.31 1.72 -19.60
CA GLU A 40 1.28 0.77 -19.12
C GLU A 40 1.46 0.90 -17.62
N TRP A 41 0.38 0.67 -16.89
CA TRP A 41 0.42 0.77 -15.47
C TRP A 41 1.31 -0.27 -14.87
N SER A 42 2.41 0.16 -14.34
CA SER A 42 3.34 -0.76 -13.71
C SER A 42 2.96 -0.88 -12.23
N CYS A 43 2.29 -1.98 -11.89
CA CYS A 43 1.80 -2.22 -10.51
C CYS A 43 2.42 -1.33 -9.47
N SER A 44 1.66 -0.31 -9.04
CA SER A 44 2.04 0.66 -8.01
C SER A 44 3.47 0.50 -7.51
N LEU A 45 3.76 -0.67 -6.95
CA LEU A 45 5.09 -0.98 -6.44
C LEU A 45 6.12 -0.72 -7.53
N CYS A 46 5.58 -0.43 -8.69
CA CYS A 46 6.31 -0.10 -9.90
C CYS A 46 5.87 1.28 -10.35
N HIS A 47 4.58 1.56 -10.10
CA HIS A 47 3.97 2.83 -10.50
C HIS A 47 3.05 3.37 -9.43
N VAL A 48 3.59 3.66 -8.27
CA VAL A 48 2.80 4.17 -7.18
C VAL A 48 2.44 5.63 -7.42
N LEU A 49 1.18 5.96 -7.15
CA LEU A 49 0.69 7.32 -7.35
C LEU A 49 0.48 8.05 -6.04
N PRO A 50 0.85 9.35 -6.03
CA PRO A 50 0.73 10.21 -4.86
C PRO A 50 -0.69 10.33 -4.35
N ASP A 51 -1.58 10.42 -5.29
CA ASP A 51 -3.00 10.54 -5.04
C ASP A 51 -3.32 11.89 -4.45
N LEU A 52 -2.33 12.75 -4.54
CA LEU A 52 -2.41 14.10 -4.04
C LEU A 52 -2.80 15.07 -5.15
N LYS A 53 -3.86 15.82 -4.89
CA LYS A 53 -4.37 16.79 -5.84
C LYS A 53 -3.32 17.83 -6.24
N GLU A 54 -2.10 17.69 -5.73
CA GLU A 54 -1.03 18.62 -6.07
C GLU A 54 -0.57 18.47 -7.52
N GLU A 55 -1.42 17.85 -8.33
CA GLU A 55 -1.13 17.64 -9.74
C GLU A 55 -0.96 18.96 -10.46
N ASP A 56 -1.34 19.99 -9.75
CA ASP A 56 -1.26 21.35 -10.24
C ASP A 56 -2.16 21.55 -11.46
N GLY A 57 -1.87 22.60 -12.23
CA GLY A 57 -2.68 22.89 -13.40
C GLY A 57 -4.02 23.47 -13.00
N SER A 58 -4.22 23.60 -11.70
CA SER A 58 -5.46 24.15 -11.15
C SER A 58 -5.27 24.48 -9.68
N LEU A 59 -4.18 24.00 -9.09
CA LEU A 59 -3.89 24.25 -7.69
C LEU A 59 -2.41 24.56 -7.51
N SER A 60 -2.10 25.82 -7.21
CA SER A 60 -0.74 26.25 -7.03
C SER A 60 -0.77 27.66 -6.51
N LEU A 61 -1.68 27.86 -5.58
CA LEU A 61 -1.91 29.15 -4.99
C LEU A 61 -0.62 29.78 -4.48
N ASP A 62 0.45 28.98 -4.42
CA ASP A 62 1.74 29.46 -3.96
C ASP A 62 2.79 28.37 -4.08
N GLY A 63 3.96 28.76 -4.58
CA GLY A 63 5.06 27.82 -4.74
C GLY A 63 5.60 27.32 -3.43
N ALA A 64 6.85 27.69 -3.17
CA ALA A 64 7.55 27.30 -1.95
C ALA A 64 7.92 25.82 -1.96
N ASP A 65 6.90 24.97 -1.88
CA ASP A 65 7.10 23.52 -1.87
C ASP A 65 8.07 23.09 -2.97
N SER A 66 9.07 22.29 -2.57
CA SER A 66 10.06 21.80 -3.52
C SER A 66 10.48 20.38 -3.15
N THR A 67 9.90 19.39 -3.83
CA THR A 67 10.21 18.00 -3.58
C THR A 67 9.77 17.59 -2.18
N GLY A 68 9.03 18.49 -1.54
CA GLY A 68 8.54 18.24 -0.20
C GLY A 68 7.21 18.92 0.04
N VAL A 69 6.24 18.60 -0.80
CA VAL A 69 4.91 19.19 -0.71
C VAL A 69 4.38 19.15 0.71
N VAL A 70 4.78 18.12 1.47
CA VAL A 70 4.36 17.97 2.82
C VAL A 70 5.48 17.41 3.63
N ALA A 71 6.03 16.34 3.08
CA ALA A 71 7.12 15.64 3.68
C ALA A 71 6.69 15.00 4.95
N LYS A 72 5.38 14.92 5.06
CA LYS A 72 4.77 14.21 6.16
C LYS A 72 5.31 12.84 6.03
N LEU A 73 4.56 12.08 5.31
CA LEU A 73 4.94 10.77 4.97
C LEU A 73 5.73 10.89 3.70
N SER A 74 5.76 12.13 3.23
CA SER A 74 6.49 12.50 2.03
C SER A 74 5.80 11.94 0.83
N PRO A 75 5.84 12.67 -0.28
CA PRO A 75 5.18 12.24 -1.51
C PRO A 75 5.74 10.92 -1.90
N ALA A 76 6.97 10.78 -1.47
CA ALA A 76 7.77 9.61 -1.75
C ALA A 76 7.73 8.58 -0.64
N ASN A 77 8.03 8.99 0.60
CA ASN A 77 8.04 8.05 1.70
C ASN A 77 6.66 7.47 1.86
N GLN A 78 5.68 8.27 1.48
CA GLN A 78 4.32 7.86 1.48
C GLN A 78 4.20 6.85 0.39
N ARG A 79 4.60 7.32 -0.78
CA ARG A 79 4.66 6.54 -2.00
C ARG A 79 5.26 5.18 -1.71
N LYS A 80 6.23 5.17 -0.83
CA LYS A 80 6.93 3.97 -0.45
C LYS A 80 6.08 3.03 0.39
N CYS A 81 5.28 3.58 1.31
CA CYS A 81 4.44 2.74 2.09
C CYS A 81 3.35 2.26 1.17
N GLU A 82 3.12 3.04 0.12
CA GLU A 82 2.15 2.65 -0.87
C GLU A 82 2.69 1.37 -1.50
N ARG A 83 4.00 1.37 -1.68
CA ARG A 83 4.68 0.23 -2.21
C ARG A 83 4.46 -0.91 -1.23
N VAL A 84 4.17 -0.55 0.02
CA VAL A 84 3.99 -1.53 1.07
C VAL A 84 2.56 -2.06 1.25
N LEU A 85 1.53 -1.22 1.48
CA LEU A 85 0.20 -1.74 1.68
C LEU A 85 -0.13 -2.63 0.57
N LEU A 86 0.46 -2.35 -0.56
CA LEU A 86 0.28 -3.19 -1.71
C LEU A 86 1.05 -4.43 -1.57
N ALA A 87 2.28 -4.31 -1.16
CA ALA A 87 3.02 -5.50 -0.91
C ALA A 87 2.15 -6.40 -0.10
N LEU A 88 1.48 -5.77 0.85
CA LEU A 88 0.58 -6.46 1.69
C LEU A 88 -0.62 -6.86 0.87
N PHE A 89 -1.39 -5.87 0.58
CA PHE A 89 -2.64 -5.97 -0.19
C PHE A 89 -2.56 -7.06 -1.25
N CYS A 90 -1.62 -6.87 -2.16
CA CYS A 90 -1.36 -7.81 -3.23
C CYS A 90 -1.31 -9.27 -2.76
N HIS A 91 -0.71 -9.54 -1.59
CA HIS A 91 -0.62 -10.92 -1.12
C HIS A 91 -1.87 -11.35 -0.37
N GLU A 92 -1.92 -12.61 0.05
CA GLU A 92 -3.10 -13.10 0.75
C GLU A 92 -3.10 -12.83 2.26
N PRO A 93 -2.04 -13.22 2.97
CA PRO A 93 -1.94 -12.96 4.41
C PRO A 93 -2.59 -11.63 4.76
N CYS A 94 -2.40 -10.69 3.87
CA CYS A 94 -2.98 -9.40 4.03
C CYS A 94 -4.46 -9.49 3.75
N ARG A 95 -4.88 -10.27 2.75
CA ARG A 95 -6.32 -10.41 2.49
C ARG A 95 -7.05 -10.15 3.81
N PRO A 96 -6.73 -10.91 4.89
CA PRO A 96 -7.27 -10.61 6.22
C PRO A 96 -6.90 -9.19 6.66
N LEU A 97 -5.61 -8.87 6.59
CA LEU A 97 -5.11 -7.56 6.99
C LEU A 97 -5.83 -6.42 6.33
N HIS A 98 -6.27 -6.64 5.11
CA HIS A 98 -7.00 -5.66 4.36
C HIS A 98 -7.99 -4.96 5.27
N GLN A 99 -8.81 -5.77 5.91
CA GLN A 99 -9.86 -5.31 6.76
C GLN A 99 -9.97 -6.15 8.03
N LEU A 100 -9.34 -5.69 9.09
CA LEU A 100 -9.38 -6.38 10.37
C LEU A 100 -10.17 -5.58 11.37
N ALA A 101 -9.89 -4.30 11.35
CA ALA A 101 -10.52 -3.36 12.26
C ALA A 101 -11.95 -3.11 11.85
N THR A 102 -12.23 -3.41 10.59
CA THR A 102 -13.55 -3.22 10.00
C THR A 102 -13.91 -1.75 10.14
N ASP A 103 -12.86 -0.97 10.29
CA ASP A 103 -12.94 0.46 10.46
C ASP A 103 -14.03 1.12 9.62
N SER A 104 -15.24 1.14 10.17
CA SER A 104 -16.36 1.77 9.49
C SER A 104 -16.48 3.20 9.99
N THR A 105 -15.58 3.54 10.90
CA THR A 105 -15.53 4.87 11.51
C THR A 105 -14.32 5.66 11.02
N PHE A 106 -13.22 5.53 11.74
CA PHE A 106 -12.00 6.21 11.43
C PHE A 106 -10.84 5.51 12.13
N SER A 107 -11.21 4.66 13.08
CA SER A 107 -10.27 3.84 13.84
C SER A 107 -9.42 4.60 14.84
N LEU A 108 -9.09 5.84 14.53
CA LEU A 108 -8.25 6.63 15.41
C LEU A 108 -8.91 6.90 16.71
N ASP A 109 -10.20 6.95 16.64
CA ASP A 109 -10.96 7.22 17.83
C ASP A 109 -11.88 6.07 18.16
N GLN A 110 -11.60 4.96 17.52
CA GLN A 110 -12.32 3.77 17.68
C GLN A 110 -12.24 3.32 19.12
N PRO A 111 -13.12 2.40 19.49
CA PRO A 111 -13.19 1.83 20.81
C PRO A 111 -11.92 1.04 21.13
N GLY A 112 -10.97 1.08 20.19
CA GLY A 112 -9.71 0.41 20.38
C GLY A 112 -8.86 0.36 19.11
N GLY A 113 -9.52 0.32 17.95
CA GLY A 113 -8.79 0.28 16.69
C GLY A 113 -8.02 -1.02 16.51
N THR A 114 -7.90 -1.47 15.25
CA THR A 114 -7.19 -2.69 14.96
C THR A 114 -6.29 -2.54 13.78
N LEU A 115 -6.48 -1.47 13.08
CA LEU A 115 -5.75 -1.26 11.92
C LEU A 115 -5.95 -2.35 10.93
N ASP A 116 -5.66 -2.03 9.73
CA ASP A 116 -5.73 -2.95 8.66
C ASP A 116 -5.18 -2.19 7.49
N LEU A 117 -5.06 -2.80 6.34
CA LEU A 117 -4.46 -2.11 5.24
C LEU A 117 -5.31 -0.98 4.80
N THR A 118 -6.58 -1.25 4.58
CA THR A 118 -7.51 -0.24 4.11
C THR A 118 -7.46 0.99 4.98
N LEU A 119 -7.13 0.77 6.24
CA LEU A 119 -7.00 1.84 7.20
C LEU A 119 -5.77 2.66 6.87
N ILE A 120 -4.66 1.99 7.03
CA ILE A 120 -3.34 2.50 6.75
C ILE A 120 -3.20 2.94 5.30
N ARG A 121 -4.09 2.43 4.50
CA ARG A 121 -4.12 2.67 3.08
C ARG A 121 -4.86 3.91 2.85
N ALA A 122 -5.92 4.00 3.59
CA ALA A 122 -6.76 5.15 3.53
C ALA A 122 -5.93 6.30 3.93
N ARG A 123 -5.08 6.04 4.91
CA ARG A 123 -4.24 7.05 5.42
C ARG A 123 -3.26 7.48 4.41
N LEU A 124 -2.37 6.55 4.12
CA LEU A 124 -1.34 6.78 3.18
C LEU A 124 -1.95 7.50 1.96
N GLN A 125 -3.26 7.28 1.79
CA GLN A 125 -4.04 7.92 0.74
C GLN A 125 -4.35 9.37 1.08
N GLU A 126 -5.10 9.50 2.18
CA GLU A 126 -5.61 10.76 2.73
C GLU A 126 -7.05 10.53 3.11
N LYS A 127 -7.52 9.33 2.79
CA LYS A 127 -8.85 8.90 3.07
C LYS A 127 -9.09 8.81 4.54
N LEU A 128 -8.02 8.53 5.23
CA LEU A 128 -8.09 8.32 6.66
C LEU A 128 -8.39 9.57 7.46
N SER A 129 -7.78 9.62 8.63
CA SER A 129 -8.03 10.71 9.59
C SER A 129 -6.83 11.55 9.96
N PRO A 130 -5.80 10.93 10.52
CA PRO A 130 -4.69 11.67 11.08
C PRO A 130 -3.60 12.04 10.03
N PRO A 131 -2.31 12.20 10.41
CA PRO A 131 -1.25 12.61 9.48
C PRO A 131 -0.23 11.56 9.04
N TYR A 132 0.05 10.62 9.91
CA TYR A 132 1.06 9.62 9.68
C TYR A 132 2.39 10.26 9.63
N SER A 133 2.68 10.74 8.45
CA SER A 133 3.89 11.45 8.17
C SER A 133 5.11 10.57 8.32
N SER A 134 4.96 9.25 8.27
CA SER A 134 6.16 8.43 8.34
C SER A 134 5.95 7.02 7.83
N PRO A 135 6.88 6.53 6.99
CA PRO A 135 6.80 5.16 6.48
C PRO A 135 6.75 4.21 7.62
N GLN A 136 7.35 4.62 8.72
CA GLN A 136 7.34 3.84 9.92
C GLN A 136 6.01 4.02 10.58
N GLU A 137 5.34 5.14 10.33
CA GLU A 137 4.06 5.33 10.88
C GLU A 137 3.22 4.24 10.33
N PHE A 138 3.05 4.36 9.03
CA PHE A 138 2.27 3.46 8.26
C PHE A 138 2.71 2.04 8.55
N ALA A 139 4.00 1.85 8.59
CA ALA A 139 4.59 0.55 8.84
C ALA A 139 4.34 0.08 10.26
N GLN A 140 4.18 1.02 11.18
CA GLN A 140 3.93 0.69 12.55
C GLN A 140 2.50 0.32 12.72
N ASP A 141 1.67 0.99 11.94
CA ASP A 141 0.26 0.73 11.98
C ASP A 141 0.06 -0.59 11.30
N VAL A 142 0.96 -0.87 10.38
CA VAL A 142 1.02 -2.12 9.68
C VAL A 142 1.50 -3.18 10.63
N GLY A 143 2.55 -2.85 11.34
CA GLY A 143 3.06 -3.77 12.31
C GLY A 143 1.96 -4.10 13.27
N ARG A 144 1.03 -3.16 13.39
CA ARG A 144 -0.14 -3.30 14.23
C ARG A 144 -1.16 -4.12 13.50
N MET A 145 -1.24 -3.85 12.20
CA MET A 145 -2.10 -4.57 11.32
C MET A 145 -1.84 -6.00 11.59
N PHE A 146 -0.56 -6.20 11.67
CA PHE A 146 0.06 -7.45 11.93
C PHE A 146 -0.24 -7.83 13.37
N LYS A 147 -0.17 -6.86 14.26
CA LYS A 147 -0.42 -7.09 15.68
C LYS A 147 -1.77 -7.68 16.01
N GLN A 148 -2.85 -6.95 15.73
CA GLN A 148 -4.15 -7.43 16.13
C GLN A 148 -4.50 -8.62 15.29
N PHE A 149 -4.21 -8.52 14.01
CA PHE A 149 -4.48 -9.60 13.09
C PHE A 149 -3.71 -10.84 13.51
N ASN A 150 -2.52 -10.63 14.03
CA ASN A 150 -1.72 -11.75 14.49
C ASN A 150 -2.45 -12.36 15.65
N LYS A 151 -3.37 -11.57 16.16
CA LYS A 151 -4.26 -12.01 17.20
C LYS A 151 -5.59 -12.45 16.58
N LEU A 152 -5.81 -12.05 15.31
CA LEU A 152 -7.03 -12.41 14.59
C LEU A 152 -6.78 -13.62 13.73
N THR A 153 -5.52 -13.98 13.68
CA THR A 153 -5.05 -15.13 12.91
C THR A 153 -5.56 -16.44 13.48
N GLU A 154 -6.62 -16.33 14.24
CA GLU A 154 -7.27 -17.48 14.83
C GLU A 154 -7.64 -18.43 13.71
N ASP A 155 -7.91 -17.81 12.57
CA ASP A 155 -8.27 -18.49 11.36
C ASP A 155 -7.01 -18.93 10.63
N LYS A 156 -6.01 -18.05 10.66
CA LYS A 156 -4.74 -18.28 10.01
C LYS A 156 -3.85 -19.20 10.84
N ALA A 157 -2.54 -19.08 10.68
CA ALA A 157 -1.61 -19.88 11.43
C ALA A 157 -1.57 -19.35 12.83
N ASP A 158 -1.15 -18.09 12.90
CA ASP A 158 -1.05 -17.33 14.12
C ASP A 158 -0.13 -16.17 13.91
N VAL A 159 1.14 -16.46 14.00
CA VAL A 159 2.17 -15.48 13.82
C VAL A 159 2.72 -15.55 12.43
N GLN A 160 3.38 -16.65 12.17
CA GLN A 160 4.03 -16.90 10.91
C GLN A 160 3.19 -16.38 9.74
N SER A 161 1.87 -16.46 9.88
CA SER A 161 0.98 -15.97 8.85
C SER A 161 1.25 -14.50 8.69
N ILE A 162 1.08 -13.80 9.78
CA ILE A 162 1.36 -12.42 9.86
C ILE A 162 2.76 -12.18 9.38
N ILE A 163 3.69 -12.96 9.92
CA ILE A 163 5.07 -12.86 9.54
C ILE A 163 5.22 -12.82 8.05
N GLY A 164 4.44 -13.62 7.35
CA GLY A 164 4.54 -13.61 5.92
C GLY A 164 4.35 -12.22 5.43
N LEU A 165 3.36 -11.55 6.00
CA LEU A 165 3.16 -10.17 5.71
C LEU A 165 4.36 -9.43 6.18
N GLN A 166 4.57 -9.49 7.48
CA GLN A 166 5.66 -8.79 8.11
C GLN A 166 6.94 -8.76 7.25
N ARG A 167 7.28 -9.88 6.61
CA ARG A 167 8.47 -9.94 5.77
C ARG A 167 8.21 -9.30 4.42
N PHE A 168 7.16 -9.77 3.75
CA PHE A 168 6.77 -9.26 2.45
C PHE A 168 6.57 -7.76 2.58
N PHE A 169 5.77 -7.41 3.54
CA PHE A 169 5.57 -6.06 3.96
C PHE A 169 6.84 -5.25 3.77
N GLU A 170 7.78 -5.56 4.65
CA GLU A 170 9.06 -4.90 4.71
C GLU A 170 9.87 -5.01 3.43
N THR A 171 9.47 -5.92 2.58
CA THR A 171 10.15 -6.18 1.31
C THR A 171 9.86 -5.11 0.28
N ARG A 172 8.63 -4.63 0.20
CA ARG A 172 8.27 -3.61 -0.76
C ARG A 172 8.57 -2.32 -0.10
N MET A 173 8.46 -2.40 1.21
CA MET A 173 8.81 -1.33 2.08
C MET A 173 10.34 -1.24 2.07
N ASN A 174 10.94 -2.30 1.51
CA ASN A 174 12.39 -2.37 1.30
C ASN A 174 12.62 -1.83 -0.10
N GLU A 175 11.72 -2.27 -0.98
CA GLU A 175 11.68 -1.87 -2.37
C GLU A 175 11.38 -0.39 -2.45
N ALA A 176 10.99 0.10 -1.30
CA ALA A 176 10.60 1.48 -1.10
C ALA A 176 11.76 2.31 -0.57
N PHE A 177 12.15 2.06 0.67
CA PHE A 177 13.27 2.80 1.25
C PHE A 177 14.36 1.87 1.77
N GLY A 178 13.95 0.69 2.20
CA GLY A 178 14.89 -0.28 2.74
C GLY A 178 16.06 -0.56 1.81
N ASP A 179 15.93 -1.59 0.98
CA ASP A 179 17.00 -1.96 0.06
C ASP A 179 16.49 -2.74 -1.16
N THR A 180 15.18 -3.01 -1.23
CA THR A 180 14.59 -3.76 -2.35
C THR A 180 15.36 -5.06 -2.55
N LYS A 181 15.97 -5.48 -1.47
CA LYS A 181 16.78 -6.67 -1.44
C LYS A 181 15.95 -7.92 -1.70
N PHE A 182 14.72 -7.86 -1.27
CA PHE A 182 13.79 -8.98 -1.44
C PHE A 182 14.43 -10.30 -1.00
N SER A 183 15.04 -10.98 -1.95
CA SER A 183 15.73 -12.25 -1.70
C SER A 183 17.17 -12.16 -2.14
N ALA A 184 17.38 -11.96 -3.43
CA ALA A 184 18.70 -11.85 -4.00
C ALA A 184 18.81 -10.60 -4.85
N VAL A 185 19.78 -10.60 -5.75
CA VAL A 185 19.99 -9.49 -6.61
C VAL A 185 19.40 -9.72 -8.00
N LEU A 186 18.75 -10.84 -8.13
CA LEU A 186 18.10 -11.24 -9.37
C LEU A 186 16.60 -11.11 -9.23
N VAL A 187 16.21 -10.74 -8.04
CA VAL A 187 14.82 -10.59 -7.68
C VAL A 187 14.42 -9.13 -7.56
N GLU A 188 15.39 -8.27 -7.75
CA GLU A 188 15.19 -6.83 -7.66
C GLU A 188 14.12 -6.36 -8.66
N PRO A 189 12.91 -5.99 -8.17
CA PRO A 189 11.83 -5.54 -9.04
C PRO A 189 12.13 -4.19 -9.69
ZN ZN B . -9.65 -5.93 -6.10
ZN ZN C . 5.05 -4.28 -11.30
N SER A 1 -2.74 -15.80 -16.41
CA SER A 1 -3.55 -17.03 -16.31
C SER A 1 -5.03 -16.70 -16.18
N ALA A 2 -5.35 -15.76 -15.31
CA ALA A 2 -6.74 -15.34 -15.09
C ALA A 2 -6.85 -13.88 -14.75
N THR A 3 -5.76 -13.11 -14.94
CA THR A 3 -5.79 -11.69 -14.60
C THR A 3 -5.70 -11.52 -13.12
N ILE A 4 -6.75 -12.01 -12.48
CA ILE A 4 -6.91 -11.98 -11.05
C ILE A 4 -6.07 -10.97 -10.31
N CYS A 5 -6.79 -10.04 -9.73
CA CYS A 5 -6.22 -8.95 -8.96
C CYS A 5 -5.15 -9.46 -8.03
N ARG A 6 -3.93 -9.48 -8.52
CA ARG A 6 -2.76 -9.95 -7.77
C ARG A 6 -2.99 -9.94 -6.27
N VAL A 7 -3.66 -8.91 -5.77
CA VAL A 7 -3.92 -8.78 -4.35
C VAL A 7 -4.91 -9.85 -3.91
N CYS A 8 -6.08 -9.84 -4.51
CA CYS A 8 -7.08 -10.85 -4.18
C CYS A 8 -6.74 -12.16 -4.85
N GLN A 9 -6.18 -12.00 -6.05
CA GLN A 9 -5.85 -13.06 -6.95
C GLN A 9 -7.12 -13.59 -7.56
N LYS A 10 -8.09 -12.70 -7.67
CA LYS A 10 -9.34 -13.02 -8.26
C LYS A 10 -9.61 -12.24 -9.52
N PRO A 11 -10.27 -12.89 -10.45
CA PRO A 11 -10.56 -12.36 -11.75
C PRO A 11 -11.73 -11.42 -11.72
N GLY A 12 -11.66 -10.41 -12.57
CA GLY A 12 -12.71 -9.43 -12.61
C GLY A 12 -12.40 -8.28 -13.52
N ASP A 13 -12.90 -7.10 -13.13
CA ASP A 13 -12.64 -5.88 -13.86
C ASP A 13 -11.26 -5.39 -13.53
N LEU A 14 -10.34 -6.32 -13.54
CA LEU A 14 -8.96 -6.07 -13.24
C LEU A 14 -8.24 -5.37 -14.33
N VAL A 15 -7.30 -4.64 -13.85
CA VAL A 15 -6.41 -3.88 -14.65
C VAL A 15 -5.21 -4.74 -14.81
N MET A 16 -4.24 -4.30 -15.53
CA MET A 16 -3.08 -5.15 -15.74
C MET A 16 -1.80 -4.37 -15.76
N CYS A 17 -0.92 -4.69 -14.83
CA CYS A 17 0.35 -4.03 -14.82
C CYS A 17 1.04 -4.29 -16.14
N ASN A 18 0.93 -3.32 -17.02
CA ASN A 18 1.52 -3.41 -18.33
C ASN A 18 3.02 -3.68 -18.22
N GLN A 19 3.52 -3.71 -16.98
CA GLN A 19 4.93 -3.95 -16.75
C GLN A 19 5.20 -5.22 -15.96
N CYS A 20 4.33 -5.57 -15.00
CA CYS A 20 4.58 -6.78 -14.20
C CYS A 20 3.34 -7.66 -14.06
N GLU A 21 2.43 -7.59 -15.03
CA GLU A 21 1.19 -8.33 -15.02
C GLU A 21 0.26 -7.80 -13.95
N PHE A 22 0.69 -7.93 -12.70
CA PHE A 22 -0.02 -7.44 -11.53
C PHE A 22 -1.36 -6.80 -11.88
N CYS A 23 -2.39 -7.63 -11.92
CA CYS A 23 -3.70 -7.17 -12.20
C CYS A 23 -4.32 -6.72 -10.93
N PHE A 24 -5.15 -5.74 -11.04
CA PHE A 24 -5.76 -5.19 -9.87
C PHE A 24 -7.19 -4.80 -10.08
N HIS A 25 -7.99 -5.10 -9.09
CA HIS A 25 -9.38 -4.69 -9.06
C HIS A 25 -9.47 -3.21 -9.01
N LEU A 26 -8.32 -2.60 -9.14
CA LEU A 26 -8.19 -1.16 -9.13
C LEU A 26 -8.34 -0.61 -7.76
N ASP A 27 -9.50 -0.84 -7.25
CA ASP A 27 -9.87 -0.37 -5.95
C ASP A 27 -8.98 -1.07 -4.95
N CYS A 28 -8.53 -2.23 -5.39
CA CYS A 28 -7.61 -3.02 -4.63
C CYS A 28 -6.24 -2.39 -4.70
N HIS A 29 -5.89 -1.84 -5.88
CA HIS A 29 -4.62 -1.16 -5.98
C HIS A 29 -4.59 -0.15 -4.86
N LEU A 30 -3.53 -0.18 -4.08
CA LEU A 30 -3.37 0.69 -2.92
C LEU A 30 -4.21 1.96 -2.97
N PRO A 31 -3.81 3.02 -3.67
CA PRO A 31 -4.60 4.23 -3.64
C PRO A 31 -5.84 4.12 -4.48
N ALA A 32 -5.94 2.97 -5.11
CA ALA A 32 -7.08 2.60 -5.91
C ALA A 32 -7.18 3.36 -7.22
N LEU A 33 -7.03 2.62 -8.32
CA LEU A 33 -7.19 3.15 -9.65
C LEU A 33 -8.59 3.68 -9.76
N GLN A 34 -9.40 3.06 -8.95
CA GLN A 34 -10.79 3.34 -8.79
C GLN A 34 -11.52 3.28 -10.09
N ASP A 35 -10.75 3.05 -11.11
CA ASP A 35 -11.22 3.02 -12.45
C ASP A 35 -10.04 2.90 -13.34
N VAL A 36 -9.91 1.73 -13.87
CA VAL A 36 -8.83 1.34 -14.68
C VAL A 36 -8.04 2.45 -15.33
N PRO A 37 -6.77 2.46 -14.96
CA PRO A 37 -5.75 3.38 -15.44
C PRO A 37 -5.60 3.31 -16.94
N GLY A 38 -6.30 2.35 -17.47
CA GLY A 38 -6.28 2.07 -18.88
C GLY A 38 -5.84 0.65 -19.12
N GLU A 39 -4.78 0.50 -19.89
CA GLU A 39 -4.23 -0.78 -20.20
C GLU A 39 -2.71 -0.74 -20.21
N GLU A 40 -2.15 0.35 -19.71
CA GLU A 40 -0.74 0.53 -19.67
C GLU A 40 -0.25 0.81 -18.27
N TRP A 41 -1.16 0.65 -17.30
CA TRP A 41 -0.84 0.87 -15.93
C TRP A 41 0.32 -0.01 -15.53
N SER A 42 0.66 0.14 -14.29
CA SER A 42 1.69 -0.66 -13.66
C SER A 42 1.39 -0.72 -12.19
N CYS A 43 1.67 -1.85 -11.57
CA CYS A 43 1.35 -2.00 -10.16
C CYS A 43 2.17 -1.03 -9.35
N SER A 44 1.48 -0.23 -8.53
CA SER A 44 2.12 0.80 -7.71
C SER A 44 3.46 0.34 -7.11
N LEU A 45 3.71 -0.98 -7.06
CA LEU A 45 4.97 -1.50 -6.56
C LEU A 45 6.07 -1.18 -7.56
N CYS A 46 5.64 -0.59 -8.66
CA CYS A 46 6.50 -0.21 -9.77
C CYS A 46 6.09 1.15 -10.27
N HIS A 47 4.79 1.35 -10.22
CA HIS A 47 4.17 2.59 -10.67
C HIS A 47 3.33 3.22 -9.56
N VAL A 48 3.90 3.33 -8.36
CA VAL A 48 3.20 3.94 -7.25
C VAL A 48 2.32 5.08 -7.69
N LEU A 49 1.16 5.14 -7.06
CA LEU A 49 0.16 6.12 -7.37
C LEU A 49 -0.31 6.94 -6.18
N PRO A 50 -0.63 8.21 -6.45
CA PRO A 50 -1.14 9.15 -5.45
C PRO A 50 -2.48 8.72 -4.88
N ASP A 51 -3.51 8.87 -5.71
CA ASP A 51 -4.87 8.53 -5.34
C ASP A 51 -5.85 8.81 -6.46
N LEU A 52 -5.44 9.66 -7.38
CA LEU A 52 -6.26 10.02 -8.52
C LEU A 52 -7.65 10.45 -8.11
N LYS A 53 -7.71 11.47 -7.25
CA LYS A 53 -8.96 12.01 -6.77
C LYS A 53 -9.85 12.45 -7.93
N GLU A 54 -9.22 12.63 -9.10
CA GLU A 54 -9.93 13.06 -10.30
C GLU A 54 -10.74 14.32 -10.06
N GLU A 55 -10.40 15.04 -9.00
CA GLU A 55 -11.08 16.28 -8.64
C GLU A 55 -10.37 17.48 -9.22
N ASP A 56 -10.68 18.67 -8.70
CA ASP A 56 -10.08 19.90 -9.15
C ASP A 56 -10.22 20.08 -10.65
N GLY A 57 -11.32 19.59 -11.20
CA GLY A 57 -11.56 19.72 -12.63
C GLY A 57 -11.83 21.16 -13.01
N SER A 58 -12.14 21.98 -12.00
CA SER A 58 -12.41 23.39 -12.21
C SER A 58 -12.21 24.17 -10.91
N LEU A 59 -11.67 23.50 -9.89
CA LEU A 59 -11.43 24.12 -8.61
C LEU A 59 -10.07 23.72 -8.08
N SER A 60 -9.13 24.67 -8.10
CA SER A 60 -7.79 24.41 -7.64
C SER A 60 -7.10 25.74 -7.51
N LEU A 61 -7.86 26.68 -6.99
CA LEU A 61 -7.40 28.03 -6.82
C LEU A 61 -6.03 28.05 -6.15
N ASP A 62 -5.67 26.94 -5.51
CA ASP A 62 -4.40 26.80 -4.82
C ASP A 62 -3.26 27.44 -5.61
N GLY A 63 -2.46 28.22 -4.90
CA GLY A 63 -1.33 28.90 -5.53
C GLY A 63 -0.07 28.08 -5.49
N ALA A 64 0.37 27.74 -4.29
CA ALA A 64 1.59 26.99 -4.12
C ALA A 64 1.50 25.60 -4.77
N ASP A 65 1.11 24.62 -3.98
CA ASP A 65 0.98 23.24 -4.48
C ASP A 65 2.23 22.83 -5.24
N SER A 66 3.33 22.62 -4.51
CA SER A 66 4.60 22.22 -5.13
C SER A 66 4.77 20.71 -5.08
N THR A 67 5.12 20.19 -3.92
CA THR A 67 5.32 18.75 -3.75
C THR A 67 4.94 18.31 -2.33
N GLY A 68 5.52 18.97 -1.34
CA GLY A 68 5.24 18.64 0.03
C GLY A 68 4.14 19.51 0.62
N VAL A 69 2.91 19.31 0.15
CA VAL A 69 1.77 20.08 0.63
C VAL A 69 1.48 19.76 2.10
N VAL A 70 2.13 18.72 2.61
CA VAL A 70 1.95 18.31 3.96
C VAL A 70 3.21 17.63 4.47
N ALA A 71 3.81 16.82 3.61
CA ALA A 71 5.03 16.14 3.92
C ALA A 71 4.91 15.43 5.25
N LYS A 72 3.86 14.64 5.33
CA LYS A 72 3.57 13.86 6.52
C LYS A 72 4.54 12.70 6.54
N LEU A 73 4.11 11.62 5.94
CA LEU A 73 4.93 10.45 5.81
C LEU A 73 6.21 10.88 5.13
N SER A 74 5.97 11.64 4.08
CA SER A 74 6.98 12.19 3.17
C SER A 74 6.53 11.87 1.77
N PRO A 75 6.80 12.76 0.83
CA PRO A 75 6.44 12.54 -0.56
C PRO A 75 7.01 11.24 -1.01
N ALA A 76 8.09 10.97 -0.33
CA ALA A 76 8.90 9.80 -0.58
C ALA A 76 8.54 8.66 0.35
N ASN A 77 8.48 8.94 1.66
CA ASN A 77 8.17 7.89 2.61
C ASN A 77 6.80 7.34 2.32
N GLN A 78 5.95 8.20 1.80
CA GLN A 78 4.64 7.81 1.41
C GLN A 78 4.80 7.03 0.15
N ARG A 79 5.65 7.54 -0.73
CA ARG A 79 5.95 6.88 -1.96
C ARG A 79 6.29 5.42 -1.69
N LYS A 80 7.13 5.19 -0.67
CA LYS A 80 7.55 3.86 -0.26
C LYS A 80 6.41 3.08 0.38
N CYS A 81 5.89 3.60 1.47
CA CYS A 81 4.78 3.02 2.18
C CYS A 81 3.69 2.66 1.18
N GLU A 82 3.61 3.45 0.13
CA GLU A 82 2.66 3.16 -0.91
C GLU A 82 3.09 1.88 -1.60
N ARG A 83 4.37 1.76 -1.82
CA ARG A 83 4.91 0.56 -2.39
C ARG A 83 4.51 -0.59 -1.48
N VAL A 84 4.44 -0.26 -0.18
CA VAL A 84 4.07 -1.19 0.86
C VAL A 84 2.61 -1.59 0.85
N LEU A 85 1.70 -0.72 1.27
CA LEU A 85 0.31 -1.12 1.35
C LEU A 85 -0.05 -1.89 0.16
N LEU A 86 0.19 -1.29 -0.96
CA LEU A 86 -0.07 -1.95 -2.18
C LEU A 86 0.53 -3.34 -2.10
N ALA A 87 1.84 -3.37 -1.86
CA ALA A 87 2.54 -4.62 -1.69
C ALA A 87 1.69 -5.49 -0.80
N LEU A 88 1.62 -5.08 0.47
CA LEU A 88 0.84 -5.73 1.46
C LEU A 88 -0.33 -6.41 0.78
N PHE A 89 -1.30 -5.61 0.36
CA PHE A 89 -2.51 -6.07 -0.33
C PHE A 89 -2.26 -7.25 -1.31
N CYS A 90 -1.28 -7.05 -2.18
CA CYS A 90 -0.87 -8.00 -3.23
C CYS A 90 -0.83 -9.49 -2.80
N HIS A 91 -0.61 -9.78 -1.53
CA HIS A 91 -0.54 -11.19 -1.10
C HIS A 91 -1.81 -11.66 -0.36
N GLU A 92 -1.79 -12.93 0.07
CA GLU A 92 -2.91 -13.48 0.82
C GLU A 92 -2.79 -13.15 2.31
N PRO A 93 -1.62 -13.42 2.94
CA PRO A 93 -1.40 -13.07 4.35
C PRO A 93 -2.02 -11.71 4.66
N CYS A 94 -1.77 -10.79 3.79
CA CYS A 94 -2.32 -9.48 3.93
C CYS A 94 -3.80 -9.54 3.61
N ARG A 95 -4.22 -10.46 2.74
CA ARG A 95 -5.63 -10.54 2.36
C ARG A 95 -6.51 -10.37 3.61
N PRO A 96 -6.24 -11.06 4.75
CA PRO A 96 -6.96 -10.81 5.98
C PRO A 96 -6.63 -9.43 6.50
N LEU A 97 -5.33 -9.05 6.41
CA LEU A 97 -4.91 -7.76 6.88
C LEU A 97 -5.62 -6.63 6.16
N HIS A 98 -5.96 -6.88 4.92
CA HIS A 98 -6.61 -5.93 4.07
C HIS A 98 -7.65 -5.13 4.83
N GLN A 99 -8.59 -5.85 5.40
CA GLN A 99 -9.68 -5.24 6.12
C GLN A 99 -9.81 -5.81 7.51
N LEU A 100 -8.69 -5.83 8.22
CA LEU A 100 -8.61 -6.32 9.58
C LEU A 100 -9.72 -5.77 10.46
N ALA A 101 -9.68 -4.47 10.64
CA ALA A 101 -10.63 -3.77 11.48
C ALA A 101 -12.04 -3.81 10.88
N THR A 102 -12.79 -2.75 11.15
CA THR A 102 -14.16 -2.60 10.65
C THR A 102 -14.23 -1.22 10.08
N ASP A 103 -13.05 -0.78 9.68
CA ASP A 103 -12.80 0.53 9.13
C ASP A 103 -13.95 1.13 8.34
N SER A 104 -14.82 0.30 7.79
CA SER A 104 -15.96 0.80 7.03
C SER A 104 -16.96 1.48 7.96
N THR A 105 -16.48 1.99 9.09
CA THR A 105 -17.35 2.64 10.05
C THR A 105 -16.67 3.71 10.87
N PHE A 106 -15.46 3.47 11.38
CA PHE A 106 -14.90 4.47 12.26
C PHE A 106 -13.40 4.50 12.30
N SER A 107 -12.75 3.77 11.43
CA SER A 107 -11.30 3.77 11.44
C SER A 107 -10.75 5.18 11.28
N LEU A 108 -11.62 6.13 10.95
CA LEU A 108 -11.21 7.51 10.77
C LEU A 108 -10.58 8.04 12.04
N ASP A 109 -11.00 7.44 13.13
CA ASP A 109 -10.54 7.79 14.47
C ASP A 109 -11.08 6.77 15.45
N GLN A 110 -11.28 5.58 14.92
CA GLN A 110 -11.80 4.46 15.62
C GLN A 110 -11.52 4.54 17.11
N PRO A 111 -12.55 4.24 17.90
CA PRO A 111 -12.48 4.27 19.35
C PRO A 111 -11.22 3.57 19.87
N GLY A 112 -10.59 2.80 18.99
CA GLY A 112 -9.38 2.11 19.35
C GLY A 112 -8.50 1.81 18.13
N GLY A 113 -9.14 1.41 17.04
CA GLY A 113 -8.41 1.12 15.82
C GLY A 113 -7.71 -0.23 15.86
N THR A 114 -7.83 -0.98 14.76
CA THR A 114 -7.19 -2.28 14.68
C THR A 114 -6.22 -2.31 13.57
N LEU A 115 -6.33 -1.31 12.75
CA LEU A 115 -5.50 -1.20 11.65
C LEU A 115 -5.60 -2.35 10.73
N ASP A 116 -5.51 -2.02 9.50
CA ASP A 116 -5.55 -2.95 8.45
C ASP A 116 -4.91 -2.27 7.28
N LEU A 117 -4.88 -2.88 6.15
CA LEU A 117 -4.22 -2.28 5.05
C LEU A 117 -4.97 -1.10 4.58
N THR A 118 -6.25 -1.29 4.40
CA THR A 118 -7.11 -0.23 3.92
C THR A 118 -7.15 0.91 4.93
N LEU A 119 -6.73 0.59 6.15
CA LEU A 119 -6.66 1.57 7.22
C LEU A 119 -5.48 2.49 6.96
N ILE A 120 -4.33 1.88 7.09
CA ILE A 120 -3.06 2.49 6.82
C ILE A 120 -3.08 3.14 5.48
N ARG A 121 -3.80 2.46 4.61
CA ARG A 121 -3.97 2.87 3.23
C ARG A 121 -4.86 4.05 3.16
N ALA A 122 -5.83 4.02 4.02
CA ALA A 122 -6.78 5.10 4.14
C ALA A 122 -6.04 6.42 4.28
N ARG A 123 -5.06 6.42 5.20
CA ARG A 123 -4.28 7.62 5.41
C ARG A 123 -3.54 7.89 4.11
N LEU A 124 -2.87 6.84 3.66
CA LEU A 124 -2.14 6.87 2.42
C LEU A 124 -3.02 7.38 1.30
N GLN A 125 -4.31 7.10 1.42
CA GLN A 125 -5.29 7.48 0.44
C GLN A 125 -5.94 8.81 0.78
N GLU A 126 -7.04 8.70 1.54
CA GLU A 126 -7.84 9.83 1.96
C GLU A 126 -9.14 9.34 2.58
N LYS A 127 -9.15 8.08 2.99
CA LYS A 127 -10.29 7.48 3.61
C LYS A 127 -10.26 7.83 5.06
N LEU A 128 -9.04 7.92 5.49
CA LEU A 128 -8.72 8.24 6.86
C LEU A 128 -8.61 9.75 7.05
N SER A 129 -7.58 10.18 7.76
CA SER A 129 -7.44 11.62 8.04
C SER A 129 -6.18 12.03 8.73
N PRO A 130 -5.99 11.56 9.96
CA PRO A 130 -4.93 12.05 10.77
C PRO A 130 -3.50 11.46 10.61
N PRO A 131 -3.18 10.26 11.12
CA PRO A 131 -1.85 9.62 11.07
C PRO A 131 -0.74 10.30 10.28
N TYR A 132 0.06 9.46 9.58
CA TYR A 132 1.22 9.86 8.84
C TYR A 132 2.06 10.87 9.51
N SER A 133 3.26 10.89 9.00
CA SER A 133 4.32 11.73 9.45
C SER A 133 5.59 11.00 9.17
N SER A 134 5.44 9.72 8.91
CA SER A 134 6.60 8.88 8.66
C SER A 134 6.21 7.47 8.29
N PRO A 135 7.10 6.73 7.61
CA PRO A 135 6.83 5.35 7.28
C PRO A 135 6.47 4.59 8.49
N GLN A 136 7.10 4.94 9.60
CA GLN A 136 6.81 4.27 10.81
C GLN A 136 5.34 4.45 11.18
N GLU A 137 4.71 5.49 10.64
CA GLU A 137 3.31 5.68 10.90
C GLU A 137 2.52 4.54 10.32
N PHE A 138 2.55 4.54 9.01
CA PHE A 138 1.88 3.59 8.18
C PHE A 138 2.32 2.19 8.56
N ALA A 139 3.62 2.08 8.68
CA ALA A 139 4.31 0.81 8.96
C ALA A 139 4.04 0.30 10.34
N GLN A 140 4.21 1.14 11.35
CA GLN A 140 3.95 0.70 12.69
C GLN A 140 2.51 0.37 12.81
N ASP A 141 1.76 0.91 11.89
CA ASP A 141 0.35 0.69 11.80
C ASP A 141 0.18 -0.68 11.21
N VAL A 142 1.17 -1.05 10.38
CA VAL A 142 1.28 -2.33 9.76
C VAL A 142 1.74 -3.37 10.75
N GLY A 143 2.69 -3.00 11.57
CA GLY A 143 3.16 -3.92 12.57
C GLY A 143 2.03 -4.15 13.52
N ARG A 144 1.16 -3.14 13.58
CA ARG A 144 -0.02 -3.17 14.38
C ARG A 144 -1.02 -4.02 13.69
N MET A 145 -1.09 -3.77 12.41
CA MET A 145 -1.93 -4.50 11.53
C MET A 145 -1.70 -5.92 11.89
N PHE A 146 -0.46 -6.25 11.63
CA PHE A 146 0.15 -7.53 11.86
C PHE A 146 -0.11 -7.95 13.30
N LYS A 147 -0.22 -6.96 14.18
CA LYS A 147 -0.48 -7.23 15.58
C LYS A 147 -1.84 -7.86 15.85
N GLN A 148 -2.91 -7.14 15.53
CA GLN A 148 -4.26 -7.63 15.78
C GLN A 148 -4.54 -8.61 14.70
N PHE A 149 -3.77 -8.44 13.66
CA PHE A 149 -3.80 -9.28 12.50
C PHE A 149 -3.41 -10.67 12.94
N ASN A 150 -2.44 -10.71 13.83
CA ASN A 150 -1.92 -11.95 14.36
C ASN A 150 -2.74 -12.42 15.55
N LYS A 151 -3.62 -11.57 16.02
CA LYS A 151 -4.47 -11.90 17.15
C LYS A 151 -5.86 -12.35 16.73
N LEU A 152 -6.26 -11.92 15.55
CA LEU A 152 -7.57 -12.20 15.02
C LEU A 152 -7.52 -13.30 13.98
N THR A 153 -6.31 -13.65 13.62
CA THR A 153 -6.06 -14.71 12.64
C THR A 153 -6.39 -16.07 13.22
N GLU A 154 -7.36 -16.06 14.11
CA GLU A 154 -7.85 -17.27 14.75
C GLU A 154 -8.34 -18.22 13.68
N ASP A 155 -8.94 -17.63 12.67
CA ASP A 155 -9.46 -18.34 11.53
C ASP A 155 -8.33 -18.76 10.62
N LYS A 156 -7.30 -17.92 10.61
CA LYS A 156 -6.12 -18.13 9.81
C LYS A 156 -5.19 -19.14 10.46
N ALA A 157 -3.88 -19.02 10.21
CA ALA A 157 -2.92 -19.89 10.82
C ALA A 157 -2.78 -19.48 12.26
N ASP A 158 -2.24 -18.28 12.39
CA ASP A 158 -2.03 -17.64 13.66
C ASP A 158 -0.99 -16.55 13.53
N VAL A 159 0.24 -16.97 13.55
CA VAL A 159 1.37 -16.10 13.45
C VAL A 159 1.96 -16.07 12.06
N GLN A 160 2.50 -17.19 11.70
CA GLN A 160 3.22 -17.34 10.43
C GLN A 160 2.51 -16.78 9.21
N SER A 161 1.25 -16.38 9.32
CA SER A 161 0.56 -15.80 8.20
C SER A 161 0.85 -14.32 8.26
N ILE A 162 0.85 -13.89 9.50
CA ILE A 162 1.14 -12.56 9.90
C ILE A 162 2.61 -12.30 9.77
N ILE A 163 3.41 -13.33 10.07
CA ILE A 163 4.83 -13.25 9.98
C ILE A 163 5.35 -13.26 8.56
N GLY A 164 4.85 -14.17 7.74
CA GLY A 164 5.31 -14.18 6.36
C GLY A 164 5.00 -12.84 5.74
N LEU A 165 3.88 -12.30 6.18
CA LEU A 165 3.43 -11.01 5.77
C LEU A 165 4.27 -9.96 6.47
N GLN A 166 4.48 -10.13 7.76
CA GLN A 166 5.28 -9.20 8.53
C GLN A 166 6.66 -9.01 7.88
N ARG A 167 7.35 -10.12 7.64
CA ARG A 167 8.63 -10.09 6.98
C ARG A 167 8.46 -9.54 5.59
N PHE A 168 7.31 -9.85 4.98
CA PHE A 168 7.00 -9.36 3.67
C PHE A 168 7.13 -7.83 3.71
N PHE A 169 6.43 -7.26 4.66
CA PHE A 169 6.40 -5.85 4.88
C PHE A 169 7.74 -5.26 4.72
N GLU A 170 8.61 -5.65 5.59
CA GLU A 170 9.95 -5.14 5.58
C GLU A 170 10.61 -5.28 4.22
N THR A 171 10.20 -6.29 3.47
CA THR A 171 10.74 -6.55 2.14
C THR A 171 10.42 -5.44 1.17
N ARG A 172 9.13 -5.29 0.89
CA ARG A 172 8.67 -4.29 -0.05
C ARG A 172 8.89 -2.92 0.52
N MET A 173 8.63 -2.78 1.80
CA MET A 173 8.89 -1.53 2.44
C MET A 173 10.38 -1.27 2.31
N ASN A 174 11.17 -2.35 2.14
CA ASN A 174 12.61 -2.16 1.96
C ASN A 174 12.85 -1.80 0.52
N GLU A 175 12.17 -2.54 -0.34
CA GLU A 175 12.20 -2.35 -1.77
C GLU A 175 11.81 -0.92 -2.11
N ALA A 176 11.03 -0.37 -1.21
CA ALA A 176 10.53 0.98 -1.32
C ALA A 176 11.50 1.98 -0.72
N PHE A 177 12.07 1.58 0.40
CA PHE A 177 13.02 2.43 1.11
C PHE A 177 14.38 2.43 0.42
N GLY A 178 14.37 2.12 -0.88
CA GLY A 178 15.59 2.10 -1.67
C GLY A 178 16.67 1.23 -1.07
N ASP A 179 16.51 -0.09 -1.20
CA ASP A 179 17.49 -1.03 -0.65
C ASP A 179 17.43 -2.39 -1.34
N THR A 180 16.24 -2.78 -1.78
CA THR A 180 16.07 -4.04 -2.46
C THR A 180 16.08 -3.83 -3.98
N LYS A 181 15.20 -2.94 -4.45
CA LYS A 181 15.12 -2.61 -5.88
C LYS A 181 15.00 -3.84 -6.75
N PHE A 182 14.71 -4.94 -6.09
CA PHE A 182 14.54 -6.24 -6.75
C PHE A 182 15.88 -6.86 -7.11
N SER A 183 16.94 -6.07 -7.02
CA SER A 183 18.27 -6.56 -7.34
C SER A 183 19.03 -6.92 -6.07
N ALA A 184 18.31 -7.10 -4.98
CA ALA A 184 18.91 -7.43 -3.70
C ALA A 184 18.10 -8.47 -2.95
N VAL A 185 17.12 -9.03 -3.64
CA VAL A 185 16.25 -10.03 -3.09
C VAL A 185 16.92 -11.38 -3.00
N LEU A 186 18.22 -11.35 -3.15
CA LEU A 186 19.04 -12.54 -3.11
C LEU A 186 19.67 -12.69 -1.74
N VAL A 187 19.43 -11.69 -0.94
CA VAL A 187 19.93 -11.61 0.43
C VAL A 187 18.94 -10.86 1.31
N GLU A 188 17.76 -10.64 0.77
CA GLU A 188 16.69 -9.94 1.46
C GLU A 188 15.41 -10.77 1.46
N PRO A 189 14.39 -10.35 2.23
CA PRO A 189 13.13 -11.09 2.32
C PRO A 189 12.27 -10.94 1.07
ZN ZN B . -8.88 -7.40 -5.59
ZN ZN C . 4.10 -3.41 -12.02
N SER A 1 -4.12 -16.62 -15.39
CA SER A 1 -4.92 -16.54 -16.63
C SER A 1 -6.30 -15.96 -16.35
N ALA A 2 -6.42 -15.24 -15.23
CA ALA A 2 -7.70 -14.64 -14.84
C ALA A 2 -7.55 -13.18 -14.49
N THR A 3 -6.33 -12.65 -14.62
CA THR A 3 -6.07 -11.26 -14.26
C THR A 3 -6.10 -11.12 -12.75
N ILE A 4 -7.29 -11.28 -12.20
CA ILE A 4 -7.56 -11.21 -10.78
C ILE A 4 -6.69 -10.27 -10.04
N CYS A 5 -7.35 -9.27 -9.50
CA CYS A 5 -6.70 -8.25 -8.71
C CYS A 5 -5.83 -8.91 -7.67
N ARG A 6 -4.63 -9.28 -8.08
CA ARG A 6 -3.64 -9.93 -7.24
C ARG A 6 -3.99 -9.81 -5.76
N VAL A 7 -4.42 -8.61 -5.37
CA VAL A 7 -4.80 -8.34 -4.00
C VAL A 7 -6.01 -9.16 -3.62
N CYS A 8 -7.11 -8.93 -4.33
CA CYS A 8 -8.32 -9.70 -4.07
C CYS A 8 -8.23 -11.09 -4.71
N GLN A 9 -7.56 -11.14 -5.86
CA GLN A 9 -7.43 -12.34 -6.67
C GLN A 9 -8.71 -12.64 -7.42
N LYS A 10 -9.49 -11.60 -7.66
CA LYS A 10 -10.70 -11.70 -8.42
C LYS A 10 -10.57 -10.97 -9.73
N PRO A 11 -11.03 -11.60 -10.80
CA PRO A 11 -10.96 -11.03 -12.13
C PRO A 11 -11.85 -9.81 -12.25
N GLY A 12 -11.57 -9.00 -13.25
CA GLY A 12 -12.37 -7.81 -13.44
C GLY A 12 -11.66 -6.72 -14.21
N ASP A 13 -12.02 -5.47 -13.89
CA ASP A 13 -11.41 -4.32 -14.50
C ASP A 13 -10.06 -4.06 -13.85
N LEU A 14 -9.34 -5.13 -13.70
CA LEU A 14 -8.05 -5.15 -13.09
C LEU A 14 -6.96 -4.62 -14.00
N VAL A 15 -5.84 -4.36 -13.37
CA VAL A 15 -4.67 -3.89 -14.07
C VAL A 15 -3.55 -4.85 -13.93
N MET A 16 -3.17 -5.46 -15.00
CA MET A 16 -2.11 -6.39 -14.94
C MET A 16 -0.82 -5.59 -14.93
N CYS A 17 -0.02 -5.76 -13.89
CA CYS A 17 1.22 -5.01 -13.84
C CYS A 17 1.94 -5.28 -15.12
N ASN A 18 2.32 -4.26 -15.84
CA ASN A 18 2.99 -4.49 -17.08
C ASN A 18 4.34 -5.16 -16.83
N GLN A 19 4.58 -5.55 -15.57
CA GLN A 19 5.82 -6.19 -15.19
C GLN A 19 5.63 -7.45 -14.34
N CYS A 20 4.56 -7.52 -13.53
CA CYS A 20 4.37 -8.70 -12.66
C CYS A 20 2.97 -9.30 -12.71
N GLU A 21 2.19 -9.01 -13.75
CA GLU A 21 0.82 -9.48 -13.82
C GLU A 21 0.01 -8.74 -12.76
N PHE A 22 0.50 -8.78 -11.51
CA PHE A 22 -0.05 -8.04 -10.39
C PHE A 22 -1.25 -7.20 -10.80
N CYS A 23 -2.40 -7.83 -10.88
CA CYS A 23 -3.57 -7.14 -11.27
C CYS A 23 -4.20 -6.50 -10.10
N PHE A 24 -4.77 -5.37 -10.35
CA PHE A 24 -5.42 -4.62 -9.32
C PHE A 24 -6.70 -3.99 -9.82
N HIS A 25 -7.75 -4.22 -9.07
CA HIS A 25 -9.05 -3.59 -9.32
C HIS A 25 -8.94 -2.11 -9.35
N LEU A 26 -7.71 -1.66 -9.27
CA LEU A 26 -7.41 -0.26 -9.25
C LEU A 26 -7.66 0.29 -7.91
N ASP A 27 -8.89 0.16 -7.53
CA ASP A 27 -9.36 0.62 -6.24
C ASP A 27 -8.54 -0.01 -5.13
N CYS A 28 -8.16 -1.27 -5.33
CA CYS A 28 -7.34 -1.97 -4.36
C CYS A 28 -5.89 -1.61 -4.56
N HIS A 29 -5.57 -1.05 -5.74
CA HIS A 29 -4.22 -0.58 -6.00
C HIS A 29 -3.95 0.59 -5.05
N LEU A 30 -3.63 0.25 -3.80
CA LEU A 30 -3.38 1.21 -2.72
C LEU A 30 -4.02 2.57 -2.91
N PRO A 31 -3.42 3.54 -3.64
CA PRO A 31 -4.04 4.82 -3.76
C PRO A 31 -5.07 4.84 -4.86
N ALA A 32 -5.43 3.64 -5.20
CA ALA A 32 -6.37 3.32 -6.25
C ALA A 32 -6.02 3.92 -7.59
N LEU A 33 -6.01 3.07 -8.64
CA LEU A 33 -5.74 3.54 -9.96
C LEU A 33 -6.62 4.71 -10.31
N GLN A 34 -6.65 5.01 -11.56
CA GLN A 34 -7.44 6.09 -12.02
C GLN A 34 -8.33 5.64 -13.11
N ASP A 35 -7.96 4.51 -13.66
CA ASP A 35 -8.64 3.90 -14.77
C ASP A 35 -7.67 3.06 -15.52
N VAL A 36 -7.79 1.83 -15.22
CA VAL A 36 -6.97 0.78 -15.70
C VAL A 36 -5.92 1.13 -16.74
N PRO A 37 -4.71 1.29 -16.21
CA PRO A 37 -3.47 1.50 -16.95
C PRO A 37 -3.12 0.30 -17.81
N GLY A 38 -4.16 -0.37 -18.23
CA GLY A 38 -4.03 -1.54 -19.08
C GLY A 38 -3.02 -1.34 -20.17
N GLU A 39 -2.76 -0.10 -20.41
CA GLU A 39 -1.81 0.33 -21.40
C GLU A 39 -0.43 -0.20 -21.06
N GLU A 40 0.04 0.07 -19.83
CA GLU A 40 1.34 -0.37 -19.41
C GLU A 40 1.60 -0.09 -17.95
N TRP A 41 0.61 -0.31 -17.10
CA TRP A 41 0.78 -0.13 -15.68
C TRP A 41 2.03 -0.84 -15.22
N SER A 42 2.16 -0.89 -13.95
CA SER A 42 3.27 -1.55 -13.31
C SER A 42 3.02 -1.58 -11.82
N CYS A 43 2.26 -2.57 -11.38
CA CYS A 43 1.89 -2.70 -9.97
C CYS A 43 2.73 -1.80 -9.05
N SER A 44 2.12 -0.68 -8.61
CA SER A 44 2.75 0.33 -7.73
C SER A 44 4.23 0.10 -7.47
N LEU A 45 4.53 -1.03 -6.86
CA LEU A 45 5.89 -1.43 -6.57
C LEU A 45 6.77 -1.26 -7.80
N CYS A 46 6.08 -1.01 -8.89
CA CYS A 46 6.65 -0.80 -10.21
C CYS A 46 6.17 0.54 -10.77
N HIS A 47 4.94 0.90 -10.38
CA HIS A 47 4.28 2.12 -10.86
C HIS A 47 3.53 2.79 -9.72
N VAL A 48 4.23 2.98 -8.62
CA VAL A 48 3.66 3.59 -7.43
C VAL A 48 2.92 4.86 -7.78
N LEU A 49 3.59 5.69 -8.52
CA LEU A 49 3.01 6.94 -8.98
C LEU A 49 3.43 7.25 -10.40
N PRO A 50 2.45 7.51 -11.26
CA PRO A 50 2.67 7.82 -12.67
C PRO A 50 3.35 9.17 -12.87
N ASP A 51 2.53 10.20 -12.80
CA ASP A 51 2.99 11.57 -12.98
C ASP A 51 1.85 12.55 -12.80
N LEU A 52 0.66 12.07 -13.07
CA LEU A 52 -0.56 12.83 -12.99
C LEU A 52 -0.60 13.83 -11.84
N LYS A 53 -0.16 15.04 -12.14
CA LYS A 53 -0.18 16.10 -11.17
C LYS A 53 -1.60 16.59 -11.00
N GLU A 54 -2.45 16.16 -11.94
CA GLU A 54 -3.84 16.55 -11.96
C GLU A 54 -3.96 18.06 -11.82
N GLU A 55 -2.98 18.75 -12.39
CA GLU A 55 -2.92 20.19 -12.35
C GLU A 55 -4.24 20.81 -12.74
N ASP A 56 -4.56 21.90 -12.05
CA ASP A 56 -5.80 22.63 -12.28
C ASP A 56 -6.99 21.68 -12.43
N GLY A 57 -6.91 20.55 -11.74
CA GLY A 57 -7.99 19.58 -11.80
C GLY A 57 -9.24 20.12 -11.16
N SER A 58 -9.10 21.25 -10.47
CA SER A 58 -10.20 21.90 -9.80
C SER A 58 -10.17 23.41 -10.04
N LEU A 59 -9.08 23.88 -10.68
CA LEU A 59 -8.91 25.28 -10.98
C LEU A 59 -8.69 26.05 -9.70
N SER A 60 -7.47 26.55 -9.53
CA SER A 60 -7.11 27.25 -8.32
C SER A 60 -5.81 27.97 -8.55
N LEU A 61 -5.37 27.91 -9.79
CA LEU A 61 -4.15 28.53 -10.24
C LEU A 61 -2.98 28.21 -9.30
N ASP A 62 -2.89 26.94 -8.92
CA ASP A 62 -1.83 26.47 -8.02
C ASP A 62 -0.49 27.08 -8.41
N GLY A 63 0.03 27.94 -7.53
CA GLY A 63 1.30 28.58 -7.78
C GLY A 63 2.47 27.68 -7.52
N ALA A 64 2.73 27.43 -6.24
CA ALA A 64 3.84 26.60 -5.86
C ALA A 64 3.67 25.17 -6.35
N ASP A 65 2.80 24.42 -5.69
CA ASP A 65 2.53 23.03 -6.06
C ASP A 65 3.83 22.22 -6.10
N SER A 66 4.23 21.71 -4.93
CA SER A 66 5.45 20.91 -4.83
C SER A 66 5.26 19.54 -5.47
N THR A 67 4.67 18.62 -4.71
CA THR A 67 4.43 17.26 -5.20
C THR A 67 3.28 16.60 -4.45
N GLY A 68 2.06 16.96 -4.81
CA GLY A 68 0.88 16.39 -4.17
C GLY A 68 0.60 17.02 -2.82
N VAL A 69 1.17 18.21 -2.62
CA VAL A 69 1.02 18.98 -1.38
C VAL A 69 0.88 18.08 -0.15
N VAL A 70 2.01 17.71 0.42
CA VAL A 70 2.05 16.88 1.60
C VAL A 70 3.08 17.42 2.55
N ALA A 71 4.33 17.18 2.24
CA ALA A 71 5.45 17.67 3.02
C ALA A 71 5.28 17.33 4.48
N LYS A 72 4.66 16.21 4.66
CA LYS A 72 4.40 15.61 5.94
C LYS A 72 4.97 14.26 5.84
N LEU A 73 4.24 13.45 5.16
CA LEU A 73 4.64 12.13 4.86
C LEU A 73 5.69 12.27 3.80
N SER A 74 5.26 12.99 2.78
CA SER A 74 6.06 13.33 1.60
C SER A 74 5.67 12.45 0.42
N PRO A 75 5.76 13.00 -0.79
CA PRO A 75 5.42 12.27 -2.04
C PRO A 75 6.00 10.88 -2.08
N ALA A 76 7.33 10.85 -1.98
CA ALA A 76 8.10 9.65 -2.04
C ALA A 76 7.93 8.78 -0.82
N ASN A 77 7.86 9.41 0.36
CA ASN A 77 7.72 8.67 1.57
C ASN A 77 6.40 7.94 1.51
N GLN A 78 5.38 8.70 1.17
CA GLN A 78 4.06 8.21 1.02
C GLN A 78 4.13 7.04 0.10
N ARG A 79 4.90 7.27 -0.94
CA ARG A 79 5.12 6.35 -2.00
C ARG A 79 5.73 5.04 -1.47
N LYS A 80 6.64 5.14 -0.52
CA LYS A 80 7.30 3.97 0.04
C LYS A 80 6.37 3.09 0.85
N CYS A 81 5.57 3.72 1.68
CA CYS A 81 4.65 3.00 2.50
C CYS A 81 3.63 2.47 1.54
N GLU A 82 3.42 3.26 0.51
CA GLU A 82 2.52 2.88 -0.53
C GLU A 82 3.08 1.66 -1.23
N ARG A 83 4.39 1.48 -1.12
CA ARG A 83 5.03 0.34 -1.71
C ARG A 83 4.65 -0.86 -0.89
N VAL A 84 4.36 -0.62 0.38
CA VAL A 84 3.95 -1.68 1.26
C VAL A 84 2.48 -2.06 1.07
N LEU A 85 1.53 -1.25 1.54
CA LEU A 85 0.12 -1.58 1.45
C LEU A 85 -0.20 -2.05 0.08
N LEU A 86 0.47 -1.55 -0.90
CA LEU A 86 0.22 -2.01 -2.22
C LEU A 86 0.75 -3.43 -2.35
N ALA A 87 1.99 -3.64 -1.94
CA ALA A 87 2.53 -4.98 -1.93
C ALA A 87 1.65 -5.82 -1.02
N LEU A 88 1.53 -5.40 0.25
CA LEU A 88 0.67 -6.00 1.20
C LEU A 88 -0.61 -6.39 0.51
N PHE A 89 -1.41 -5.38 0.25
CA PHE A 89 -2.71 -5.57 -0.39
C PHE A 89 -2.68 -6.69 -1.43
N CYS A 90 -1.75 -6.53 -2.37
CA CYS A 90 -1.55 -7.48 -3.47
C CYS A 90 -1.59 -8.96 -3.05
N HIS A 91 -1.15 -9.29 -1.84
CA HIS A 91 -1.17 -10.69 -1.44
C HIS A 91 -2.42 -11.05 -0.66
N GLU A 92 -2.49 -12.30 -0.19
CA GLU A 92 -3.64 -12.73 0.60
C GLU A 92 -3.44 -12.41 2.07
N PRO A 93 -2.32 -12.82 2.68
CA PRO A 93 -2.04 -12.51 4.08
C PRO A 93 -2.66 -11.19 4.48
N CYS A 94 -2.40 -10.22 3.65
CA CYS A 94 -2.94 -8.92 3.84
C CYS A 94 -4.42 -8.96 3.60
N ARG A 95 -4.86 -9.66 2.55
CA ARG A 95 -6.29 -9.77 2.24
C ARG A 95 -7.10 -9.58 3.53
N PRO A 96 -6.91 -10.45 4.57
CA PRO A 96 -7.57 -10.25 5.87
C PRO A 96 -7.16 -8.92 6.47
N LEU A 97 -5.84 -8.69 6.52
CA LEU A 97 -5.30 -7.47 7.07
C LEU A 97 -5.89 -6.24 6.47
N HIS A 98 -6.33 -6.33 5.23
CA HIS A 98 -6.93 -5.23 4.55
C HIS A 98 -8.00 -4.67 5.43
N GLN A 99 -8.63 -5.57 6.11
CA GLN A 99 -9.75 -5.27 6.93
C GLN A 99 -9.81 -6.15 8.16
N LEU A 100 -9.53 -5.55 9.31
CA LEU A 100 -9.53 -6.25 10.58
C LEU A 100 -10.26 -5.46 11.62
N ALA A 101 -9.94 -4.19 11.64
CA ALA A 101 -10.49 -3.26 12.60
C ALA A 101 -11.96 -2.99 12.29
N THR A 102 -12.41 -1.77 12.58
CA THR A 102 -13.79 -1.39 12.31
C THR A 102 -13.78 -0.13 11.50
N ASP A 103 -12.58 0.15 11.02
CA ASP A 103 -12.24 1.32 10.23
C ASP A 103 -13.37 2.35 10.17
N SER A 104 -13.73 2.87 11.34
CA SER A 104 -14.78 3.88 11.46
C SER A 104 -14.86 4.40 12.88
N THR A 105 -13.90 3.97 13.69
CA THR A 105 -13.82 4.37 15.09
C THR A 105 -13.06 5.66 15.26
N PHE A 106 -11.74 5.58 15.17
CA PHE A 106 -10.87 6.68 15.36
C PHE A 106 -9.45 6.17 15.13
N SER A 107 -9.38 5.03 14.47
CA SER A 107 -8.13 4.39 14.16
C SER A 107 -7.24 5.28 13.29
N LEU A 108 -7.58 6.56 13.22
CA LEU A 108 -6.82 7.52 12.46
C LEU A 108 -5.34 7.36 12.76
N ASP A 109 -5.08 6.88 13.96
CA ASP A 109 -3.73 6.66 14.46
C ASP A 109 -3.80 6.03 15.83
N GLN A 110 -4.87 5.28 16.01
CA GLN A 110 -5.17 4.59 17.21
C GLN A 110 -3.92 4.19 17.97
N PRO A 111 -3.98 4.35 19.29
CA PRO A 111 -2.89 4.01 20.19
C PRO A 111 -2.44 2.58 19.96
N GLY A 112 -3.24 1.86 19.20
CA GLY A 112 -2.93 0.52 18.85
C GLY A 112 -4.14 -0.40 18.94
N GLY A 113 -5.14 -0.12 18.10
CA GLY A 113 -6.35 -0.92 18.12
C GLY A 113 -6.23 -2.20 17.32
N THR A 114 -6.53 -2.13 16.03
CA THR A 114 -6.49 -3.27 15.16
C THR A 114 -6.03 -2.86 13.81
N LEU A 115 -6.53 -1.73 13.41
CA LEU A 115 -6.28 -1.19 12.12
C LEU A 115 -6.47 -2.27 11.09
N ASP A 116 -5.95 -2.00 9.93
CA ASP A 116 -5.96 -2.92 8.85
C ASP A 116 -5.34 -2.17 7.68
N LEU A 117 -5.16 -2.76 6.53
CA LEU A 117 -4.49 -2.06 5.46
C LEU A 117 -5.31 -0.98 4.86
N THR A 118 -6.61 -1.14 4.91
CA THR A 118 -7.48 -0.10 4.42
C THR A 118 -7.40 1.06 5.39
N LEU A 119 -7.05 0.71 6.63
CA LEU A 119 -6.84 1.68 7.68
C LEU A 119 -5.68 2.54 7.26
N ILE A 120 -4.56 1.87 7.32
CA ILE A 120 -3.26 2.39 6.94
C ILE A 120 -3.28 3.08 5.59
N ARG A 121 -3.99 2.44 4.69
CA ARG A 121 -4.09 2.90 3.33
C ARG A 121 -4.72 4.25 3.25
N ALA A 122 -5.85 4.34 3.90
CA ALA A 122 -6.61 5.56 3.96
C ALA A 122 -5.82 6.65 4.62
N ARG A 123 -5.03 6.25 5.58
CA ARG A 123 -4.22 7.17 6.32
C ARG A 123 -3.32 7.86 5.36
N LEU A 124 -2.41 7.07 4.84
CA LEU A 124 -1.47 7.50 3.85
C LEU A 124 -2.17 8.12 2.65
N GLN A 125 -3.41 7.70 2.38
CA GLN A 125 -4.19 8.21 1.27
C GLN A 125 -4.84 9.53 1.61
N GLU A 126 -5.04 9.72 2.90
CA GLU A 126 -5.70 10.91 3.45
C GLU A 126 -7.20 10.73 3.43
N LYS A 127 -7.61 9.48 3.22
CA LYS A 127 -9.02 9.12 3.22
C LYS A 127 -9.49 9.08 4.63
N LEU A 128 -8.54 8.70 5.44
CA LEU A 128 -8.72 8.57 6.84
C LEU A 128 -8.45 9.84 7.61
N SER A 129 -7.21 9.99 8.04
CA SER A 129 -6.81 11.16 8.79
C SER A 129 -5.82 11.99 8.06
N PRO A 130 -5.63 13.21 8.55
CA PRO A 130 -4.70 14.12 7.95
C PRO A 130 -3.21 13.79 8.13
N PRO A 131 -2.64 13.95 9.36
CA PRO A 131 -1.24 13.71 9.71
C PRO A 131 -0.37 12.96 8.69
N TYR A 132 0.36 11.96 9.18
CA TYR A 132 1.23 11.19 8.37
C TYR A 132 2.36 11.98 7.87
N SER A 133 3.46 11.73 8.52
CA SER A 133 4.67 12.44 8.26
C SER A 133 5.79 11.47 7.99
N SER A 134 5.47 10.19 8.01
CA SER A 134 6.50 9.18 7.77
C SER A 134 5.84 7.86 7.45
N PRO A 135 6.30 7.17 6.41
CA PRO A 135 5.75 5.88 6.05
C PRO A 135 5.75 4.99 7.25
N GLN A 136 6.59 5.35 8.21
CA GLN A 136 6.67 4.65 9.47
C GLN A 136 5.33 4.75 10.14
N GLU A 137 4.68 5.90 9.98
CA GLU A 137 3.36 6.13 10.50
C GLU A 137 2.43 4.97 10.20
N PHE A 138 2.19 4.81 8.93
CA PHE A 138 1.30 3.81 8.36
C PHE A 138 1.91 2.43 8.45
N ALA A 139 3.23 2.37 8.45
CA ALA A 139 3.97 1.10 8.47
C ALA A 139 4.05 0.54 9.87
N GLN A 140 3.94 1.41 10.83
CA GLN A 140 3.94 1.03 12.19
C GLN A 140 2.55 0.58 12.52
N ASP A 141 1.63 1.18 11.78
CA ASP A 141 0.23 0.84 11.92
C ASP A 141 0.03 -0.50 11.28
N VAL A 142 0.55 -0.66 10.08
CA VAL A 142 0.45 -1.89 9.36
C VAL A 142 1.28 -2.93 10.04
N GLY A 143 2.35 -2.47 10.64
CA GLY A 143 3.20 -3.36 11.38
C GLY A 143 2.47 -3.79 12.61
N ARG A 144 1.50 -2.97 12.99
CA ARG A 144 0.66 -3.21 14.13
C ARG A 144 -0.41 -4.16 13.70
N MET A 145 -0.92 -3.83 12.55
CA MET A 145 -1.89 -4.57 11.84
C MET A 145 -1.57 -6.02 11.97
N PHE A 146 -0.34 -6.22 11.59
CA PHE A 146 0.27 -7.53 11.59
C PHE A 146 0.22 -8.04 13.01
N LYS A 147 0.60 -7.18 13.94
CA LYS A 147 0.63 -7.52 15.35
C LYS A 147 -0.70 -7.97 15.95
N GLN A 148 -1.73 -7.14 15.89
CA GLN A 148 -2.97 -7.47 16.53
C GLN A 148 -3.65 -8.53 15.75
N PHE A 149 -3.67 -8.38 14.45
CA PHE A 149 -4.31 -9.36 13.62
C PHE A 149 -3.64 -10.69 13.79
N ASN A 150 -2.33 -10.67 14.03
CA ASN A 150 -1.62 -11.91 14.24
C ASN A 150 -2.05 -12.47 15.57
N LYS A 151 -2.61 -11.58 16.38
CA LYS A 151 -3.17 -11.94 17.65
C LYS A 151 -4.63 -12.29 17.47
N LEU A 152 -5.22 -11.79 16.38
CA LEU A 152 -6.57 -12.09 16.05
C LEU A 152 -6.54 -13.50 15.58
N THR A 153 -5.48 -13.74 14.80
CA THR A 153 -5.17 -15.04 14.24
C THR A 153 -6.39 -15.93 14.21
N GLU A 154 -7.44 -15.35 13.70
CA GLU A 154 -8.71 -16.04 13.55
C GLU A 154 -8.49 -17.41 12.95
N ASP A 155 -7.37 -17.52 12.26
CA ASP A 155 -6.98 -18.75 11.61
C ASP A 155 -5.79 -19.37 12.30
N LYS A 156 -4.98 -18.51 12.89
CA LYS A 156 -3.79 -18.93 13.58
C LYS A 156 -2.81 -19.67 12.66
N ALA A 157 -3.26 -19.96 11.46
CA ALA A 157 -2.43 -20.57 10.45
C ALA A 157 -2.13 -19.50 9.44
N ASP A 158 -2.57 -18.35 9.87
CA ASP A 158 -2.48 -17.11 9.16
C ASP A 158 -1.48 -16.20 9.78
N VAL A 159 -0.98 -16.62 10.89
CA VAL A 159 0.03 -15.88 11.58
C VAL A 159 1.27 -15.93 10.75
N GLN A 160 1.22 -16.79 9.76
CA GLN A 160 2.34 -16.91 8.86
C GLN A 160 1.99 -16.17 7.61
N SER A 161 0.80 -15.56 7.67
CA SER A 161 0.33 -14.74 6.61
C SER A 161 0.73 -13.39 7.08
N ILE A 162 0.53 -13.18 8.38
CA ILE A 162 0.96 -12.00 9.01
C ILE A 162 2.43 -11.89 8.81
N ILE A 163 3.12 -12.97 9.13
CA ILE A 163 4.55 -13.03 8.97
C ILE A 163 4.96 -13.02 7.52
N GLY A 164 4.39 -13.90 6.72
CA GLY A 164 4.75 -13.93 5.32
C GLY A 164 4.59 -12.58 4.66
N LEU A 165 3.59 -11.82 5.11
CA LEU A 165 3.35 -10.53 4.57
C LEU A 165 4.04 -9.49 5.44
N GLN A 166 4.49 -9.91 6.62
CA GLN A 166 5.23 -9.03 7.49
C GLN A 166 6.63 -8.90 6.92
N ARG A 167 7.02 -9.95 6.21
CA ARG A 167 8.30 -10.03 5.54
C ARG A 167 8.16 -9.32 4.21
N PHE A 168 7.01 -9.54 3.59
CA PHE A 168 6.65 -8.93 2.33
C PHE A 168 6.54 -7.44 2.56
N PHE A 169 5.89 -7.12 3.67
CA PHE A 169 5.76 -5.78 4.16
C PHE A 169 7.07 -5.06 4.08
N GLU A 170 7.97 -5.55 4.90
CA GLU A 170 9.27 -4.99 5.06
C GLU A 170 10.08 -4.96 3.77
N THR A 171 9.86 -5.95 2.92
CA THR A 171 10.56 -6.04 1.66
C THR A 171 10.39 -4.83 0.81
N ARG A 172 9.14 -4.54 0.50
CA ARG A 172 8.79 -3.41 -0.35
C ARG A 172 8.96 -2.14 0.44
N MET A 173 8.48 -2.14 1.68
CA MET A 173 8.68 -1.02 2.53
C MET A 173 10.19 -0.76 2.62
N ASN A 174 10.97 -1.78 2.24
CA ASN A 174 12.43 -1.64 2.24
C ASN A 174 12.88 -1.23 0.85
N GLU A 175 12.27 -1.90 -0.10
CA GLU A 175 12.51 -1.69 -1.51
C GLU A 175 12.37 -0.21 -1.82
N ALA A 176 11.58 0.41 -0.97
CA ALA A 176 11.30 1.83 -1.03
C ALA A 176 12.22 2.58 -0.08
N PHE A 177 12.43 2.02 1.10
CA PHE A 177 13.29 2.62 2.09
C PHE A 177 14.72 2.12 1.95
N GLY A 178 15.07 1.76 0.72
CA GLY A 178 16.39 1.26 0.43
C GLY A 178 16.67 1.25 -1.05
N ASP A 179 16.18 0.23 -1.75
CA ASP A 179 16.39 0.12 -3.18
C ASP A 179 15.73 -1.13 -3.76
N THR A 180 16.21 -2.29 -3.35
CA THR A 180 15.70 -3.56 -3.84
C THR A 180 16.22 -4.70 -2.97
N LYS A 181 15.82 -4.67 -1.71
CA LYS A 181 16.21 -5.67 -0.74
C LYS A 181 15.94 -7.08 -1.26
N PHE A 182 15.22 -7.10 -2.36
CA PHE A 182 14.86 -8.35 -3.04
C PHE A 182 15.99 -9.39 -3.00
N SER A 183 16.89 -9.31 -3.97
CA SER A 183 18.01 -10.24 -4.06
C SER A 183 19.15 -9.80 -3.15
N ALA A 184 19.30 -8.49 -2.98
CA ALA A 184 20.34 -7.94 -2.15
C ALA A 184 19.93 -7.91 -0.69
N VAL A 185 20.53 -8.79 0.08
CA VAL A 185 20.25 -8.91 1.49
C VAL A 185 21.49 -8.66 2.32
N LEU A 186 22.55 -8.38 1.62
CA LEU A 186 23.85 -8.09 2.23
C LEU A 186 23.99 -6.61 2.44
N VAL A 187 23.00 -5.93 1.95
CA VAL A 187 22.92 -4.48 2.01
C VAL A 187 21.58 -4.05 2.61
N GLU A 188 20.92 -5.04 3.21
CA GLU A 188 19.62 -4.84 3.84
C GLU A 188 19.53 -3.49 4.56
N PRO A 189 18.84 -2.51 3.94
CA PRO A 189 18.69 -1.17 4.53
C PRO A 189 17.86 -1.20 5.81
ZN ZN B . -9.30 -5.98 -5.73
ZN ZN C . 4.98 -5.02 -10.84
N SER A 1 -2.38 -17.37 -13.48
CA SER A 1 -3.74 -17.96 -13.40
C SER A 1 -4.80 -16.85 -13.31
N ALA A 2 -5.40 -16.54 -14.45
CA ALA A 2 -6.44 -15.50 -14.53
C ALA A 2 -5.91 -14.13 -14.14
N THR A 3 -6.58 -13.11 -14.63
CA THR A 3 -6.21 -11.73 -14.31
C THR A 3 -6.17 -11.54 -12.82
N ILE A 4 -7.33 -11.69 -12.21
CA ILE A 4 -7.51 -11.57 -10.77
C ILE A 4 -6.59 -10.59 -10.12
N CYS A 5 -7.23 -9.57 -9.64
CA CYS A 5 -6.58 -8.48 -8.98
C CYS A 5 -5.61 -8.96 -7.92
N ARG A 6 -4.38 -9.21 -8.35
CA ARG A 6 -3.30 -9.71 -7.47
C ARG A 6 -3.64 -9.54 -5.99
N VAL A 7 -4.13 -8.36 -5.65
CA VAL A 7 -4.51 -8.04 -4.31
C VAL A 7 -5.50 -9.02 -3.78
N CYS A 8 -6.68 -8.93 -4.35
CA CYS A 8 -7.76 -9.76 -3.93
C CYS A 8 -8.03 -10.90 -4.92
N GLN A 9 -7.13 -11.01 -5.90
CA GLN A 9 -7.14 -12.04 -6.90
C GLN A 9 -8.50 -12.38 -7.42
N LYS A 10 -9.35 -11.40 -7.51
CA LYS A 10 -10.60 -11.65 -8.13
C LYS A 10 -10.57 -11.11 -9.53
N PRO A 11 -11.09 -11.88 -10.45
CA PRO A 11 -11.12 -11.52 -11.86
C PRO A 11 -12.03 -10.36 -12.13
N GLY A 12 -11.78 -9.68 -13.24
CA GLY A 12 -12.61 -8.56 -13.61
C GLY A 12 -11.92 -7.59 -14.53
N ASP A 13 -12.33 -6.31 -14.44
CA ASP A 13 -11.75 -5.26 -15.23
C ASP A 13 -10.44 -4.85 -14.58
N LEU A 14 -9.65 -5.85 -14.28
CA LEU A 14 -8.38 -5.70 -13.64
C LEU A 14 -7.31 -5.16 -14.54
N VAL A 15 -6.43 -4.43 -13.92
CA VAL A 15 -5.29 -3.88 -14.61
C VAL A 15 -4.11 -4.77 -14.37
N MET A 16 -3.70 -5.48 -15.37
CA MET A 16 -2.59 -6.35 -15.22
C MET A 16 -1.33 -5.57 -15.52
N CYS A 17 -0.69 -5.13 -14.45
CA CYS A 17 0.52 -4.34 -14.51
C CYS A 17 1.15 -4.45 -15.88
N ASN A 18 0.96 -3.41 -16.68
CA ASN A 18 1.48 -3.36 -18.04
C ASN A 18 2.93 -3.81 -18.06
N GLN A 19 3.51 -3.95 -16.87
CA GLN A 19 4.89 -4.36 -16.76
C GLN A 19 5.05 -5.68 -16.01
N CYS A 20 4.21 -5.95 -14.99
CA CYS A 20 4.37 -7.20 -14.25
C CYS A 20 3.06 -7.95 -13.99
N GLU A 21 2.14 -7.85 -14.96
CA GLU A 21 0.84 -8.52 -14.93
C GLU A 21 0.04 -8.33 -13.64
N PHE A 22 0.62 -7.70 -12.61
CA PHE A 22 -0.10 -7.45 -11.38
C PHE A 22 -1.47 -6.84 -11.68
N CYS A 23 -2.53 -7.65 -11.64
CA CYS A 23 -3.85 -7.21 -11.95
C CYS A 23 -4.51 -6.54 -10.78
N PHE A 24 -5.32 -5.54 -11.10
CA PHE A 24 -5.98 -4.79 -10.06
C PHE A 24 -7.36 -4.27 -10.44
N HIS A 25 -8.29 -4.52 -9.56
CA HIS A 25 -9.65 -4.00 -9.66
C HIS A 25 -9.66 -2.51 -9.62
N LEU A 26 -8.48 -1.98 -9.67
CA LEU A 26 -8.22 -0.58 -9.56
C LEU A 26 -8.42 -0.13 -8.14
N ASP A 27 -9.62 -0.36 -7.66
CA ASP A 27 -9.95 0.03 -6.30
C ASP A 27 -9.02 -0.65 -5.32
N CYS A 28 -8.89 -1.96 -5.44
CA CYS A 28 -8.01 -2.69 -4.57
C CYS A 28 -6.58 -2.13 -4.72
N HIS A 29 -6.28 -1.48 -5.87
CA HIS A 29 -4.96 -0.87 -6.01
C HIS A 29 -4.80 0.13 -4.87
N LEU A 30 -3.60 0.19 -4.31
CA LEU A 30 -3.35 1.06 -3.17
C LEU A 30 -4.14 2.37 -3.24
N PRO A 31 -3.71 3.44 -3.91
CA PRO A 31 -4.54 4.64 -3.94
C PRO A 31 -5.81 4.42 -4.72
N ALA A 32 -5.90 3.23 -5.28
CA ALA A 32 -7.07 2.82 -6.02
C ALA A 32 -7.31 3.58 -7.31
N LEU A 33 -7.09 2.90 -8.44
CA LEU A 33 -7.35 3.48 -9.73
C LEU A 33 -8.77 3.93 -9.77
N GLN A 34 -9.55 3.12 -9.10
CA GLN A 34 -10.96 3.27 -8.93
C GLN A 34 -11.71 3.03 -10.22
N ASP A 35 -10.93 3.03 -11.26
CA ASP A 35 -11.41 2.83 -12.61
C ASP A 35 -10.25 2.97 -13.53
N VAL A 36 -9.88 1.83 -14.00
CA VAL A 36 -8.75 1.60 -14.83
C VAL A 36 -7.98 2.81 -15.33
N PRO A 37 -6.69 2.71 -15.08
CA PRO A 37 -5.63 3.67 -15.42
C PRO A 37 -5.17 3.56 -16.87
N GLY A 38 -6.03 3.00 -17.66
CA GLY A 38 -5.75 2.83 -19.07
C GLY A 38 -5.12 1.51 -19.39
N GLU A 39 -5.10 0.68 -18.38
CA GLU A 39 -4.54 -0.66 -18.46
C GLU A 39 -3.07 -0.69 -18.87
N GLU A 40 -2.47 0.49 -19.05
CA GLU A 40 -1.10 0.62 -19.40
C GLU A 40 -0.33 0.97 -18.15
N TRP A 41 -1.07 0.85 -17.06
CA TRP A 41 -0.63 1.12 -15.73
C TRP A 41 0.38 0.10 -15.30
N SER A 42 0.69 0.17 -14.06
CA SER A 42 1.60 -0.74 -13.44
C SER A 42 1.35 -0.74 -11.95
N CYS A 43 1.15 -1.94 -11.40
CA CYS A 43 0.88 -2.06 -9.97
C CYS A 43 1.74 -1.09 -9.20
N SER A 44 1.16 -0.48 -8.16
CA SER A 44 1.86 0.52 -7.37
C SER A 44 3.25 0.07 -6.96
N LEU A 45 3.51 -1.23 -7.05
CA LEU A 45 4.82 -1.74 -6.69
C LEU A 45 5.76 -1.61 -7.88
N CYS A 46 5.28 -0.87 -8.86
CA CYS A 46 6.00 -0.62 -10.11
C CYS A 46 5.80 0.81 -10.57
N HIS A 47 4.65 1.37 -10.21
CA HIS A 47 4.27 2.70 -10.67
C HIS A 47 3.79 3.62 -9.56
N VAL A 48 3.02 3.05 -8.70
CA VAL A 48 2.40 3.79 -7.62
C VAL A 48 1.53 4.90 -8.19
N LEU A 49 0.63 5.40 -7.36
CA LEU A 49 -0.29 6.44 -7.74
C LEU A 49 -1.18 6.09 -8.92
N PRO A 50 -2.46 6.52 -8.82
CA PRO A 50 -3.47 6.26 -9.84
C PRO A 50 -3.15 6.89 -11.20
N ASP A 51 -3.46 8.15 -11.33
CA ASP A 51 -3.22 8.88 -12.56
C ASP A 51 -2.59 10.23 -12.32
N LEU A 52 -2.80 10.75 -11.12
CA LEU A 52 -2.27 12.03 -10.72
C LEU A 52 -0.77 12.16 -10.94
N LYS A 53 -0.39 12.53 -12.16
CA LYS A 53 1.01 12.72 -12.49
C LYS A 53 1.53 14.00 -11.84
N GLU A 54 0.61 14.91 -11.55
CA GLU A 54 0.96 16.19 -10.96
C GLU A 54 2.07 16.86 -11.74
N GLU A 55 3.30 16.68 -11.27
CA GLU A 55 4.45 17.24 -11.92
C GLU A 55 4.79 16.43 -13.17
N ASP A 56 5.03 17.12 -14.27
CA ASP A 56 5.37 16.49 -15.54
C ASP A 56 4.19 15.68 -16.07
N GLY A 57 2.99 16.13 -15.75
CA GLY A 57 1.80 15.46 -16.22
C GLY A 57 1.60 15.66 -17.70
N SER A 58 2.36 16.60 -18.25
CA SER A 58 2.29 16.92 -19.67
C SER A 58 3.57 17.62 -20.12
N LEU A 59 4.62 17.55 -19.30
CA LEU A 59 5.90 18.15 -19.60
C LEU A 59 5.77 19.65 -19.53
N SER A 60 6.39 20.23 -18.52
CA SER A 60 6.30 21.65 -18.29
C SER A 60 7.34 22.03 -17.27
N LEU A 61 8.38 21.20 -17.23
CA LEU A 61 9.50 21.34 -16.31
C LEU A 61 9.18 22.24 -15.11
N ASP A 62 8.23 21.79 -14.29
CA ASP A 62 7.83 22.54 -13.10
C ASP A 62 7.20 23.88 -13.46
N GLY A 63 5.93 24.03 -13.14
CA GLY A 63 5.22 25.26 -13.43
C GLY A 63 4.47 25.79 -12.23
N ALA A 64 3.21 25.38 -12.13
CA ALA A 64 2.38 25.81 -11.04
C ALA A 64 2.53 24.90 -9.83
N ASP A 65 1.72 25.14 -8.80
CA ASP A 65 1.77 24.34 -7.58
C ASP A 65 3.18 24.36 -6.96
N SER A 66 3.38 23.52 -5.96
CA SER A 66 4.67 23.43 -5.28
C SER A 66 5.28 22.04 -5.43
N THR A 67 6.51 21.89 -4.94
CA THR A 67 7.20 20.60 -5.02
C THR A 67 6.94 19.79 -3.76
N GLY A 68 7.13 20.43 -2.60
CA GLY A 68 6.90 19.76 -1.34
C GLY A 68 5.45 19.83 -0.92
N VAL A 69 4.56 19.63 -1.90
CA VAL A 69 3.11 19.68 -1.65
C VAL A 69 2.73 18.73 -0.52
N VAL A 70 3.56 17.72 -0.29
CA VAL A 70 3.32 16.75 0.73
C VAL A 70 4.34 16.94 1.84
N ALA A 71 5.48 16.31 1.71
CA ALA A 71 6.54 16.46 2.68
C ALA A 71 6.13 15.96 4.01
N LYS A 72 5.05 15.23 3.96
CA LYS A 72 4.51 14.55 5.10
C LYS A 72 5.43 13.41 5.31
N LEU A 73 5.10 12.37 4.63
CA LEU A 73 5.90 11.21 4.57
C LEU A 73 7.05 11.58 3.70
N SER A 74 6.64 12.25 2.63
CA SER A 74 7.47 12.72 1.54
C SER A 74 6.87 12.19 0.26
N PRO A 75 7.09 12.87 -0.86
CA PRO A 75 6.56 12.44 -2.14
C PRO A 75 7.09 11.06 -2.42
N ALA A 76 8.25 10.89 -1.84
CA ALA A 76 9.03 9.69 -1.99
C ALA A 76 8.79 8.69 -0.88
N ASN A 77 8.80 9.14 0.37
CA ASN A 77 8.60 8.23 1.48
C ASN A 77 7.20 7.66 1.41
N GLN A 78 6.25 8.51 1.03
CA GLN A 78 4.90 8.09 0.85
C GLN A 78 4.92 7.15 -0.32
N ARG A 79 5.68 7.53 -1.32
CA ARG A 79 5.87 6.71 -2.49
C ARG A 79 6.33 5.30 -2.09
N LYS A 80 7.26 5.26 -1.14
CA LYS A 80 7.83 4.02 -0.64
C LYS A 80 6.82 3.22 0.16
N CYS A 81 6.41 3.80 1.28
CA CYS A 81 5.44 3.21 2.15
C CYS A 81 4.27 2.76 1.32
N GLU A 82 3.82 3.60 0.42
CA GLU A 82 2.72 3.22 -0.43
C GLU A 82 3.06 1.85 -1.00
N ARG A 83 4.24 1.73 -1.58
CA ARG A 83 4.68 0.45 -2.13
C ARG A 83 4.28 -0.65 -1.17
N VAL A 84 4.40 -0.34 0.14
CA VAL A 84 4.00 -1.26 1.20
C VAL A 84 2.51 -1.59 1.24
N LEU A 85 1.62 -0.59 1.31
CA LEU A 85 0.21 -0.88 1.47
C LEU A 85 -0.19 -1.76 0.39
N LEU A 86 0.17 -1.38 -0.81
CA LEU A 86 -0.13 -2.20 -1.90
C LEU A 86 0.53 -3.55 -1.69
N ALA A 87 1.86 -3.57 -1.69
CA ALA A 87 2.58 -4.81 -1.51
C ALA A 87 1.82 -5.74 -0.59
N LEU A 88 1.54 -5.25 0.62
CA LEU A 88 0.76 -5.97 1.57
C LEU A 88 -0.48 -6.43 0.86
N PHE A 89 -1.28 -5.44 0.55
CA PHE A 89 -2.55 -5.60 -0.17
C PHE A 89 -2.53 -6.77 -1.18
N CYS A 90 -1.52 -6.74 -2.03
CA CYS A 90 -1.30 -7.73 -3.09
C CYS A 90 -1.24 -9.16 -2.61
N HIS A 91 -0.64 -9.42 -1.44
CA HIS A 91 -0.52 -10.78 -0.98
C HIS A 91 -1.78 -11.33 -0.35
N GLU A 92 -1.68 -12.54 0.17
CA GLU A 92 -2.83 -13.20 0.79
C GLU A 92 -3.05 -12.78 2.23
N PRO A 93 -2.03 -12.98 3.08
CA PRO A 93 -2.13 -12.66 4.50
C PRO A 93 -2.71 -11.29 4.72
N CYS A 94 -2.38 -10.37 3.84
CA CYS A 94 -2.93 -9.05 3.95
C CYS A 94 -4.41 -9.13 3.69
N ARG A 95 -4.84 -9.90 2.69
CA ARG A 95 -6.27 -10.00 2.42
C ARG A 95 -7.02 -9.91 3.74
N PRO A 96 -6.73 -10.81 4.72
CA PRO A 96 -7.33 -10.70 6.05
C PRO A 96 -7.12 -9.30 6.62
N LEU A 97 -5.86 -8.84 6.57
CA LEU A 97 -5.49 -7.54 7.07
C LEU A 97 -6.31 -6.43 6.50
N HIS A 98 -6.47 -6.40 5.20
CA HIS A 98 -7.17 -5.36 4.52
C HIS A 98 -8.31 -4.87 5.36
N GLN A 99 -8.91 -5.80 6.05
CA GLN A 99 -10.05 -5.51 6.90
C GLN A 99 -10.08 -6.40 8.13
N LEU A 100 -9.52 -5.89 9.22
CA LEU A 100 -9.47 -6.63 10.47
C LEU A 100 -10.34 -5.98 11.53
N ALA A 101 -10.40 -4.67 11.48
CA ALA A 101 -11.15 -3.93 12.45
C ALA A 101 -12.65 -4.05 12.18
N THR A 102 -13.41 -3.09 12.66
CA THR A 102 -14.85 -3.06 12.46
C THR A 102 -15.18 -1.68 12.00
N ASP A 103 -14.13 -1.05 11.48
CA ASP A 103 -14.14 0.30 11.00
C ASP A 103 -15.50 0.78 10.54
N SER A 104 -16.31 1.19 11.51
CA SER A 104 -17.63 1.74 11.24
C SER A 104 -17.64 3.17 11.73
N THR A 105 -16.53 3.52 12.35
CA THR A 105 -16.31 4.84 12.91
C THR A 105 -15.22 5.58 12.13
N PHE A 106 -13.98 5.18 12.39
CA PHE A 106 -12.84 5.78 11.79
C PHE A 106 -11.61 4.96 12.17
N SER A 107 -11.80 4.15 13.21
CA SER A 107 -10.78 3.23 13.72
C SER A 107 -9.58 3.92 14.38
N LEU A 108 -9.30 5.16 14.01
CA LEU A 108 -8.16 5.86 14.56
C LEU A 108 -8.36 6.18 15.98
N ASP A 109 -9.59 6.40 16.31
CA ASP A 109 -9.93 6.76 17.65
C ASP A 109 -10.77 5.68 18.29
N GLN A 110 -10.75 4.54 17.65
CA GLN A 110 -11.45 3.40 18.08
C GLN A 110 -11.04 3.02 19.49
N PRO A 111 -11.85 2.20 20.12
CA PRO A 111 -11.62 1.70 21.46
C PRO A 111 -10.57 0.60 21.46
N GLY A 112 -9.58 0.79 20.61
CA GLY A 112 -8.50 -0.16 20.47
C GLY A 112 -8.66 -1.03 19.25
N GLY A 113 -8.97 -0.39 18.12
CA GLY A 113 -9.16 -1.13 16.88
C GLY A 113 -7.86 -1.49 16.20
N THR A 114 -7.91 -1.63 14.88
CA THR A 114 -6.76 -1.97 14.09
C THR A 114 -6.49 -0.91 13.09
N LEU A 115 -5.65 -1.26 12.18
CA LEU A 115 -5.27 -0.40 11.11
C LEU A 115 -5.02 -1.24 9.91
N ASP A 116 -6.06 -1.87 9.45
CA ASP A 116 -5.95 -2.79 8.37
C ASP A 116 -5.44 -2.05 7.14
N LEU A 117 -5.07 -2.76 6.10
CA LEU A 117 -4.56 -2.06 4.94
C LEU A 117 -5.49 -0.94 4.62
N THR A 118 -6.75 -1.24 4.47
CA THR A 118 -7.69 -0.22 4.07
C THR A 118 -7.60 0.95 5.02
N LEU A 119 -7.25 0.61 6.25
CA LEU A 119 -7.06 1.58 7.29
C LEU A 119 -5.87 2.46 6.94
N ILE A 120 -4.69 1.83 6.99
CA ILE A 120 -3.42 2.46 6.64
C ILE A 120 -3.50 3.08 5.26
N ARG A 121 -3.79 2.24 4.29
CA ARG A 121 -3.98 2.60 2.90
C ARG A 121 -4.54 3.98 2.76
N ALA A 122 -5.66 4.15 3.36
CA ALA A 122 -6.38 5.39 3.34
C ALA A 122 -5.76 6.43 4.24
N ARG A 123 -5.17 5.97 5.34
CA ARG A 123 -4.54 6.85 6.30
C ARG A 123 -3.49 7.63 5.56
N LEU A 124 -2.63 6.83 5.01
CA LEU A 124 -1.56 7.24 4.18
C LEU A 124 -2.07 8.16 3.08
N GLN A 125 -3.27 7.85 2.58
CA GLN A 125 -3.91 8.60 1.53
C GLN A 125 -4.65 9.80 2.09
N GLU A 126 -4.85 9.76 3.40
CA GLU A 126 -5.59 10.79 4.13
C GLU A 126 -7.07 10.52 4.00
N LYS A 127 -7.39 9.44 3.30
CA LYS A 127 -8.76 9.00 3.11
C LYS A 127 -9.32 8.60 4.43
N LEU A 128 -8.42 8.12 5.26
CA LEU A 128 -8.77 7.66 6.59
C LEU A 128 -9.20 8.75 7.53
N SER A 129 -8.25 9.38 8.18
CA SER A 129 -8.57 10.41 9.18
C SER A 129 -7.44 11.30 9.61
N PRO A 130 -6.38 10.70 10.10
CA PRO A 130 -5.32 11.43 10.74
C PRO A 130 -4.32 12.08 9.76
N PRO A 131 -3.04 12.33 10.18
CA PRO A 131 -2.06 13.02 9.34
C PRO A 131 -1.26 12.17 8.38
N TYR A 132 -0.40 11.35 8.93
CA TYR A 132 0.49 10.55 8.14
C TYR A 132 1.51 11.43 7.51
N SER A 133 2.71 11.21 7.94
CA SER A 133 3.83 12.00 7.51
C SER A 133 5.11 11.23 7.69
N SER A 134 5.03 9.89 7.68
CA SER A 134 6.29 9.13 7.87
C SER A 134 6.22 7.70 7.40
N PRO A 135 7.36 7.03 7.26
CA PRO A 135 7.37 5.62 6.89
C PRO A 135 6.82 4.79 8.02
N GLN A 136 6.72 5.42 9.19
CA GLN A 136 6.24 4.77 10.38
C GLN A 136 4.72 4.91 10.54
N GLU A 137 4.16 6.10 10.34
CA GLU A 137 2.71 6.28 10.45
C GLU A 137 2.00 5.03 9.98
N PHE A 138 2.43 4.68 8.81
CA PHE A 138 1.94 3.60 8.02
C PHE A 138 2.46 2.28 8.52
N ALA A 139 3.74 2.08 8.35
CA ALA A 139 4.38 0.84 8.75
C ALA A 139 3.98 0.50 10.15
N GLN A 140 4.23 1.42 11.06
CA GLN A 140 3.92 1.23 12.42
C GLN A 140 2.54 0.63 12.54
N ASP A 141 1.62 1.17 11.75
CA ASP A 141 0.29 0.63 11.73
C ASP A 141 0.43 -0.78 11.24
N VAL A 142 0.86 -0.96 10.00
CA VAL A 142 1.05 -2.26 9.46
C VAL A 142 1.50 -3.27 10.49
N GLY A 143 2.49 -2.89 11.26
CA GLY A 143 2.98 -3.76 12.31
C GLY A 143 1.86 -4.14 13.22
N ARG A 144 1.06 -3.15 13.56
CA ARG A 144 -0.13 -3.34 14.36
C ARG A 144 -1.09 -4.21 13.59
N MET A 145 -1.39 -3.75 12.37
CA MET A 145 -2.18 -4.49 11.45
C MET A 145 -1.92 -5.95 11.69
N PHE A 146 -0.64 -6.22 11.59
CA PHE A 146 -0.01 -7.51 11.78
C PHE A 146 -0.25 -8.03 13.19
N LYS A 147 -0.18 -7.13 14.17
CA LYS A 147 -0.40 -7.47 15.55
C LYS A 147 -1.77 -8.06 15.79
N GLN A 148 -2.82 -7.32 15.44
CA GLN A 148 -4.16 -7.82 15.64
C GLN A 148 -4.41 -8.82 14.54
N PHE A 149 -3.64 -8.67 13.48
CA PHE A 149 -3.73 -9.57 12.36
C PHE A 149 -3.44 -10.97 12.86
N ASN A 150 -2.40 -11.02 13.69
CA ASN A 150 -1.90 -12.23 14.28
C ASN A 150 -2.77 -12.73 15.41
N LYS A 151 -3.50 -11.83 16.03
CA LYS A 151 -4.38 -12.20 17.12
C LYS A 151 -5.78 -12.57 16.62
N LEU A 152 -6.05 -12.15 15.39
CA LEU A 152 -7.30 -12.38 14.72
C LEU A 152 -7.19 -13.57 13.80
N THR A 153 -5.95 -14.00 13.59
CA THR A 153 -5.67 -15.12 12.71
C THR A 153 -5.86 -16.44 13.43
N GLU A 154 -6.90 -16.46 14.24
CA GLU A 154 -7.28 -17.65 15.00
C GLU A 154 -7.85 -18.68 14.06
N ASP A 155 -8.35 -18.18 12.94
CA ASP A 155 -8.94 -19.01 11.91
C ASP A 155 -7.84 -19.50 11.00
N LYS A 156 -6.85 -18.62 10.89
CA LYS A 156 -5.67 -18.83 10.10
C LYS A 156 -4.70 -19.75 10.85
N ALA A 157 -3.40 -19.55 10.63
CA ALA A 157 -2.40 -20.32 11.30
C ALA A 157 -2.24 -19.75 12.68
N ASP A 158 -1.79 -18.50 12.67
CA ASP A 158 -1.59 -17.72 13.86
C ASP A 158 -0.60 -16.61 13.60
N VAL A 159 0.64 -17.00 13.62
CA VAL A 159 1.75 -16.10 13.42
C VAL A 159 2.27 -16.10 12.03
N GLN A 160 2.85 -17.22 11.67
CA GLN A 160 3.50 -17.41 10.39
C GLN A 160 2.73 -16.86 9.18
N SER A 161 1.45 -16.53 9.35
CA SER A 161 0.70 -15.97 8.24
C SER A 161 1.02 -14.50 8.25
N ILE A 162 1.02 -14.00 9.46
CA ILE A 162 1.33 -12.65 9.79
C ILE A 162 2.78 -12.40 9.54
N ILE A 163 3.60 -13.39 9.88
CA ILE A 163 5.02 -13.29 9.72
C ILE A 163 5.46 -13.18 8.29
N GLY A 164 5.23 -14.17 7.47
CA GLY A 164 5.68 -14.04 6.09
C GLY A 164 5.17 -12.77 5.47
N LEU A 165 3.97 -12.37 5.87
CA LEU A 165 3.40 -11.16 5.44
C LEU A 165 4.21 -10.04 6.05
N GLN A 166 4.62 -10.30 7.28
CA GLN A 166 5.42 -9.37 8.03
C GLN A 166 6.82 -9.29 7.38
N ARG A 167 7.23 -10.38 6.71
CA ARG A 167 8.52 -10.42 6.03
C ARG A 167 8.37 -9.69 4.72
N PHE A 168 7.20 -9.92 4.12
CA PHE A 168 6.83 -9.29 2.89
C PHE A 168 6.84 -7.80 3.14
N PHE A 169 5.99 -7.39 4.05
CA PHE A 169 5.93 -6.04 4.52
C PHE A 169 7.27 -5.37 4.45
N GLU A 170 8.13 -5.85 5.29
CA GLU A 170 9.45 -5.32 5.43
C GLU A 170 10.26 -5.31 4.16
N THR A 171 10.02 -6.29 3.31
CA THR A 171 10.71 -6.41 2.04
C THR A 171 10.52 -5.20 1.16
N ARG A 172 9.27 -4.92 0.83
CA ARG A 172 8.93 -3.82 -0.04
C ARG A 172 9.17 -2.52 0.66
N MET A 173 8.75 -2.46 1.91
CA MET A 173 9.03 -1.29 2.71
C MET A 173 10.54 -1.11 2.72
N ASN A 174 11.26 -2.22 2.41
CA ASN A 174 12.73 -2.19 2.35
C ASN A 174 13.16 -1.94 0.91
N GLU A 175 12.32 -2.43 0.02
CA GLU A 175 12.53 -2.30 -1.41
C GLU A 175 12.57 -0.83 -1.76
N ALA A 176 11.82 -0.10 -0.97
CA ALA A 176 11.69 1.32 -1.11
C ALA A 176 12.62 2.07 -0.16
N PHE A 177 12.85 1.49 1.01
CA PHE A 177 13.72 2.12 2.00
C PHE A 177 15.08 1.42 2.11
N GLY A 178 15.52 0.80 1.02
CA GLY A 178 16.80 0.10 1.04
C GLY A 178 17.43 0.00 -0.32
N ASP A 179 16.91 -0.91 -1.13
CA ASP A 179 17.44 -1.11 -2.48
C ASP A 179 16.45 -1.89 -3.34
N THR A 180 16.12 -3.09 -2.90
CA THR A 180 15.20 -3.96 -3.60
C THR A 180 15.09 -5.25 -2.84
N LYS A 181 16.25 -5.72 -2.37
CA LYS A 181 16.33 -6.94 -1.59
C LYS A 181 15.54 -8.06 -2.20
N PHE A 182 14.28 -8.03 -1.87
CA PHE A 182 13.32 -9.03 -2.32
C PHE A 182 13.81 -10.44 -2.06
N SER A 183 12.98 -11.42 -2.40
CA SER A 183 13.37 -12.81 -2.27
C SER A 183 14.28 -13.13 -3.44
N ALA A 184 15.52 -12.67 -3.34
CA ALA A 184 16.47 -12.85 -4.40
C ALA A 184 15.83 -12.51 -5.73
N VAL A 185 16.28 -13.18 -6.76
CA VAL A 185 15.74 -12.96 -8.10
C VAL A 185 15.40 -14.29 -8.74
N LEU A 186 15.68 -15.33 -7.99
CA LEU A 186 15.42 -16.70 -8.39
C LEU A 186 14.33 -17.27 -7.54
N VAL A 187 13.93 -16.46 -6.58
CA VAL A 187 12.89 -16.80 -5.63
C VAL A 187 11.71 -15.86 -5.75
N GLU A 188 11.83 -14.96 -6.70
CA GLU A 188 10.79 -13.97 -6.96
C GLU A 188 9.43 -14.64 -7.16
N PRO A 189 8.35 -14.08 -6.57
CA PRO A 189 7.01 -14.64 -6.69
C PRO A 189 6.30 -14.17 -7.95
ZN ZN B . -9.60 -6.84 -6.13
ZN ZN C . 3.93 -4.40 -11.20
N SER A 1 -4.45 -20.66 -13.85
CA SER A 1 -4.35 -19.35 -13.15
C SER A 1 -5.40 -18.38 -13.66
N ALA A 2 -5.45 -17.20 -13.06
CA ALA A 2 -6.41 -16.17 -13.45
C ALA A 2 -5.84 -14.78 -13.30
N THR A 3 -6.46 -13.83 -13.98
CA THR A 3 -6.06 -12.44 -13.90
C THR A 3 -6.07 -11.99 -12.46
N ILE A 4 -7.24 -12.10 -11.89
CA ILE A 4 -7.52 -11.76 -10.51
C ILE A 4 -6.60 -10.75 -9.90
N CYS A 5 -7.25 -9.68 -9.55
CA CYS A 5 -6.64 -8.53 -8.95
C CYS A 5 -5.78 -8.85 -7.76
N ARG A 6 -4.51 -9.04 -8.00
CA ARG A 6 -3.54 -9.35 -6.95
C ARG A 6 -4.00 -8.91 -5.56
N VAL A 7 -4.60 -7.71 -5.48
CA VAL A 7 -5.08 -7.17 -4.22
C VAL A 7 -5.93 -8.17 -3.53
N CYS A 8 -7.05 -8.38 -4.15
CA CYS A 8 -8.04 -9.28 -3.63
C CYS A 8 -8.09 -10.59 -4.40
N GLN A 9 -7.21 -10.67 -5.39
CA GLN A 9 -7.03 -11.84 -6.24
C GLN A 9 -8.33 -12.30 -6.82
N LYS A 10 -9.22 -11.37 -7.11
CA LYS A 10 -10.44 -11.72 -7.75
C LYS A 10 -10.42 -11.33 -9.20
N PRO A 11 -11.04 -12.15 -10.04
CA PRO A 11 -11.07 -11.95 -11.46
C PRO A 11 -12.00 -10.84 -11.84
N GLY A 12 -11.57 -10.10 -12.84
CA GLY A 12 -12.33 -8.97 -13.30
C GLY A 12 -11.52 -8.14 -14.24
N ASP A 13 -11.94 -6.90 -14.40
CA ASP A 13 -11.22 -6.01 -15.25
C ASP A 13 -10.01 -5.46 -14.53
N LEU A 14 -9.08 -6.33 -14.19
CA LEU A 14 -7.90 -5.92 -13.52
C LEU A 14 -6.96 -5.24 -14.46
N VAL A 15 -6.09 -4.45 -13.90
CA VAL A 15 -5.08 -3.80 -14.68
C VAL A 15 -3.85 -4.65 -14.64
N MET A 16 -3.47 -5.17 -15.78
CA MET A 16 -2.31 -6.01 -15.84
C MET A 16 -1.10 -5.14 -16.03
N CYS A 17 -0.39 -4.88 -14.94
CA CYS A 17 0.78 -4.04 -15.01
C CYS A 17 1.50 -4.27 -16.31
N ASN A 18 1.47 -3.26 -17.16
CA ASN A 18 2.11 -3.37 -18.44
C ASN A 18 3.57 -3.70 -18.24
N GLN A 19 3.99 -3.66 -16.97
CA GLN A 19 5.35 -3.93 -16.61
C GLN A 19 5.52 -5.12 -15.66
N CYS A 20 4.62 -5.27 -14.69
CA CYS A 20 4.78 -6.34 -13.69
C CYS A 20 3.60 -7.32 -13.59
N GLU A 21 2.75 -7.34 -14.62
CA GLU A 21 1.59 -8.23 -14.68
C GLU A 21 0.54 -7.98 -13.59
N PHE A 22 0.96 -7.72 -12.35
CA PHE A 22 0.04 -7.47 -11.25
C PHE A 22 -1.30 -6.90 -11.70
N CYS A 23 -2.35 -7.73 -11.62
CA CYS A 23 -3.69 -7.36 -11.99
C CYS A 23 -4.35 -6.68 -10.84
N PHE A 24 -5.03 -5.60 -11.12
CA PHE A 24 -5.69 -4.85 -10.09
C PHE A 24 -7.05 -4.31 -10.49
N HIS A 25 -8.06 -4.63 -9.70
CA HIS A 25 -9.41 -4.06 -9.89
C HIS A 25 -9.39 -2.57 -9.85
N LEU A 26 -8.19 -2.04 -9.82
CA LEU A 26 -7.98 -0.62 -9.78
C LEU A 26 -8.31 -0.02 -8.44
N ASP A 27 -9.58 -0.06 -8.14
CA ASP A 27 -10.07 0.51 -6.90
C ASP A 27 -9.47 -0.29 -5.76
N CYS A 28 -9.23 -1.54 -6.08
CA CYS A 28 -8.60 -2.45 -5.18
C CYS A 28 -7.16 -2.00 -4.99
N HIS A 29 -6.59 -1.38 -6.05
CA HIS A 29 -5.24 -0.85 -5.98
C HIS A 29 -5.14 -0.03 -4.72
N LEU A 30 -4.05 -0.21 -4.00
CA LEU A 30 -3.83 0.50 -2.77
C LEU A 30 -4.36 1.93 -2.86
N PRO A 31 -3.77 2.80 -3.68
CA PRO A 31 -4.28 4.16 -3.78
C PRO A 31 -5.43 4.21 -4.74
N ALA A 32 -5.74 3.04 -5.26
CA ALA A 32 -6.82 2.86 -6.19
C ALA A 32 -6.54 3.55 -7.50
N LEU A 33 -6.31 2.76 -8.56
CA LEU A 33 -6.08 3.29 -9.87
C LEU A 33 -6.60 4.69 -9.96
N GLN A 34 -7.88 4.68 -9.89
CA GLN A 34 -8.76 5.80 -9.89
C GLN A 34 -9.75 5.49 -10.94
N ASP A 35 -9.23 4.71 -11.89
CA ASP A 35 -9.96 4.30 -13.04
C ASP A 35 -9.01 3.83 -14.09
N VAL A 36 -9.25 2.61 -14.50
CA VAL A 36 -8.45 1.93 -15.45
C VAL A 36 -7.56 2.80 -16.35
N PRO A 37 -6.28 2.50 -16.20
CA PRO A 37 -5.12 3.05 -16.85
C PRO A 37 -4.65 2.13 -17.97
N GLY A 38 -5.62 1.63 -18.68
CA GLY A 38 -5.43 0.71 -19.79
C GLY A 38 -4.17 0.89 -20.59
N GLU A 39 -3.58 2.05 -20.44
CA GLU A 39 -2.38 2.40 -21.14
C GLU A 39 -1.23 1.43 -20.82
N GLU A 40 -0.42 1.75 -19.83
CA GLU A 40 0.71 0.94 -19.43
C GLU A 40 0.91 0.97 -17.92
N TRP A 41 -0.19 0.97 -17.20
CA TRP A 41 -0.18 1.03 -15.78
C TRP A 41 0.74 0.01 -15.15
N SER A 42 0.79 0.13 -13.88
CA SER A 42 1.56 -0.74 -13.02
C SER A 42 1.12 -0.49 -11.57
N CYS A 43 1.14 -1.53 -10.74
CA CYS A 43 0.72 -1.39 -9.35
C CYS A 43 1.76 -0.67 -8.55
N SER A 44 1.61 -0.65 -7.24
CA SER A 44 2.56 0.04 -6.38
C SER A 44 3.91 -0.70 -6.30
N LEU A 45 3.88 -2.03 -6.27
CA LEU A 45 5.11 -2.82 -6.18
C LEU A 45 5.96 -2.66 -7.44
N CYS A 46 5.57 -1.75 -8.32
CA CYS A 46 6.29 -1.53 -9.56
C CYS A 46 6.12 -0.10 -10.03
N HIS A 47 4.96 0.45 -9.69
CA HIS A 47 4.61 1.82 -10.07
C HIS A 47 4.56 2.72 -8.87
N VAL A 48 4.40 2.07 -7.74
CA VAL A 48 4.31 2.70 -6.42
C VAL A 48 3.33 3.87 -6.41
N LEU A 49 3.68 4.93 -7.09
CA LEU A 49 2.82 6.10 -7.19
C LEU A 49 3.02 6.87 -8.48
N PRO A 50 1.90 7.24 -9.12
CA PRO A 50 1.90 8.00 -10.36
C PRO A 50 2.37 9.43 -10.15
N ASP A 51 1.51 10.20 -9.51
CA ASP A 51 1.78 11.60 -9.19
C ASP A 51 1.73 12.47 -10.43
N LEU A 52 1.64 11.80 -11.56
CA LEU A 52 1.56 12.45 -12.84
C LEU A 52 2.50 13.62 -12.98
N LYS A 53 1.94 14.81 -12.84
CA LYS A 53 2.69 16.05 -13.00
C LYS A 53 3.54 16.03 -14.27
N GLU A 54 3.30 15.01 -15.09
CA GLU A 54 4.01 14.81 -16.35
C GLU A 54 5.49 15.19 -16.26
N GLU A 55 6.07 15.54 -17.40
CA GLU A 55 7.48 15.92 -17.45
C GLU A 55 7.65 17.41 -17.31
N ASP A 56 6.64 18.05 -16.76
CA ASP A 56 6.65 19.49 -16.55
C ASP A 56 6.76 20.24 -17.87
N GLY A 57 5.92 19.87 -18.83
CA GLY A 57 5.93 20.55 -20.11
C GLY A 57 5.63 22.02 -19.93
N SER A 58 5.02 22.33 -18.79
CA SER A 58 4.66 23.70 -18.43
C SER A 58 3.90 23.74 -17.11
N LEU A 59 4.07 22.69 -16.29
CA LEU A 59 3.38 22.62 -15.02
C LEU A 59 4.25 21.98 -13.94
N SER A 60 4.69 22.80 -12.99
CA SER A 60 5.52 22.32 -11.88
C SER A 60 5.83 23.49 -10.97
N LEU A 61 5.27 24.63 -11.33
CA LEU A 61 5.44 25.86 -10.61
C LEU A 61 6.92 26.13 -10.33
N ASP A 62 7.75 25.88 -11.33
CA ASP A 62 9.19 26.09 -11.23
C ASP A 62 9.52 27.37 -10.48
N GLY A 63 10.18 27.21 -9.33
CA GLY A 63 10.55 28.34 -8.51
C GLY A 63 9.72 28.44 -7.26
N ALA A 64 9.42 27.29 -6.68
CA ALA A 64 8.65 27.26 -5.45
C ALA A 64 8.62 25.84 -4.86
N ASP A 65 7.64 25.06 -5.28
CA ASP A 65 7.49 23.69 -4.80
C ASP A 65 8.66 22.82 -5.26
N SER A 66 8.81 21.66 -4.63
CA SER A 66 9.88 20.73 -4.99
C SER A 66 9.44 19.28 -4.76
N THR A 67 8.73 19.06 -3.66
CA THR A 67 8.25 17.72 -3.32
C THR A 67 6.78 17.77 -2.89
N GLY A 68 6.06 18.75 -3.41
CA GLY A 68 4.66 18.91 -3.07
C GLY A 68 4.46 19.44 -1.67
N VAL A 69 5.50 20.06 -1.15
CA VAL A 69 5.51 20.64 0.19
C VAL A 69 4.65 19.83 1.17
N VAL A 70 5.24 18.80 1.78
CA VAL A 70 4.58 17.97 2.72
C VAL A 70 5.55 17.56 3.81
N ALA A 71 6.40 16.61 3.48
CA ALA A 71 7.42 16.13 4.39
C ALA A 71 6.85 15.66 5.70
N LYS A 72 5.61 15.28 5.61
CA LYS A 72 4.87 14.70 6.72
C LYS A 72 5.36 13.29 6.77
N LEU A 73 4.78 12.53 5.89
CA LEU A 73 5.21 11.19 5.65
C LEU A 73 6.16 11.36 4.48
N SER A 74 5.71 12.22 3.55
CA SER A 74 6.46 12.65 2.37
C SER A 74 6.06 11.93 1.11
N PRO A 75 6.17 12.59 -0.05
CA PRO A 75 5.82 12.02 -1.35
C PRO A 75 6.42 10.64 -1.58
N ALA A 76 7.74 10.64 -1.53
CA ALA A 76 8.53 9.45 -1.73
C ALA A 76 8.31 8.42 -0.65
N ASN A 77 8.33 8.87 0.58
CA ASN A 77 8.13 7.99 1.69
C ASN A 77 6.76 7.35 1.60
N GLN A 78 5.75 8.20 1.40
CA GLN A 78 4.40 7.75 1.24
C GLN A 78 4.36 6.79 0.09
N ARG A 79 5.22 7.11 -0.86
CA ARG A 79 5.41 6.32 -2.04
C ARG A 79 5.86 4.92 -1.64
N LYS A 80 6.81 4.86 -0.71
CA LYS A 80 7.34 3.61 -0.21
C LYS A 80 6.31 2.78 0.53
N CYS A 81 5.70 3.34 1.57
CA CYS A 81 4.75 2.65 2.37
C CYS A 81 3.60 2.24 1.50
N GLU A 82 3.23 3.11 0.58
CA GLU A 82 2.16 2.75 -0.34
C GLU A 82 2.61 1.56 -1.18
N ARG A 83 3.91 1.43 -1.32
CA ARG A 83 4.47 0.32 -2.05
C ARG A 83 4.40 -0.89 -1.15
N VAL A 84 4.20 -0.57 0.12
CA VAL A 84 4.10 -1.56 1.19
C VAL A 84 2.68 -1.97 1.56
N LEU A 85 1.75 -1.03 1.64
CA LEU A 85 0.41 -1.38 1.95
C LEU A 85 0.01 -2.28 0.87
N LEU A 86 0.33 -1.85 -0.34
CA LEU A 86 0.06 -2.64 -1.46
C LEU A 86 0.84 -3.92 -1.34
N ALA A 87 2.14 -3.79 -1.04
CA ALA A 87 2.95 -4.96 -0.87
C ALA A 87 2.09 -5.98 -0.22
N LEU A 88 1.46 -5.52 0.84
CA LEU A 88 0.55 -6.31 1.58
C LEU A 88 -0.64 -6.70 0.73
N PHE A 89 -1.45 -5.70 0.41
CA PHE A 89 -2.68 -5.88 -0.33
C PHE A 89 -2.59 -7.03 -1.34
N CYS A 90 -1.62 -6.91 -2.23
CA CYS A 90 -1.37 -7.91 -3.27
C CYS A 90 -1.35 -9.34 -2.75
N HIS A 91 -0.75 -9.60 -1.59
CA HIS A 91 -0.69 -10.95 -1.09
C HIS A 91 -1.95 -11.37 -0.36
N GLU A 92 -1.98 -12.62 0.11
CA GLU A 92 -3.17 -13.10 0.82
C GLU A 92 -3.13 -12.76 2.31
N PRO A 93 -2.04 -13.09 3.01
CA PRO A 93 -1.88 -12.77 4.42
C PRO A 93 -2.55 -11.46 4.76
N CYS A 94 -2.42 -10.53 3.85
CA CYS A 94 -3.03 -9.26 4.02
C CYS A 94 -4.51 -9.40 3.80
N ARG A 95 -4.95 -10.17 2.81
CA ARG A 95 -6.39 -10.35 2.62
C ARG A 95 -7.10 -10.11 3.95
N PRO A 96 -6.73 -10.86 5.04
CA PRO A 96 -7.26 -10.55 6.37
C PRO A 96 -6.89 -9.14 6.79
N LEU A 97 -5.59 -8.82 6.72
CA LEU A 97 -5.11 -7.49 7.10
C LEU A 97 -5.83 -6.37 6.37
N HIS A 98 -6.26 -6.62 5.15
CA HIS A 98 -6.99 -5.67 4.35
C HIS A 98 -8.07 -5.04 5.18
N GLN A 99 -8.54 -5.85 6.10
CA GLN A 99 -9.61 -5.50 6.96
C GLN A 99 -9.58 -6.23 8.29
N LEU A 100 -9.35 -5.48 9.35
CA LEU A 100 -9.27 -6.03 10.69
C LEU A 100 -10.14 -5.24 11.64
N ALA A 101 -10.15 -3.94 11.41
CA ALA A 101 -10.92 -3.03 12.23
C ALA A 101 -12.33 -2.85 11.69
N THR A 102 -12.92 -1.70 12.02
CA THR A 102 -14.25 -1.36 11.55
C THR A 102 -14.15 -0.02 10.88
N ASP A 103 -12.89 0.30 10.62
CA ASP A 103 -12.46 1.53 10.01
C ASP A 103 -13.53 2.63 10.04
N SER A 104 -14.37 2.66 9.00
CA SER A 104 -15.42 3.68 8.90
C SER A 104 -14.87 5.05 9.25
N THR A 105 -13.63 5.31 8.83
CA THR A 105 -12.96 6.55 9.09
C THR A 105 -12.80 6.80 10.58
N PHE A 106 -11.89 6.09 11.21
CA PHE A 106 -11.66 6.32 12.61
C PHE A 106 -10.37 5.72 13.12
N SER A 107 -9.62 5.06 12.25
CA SER A 107 -8.38 4.46 12.69
C SER A 107 -7.36 5.50 13.14
N LEU A 108 -7.68 6.78 12.91
CA LEU A 108 -6.80 7.87 13.30
C LEU A 108 -6.76 8.01 14.79
N ASP A 109 -7.78 7.48 15.40
CA ASP A 109 -7.90 7.52 16.84
C ASP A 109 -8.94 6.53 17.32
N GLN A 110 -9.18 5.57 16.47
CA GLN A 110 -10.12 4.52 16.70
C GLN A 110 -10.18 4.12 18.16
N PRO A 111 -11.42 3.95 18.63
CA PRO A 111 -11.72 3.56 20.00
C PRO A 111 -11.15 2.19 20.34
N GLY A 112 -10.53 1.56 19.34
CA GLY A 112 -9.92 0.27 19.52
C GLY A 112 -8.92 -0.05 18.42
N GLY A 113 -7.75 0.58 18.50
CA GLY A 113 -6.70 0.38 17.51
C GLY A 113 -6.59 -1.04 17.01
N THR A 114 -7.04 -1.26 15.77
CA THR A 114 -6.98 -2.53 15.11
C THR A 114 -6.46 -2.35 13.71
N LEU A 115 -6.73 -1.17 13.21
CA LEU A 115 -6.38 -0.77 11.88
C LEU A 115 -6.50 -1.93 10.93
N ASP A 116 -5.95 -1.72 9.76
CA ASP A 116 -5.89 -2.70 8.73
C ASP A 116 -5.21 -2.05 7.53
N LEU A 117 -5.34 -2.59 6.34
CA LEU A 117 -4.62 -2.01 5.21
C LEU A 117 -5.37 -0.96 4.49
N THR A 118 -6.68 -1.11 4.40
CA THR A 118 -7.48 -0.18 3.63
C THR A 118 -7.66 1.12 4.40
N LEU A 119 -7.51 1.04 5.72
CA LEU A 119 -7.59 2.21 6.56
C LEU A 119 -6.24 2.89 6.56
N ILE A 120 -5.19 2.11 6.82
CA ILE A 120 -3.83 2.60 6.75
C ILE A 120 -3.63 3.16 5.35
N ARG A 121 -4.31 2.47 4.44
CA ARG A 121 -4.34 2.77 3.02
C ARG A 121 -4.91 4.10 2.79
N ALA A 122 -5.92 4.33 3.54
CA ALA A 122 -6.64 5.56 3.48
C ALA A 122 -5.77 6.64 4.05
N ARG A 123 -5.06 6.29 5.09
CA ARG A 123 -4.17 7.21 5.75
C ARG A 123 -3.17 7.67 4.74
N LEU A 124 -2.38 6.70 4.32
CA LEU A 124 -1.42 6.89 3.30
C LEU A 124 -2.06 7.65 2.16
N GLN A 125 -3.27 7.22 1.83
CA GLN A 125 -4.00 7.83 0.75
C GLN A 125 -4.37 9.26 1.11
N GLU A 126 -5.55 9.34 1.71
CA GLU A 126 -6.17 10.57 2.19
C GLU A 126 -7.65 10.29 2.42
N LYS A 127 -7.96 9.01 2.53
CA LYS A 127 -9.30 8.54 2.77
C LYS A 127 -9.49 8.46 4.25
N LEU A 128 -8.40 8.16 4.90
CA LEU A 128 -8.38 8.07 6.36
C LEU A 128 -8.32 9.44 6.97
N SER A 129 -7.13 9.95 6.95
CA SER A 129 -6.81 11.26 7.45
C SER A 129 -6.09 12.02 6.35
N PRO A 130 -5.28 13.05 6.64
CA PRO A 130 -4.61 13.74 5.59
C PRO A 130 -3.26 13.04 5.35
N PRO A 131 -2.19 13.72 4.92
CA PRO A 131 -0.90 13.04 4.71
C PRO A 131 -0.38 12.49 6.02
N TYR A 132 0.16 11.27 6.01
CA TYR A 132 0.68 10.71 7.23
C TYR A 132 1.78 11.55 7.80
N SER A 133 2.70 10.89 8.49
CA SER A 133 3.83 11.57 9.04
C SER A 133 5.07 10.73 8.85
N SER A 134 4.92 9.57 8.21
CA SER A 134 6.07 8.74 7.96
C SER A 134 5.69 7.52 7.15
N PRO A 135 6.65 6.94 6.44
CA PRO A 135 6.40 5.72 5.70
C PRO A 135 6.60 4.58 6.67
N GLN A 136 7.25 4.91 7.78
CA GLN A 136 7.46 3.99 8.86
C GLN A 136 6.31 4.16 9.82
N GLU A 137 5.52 5.20 9.54
CA GLU A 137 4.34 5.51 10.29
C GLU A 137 3.35 4.46 10.00
N PHE A 138 3.07 4.42 8.74
CA PHE A 138 2.17 3.51 8.16
C PHE A 138 2.58 2.16 8.63
N ALA A 139 3.84 1.92 8.37
CA ALA A 139 4.52 0.71 8.72
C ALA A 139 4.22 0.34 10.11
N GLN A 140 4.48 1.31 10.95
CA GLN A 140 4.27 1.18 12.32
C GLN A 140 2.89 0.68 12.61
N ASP A 141 1.93 1.17 11.83
CA ASP A 141 0.58 0.74 12.03
C ASP A 141 0.51 -0.66 11.52
N VAL A 142 1.06 -0.89 10.35
CA VAL A 142 1.14 -2.19 9.77
C VAL A 142 1.61 -3.19 10.79
N GLY A 143 2.54 -2.78 11.60
CA GLY A 143 3.01 -3.66 12.62
C GLY A 143 1.87 -4.00 13.52
N ARG A 144 0.99 -3.03 13.71
CA ARG A 144 -0.21 -3.22 14.48
C ARG A 144 -1.14 -4.12 13.69
N MET A 145 -1.41 -3.68 12.47
CA MET A 145 -2.19 -4.44 11.51
C MET A 145 -1.90 -5.89 11.75
N PHE A 146 -0.61 -6.11 11.73
CA PHE A 146 0.02 -7.40 11.92
C PHE A 146 -0.33 -7.91 13.30
N LYS A 147 -0.21 -7.03 14.30
CA LYS A 147 -0.46 -7.36 15.68
C LYS A 147 -1.87 -7.86 15.99
N GLN A 148 -2.89 -7.08 15.65
CA GLN A 148 -4.25 -7.47 16.00
C GLN A 148 -4.57 -8.74 15.28
N PHE A 149 -4.34 -8.68 13.98
CA PHE A 149 -4.59 -9.77 13.09
C PHE A 149 -3.88 -11.03 13.55
N ASN A 150 -2.64 -10.87 13.94
CA ASN A 150 -1.87 -11.99 14.40
C ASN A 150 -2.56 -12.59 15.61
N LYS A 151 -3.40 -11.75 16.21
CA LYS A 151 -4.22 -12.14 17.35
C LYS A 151 -5.67 -12.41 16.95
N LEU A 152 -6.06 -11.96 15.75
CA LEU A 152 -7.39 -12.12 15.24
C LEU A 152 -7.72 -13.59 15.23
N THR A 153 -6.66 -14.34 15.15
CA THR A 153 -6.72 -15.76 15.21
C THR A 153 -7.07 -16.19 16.61
N GLU A 154 -6.14 -15.90 17.49
CA GLU A 154 -6.21 -16.16 18.92
C GLU A 154 -6.37 -17.64 19.24
N ASP A 155 -6.79 -18.39 18.24
CA ASP A 155 -7.02 -19.81 18.41
C ASP A 155 -5.94 -20.51 17.63
N LYS A 156 -5.15 -19.67 16.99
CA LYS A 156 -4.06 -20.08 16.15
C LYS A 156 -2.77 -19.40 16.51
N ALA A 157 -1.84 -19.57 15.62
CA ALA A 157 -0.58 -18.91 15.67
C ALA A 157 -0.73 -17.75 14.73
N ASP A 158 -0.73 -18.10 13.45
CA ASP A 158 -0.94 -17.16 12.38
C ASP A 158 0.10 -16.11 12.42
N VAL A 159 1.05 -16.35 13.26
CA VAL A 159 2.11 -15.43 13.43
C VAL A 159 2.96 -15.49 12.23
N GLN A 160 2.66 -16.47 11.43
CA GLN A 160 3.41 -16.68 10.22
C GLN A 160 2.64 -16.19 9.00
N SER A 161 1.35 -15.88 9.21
CA SER A 161 0.57 -15.36 8.12
C SER A 161 0.88 -13.91 8.15
N ILE A 162 0.98 -13.45 9.38
CA ILE A 162 1.37 -12.14 9.63
C ILE A 162 2.78 -12.00 9.13
N ILE A 163 3.71 -12.85 9.61
CA ILE A 163 5.04 -12.81 9.09
C ILE A 163 5.03 -12.79 7.59
N GLY A 164 4.01 -13.34 7.02
CA GLY A 164 3.93 -13.32 5.58
C GLY A 164 3.91 -11.90 5.14
N LEU A 165 3.13 -11.10 5.85
CA LEU A 165 3.10 -9.70 5.61
C LEU A 165 4.35 -9.11 6.18
N GLN A 166 4.46 -9.18 7.49
CA GLN A 166 5.56 -8.63 8.21
C GLN A 166 6.86 -8.72 7.42
N ARG A 167 7.04 -9.86 6.73
CA ARG A 167 8.23 -10.07 5.94
C ARG A 167 8.11 -9.36 4.60
N PHE A 168 7.03 -9.67 3.87
CA PHE A 168 6.75 -9.06 2.58
C PHE A 168 6.73 -7.54 2.77
N PHE A 169 5.90 -7.13 3.70
CA PHE A 169 5.81 -5.78 4.19
C PHE A 169 7.16 -5.10 4.12
N GLU A 170 8.05 -5.61 4.93
CA GLU A 170 9.38 -5.09 5.06
C GLU A 170 10.20 -5.23 3.80
N THR A 171 9.82 -6.17 2.97
CA THR A 171 10.49 -6.45 1.71
C THR A 171 10.26 -5.34 0.71
N ARG A 172 9.02 -5.05 0.41
CA ARG A 172 8.70 -3.98 -0.50
C ARG A 172 9.10 -2.70 0.17
N MET A 173 8.81 -2.60 1.46
CA MET A 173 9.23 -1.48 2.23
C MET A 173 10.76 -1.45 2.22
N ASN A 174 11.38 -2.58 1.83
CA ASN A 174 12.83 -2.66 1.75
C ASN A 174 13.26 -2.20 0.38
N GLU A 175 12.45 -2.60 -0.58
CA GLU A 175 12.67 -2.26 -1.96
C GLU A 175 12.30 -0.80 -2.20
N ALA A 176 11.66 -0.22 -1.19
CA ALA A 176 11.22 1.17 -1.25
C ALA A 176 12.18 2.06 -0.51
N PHE A 177 12.35 1.74 0.77
CA PHE A 177 13.23 2.48 1.65
C PHE A 177 14.69 2.35 1.25
N GLY A 178 15.05 1.19 0.68
CA GLY A 178 16.42 0.95 0.28
C GLY A 178 17.37 1.08 1.44
N ASP A 179 16.80 1.15 2.62
CA ASP A 179 17.55 1.30 3.86
C ASP A 179 16.71 0.82 5.03
N THR A 180 15.65 0.08 4.71
CA THR A 180 14.72 -0.43 5.69
C THR A 180 15.41 -1.32 6.74
N LYS A 181 16.75 -1.43 6.64
CA LYS A 181 17.58 -2.19 7.59
C LYS A 181 17.64 -3.68 7.28
N PHE A 182 17.19 -4.04 6.10
CA PHE A 182 17.22 -5.43 5.67
C PHE A 182 18.60 -6.05 5.89
N SER A 183 19.64 -5.32 5.50
CA SER A 183 21.01 -5.77 5.66
C SER A 183 21.99 -4.64 5.42
N ALA A 184 22.27 -4.37 4.14
CA ALA A 184 23.19 -3.31 3.75
C ALA A 184 23.21 -3.13 2.26
N VAL A 185 24.17 -3.76 1.64
CA VAL A 185 24.33 -3.73 0.22
C VAL A 185 23.64 -4.88 -0.46
N LEU A 186 22.88 -5.60 0.34
CA LEU A 186 22.13 -6.76 -0.10
C LEU A 186 20.64 -6.45 -0.18
N VAL A 187 20.33 -5.26 0.26
CA VAL A 187 18.96 -4.77 0.28
C VAL A 187 18.42 -4.65 -1.13
N GLU A 188 19.35 -4.74 -2.05
CA GLU A 188 19.04 -4.66 -3.47
C GLU A 188 18.14 -5.81 -3.90
N PRO A 189 17.05 -5.53 -4.64
CA PRO A 189 16.11 -6.55 -5.10
C PRO A 189 16.76 -7.52 -6.09
ZN ZN B . -9.82 -6.81 -6.39
ZN ZN C . 2.73 -3.98 -10.74
N SER A 1 -3.19 -17.72 -14.57
CA SER A 1 -3.90 -17.50 -13.29
C SER A 1 -4.89 -16.34 -13.40
N ALA A 2 -5.22 -15.98 -14.64
CA ALA A 2 -6.16 -14.89 -14.90
C ALA A 2 -5.67 -13.57 -14.38
N THR A 3 -6.26 -12.51 -14.90
CA THR A 3 -5.95 -11.16 -14.47
C THR A 3 -6.07 -11.07 -12.98
N ILE A 4 -7.31 -11.19 -12.55
CA ILE A 4 -7.73 -11.16 -11.17
C ILE A 4 -6.84 -10.34 -10.28
N CYS A 5 -7.46 -9.28 -9.85
CA CYS A 5 -6.87 -8.26 -9.02
C CYS A 5 -5.91 -8.81 -7.99
N ARG A 6 -4.65 -8.96 -8.39
CA ARG A 6 -3.59 -9.49 -7.53
C ARG A 6 -3.83 -9.19 -6.06
N VAL A 7 -4.45 -8.03 -5.78
CA VAL A 7 -4.75 -7.62 -4.44
C VAL A 7 -5.65 -8.64 -3.81
N CYS A 8 -6.85 -8.61 -4.30
CA CYS A 8 -7.90 -9.47 -3.83
C CYS A 8 -8.22 -10.60 -4.81
N GLN A 9 -7.33 -10.76 -5.78
CA GLN A 9 -7.40 -11.78 -6.81
C GLN A 9 -8.76 -11.89 -7.44
N LYS A 10 -9.58 -10.87 -7.31
CA LYS A 10 -10.84 -10.92 -7.97
C LYS A 10 -10.72 -10.31 -9.34
N PRO A 11 -11.09 -11.08 -10.33
CA PRO A 11 -11.04 -10.69 -11.73
C PRO A 11 -11.93 -9.51 -12.10
N GLY A 12 -11.65 -8.96 -13.28
CA GLY A 12 -12.45 -7.87 -13.83
C GLY A 12 -12.29 -6.56 -13.11
N ASP A 13 -12.29 -5.48 -13.90
CA ASP A 13 -12.14 -4.13 -13.39
C ASP A 13 -10.76 -3.94 -12.80
N LEU A 14 -9.88 -4.81 -13.25
CA LEU A 14 -8.50 -4.84 -12.87
C LEU A 14 -7.65 -3.98 -13.73
N VAL A 15 -6.46 -3.79 -13.24
CA VAL A 15 -5.42 -3.14 -13.97
C VAL A 15 -4.33 -4.13 -14.01
N MET A 16 -4.09 -4.69 -15.14
CA MET A 16 -3.07 -5.69 -15.21
C MET A 16 -1.76 -4.97 -15.40
N CYS A 17 -1.03 -4.81 -14.29
CA CYS A 17 0.22 -4.08 -14.33
C CYS A 17 0.89 -4.29 -15.65
N ASN A 18 0.96 -3.22 -16.43
CA ASN A 18 1.59 -3.27 -17.73
C ASN A 18 2.99 -3.83 -17.58
N GLN A 19 3.44 -3.94 -16.33
CA GLN A 19 4.77 -4.44 -16.05
C GLN A 19 4.78 -5.76 -15.28
N CYS A 20 3.84 -5.99 -14.34
CA CYS A 20 3.91 -7.23 -13.55
C CYS A 20 2.58 -7.86 -13.18
N GLU A 21 1.66 -7.98 -14.12
CA GLU A 21 0.36 -8.56 -13.85
C GLU A 21 -0.38 -7.76 -12.79
N PHE A 22 0.14 -7.85 -11.56
CA PHE A 22 -0.40 -7.12 -10.41
C PHE A 22 -1.64 -6.34 -10.79
N CYS A 23 -2.73 -7.05 -10.86
CA CYS A 23 -3.98 -6.49 -11.22
C CYS A 23 -4.64 -5.88 -10.03
N PHE A 24 -5.06 -4.67 -10.19
CA PHE A 24 -5.75 -4.00 -9.13
C PHE A 24 -7.11 -3.54 -9.60
N HIS A 25 -8.08 -3.72 -8.74
CA HIS A 25 -9.44 -3.27 -9.00
C HIS A 25 -9.51 -1.79 -9.02
N LEU A 26 -8.37 -1.20 -9.26
CA LEU A 26 -8.21 0.21 -9.17
C LEU A 26 -8.36 0.57 -7.72
N ASP A 27 -9.52 0.26 -7.18
CA ASP A 27 -9.80 0.54 -5.80
C ASP A 27 -8.85 -0.24 -4.92
N CYS A 28 -8.70 -1.53 -5.20
CA CYS A 28 -7.80 -2.34 -4.42
C CYS A 28 -6.38 -1.78 -4.55
N HIS A 29 -6.11 -1.05 -5.66
CA HIS A 29 -4.81 -0.41 -5.79
C HIS A 29 -4.67 0.48 -4.59
N LEU A 30 -3.54 0.40 -3.90
CA LEU A 30 -3.33 1.18 -2.69
C LEU A 30 -4.03 2.52 -2.72
N PRO A 31 -3.53 3.52 -3.43
CA PRO A 31 -4.20 4.79 -3.42
C PRO A 31 -5.43 4.78 -4.29
N ALA A 32 -5.63 3.62 -4.87
CA ALA A 32 -6.78 3.35 -5.71
C ALA A 32 -6.84 4.16 -6.99
N LEU A 33 -6.76 3.48 -8.14
CA LEU A 33 -6.93 4.17 -9.40
C LEU A 33 -8.22 4.88 -9.35
N GLN A 34 -9.12 4.10 -8.80
CA GLN A 34 -10.49 4.44 -8.58
C GLN A 34 -11.20 4.40 -9.90
N ASP A 35 -10.38 4.24 -10.89
CA ASP A 35 -10.76 4.20 -12.25
C ASP A 35 -9.50 4.13 -13.07
N VAL A 36 -9.34 2.98 -13.65
CA VAL A 36 -8.19 2.63 -14.39
C VAL A 36 -7.26 3.75 -14.87
N PRO A 37 -5.97 3.40 -14.80
CA PRO A 37 -4.82 4.20 -15.15
C PRO A 37 -4.35 3.92 -16.55
N GLY A 38 -5.26 3.34 -17.30
CA GLY A 38 -4.98 2.95 -18.67
C GLY A 38 -4.46 1.52 -18.73
N GLU A 39 -3.68 1.22 -19.76
CA GLU A 39 -3.12 -0.11 -19.93
C GLU A 39 -1.60 -0.09 -19.88
N GLU A 40 -1.03 0.97 -19.31
CA GLU A 40 0.40 1.10 -19.22
C GLU A 40 0.82 1.29 -17.78
N TRP A 41 -0.17 1.26 -16.89
CA TRP A 41 0.04 1.41 -15.49
C TRP A 41 1.00 0.38 -14.97
N SER A 42 1.39 0.58 -13.75
CA SER A 42 2.27 -0.33 -13.05
C SER A 42 1.80 -0.46 -11.62
N CYS A 43 2.14 -1.56 -10.99
CA CYS A 43 1.71 -1.80 -9.63
C CYS A 43 2.61 -1.15 -8.59
N SER A 44 2.11 -0.05 -8.01
CA SER A 44 2.81 0.72 -6.96
C SER A 44 4.25 0.31 -6.78
N LEU A 45 4.44 -0.82 -6.13
CA LEU A 45 5.75 -1.38 -5.84
C LEU A 45 6.74 -1.09 -6.98
N CYS A 46 6.31 -1.38 -8.19
CA CYS A 46 7.10 -1.14 -9.38
C CYS A 46 6.77 0.21 -9.94
N HIS A 47 5.51 0.54 -9.79
CA HIS A 47 5.00 1.82 -10.29
C HIS A 47 5.71 2.98 -9.63
N VAL A 48 6.56 2.65 -8.69
CA VAL A 48 7.34 3.62 -7.97
C VAL A 48 8.06 4.59 -8.89
N LEU A 49 8.56 5.66 -8.30
CA LEU A 49 9.27 6.69 -9.05
C LEU A 49 10.77 6.55 -8.91
N PRO A 50 11.49 7.01 -9.92
CA PRO A 50 12.95 6.94 -9.98
C PRO A 50 13.59 7.46 -8.71
N ASP A 51 13.56 8.76 -8.56
CA ASP A 51 14.13 9.41 -7.39
C ASP A 51 13.55 10.79 -7.17
N LEU A 52 13.17 11.41 -8.26
CA LEU A 52 12.58 12.73 -8.24
C LEU A 52 13.12 13.59 -7.11
N LYS A 53 14.42 13.85 -7.14
CA LYS A 53 15.08 14.66 -6.14
C LYS A 53 14.24 15.89 -5.80
N GLU A 54 13.87 16.64 -6.83
CA GLU A 54 13.07 17.85 -6.67
C GLU A 54 13.49 18.65 -5.44
N GLU A 55 14.79 18.83 -5.28
CA GLU A 55 15.33 19.59 -4.16
C GLU A 55 14.83 21.00 -4.16
N ASP A 56 14.37 21.41 -5.33
CA ASP A 56 13.83 22.74 -5.56
C ASP A 56 14.72 23.82 -4.99
N GLY A 57 16.01 23.53 -4.92
CA GLY A 57 16.95 24.51 -4.41
C GLY A 57 16.94 25.76 -5.25
N SER A 58 16.51 25.58 -6.50
CA SER A 58 16.41 26.67 -7.47
C SER A 58 15.99 26.13 -8.83
N LEU A 59 15.21 25.04 -8.83
CA LEU A 59 14.77 24.44 -10.08
C LEU A 59 13.32 23.99 -9.97
N SER A 60 12.44 24.64 -10.72
CA SER A 60 11.03 24.31 -10.71
C SER A 60 10.31 25.17 -11.73
N LEU A 61 11.07 26.11 -12.27
CA LEU A 61 10.61 27.06 -13.27
C LEU A 61 9.62 28.06 -12.69
N ASP A 62 8.90 27.66 -11.64
CA ASP A 62 7.94 28.53 -10.99
C ASP A 62 7.34 27.85 -9.76
N GLY A 63 7.65 28.40 -8.59
CA GLY A 63 7.15 27.85 -7.34
C GLY A 63 5.66 27.93 -7.23
N ALA A 64 5.00 26.79 -7.32
CA ALA A 64 3.56 26.74 -7.22
C ALA A 64 3.08 25.39 -6.70
N ASP A 65 3.71 24.32 -7.16
CA ASP A 65 3.36 22.97 -6.75
C ASP A 65 4.29 21.95 -7.38
N SER A 66 3.85 20.69 -7.42
CA SER A 66 4.64 19.60 -8.00
C SER A 66 5.94 19.38 -7.22
N THR A 67 5.98 19.90 -5.99
CA THR A 67 7.16 19.77 -5.14
C THR A 67 6.77 19.37 -3.73
N GLY A 68 5.51 19.61 -3.37
CA GLY A 68 5.02 19.28 -2.06
C GLY A 68 3.53 19.01 -2.05
N VAL A 69 3.11 18.01 -2.81
CA VAL A 69 1.70 17.66 -2.91
C VAL A 69 1.23 16.98 -1.62
N VAL A 70 2.18 16.66 -0.74
CA VAL A 70 1.88 16.02 0.50
C VAL A 70 2.80 16.56 1.57
N ALA A 71 4.08 16.34 1.36
CA ALA A 71 5.11 16.82 2.27
C ALA A 71 4.81 16.43 3.70
N LYS A 72 4.18 15.30 3.80
CA LYS A 72 3.82 14.68 5.06
C LYS A 72 5.06 14.08 5.66
N LEU A 73 5.38 12.97 5.10
CA LEU A 73 6.57 12.23 5.41
C LEU A 73 7.56 12.51 4.32
N SER A 74 7.01 12.49 3.11
CA SER A 74 7.74 12.67 1.88
C SER A 74 6.94 12.10 0.74
N PRO A 75 7.05 12.73 -0.42
CA PRO A 75 6.37 12.28 -1.64
C PRO A 75 6.90 10.93 -1.99
N ALA A 76 8.11 10.78 -1.55
CA ALA A 76 8.91 9.63 -1.80
C ALA A 76 8.74 8.58 -0.72
N ASN A 77 8.77 8.98 0.55
CA ASN A 77 8.64 8.02 1.62
C ASN A 77 7.26 7.43 1.56
N GLN A 78 6.29 8.28 1.23
CA GLN A 78 4.93 7.85 1.08
C GLN A 78 4.89 6.95 -0.12
N ARG A 79 5.67 7.34 -1.10
CA ARG A 79 5.83 6.58 -2.31
C ARG A 79 6.26 5.16 -1.97
N LYS A 80 7.31 5.06 -1.15
CA LYS A 80 7.85 3.79 -0.70
C LYS A 80 6.80 2.96 0.01
N CYS A 81 6.45 3.42 1.20
CA CYS A 81 5.42 2.78 1.99
C CYS A 81 4.25 2.42 1.09
N GLU A 82 3.83 3.37 0.26
CA GLU A 82 2.74 3.08 -0.64
C GLU A 82 2.99 1.75 -1.33
N ARG A 83 4.21 1.58 -1.80
CA ARG A 83 4.62 0.36 -2.44
C ARG A 83 4.35 -0.79 -1.48
N VAL A 84 4.53 -0.49 -0.20
CA VAL A 84 4.33 -1.43 0.87
C VAL A 84 2.87 -1.81 1.14
N LEU A 85 1.91 -0.87 1.09
CA LEU A 85 0.54 -1.25 1.34
C LEU A 85 0.21 -2.30 0.37
N LEU A 86 0.36 -1.93 -0.86
CA LEU A 86 0.12 -2.82 -1.94
C LEU A 86 1.01 -4.02 -1.85
N ALA A 87 2.21 -3.83 -1.31
CA ALA A 87 3.07 -4.94 -1.12
C ALA A 87 2.30 -5.97 -0.33
N LEU A 88 1.75 -5.49 0.78
CA LEU A 88 0.94 -6.32 1.62
C LEU A 88 -0.23 -6.83 0.81
N PHE A 89 -1.08 -5.90 0.52
CA PHE A 89 -2.30 -6.11 -0.27
C PHE A 89 -2.17 -7.22 -1.31
N CYS A 90 -1.22 -7.04 -2.21
CA CYS A 90 -0.95 -7.99 -3.28
C CYS A 90 -0.95 -9.45 -2.81
N HIS A 91 -0.41 -9.76 -1.63
CA HIS A 91 -0.38 -11.15 -1.19
C HIS A 91 -1.70 -11.57 -0.53
N GLU A 92 -1.78 -12.83 -0.08
CA GLU A 92 -3.02 -13.30 0.52
C GLU A 92 -3.15 -13.05 2.04
N PRO A 93 -2.24 -13.58 2.88
CA PRO A 93 -2.27 -13.33 4.32
C PRO A 93 -2.69 -11.88 4.64
N CYS A 94 -2.26 -10.96 3.80
CA CYS A 94 -2.66 -9.60 3.96
C CYS A 94 -4.12 -9.49 3.65
N ARG A 95 -4.63 -10.27 2.69
CA ARG A 95 -6.05 -10.25 2.38
C ARG A 95 -6.80 -10.02 3.69
N PRO A 96 -6.61 -10.90 4.70
CA PRO A 96 -7.19 -10.64 6.01
C PRO A 96 -6.92 -9.19 6.42
N LEU A 97 -5.63 -8.81 6.37
CA LEU A 97 -5.22 -7.44 6.73
C LEU A 97 -5.83 -6.37 5.85
N HIS A 98 -6.31 -6.76 4.71
CA HIS A 98 -6.96 -5.84 3.82
C HIS A 98 -8.04 -5.14 4.59
N GLN A 99 -8.72 -5.94 5.41
CA GLN A 99 -9.80 -5.49 6.25
C GLN A 99 -9.93 -6.35 7.50
N LEU A 100 -9.30 -5.92 8.59
CA LEU A 100 -9.37 -6.66 9.85
C LEU A 100 -10.33 -6.00 10.81
N ALA A 101 -10.23 -4.68 10.88
CA ALA A 101 -11.03 -3.91 11.77
C ALA A 101 -12.47 -3.86 11.28
N THR A 102 -13.27 -3.07 11.98
CA THR A 102 -14.66 -2.88 11.63
C THR A 102 -14.87 -1.40 11.53
N ASP A 103 -13.73 -0.75 11.38
CA ASP A 103 -13.59 0.67 11.31
C ASP A 103 -14.87 1.39 10.87
N SER A 104 -15.80 1.53 11.80
CA SER A 104 -17.06 2.22 11.53
C SER A 104 -16.95 3.66 11.99
N THR A 105 -15.75 4.01 12.41
CA THR A 105 -15.45 5.35 12.88
C THR A 105 -14.47 6.07 11.97
N PHE A 106 -13.19 5.76 12.17
CA PHE A 106 -12.13 6.36 11.41
C PHE A 106 -10.84 5.62 11.70
N SER A 107 -10.89 4.82 12.76
CA SER A 107 -9.76 3.97 13.17
C SER A 107 -8.53 4.73 13.67
N LEU A 108 -8.38 6.00 13.31
CA LEU A 108 -7.23 6.75 13.76
C LEU A 108 -7.29 6.94 15.21
N ASP A 109 -8.50 6.91 15.67
CA ASP A 109 -8.76 7.06 17.07
C ASP A 109 -9.33 5.76 17.54
N GLN A 110 -9.17 4.79 16.65
CA GLN A 110 -9.61 3.43 16.79
C GLN A 110 -10.37 3.15 18.08
N PRO A 111 -11.59 2.62 17.94
CA PRO A 111 -12.44 2.26 19.07
C PRO A 111 -11.94 1.02 19.77
N GLY A 112 -10.83 0.47 19.27
CA GLY A 112 -10.24 -0.71 19.86
C GLY A 112 -8.82 -0.93 19.42
N GLY A 113 -8.58 -0.84 18.12
CA GLY A 113 -7.23 -1.03 17.59
C GLY A 113 -7.07 -2.33 16.85
N THR A 114 -7.25 -2.29 15.53
CA THR A 114 -7.11 -3.44 14.69
C THR A 114 -6.51 -3.06 13.38
N LEU A 115 -6.92 -1.89 12.93
CA LEU A 115 -6.51 -1.38 11.66
C LEU A 115 -6.50 -2.48 10.65
N ASP A 116 -5.94 -2.19 9.53
CA ASP A 116 -5.77 -3.16 8.50
C ASP A 116 -4.98 -2.50 7.38
N LEU A 117 -5.23 -2.86 6.14
CA LEU A 117 -4.45 -2.33 5.06
C LEU A 117 -5.08 -1.17 4.33
N THR A 118 -6.38 -1.23 4.14
CA THR A 118 -7.09 -0.19 3.39
C THR A 118 -7.27 1.06 4.24
N LEU A 119 -7.29 0.87 5.55
CA LEU A 119 -7.39 1.99 6.47
C LEU A 119 -6.00 2.61 6.59
N ILE A 120 -5.03 1.73 6.75
CA ILE A 120 -3.65 2.12 6.79
C ILE A 120 -3.34 2.87 5.51
N ARG A 121 -3.97 2.35 4.49
CA ARG A 121 -3.91 2.83 3.14
C ARG A 121 -4.65 4.11 3.03
N ALA A 122 -5.63 4.18 3.88
CA ALA A 122 -6.46 5.32 3.99
C ALA A 122 -5.67 6.52 4.51
N ARG A 123 -4.83 6.29 5.53
CA ARG A 123 -4.02 7.37 6.07
C ARG A 123 -3.27 7.93 4.92
N LEU A 124 -2.55 7.02 4.30
CA LEU A 124 -1.81 7.30 3.11
C LEU A 124 -2.65 8.08 2.15
N GLN A 125 -3.88 7.59 2.00
CA GLN A 125 -4.81 8.15 1.08
C GLN A 125 -5.47 9.43 1.61
N GLU A 126 -6.55 9.19 2.34
CA GLU A 126 -7.40 10.21 2.94
C GLU A 126 -8.73 9.57 3.30
N LYS A 127 -8.83 8.27 3.06
CA LYS A 127 -10.00 7.51 3.37
C LYS A 127 -10.10 7.44 4.84
N LEU A 128 -8.93 7.41 5.41
CA LEU A 128 -8.77 7.37 6.86
C LEU A 128 -9.44 8.59 7.47
N SER A 129 -8.74 9.67 7.40
CA SER A 129 -9.21 10.96 7.88
C SER A 129 -8.43 12.04 7.23
N PRO A 130 -7.12 12.07 7.44
CA PRO A 130 -6.28 13.05 6.90
C PRO A 130 -5.30 12.39 5.91
N PRO A 131 -4.08 12.90 5.74
CA PRO A 131 -3.07 12.31 4.88
C PRO A 131 -2.02 11.58 5.73
N TYR A 132 -1.07 10.92 5.07
CA TYR A 132 0.02 10.27 5.78
C TYR A 132 0.74 11.29 6.66
N SER A 133 2.02 11.03 6.87
CA SER A 133 2.87 11.91 7.66
C SER A 133 4.19 11.24 7.91
N SER A 134 4.14 9.94 7.82
CA SER A 134 5.32 9.13 8.04
C SER A 134 5.06 7.75 7.50
N PRO A 135 6.07 7.09 6.93
CA PRO A 135 5.88 5.76 6.42
C PRO A 135 5.45 4.90 7.56
N GLN A 136 5.88 5.31 8.73
CA GLN A 136 5.53 4.64 9.92
C GLN A 136 4.04 4.73 10.15
N GLU A 137 3.44 5.84 9.75
CA GLU A 137 2.02 6.02 9.90
C GLU A 137 1.30 4.72 9.51
N PHE A 138 1.44 4.31 8.27
CA PHE A 138 0.78 3.15 7.79
C PHE A 138 1.61 1.92 8.04
N ALA A 139 2.90 1.97 7.74
CA ALA A 139 3.79 0.84 7.95
C ALA A 139 3.76 0.37 9.37
N GLN A 140 4.09 1.26 10.29
CA GLN A 140 4.09 0.89 11.64
C GLN A 140 2.73 0.38 11.99
N ASP A 141 1.73 1.00 11.36
CA ASP A 141 0.38 0.56 11.54
C ASP A 141 0.31 -0.86 11.02
N VAL A 142 0.98 -1.15 9.93
CA VAL A 142 1.04 -2.48 9.40
C VAL A 142 1.56 -3.39 10.45
N GLY A 143 2.47 -2.87 11.25
CA GLY A 143 3.02 -3.64 12.32
C GLY A 143 1.99 -3.86 13.40
N ARG A 144 0.98 -2.99 13.42
CA ARG A 144 -0.12 -3.10 14.34
C ARG A 144 -1.04 -4.13 13.74
N MET A 145 -1.38 -3.83 12.51
CA MET A 145 -2.16 -4.66 11.67
C MET A 145 -1.81 -6.08 11.94
N PHE A 146 -0.55 -6.26 11.72
CA PHE A 146 0.14 -7.50 11.89
C PHE A 146 -0.10 -8.00 13.28
N LYS A 147 0.06 -7.11 14.22
CA LYS A 147 -0.09 -7.38 15.61
C LYS A 147 -1.48 -7.85 16.01
N GLN A 148 -2.48 -6.99 15.84
CA GLN A 148 -3.84 -7.34 16.21
C GLN A 148 -4.26 -8.55 15.44
N PHE A 149 -4.08 -8.48 14.14
CA PHE A 149 -4.42 -9.56 13.24
C PHE A 149 -3.69 -10.81 13.64
N ASN A 150 -2.46 -10.66 14.06
CA ASN A 150 -1.69 -11.82 14.47
C ASN A 150 -2.42 -12.48 15.62
N LYS A 151 -3.30 -11.69 16.20
CA LYS A 151 -4.16 -12.14 17.27
C LYS A 151 -5.56 -12.43 16.75
N LEU A 152 -5.83 -11.95 15.54
CA LEU A 152 -7.13 -12.14 14.90
C LEU A 152 -7.11 -13.40 14.09
N THR A 153 -6.00 -13.57 13.39
CA THR A 153 -5.76 -14.74 12.56
C THR A 153 -6.60 -15.90 13.04
N GLU A 154 -6.11 -16.46 14.12
CA GLU A 154 -6.71 -17.62 14.79
C GLU A 154 -6.93 -18.80 13.85
N ASP A 155 -6.88 -18.53 12.56
CA ASP A 155 -7.12 -19.52 11.55
C ASP A 155 -5.79 -19.96 10.98
N LYS A 156 -4.91 -18.99 10.90
CA LYS A 156 -3.57 -19.16 10.41
C LYS A 156 -2.68 -19.79 11.46
N ALA A 157 -1.37 -19.64 11.29
CA ALA A 157 -0.44 -20.16 12.25
C ALA A 157 -0.47 -19.25 13.45
N ASP A 158 -1.11 -18.13 13.13
CA ASP A 158 -1.36 -17.03 14.03
C ASP A 158 -0.31 -15.98 13.82
N VAL A 159 0.90 -16.45 13.73
CA VAL A 159 2.04 -15.62 13.51
C VAL A 159 2.48 -15.64 12.09
N GLN A 160 2.94 -16.78 11.67
CA GLN A 160 3.49 -17.00 10.33
C GLN A 160 2.65 -16.42 9.20
N SER A 161 1.42 -16.01 9.46
CA SER A 161 0.61 -15.44 8.40
C SER A 161 1.00 -14.00 8.37
N ILE A 162 1.12 -13.52 9.58
CA ILE A 162 1.54 -12.21 9.84
C ILE A 162 2.97 -12.06 9.46
N ILE A 163 3.78 -13.03 9.84
CA ILE A 163 5.14 -13.03 9.47
C ILE A 163 5.24 -12.92 7.98
N GLY A 164 4.28 -13.55 7.31
CA GLY A 164 4.27 -13.53 5.87
C GLY A 164 4.30 -12.13 5.34
N LEU A 165 3.31 -11.29 5.65
CA LEU A 165 3.42 -9.94 5.17
C LEU A 165 4.61 -9.34 5.85
N GLN A 166 4.65 -9.50 7.17
CA GLN A 166 5.72 -8.93 7.93
C GLN A 166 7.04 -8.95 7.14
N ARG A 167 7.33 -10.06 6.44
CA ARG A 167 8.51 -10.15 5.62
C ARG A 167 8.33 -9.33 4.35
N PHE A 168 7.27 -9.66 3.61
CA PHE A 168 6.94 -8.97 2.37
C PHE A 168 6.88 -7.48 2.66
N PHE A 169 6.01 -7.14 3.58
CA PHE A 169 5.90 -5.82 4.12
C PHE A 169 7.23 -5.12 4.10
N GLU A 170 8.05 -5.59 5.02
CA GLU A 170 9.37 -5.06 5.29
C GLU A 170 10.33 -5.13 4.14
N THR A 171 10.04 -5.95 3.16
CA THR A 171 10.91 -6.14 2.02
C THR A 171 10.62 -5.14 0.91
N ARG A 172 9.35 -4.89 0.62
CA ARG A 172 9.03 -3.94 -0.42
C ARG A 172 9.27 -2.62 0.22
N MET A 173 9.06 -2.65 1.52
CA MET A 173 9.34 -1.53 2.36
C MET A 173 10.86 -1.41 2.44
N ASN A 174 11.55 -2.55 2.28
CA ASN A 174 13.02 -2.57 2.29
C ASN A 174 13.53 -2.00 0.99
N GLU A 175 12.84 -2.39 -0.06
CA GLU A 175 13.17 -1.98 -1.40
C GLU A 175 13.03 -0.49 -1.56
N ALA A 176 11.78 -0.07 -1.57
CA ALA A 176 11.41 1.32 -1.67
C ALA A 176 12.26 2.23 -0.80
N PHE A 177 12.44 1.84 0.46
CA PHE A 177 13.21 2.64 1.42
C PHE A 177 14.70 2.70 1.08
N GLY A 178 15.24 1.63 0.52
CA GLY A 178 16.65 1.61 0.17
C GLY A 178 16.87 1.74 -1.31
N ASP A 179 16.43 0.74 -2.03
CA ASP A 179 16.54 0.70 -3.47
C ASP A 179 15.58 -0.34 -4.00
N THR A 180 15.87 -1.59 -3.67
CA THR A 180 15.07 -2.74 -4.04
C THR A 180 15.90 -4.00 -4.03
N LYS A 181 15.54 -4.90 -3.15
CA LYS A 181 16.21 -6.17 -2.99
C LYS A 181 15.97 -7.03 -4.21
N PHE A 182 15.29 -6.44 -5.14
CA PHE A 182 14.97 -7.11 -6.41
C PHE A 182 16.25 -7.46 -7.15
N SER A 183 17.35 -6.84 -6.69
CA SER A 183 18.67 -7.06 -7.27
C SER A 183 19.73 -6.71 -6.24
N ALA A 184 20.42 -7.73 -5.72
CA ALA A 184 21.45 -7.52 -4.73
C ALA A 184 22.61 -6.75 -5.30
N VAL A 185 22.96 -5.69 -4.60
CA VAL A 185 24.05 -4.80 -4.97
C VAL A 185 24.43 -4.03 -3.73
N LEU A 186 24.11 -4.63 -2.59
CA LEU A 186 24.40 -4.05 -1.29
C LEU A 186 23.64 -2.76 -1.12
N VAL A 187 22.71 -2.60 -2.02
CA VAL A 187 21.81 -1.45 -2.06
C VAL A 187 20.85 -1.43 -0.88
N GLU A 188 21.16 -2.20 0.13
CA GLU A 188 20.35 -2.29 1.33
C GLU A 188 20.33 -0.95 2.07
N PRO A 189 19.21 -0.62 2.74
CA PRO A 189 19.07 0.63 3.48
C PRO A 189 19.92 0.65 4.75
ZN ZN B . -9.62 -6.41 -5.95
ZN ZN C . 4.16 -3.72 -11.64
N SER A 1 -6.18 -17.67 -17.18
CA SER A 1 -6.22 -16.20 -17.34
C SER A 1 -7.44 -15.61 -16.64
N ALA A 2 -7.24 -15.09 -15.43
CA ALA A 2 -8.32 -14.50 -14.66
C ALA A 2 -8.02 -13.07 -14.29
N THR A 3 -6.79 -12.65 -14.51
CA THR A 3 -6.37 -11.31 -14.13
C THR A 3 -6.40 -11.18 -12.63
N ILE A 4 -7.60 -11.08 -12.09
CA ILE A 4 -7.86 -10.98 -10.67
C ILE A 4 -7.00 -9.99 -9.97
N CYS A 5 -7.69 -9.08 -9.34
CA CYS A 5 -7.07 -8.06 -8.56
C CYS A 5 -6.28 -8.74 -7.49
N ARG A 6 -5.11 -9.28 -7.85
CA ARG A 6 -4.30 -10.07 -6.92
C ARG A 6 -4.58 -9.73 -5.46
N VAL A 7 -4.81 -8.45 -5.21
CA VAL A 7 -5.13 -7.97 -3.88
C VAL A 7 -6.33 -8.76 -3.43
N CYS A 8 -7.40 -8.63 -4.20
CA CYS A 8 -8.62 -9.37 -3.96
C CYS A 8 -8.48 -10.80 -4.47
N GLN A 9 -7.87 -10.88 -5.66
CA GLN A 9 -7.70 -12.09 -6.43
C GLN A 9 -8.99 -12.38 -7.15
N LYS A 10 -9.78 -11.33 -7.33
CA LYS A 10 -11.01 -11.41 -8.04
C LYS A 10 -10.88 -10.86 -9.43
N PRO A 11 -11.38 -11.59 -10.39
CA PRO A 11 -11.34 -11.18 -11.77
C PRO A 11 -12.19 -9.96 -11.95
N GLY A 12 -11.79 -9.15 -12.88
CA GLY A 12 -12.54 -7.95 -13.13
C GLY A 12 -11.78 -6.97 -13.97
N ASP A 13 -12.18 -5.72 -13.89
CA ASP A 13 -11.52 -4.68 -14.61
C ASP A 13 -10.25 -4.30 -13.89
N LEU A 14 -9.45 -5.29 -13.55
CA LEU A 14 -8.22 -5.04 -12.88
C LEU A 14 -7.22 -4.48 -13.82
N VAL A 15 -6.23 -3.88 -13.23
CA VAL A 15 -5.13 -3.40 -14.00
C VAL A 15 -4.09 -4.45 -13.95
N MET A 16 -3.87 -5.09 -15.05
CA MET A 16 -2.91 -6.15 -15.08
C MET A 16 -1.55 -5.56 -15.32
N CYS A 17 -0.80 -5.42 -14.22
CA CYS A 17 0.53 -4.86 -14.24
C CYS A 17 1.14 -5.00 -15.61
N ASN A 18 1.36 -3.87 -16.28
CA ASN A 18 1.91 -3.93 -17.60
C ASN A 18 3.29 -4.56 -17.55
N GLN A 19 3.70 -4.93 -16.33
CA GLN A 19 5.00 -5.54 -16.15
C GLN A 19 4.95 -6.93 -15.50
N CYS A 20 4.00 -7.17 -14.58
CA CYS A 20 4.02 -8.49 -13.92
C CYS A 20 2.66 -9.10 -13.60
N GLU A 21 1.73 -9.04 -14.56
CA GLU A 21 0.41 -9.61 -14.42
C GLU A 21 -0.27 -9.30 -13.07
N PHE A 22 0.34 -8.42 -12.29
CA PHE A 22 -0.21 -8.02 -11.01
C PHE A 22 -1.42 -7.12 -11.22
N CYS A 23 -2.63 -7.67 -11.03
CA CYS A 23 -3.85 -6.93 -11.24
C CYS A 23 -4.43 -6.37 -9.98
N PHE A 24 -4.89 -5.17 -10.09
CA PHE A 24 -5.50 -4.47 -8.98
C PHE A 24 -6.78 -3.81 -9.33
N HIS A 25 -7.71 -3.83 -8.42
CA HIS A 25 -8.89 -3.02 -8.65
C HIS A 25 -8.36 -1.66 -8.38
N LEU A 26 -8.25 -0.91 -9.41
CA LEU A 26 -7.78 0.43 -9.30
C LEU A 26 -7.98 0.99 -7.94
N ASP A 27 -9.19 0.90 -7.53
CA ASP A 27 -9.58 1.40 -6.24
C ASP A 27 -8.83 0.66 -5.15
N CYS A 28 -8.71 -0.65 -5.32
CA CYS A 28 -7.94 -1.46 -4.42
C CYS A 28 -6.52 -0.91 -4.41
N HIS A 29 -6.06 -0.41 -5.59
CA HIS A 29 -4.73 0.16 -5.70
C HIS A 29 -4.48 1.06 -4.53
N LEU A 30 -3.32 0.91 -3.95
CA LEU A 30 -2.95 1.65 -2.79
C LEU A 30 -3.37 3.10 -2.85
N PRO A 31 -2.93 3.84 -3.83
CA PRO A 31 -3.34 5.21 -3.96
C PRO A 31 -4.57 5.30 -4.83
N ALA A 32 -5.01 4.11 -5.21
CA ALA A 32 -6.17 3.92 -6.07
C ALA A 32 -5.94 4.52 -7.44
N LEU A 33 -5.97 3.67 -8.47
CA LEU A 33 -5.81 4.13 -9.82
C LEU A 33 -6.66 5.31 -10.15
N GLN A 34 -6.72 5.55 -11.43
CA GLN A 34 -7.47 6.60 -11.96
C GLN A 34 -8.30 6.07 -13.08
N ASP A 35 -7.82 4.97 -13.61
CA ASP A 35 -8.45 4.33 -14.73
C ASP A 35 -7.51 3.35 -15.36
N VAL A 36 -7.88 2.14 -15.14
CA VAL A 36 -7.16 0.99 -15.57
C VAL A 36 -6.09 1.19 -16.60
N PRO A 37 -4.92 1.53 -16.08
CA PRO A 37 -3.68 1.65 -16.85
C PRO A 37 -3.24 0.33 -17.40
N GLY A 38 -4.19 -0.55 -17.56
CA GLY A 38 -3.95 -1.88 -18.07
C GLY A 38 -3.07 -1.87 -19.29
N GLU A 39 -3.00 -0.71 -19.87
CA GLU A 39 -2.21 -0.47 -21.05
C GLU A 39 -0.71 -0.47 -20.74
N GLU A 40 -0.29 0.33 -19.75
CA GLU A 40 1.11 0.42 -19.42
C GLU A 40 1.39 0.59 -17.94
N TRP A 41 0.45 0.23 -17.09
CA TRP A 41 0.65 0.32 -15.67
C TRP A 41 1.84 -0.53 -15.31
N SER A 42 1.95 -0.78 -14.08
CA SER A 42 3.00 -1.62 -13.54
C SER A 42 2.76 -1.72 -12.05
N CYS A 43 1.73 -2.47 -11.70
CA CYS A 43 1.33 -2.63 -10.30
C CYS A 43 2.33 -1.96 -9.35
N SER A 44 1.92 -0.84 -8.74
CA SER A 44 2.78 -0.04 -7.84
C SER A 44 4.11 -0.68 -7.51
N LEU A 45 4.11 -1.95 -7.04
CA LEU A 45 5.34 -2.65 -6.75
C LEU A 45 6.24 -2.67 -7.99
N CYS A 46 5.79 -1.98 -9.03
CA CYS A 46 6.49 -1.91 -10.30
C CYS A 46 6.36 -0.50 -10.91
N HIS A 47 5.29 0.20 -10.55
CA HIS A 47 5.00 1.53 -11.13
C HIS A 47 4.98 2.62 -10.11
N VAL A 48 4.44 2.31 -8.97
CA VAL A 48 4.27 3.28 -7.92
C VAL A 48 3.56 4.55 -8.44
N LEU A 49 3.36 5.52 -7.56
CA LEU A 49 2.69 6.76 -7.93
C LEU A 49 3.11 7.28 -9.30
N PRO A 50 2.16 7.94 -9.99
CA PRO A 50 2.36 8.51 -11.32
C PRO A 50 3.52 9.46 -11.36
N ASP A 51 3.66 10.11 -10.23
CA ASP A 51 4.72 11.08 -9.97
C ASP A 51 4.41 12.43 -10.55
N LEU A 52 3.33 12.50 -11.31
CA LEU A 52 2.89 13.73 -11.91
C LEU A 52 4.01 14.53 -12.53
N LYS A 53 4.29 14.23 -13.79
CA LYS A 53 5.33 14.90 -14.54
C LYS A 53 5.30 16.41 -14.31
N GLU A 54 4.13 17.02 -14.55
CA GLU A 54 3.96 18.45 -14.38
C GLU A 54 5.18 19.24 -14.78
N GLU A 55 5.65 19.02 -16.01
CA GLU A 55 6.83 19.69 -16.52
C GLU A 55 6.46 20.90 -17.36
N ASP A 56 5.23 21.36 -17.19
CA ASP A 56 4.71 22.52 -17.91
C ASP A 56 5.00 22.41 -19.39
N GLY A 57 5.00 23.55 -20.07
CA GLY A 57 5.23 23.54 -21.51
C GLY A 57 4.00 23.02 -22.22
N SER A 58 3.04 22.58 -21.42
CA SER A 58 1.79 22.05 -21.93
C SER A 58 0.67 22.33 -20.94
N LEU A 59 1.05 22.89 -19.77
CA LEU A 59 0.12 23.25 -18.72
C LEU A 59 -0.31 22.01 -17.97
N SER A 60 -0.11 22.04 -16.66
CA SER A 60 -0.42 20.91 -15.83
C SER A 60 -0.38 21.38 -14.40
N LEU A 61 0.72 22.03 -14.07
CA LEU A 61 0.90 22.60 -12.76
C LEU A 61 2.25 23.29 -12.61
N ASP A 62 2.81 23.75 -13.74
CA ASP A 62 4.10 24.43 -13.75
C ASP A 62 5.23 23.50 -13.31
N GLY A 63 6.39 23.70 -13.91
CA GLY A 63 7.55 22.88 -13.60
C GLY A 63 7.85 22.83 -12.12
N ALA A 64 8.40 23.92 -11.61
CA ALA A 64 8.77 23.99 -10.21
C ALA A 64 7.63 23.60 -9.28
N ASP A 65 7.96 23.22 -8.06
CA ASP A 65 6.96 22.82 -7.07
C ASP A 65 6.04 21.74 -7.64
N SER A 66 6.50 20.50 -7.60
CA SER A 66 5.72 19.37 -8.12
C SER A 66 6.28 18.04 -7.65
N THR A 67 5.70 16.96 -8.15
CA THR A 67 6.12 15.61 -7.79
C THR A 67 5.85 15.35 -6.32
N GLY A 68 4.73 14.70 -6.05
CA GLY A 68 4.36 14.42 -4.67
C GLY A 68 3.77 15.65 -4.01
N VAL A 69 4.48 16.76 -4.14
CA VAL A 69 4.06 18.04 -3.59
C VAL A 69 3.25 17.88 -2.30
N VAL A 70 3.92 17.59 -1.19
CA VAL A 70 3.28 17.41 0.07
C VAL A 70 4.23 17.65 1.21
N ALA A 71 5.43 17.12 1.08
CA ALA A 71 6.47 17.29 2.10
C ALA A 71 5.93 16.99 3.49
N LYS A 72 5.00 16.07 3.48
CA LYS A 72 4.33 15.57 4.68
C LYS A 72 5.06 14.30 5.00
N LEU A 73 5.10 13.55 3.96
CA LEU A 73 5.81 12.33 3.84
C LEU A 73 6.96 12.62 2.93
N SER A 74 6.50 13.04 1.76
CA SER A 74 7.29 13.41 0.61
C SER A 74 7.04 12.41 -0.51
N PRO A 75 6.95 12.90 -1.75
CA PRO A 75 6.68 12.12 -2.95
C PRO A 75 7.12 10.69 -2.81
N ALA A 76 8.36 10.56 -2.40
CA ALA A 76 9.01 9.29 -2.23
C ALA A 76 8.55 8.55 -0.99
N ASN A 77 8.53 9.24 0.14
CA ASN A 77 8.13 8.63 1.39
C ASN A 77 6.76 8.01 1.24
N GLN A 78 5.88 8.69 0.53
CA GLN A 78 4.55 8.20 0.30
C GLN A 78 4.63 7.04 -0.65
N ARG A 79 5.61 7.15 -1.52
CA ARG A 79 5.88 6.15 -2.51
C ARG A 79 6.22 4.81 -1.87
N LYS A 80 7.21 4.84 -0.99
CA LYS A 80 7.71 3.66 -0.32
C LYS A 80 6.66 2.97 0.56
N CYS A 81 5.87 3.76 1.25
CA CYS A 81 4.90 3.21 2.12
C CYS A 81 3.77 2.69 1.27
N GLU A 82 3.30 3.51 0.33
CA GLU A 82 2.27 3.05 -0.57
C GLU A 82 2.76 1.80 -1.28
N ARG A 83 4.07 1.57 -1.22
CA ARG A 83 4.68 0.41 -1.85
C ARG A 83 4.49 -0.77 -0.93
N VAL A 84 4.35 -0.45 0.35
CA VAL A 84 4.13 -1.44 1.41
C VAL A 84 2.70 -1.87 1.54
N LEU A 85 1.77 -0.93 1.65
CA LEU A 85 0.40 -1.27 1.78
C LEU A 85 0.05 -2.04 0.58
N LEU A 86 0.51 -1.53 -0.54
CA LEU A 86 0.34 -2.16 -1.78
C LEU A 86 0.97 -3.53 -1.73
N ALA A 87 2.29 -3.56 -1.57
CA ALA A 87 3.02 -4.81 -1.49
C ALA A 87 2.21 -5.80 -0.79
N LEU A 88 1.74 -5.33 0.34
CA LEU A 88 0.95 -6.10 1.19
C LEU A 88 -0.31 -6.52 0.46
N PHE A 89 -1.20 -5.56 0.22
CA PHE A 89 -2.46 -5.83 -0.48
C PHE A 89 -2.29 -6.93 -1.52
N CYS A 90 -1.33 -6.70 -2.41
CA CYS A 90 -1.00 -7.63 -3.50
C CYS A 90 -0.93 -9.10 -3.08
N HIS A 91 -0.35 -9.40 -1.92
CA HIS A 91 -0.20 -10.78 -1.53
C HIS A 91 -1.43 -11.39 -0.86
N GLU A 92 -1.29 -12.64 -0.40
CA GLU A 92 -2.41 -13.38 0.17
C GLU A 92 -2.72 -13.08 1.65
N PRO A 93 -1.76 -13.36 2.56
CA PRO A 93 -1.97 -13.18 3.99
C PRO A 93 -2.52 -11.79 4.34
N CYS A 94 -2.34 -10.86 3.43
CA CYS A 94 -2.89 -9.54 3.65
C CYS A 94 -4.34 -9.56 3.24
N ARG A 95 -4.72 -10.34 2.21
CA ARG A 95 -6.13 -10.37 1.80
C ARG A 95 -7.00 -10.31 3.05
N PRO A 96 -6.64 -11.04 4.13
CA PRO A 96 -7.36 -10.93 5.41
C PRO A 96 -7.07 -9.57 6.04
N LEU A 97 -5.78 -9.21 6.12
CA LEU A 97 -5.38 -7.93 6.67
C LEU A 97 -6.07 -6.75 6.02
N HIS A 98 -6.38 -6.92 4.76
CA HIS A 98 -6.98 -5.92 3.94
C HIS A 98 -8.02 -5.13 4.69
N GLN A 99 -8.92 -5.84 5.33
CA GLN A 99 -9.99 -5.22 6.05
C GLN A 99 -10.17 -5.84 7.43
N LEU A 100 -9.08 -5.87 8.17
CA LEU A 100 -9.05 -6.41 9.52
C LEU A 100 -10.19 -5.90 10.37
N ALA A 101 -10.15 -4.60 10.61
CA ALA A 101 -11.13 -3.94 11.44
C ALA A 101 -12.49 -3.88 10.75
N THR A 102 -13.16 -2.73 10.86
CA THR A 102 -14.45 -2.52 10.23
C THR A 102 -14.43 -1.17 9.56
N ASP A 103 -13.20 -0.72 9.37
CA ASP A 103 -12.87 0.56 8.79
C ASP A 103 -14.09 1.43 8.49
N SER A 104 -14.45 2.26 9.46
CA SER A 104 -15.60 3.16 9.34
C SER A 104 -15.49 4.26 10.38
N THR A 105 -14.30 4.84 10.50
CA THR A 105 -14.01 5.89 11.47
C THR A 105 -14.34 5.42 12.88
N PHE A 106 -13.32 4.98 13.58
CA PHE A 106 -13.45 4.44 14.91
C PHE A 106 -12.09 4.07 15.46
N SER A 107 -11.22 3.54 14.59
CA SER A 107 -9.88 3.13 14.97
C SER A 107 -9.10 4.38 15.19
N LEU A 108 -9.45 5.38 14.41
CA LEU A 108 -8.86 6.68 14.48
C LEU A 108 -9.41 7.40 15.69
N ASP A 109 -10.52 6.86 16.17
CA ASP A 109 -11.21 7.39 17.32
C ASP A 109 -10.94 6.50 18.50
N GLN A 110 -10.20 5.47 18.20
CA GLN A 110 -9.81 4.48 19.12
C GLN A 110 -8.46 4.81 19.73
N PRO A 111 -8.13 4.05 20.76
CA PRO A 111 -6.88 4.15 21.48
C PRO A 111 -5.77 3.42 20.73
N GLY A 112 -6.07 3.10 19.48
CA GLY A 112 -5.12 2.42 18.62
C GLY A 112 -5.80 1.74 17.45
N GLY A 113 -7.06 1.37 17.62
CA GLY A 113 -7.81 0.73 16.55
C GLY A 113 -7.27 -0.65 16.20
N THR A 114 -7.98 -1.35 15.32
CA THR A 114 -7.57 -2.67 14.89
C THR A 114 -6.73 -2.58 13.68
N LEU A 115 -6.85 -1.49 13.00
CA LEU A 115 -6.13 -1.29 11.83
C LEU A 115 -6.33 -2.38 10.84
N ASP A 116 -5.97 -2.04 9.65
CA ASP A 116 -6.04 -2.95 8.58
C ASP A 116 -5.31 -2.29 7.43
N LEU A 117 -5.58 -2.70 6.23
CA LEU A 117 -4.85 -2.19 5.12
C LEU A 117 -5.43 -0.97 4.54
N THR A 118 -6.73 -0.94 4.54
CA THR A 118 -7.46 0.17 3.99
C THR A 118 -7.45 1.28 5.02
N LEU A 119 -7.48 0.84 6.26
CA LEU A 119 -7.40 1.69 7.41
C LEU A 119 -6.16 2.55 7.28
N ILE A 120 -5.08 1.83 7.24
CA ILE A 120 -3.77 2.35 7.10
C ILE A 120 -3.62 3.03 5.74
N ARG A 121 -4.14 2.34 4.74
CA ARG A 121 -4.14 2.79 3.36
C ARG A 121 -4.59 4.18 3.29
N ALA A 122 -5.49 4.41 4.16
CA ALA A 122 -6.10 5.67 4.28
C ALA A 122 -5.16 6.69 4.87
N ARG A 123 -4.45 6.35 5.96
CA ARG A 123 -3.51 7.32 6.52
C ARG A 123 -2.83 7.96 5.36
N LEU A 124 -2.19 7.10 4.60
CA LEU A 124 -1.57 7.50 3.37
C LEU A 124 -2.46 8.46 2.61
N GLN A 125 -3.74 8.13 2.59
CA GLN A 125 -4.68 8.93 1.86
C GLN A 125 -5.35 10.01 2.72
N GLU A 126 -6.40 9.60 3.46
CA GLU A 126 -7.19 10.50 4.32
C GLU A 126 -8.50 9.81 4.69
N LYS A 127 -8.81 8.77 3.92
CA LYS A 127 -10.00 7.95 4.11
C LYS A 127 -10.20 7.64 5.58
N LEU A 128 -9.08 7.50 6.23
CA LEU A 128 -9.02 7.17 7.65
C LEU A 128 -9.43 8.35 8.53
N SER A 129 -8.66 9.39 8.46
CA SER A 129 -8.89 10.64 9.17
C SER A 129 -8.10 11.75 8.52
N PRO A 130 -6.84 12.04 8.90
CA PRO A 130 -6.11 13.08 8.26
C PRO A 130 -5.11 12.48 7.24
N PRO A 131 -3.98 13.14 6.92
CA PRO A 131 -2.99 12.64 5.95
C PRO A 131 -1.80 11.95 6.59
N TYR A 132 -1.10 11.10 5.82
CA TYR A 132 0.08 10.46 6.26
C TYR A 132 1.13 11.51 6.52
N SER A 133 2.05 11.20 7.37
CA SER A 133 3.13 12.10 7.65
C SER A 133 4.42 11.35 7.73
N SER A 134 4.34 10.04 7.57
CA SER A 134 5.52 9.21 7.60
C SER A 134 5.18 7.81 7.16
N PRO A 135 6.00 7.21 6.30
CA PRO A 135 5.77 5.85 5.84
C PRO A 135 5.69 4.93 7.02
N GLN A 136 6.15 5.42 8.15
CA GLN A 136 6.11 4.68 9.38
C GLN A 136 4.73 4.87 10.02
N GLU A 137 4.06 5.98 9.70
CA GLU A 137 2.74 6.23 10.21
C GLU A 137 1.89 4.97 10.02
N PHE A 138 1.79 4.54 8.76
CA PHE A 138 0.99 3.39 8.44
C PHE A 138 1.76 2.11 8.65
N ALA A 139 3.02 2.09 8.25
CA ALA A 139 3.84 0.89 8.41
C ALA A 139 3.80 0.43 9.85
N GLN A 140 3.95 1.37 10.75
CA GLN A 140 3.91 1.07 12.14
C GLN A 140 2.52 0.57 12.48
N ASP A 141 1.56 1.12 11.77
CA ASP A 141 0.17 0.75 11.93
C ASP A 141 -0.04 -0.61 11.31
N VAL A 142 0.92 -1.01 10.48
CA VAL A 142 0.95 -2.29 9.85
C VAL A 142 1.47 -3.27 10.85
N GLY A 143 2.48 -2.85 11.56
CA GLY A 143 3.00 -3.69 12.59
C GLY A 143 1.88 -3.94 13.56
N ARG A 144 0.98 -2.99 13.59
CA ARG A 144 -0.19 -3.04 14.40
C ARG A 144 -1.19 -3.93 13.77
N MET A 145 -1.35 -3.70 12.46
CA MET A 145 -2.21 -4.48 11.65
C MET A 145 -1.96 -5.88 12.07
N PHE A 146 -0.71 -6.19 11.82
CA PHE A 146 -0.05 -7.44 12.09
C PHE A 146 -0.40 -7.95 13.48
N LYS A 147 -0.50 -7.06 14.44
CA LYS A 147 -0.84 -7.47 15.78
C LYS A 147 -2.22 -8.11 15.88
N GLN A 148 -3.25 -7.39 15.46
CA GLN A 148 -4.61 -7.92 15.54
C GLN A 148 -4.85 -8.80 14.34
N PHE A 149 -4.00 -8.58 13.38
CA PHE A 149 -3.98 -9.30 12.14
C PHE A 149 -3.54 -10.71 12.42
N ASN A 150 -2.62 -10.81 13.36
CA ASN A 150 -2.06 -12.09 13.77
C ASN A 150 -2.96 -12.76 14.79
N LYS A 151 -3.76 -11.96 15.47
CA LYS A 151 -4.69 -12.47 16.47
C LYS A 151 -6.04 -12.84 15.84
N LEU A 152 -6.32 -12.23 14.69
CA LEU A 152 -7.56 -12.42 13.97
C LEU A 152 -7.39 -13.46 12.89
N THR A 153 -6.14 -13.79 12.62
CA THR A 153 -5.82 -14.78 11.62
C THR A 153 -6.17 -16.18 12.09
N GLU A 154 -7.17 -16.22 12.95
CA GLU A 154 -7.69 -17.45 13.50
C GLU A 154 -8.18 -18.31 12.37
N ASP A 155 -8.72 -17.63 11.37
CA ASP A 155 -9.23 -18.26 10.18
C ASP A 155 -8.06 -18.65 9.29
N LYS A 156 -6.98 -17.88 9.43
CA LYS A 156 -5.77 -18.07 8.68
C LYS A 156 -4.86 -19.09 9.37
N ALA A 157 -3.55 -18.85 9.34
CA ALA A 157 -2.62 -19.72 9.98
C ALA A 157 -2.53 -19.32 11.44
N ASP A 158 -2.06 -18.10 11.61
CA ASP A 158 -1.91 -17.45 12.89
C ASP A 158 -0.86 -16.37 12.79
N VAL A 159 0.37 -16.81 12.84
CA VAL A 159 1.52 -15.96 12.77
C VAL A 159 2.08 -15.90 11.39
N GLN A 160 2.57 -17.03 10.97
CA GLN A 160 3.24 -17.18 9.68
C GLN A 160 2.50 -16.54 8.51
N SER A 161 1.28 -16.06 8.72
CA SER A 161 0.55 -15.41 7.66
C SER A 161 0.95 -13.96 7.75
N ILE A 162 0.97 -13.53 8.99
CA ILE A 162 1.36 -12.23 9.40
C ILE A 162 2.84 -12.06 9.21
N ILE A 163 3.59 -13.15 9.41
CA ILE A 163 5.00 -13.15 9.25
C ILE A 163 5.40 -12.97 7.81
N GLY A 164 5.04 -13.90 6.93
CA GLY A 164 5.41 -13.74 5.54
C GLY A 164 5.05 -12.36 5.08
N LEU A 165 3.95 -11.86 5.64
CA LEU A 165 3.47 -10.53 5.38
C LEU A 165 4.34 -9.53 6.10
N GLN A 166 4.78 -9.92 7.27
CA GLN A 166 5.63 -9.09 8.08
C GLN A 166 7.00 -8.92 7.41
N ARG A 167 7.40 -9.95 6.66
CA ARG A 167 8.63 -9.95 5.93
C ARG A 167 8.44 -9.18 4.63
N PHE A 168 7.37 -9.52 3.92
CA PHE A 168 7.02 -8.88 2.66
C PHE A 168 6.81 -7.39 2.91
N PHE A 169 6.20 -7.11 4.04
CA PHE A 169 6.01 -5.78 4.55
C PHE A 169 7.29 -5.01 4.52
N GLU A 170 8.19 -5.48 5.35
CA GLU A 170 9.46 -4.88 5.54
C GLU A 170 10.36 -4.95 4.32
N THR A 171 10.09 -5.92 3.47
CA THR A 171 10.83 -6.13 2.24
C THR A 171 10.67 -4.98 1.29
N ARG A 172 9.43 -4.69 0.95
CA ARG A 172 9.13 -3.63 0.03
C ARG A 172 9.38 -2.33 0.75
N MET A 173 9.05 -2.33 2.03
CA MET A 173 9.35 -1.19 2.84
C MET A 173 10.86 -1.00 2.88
N ASN A 174 11.60 -2.08 2.57
CA ASN A 174 13.06 -2.01 2.60
C ASN A 174 13.58 -1.71 1.21
N GLU A 175 12.85 -2.24 0.27
CA GLU A 175 13.13 -2.10 -1.13
C GLU A 175 13.03 -0.63 -1.52
N ALA A 176 11.95 -0.04 -1.06
CA ALA A 176 11.63 1.35 -1.30
C ALA A 176 12.45 2.33 -0.46
N PHE A 177 12.63 2.00 0.82
CA PHE A 177 13.35 2.88 1.74
C PHE A 177 14.87 2.89 1.53
N GLY A 178 15.32 2.71 0.29
CA GLY A 178 16.75 2.74 0.04
C GLY A 178 17.08 3.12 -1.39
N ASP A 179 16.92 2.15 -2.29
CA ASP A 179 17.20 2.35 -3.70
C ASP A 179 16.50 1.27 -4.53
N THR A 180 16.12 0.19 -3.86
CA THR A 180 15.43 -0.92 -4.47
C THR A 180 13.99 -0.57 -4.78
N LYS A 181 13.75 0.71 -4.90
CA LYS A 181 12.44 1.23 -5.23
C LYS A 181 12.30 1.22 -6.74
N PHE A 182 13.37 0.78 -7.34
CA PHE A 182 13.47 0.65 -8.80
C PHE A 182 12.27 -0.12 -9.39
N SER A 183 12.39 -0.50 -10.67
CA SER A 183 11.32 -1.23 -11.33
C SER A 183 10.81 -2.37 -10.45
N ALA A 184 11.67 -2.85 -9.56
CA ALA A 184 11.31 -3.93 -8.64
C ALA A 184 10.97 -5.21 -9.36
N VAL A 185 11.09 -5.17 -10.67
CA VAL A 185 10.79 -6.31 -11.52
C VAL A 185 12.03 -7.17 -11.74
N LEU A 186 12.99 -7.02 -10.86
CA LEU A 186 14.23 -7.77 -10.93
C LEU A 186 14.28 -8.86 -9.89
N VAL A 187 13.26 -8.86 -9.08
CA VAL A 187 13.11 -9.83 -8.00
C VAL A 187 11.85 -10.66 -8.17
N GLU A 188 11.23 -10.50 -9.34
CA GLU A 188 10.01 -11.21 -9.67
C GLU A 188 10.19 -12.72 -9.50
N PRO A 189 9.39 -13.35 -8.61
CA PRO A 189 9.48 -14.79 -8.37
C PRO A 189 9.07 -15.61 -9.60
ZN ZN B . -9.73 -5.71 -5.58
ZN ZN C . 3.97 -5.57 -11.08
N SER A 1 -3.38 -17.42 -13.42
CA SER A 1 -3.89 -17.04 -14.75
C SER A 1 -5.35 -16.61 -14.68
N ALA A 2 -5.60 -15.45 -14.09
CA ALA A 2 -6.95 -14.93 -13.95
C ALA A 2 -6.96 -13.44 -13.78
N THR A 3 -5.78 -12.82 -13.76
CA THR A 3 -5.70 -11.38 -13.55
C THR A 3 -6.01 -11.06 -12.11
N ILE A 4 -7.26 -11.23 -11.77
CA ILE A 4 -7.79 -10.99 -10.44
C ILE A 4 -6.94 -10.12 -9.57
N CYS A 5 -7.52 -8.99 -9.29
CA CYS A 5 -6.90 -7.94 -8.52
C CYS A 5 -6.03 -8.42 -7.38
N ARG A 6 -4.77 -8.68 -7.69
CA ARG A 6 -3.78 -9.15 -6.72
C ARG A 6 -4.18 -8.81 -5.29
N VAL A 7 -4.64 -7.57 -5.09
CA VAL A 7 -5.07 -7.10 -3.82
C VAL A 7 -6.03 -8.05 -3.21
N CYS A 8 -7.22 -7.98 -3.76
CA CYS A 8 -8.32 -8.76 -3.26
C CYS A 8 -8.54 -10.01 -4.10
N GLN A 9 -7.71 -10.13 -5.11
CA GLN A 9 -7.69 -11.23 -6.07
C GLN A 9 -9.01 -11.48 -6.74
N LYS A 10 -9.87 -10.48 -6.80
CA LYS A 10 -11.08 -10.67 -7.53
C LYS A 10 -10.85 -10.28 -8.97
N PRO A 11 -11.28 -11.14 -9.88
CA PRO A 11 -11.12 -10.94 -11.31
C PRO A 11 -11.86 -9.75 -11.89
N GLY A 12 -11.33 -9.27 -13.00
CA GLY A 12 -11.94 -8.19 -13.76
C GLY A 12 -11.80 -6.80 -13.19
N ASP A 13 -12.38 -5.83 -13.93
CA ASP A 13 -12.28 -4.43 -13.59
C ASP A 13 -10.87 -4.14 -13.15
N LEU A 14 -10.02 -4.98 -13.69
CA LEU A 14 -8.61 -4.98 -13.44
C LEU A 14 -7.80 -4.12 -14.35
N VAL A 15 -6.63 -3.86 -13.82
CA VAL A 15 -5.60 -3.14 -14.48
C VAL A 15 -4.32 -3.91 -14.23
N MET A 16 -3.78 -4.49 -15.28
CA MET A 16 -2.62 -5.33 -15.15
C MET A 16 -1.31 -4.60 -15.32
N CYS A 17 -0.50 -4.65 -14.27
CA CYS A 17 0.82 -4.06 -14.29
C CYS A 17 1.50 -4.48 -15.57
N ASN A 18 1.59 -3.54 -16.47
CA ASN A 18 2.14 -3.78 -17.77
C ASN A 18 3.63 -4.09 -17.68
N GLN A 19 4.12 -4.32 -16.46
CA GLN A 19 5.53 -4.61 -16.28
C GLN A 19 5.81 -5.91 -15.56
N CYS A 20 5.02 -6.26 -14.55
CA CYS A 20 5.33 -7.50 -13.82
C CYS A 20 4.30 -8.59 -13.99
N GLU A 21 3.00 -8.23 -13.88
CA GLU A 21 1.90 -9.20 -14.00
C GLU A 21 0.72 -8.83 -13.11
N PHE A 22 1.02 -8.23 -11.96
CA PHE A 22 -0.01 -7.82 -11.00
C PHE A 22 -1.27 -7.27 -11.67
N CYS A 23 -2.37 -7.27 -10.93
CA CYS A 23 -3.64 -6.79 -11.45
C CYS A 23 -4.40 -6.11 -10.33
N PHE A 24 -5.03 -5.00 -10.65
CA PHE A 24 -5.73 -4.27 -9.63
C PHE A 24 -7.06 -3.72 -10.10
N HIS A 25 -8.07 -3.92 -9.29
CA HIS A 25 -9.41 -3.41 -9.53
C HIS A 25 -9.45 -1.94 -9.69
N LEU A 26 -8.28 -1.38 -9.70
CA LEU A 26 -8.09 0.04 -9.77
C LEU A 26 -8.39 0.57 -8.38
N ASP A 27 -9.60 0.34 -7.96
CA ASP A 27 -10.05 0.79 -6.66
C ASP A 27 -9.24 0.16 -5.56
N CYS A 28 -9.01 -1.15 -5.64
CA CYS A 28 -8.23 -1.81 -4.64
C CYS A 28 -6.79 -1.31 -4.74
N HIS A 29 -6.45 -0.59 -5.83
CA HIS A 29 -5.13 -0.02 -5.95
C HIS A 29 -4.91 0.76 -4.68
N LEU A 30 -3.71 0.72 -4.14
CA LEU A 30 -3.45 1.39 -2.89
C LEU A 30 -4.10 2.76 -2.80
N PRO A 31 -3.80 3.68 -3.67
CA PRO A 31 -4.42 4.97 -3.61
C PRO A 31 -5.66 5.01 -4.48
N ALA A 32 -6.01 3.83 -4.93
CA ALA A 32 -7.16 3.62 -5.80
C ALA A 32 -7.00 4.37 -7.10
N LEU A 33 -6.83 3.60 -8.14
CA LEU A 33 -6.65 4.10 -9.46
C LEU A 33 -7.73 5.06 -9.88
N GLN A 34 -7.71 5.33 -11.16
CA GLN A 34 -8.66 6.21 -11.76
C GLN A 34 -9.78 5.44 -12.41
N ASP A 35 -9.45 4.22 -12.80
CA ASP A 35 -10.36 3.32 -13.52
C ASP A 35 -9.52 2.49 -14.43
N VAL A 36 -8.37 3.10 -14.66
CA VAL A 36 -7.27 2.55 -15.38
C VAL A 36 -6.19 3.55 -15.73
N PRO A 37 -5.05 3.27 -15.12
CA PRO A 37 -3.81 4.01 -15.23
C PRO A 37 -3.18 3.86 -16.59
N GLY A 38 -4.02 3.60 -17.55
CA GLY A 38 -3.61 3.44 -18.92
C GLY A 38 -3.29 2.02 -19.27
N GLU A 39 -3.54 1.17 -18.31
CA GLU A 39 -3.30 -0.25 -18.43
C GLU A 39 -1.82 -0.55 -18.70
N GLU A 40 -1.02 0.50 -18.89
CA GLU A 40 0.38 0.40 -19.11
C GLU A 40 1.03 0.73 -17.80
N TRP A 41 0.18 0.72 -16.80
CA TRP A 41 0.54 1.00 -15.45
C TRP A 41 1.53 -0.01 -14.95
N SER A 42 1.85 0.13 -13.71
CA SER A 42 2.79 -0.76 -13.07
C SER A 42 2.62 -0.75 -11.56
N CYS A 43 1.65 -1.51 -11.08
CA CYS A 43 1.34 -1.59 -9.64
C CYS A 43 1.52 -0.25 -8.91
N SER A 44 1.50 -0.35 -7.58
CA SER A 44 1.76 0.79 -6.72
C SER A 44 3.10 0.53 -6.05
N LEU A 45 3.72 -0.52 -6.55
CA LEU A 45 5.01 -0.98 -6.08
C LEU A 45 5.99 -0.87 -7.22
N CYS A 46 5.44 -0.96 -8.43
CA CYS A 46 6.21 -0.86 -9.65
C CYS A 46 6.11 0.56 -10.20
N HIS A 47 5.00 1.22 -9.87
CA HIS A 47 4.72 2.59 -10.33
C HIS A 47 4.45 3.52 -9.19
N VAL A 48 3.69 3.00 -8.25
CA VAL A 48 3.26 3.70 -7.04
C VAL A 48 2.70 5.08 -7.34
N LEU A 49 2.56 5.35 -8.62
CA LEU A 49 2.04 6.62 -9.09
C LEU A 49 0.57 6.54 -9.45
N PRO A 50 -0.15 7.61 -9.14
CA PRO A 50 -1.58 7.71 -9.39
C PRO A 50 -1.96 7.49 -10.85
N ASP A 51 -1.83 8.53 -11.64
CA ASP A 51 -2.15 8.46 -13.06
C ASP A 51 -1.34 9.45 -13.88
N LEU A 52 -0.43 10.13 -13.19
CA LEU A 52 0.44 11.11 -13.79
C LEU A 52 0.90 10.71 -15.19
N LYS A 53 0.45 11.47 -16.18
CA LYS A 53 0.78 11.23 -17.57
C LYS A 53 2.27 10.90 -17.73
N GLU A 54 3.08 11.43 -16.81
CA GLU A 54 4.52 11.20 -16.84
C GLU A 54 5.09 11.34 -18.25
N GLU A 55 4.76 12.44 -18.91
CA GLU A 55 5.23 12.71 -20.25
C GLU A 55 6.74 12.78 -20.28
N ASP A 56 7.23 13.93 -19.88
CA ASP A 56 8.66 14.20 -19.82
C ASP A 56 9.39 13.68 -21.05
N GLY A 57 8.74 13.74 -22.21
CA GLY A 57 9.37 13.29 -23.42
C GLY A 57 10.68 14.00 -23.65
N SER A 58 10.77 15.22 -23.11
CA SER A 58 11.97 16.04 -23.22
C SER A 58 11.84 17.30 -22.36
N LEU A 59 10.92 17.29 -21.40
CA LEU A 59 10.70 18.44 -20.54
C LEU A 59 10.13 18.02 -19.20
N SER A 60 10.96 18.10 -18.16
CA SER A 60 10.56 17.73 -16.82
C SER A 60 11.78 17.85 -15.96
N LEU A 61 12.48 18.95 -16.17
CA LEU A 61 13.71 19.25 -15.47
C LEU A 61 13.60 18.94 -13.97
N ASP A 62 12.36 19.02 -13.46
CA ASP A 62 12.09 18.76 -12.05
C ASP A 62 10.64 19.12 -11.73
N GLY A 63 9.84 18.10 -11.43
CA GLY A 63 8.44 18.33 -11.10
C GLY A 63 8.15 18.19 -9.63
N ALA A 64 8.82 19.02 -8.84
CA ALA A 64 8.62 19.01 -7.40
C ALA A 64 9.37 20.15 -6.73
N ASP A 65 10.68 19.96 -6.53
CA ASP A 65 11.52 20.96 -5.91
C ASP A 65 12.95 20.46 -5.80
N SER A 66 13.18 19.52 -4.88
CA SER A 66 14.51 18.96 -4.67
C SER A 66 14.41 17.50 -4.24
N THR A 67 13.67 17.25 -3.17
CA THR A 67 13.50 15.90 -2.66
C THR A 67 12.13 15.73 -2.01
N GLY A 68 11.69 16.74 -1.29
CA GLY A 68 10.40 16.69 -0.63
C GLY A 68 9.50 17.86 -1.00
N VAL A 69 8.45 17.58 -1.76
CA VAL A 69 7.51 18.62 -2.18
C VAL A 69 6.47 18.87 -1.10
N VAL A 70 6.65 18.22 0.05
CA VAL A 70 5.75 18.36 1.15
C VAL A 70 6.47 18.07 2.46
N ALA A 71 7.30 17.04 2.41
CA ALA A 71 8.12 16.65 3.53
C ALA A 71 7.30 16.41 4.79
N LYS A 72 6.06 16.09 4.54
CA LYS A 72 5.09 15.74 5.57
C LYS A 72 5.25 14.28 5.70
N LEU A 73 5.15 13.74 4.54
CA LEU A 73 5.33 12.36 4.25
C LEU A 73 6.60 12.27 3.44
N SER A 74 6.50 12.88 2.26
CA SER A 74 7.55 13.01 1.26
C SER A 74 7.18 12.20 0.03
N PRO A 75 7.14 12.84 -1.15
CA PRO A 75 6.77 12.20 -2.42
C PRO A 75 7.24 10.77 -2.50
N ALA A 76 8.51 10.64 -2.27
CA ALA A 76 9.17 9.35 -2.31
C ALA A 76 8.76 8.48 -1.14
N ASN A 77 8.57 9.11 0.00
CA ASN A 77 8.18 8.38 1.19
C ASN A 77 6.80 7.81 1.00
N GLN A 78 5.92 8.59 0.36
CA GLN A 78 4.58 8.14 0.12
C GLN A 78 4.71 6.97 -0.80
N ARG A 79 5.65 7.15 -1.71
CA ARG A 79 5.99 6.19 -2.69
C ARG A 79 6.39 4.87 -2.03
N LYS A 80 7.17 4.96 -0.96
CA LYS A 80 7.64 3.76 -0.27
C LYS A 80 6.50 2.91 0.22
N CYS A 81 5.88 3.44 1.25
CA CYS A 81 4.78 2.81 1.90
C CYS A 81 3.65 2.50 0.94
N GLU A 82 3.36 3.40 0.02
CA GLU A 82 2.31 3.10 -0.93
C GLU A 82 2.59 1.74 -1.55
N ARG A 83 3.88 1.51 -1.81
CA ARG A 83 4.35 0.24 -2.36
C ARG A 83 4.08 -0.84 -1.33
N VAL A 84 4.27 -0.48 -0.08
CA VAL A 84 4.09 -1.35 1.04
C VAL A 84 2.68 -1.86 1.23
N LEU A 85 1.74 -0.94 1.42
CA LEU A 85 0.40 -1.31 1.69
C LEU A 85 -0.09 -2.21 0.64
N LEU A 86 0.24 -1.87 -0.58
CA LEU A 86 -0.14 -2.73 -1.64
C LEU A 86 0.58 -4.04 -1.46
N ALA A 87 1.91 -3.99 -1.38
CA ALA A 87 2.69 -5.19 -1.14
C ALA A 87 1.91 -6.12 -0.25
N LEU A 88 1.41 -5.55 0.85
CA LEU A 88 0.60 -6.29 1.75
C LEU A 88 -0.64 -6.72 1.02
N PHE A 89 -1.47 -5.75 0.78
CA PHE A 89 -2.76 -5.91 0.09
C PHE A 89 -2.73 -7.03 -0.96
N CYS A 90 -1.87 -6.84 -1.94
CA CYS A 90 -1.66 -7.79 -3.02
C CYS A 90 -1.53 -9.26 -2.57
N HIS A 91 -1.00 -9.55 -1.37
CA HIS A 91 -0.86 -10.94 -0.96
C HIS A 91 -2.06 -11.49 -0.21
N GLU A 92 -1.89 -12.68 0.40
CA GLU A 92 -2.99 -13.33 1.10
C GLU A 92 -3.17 -12.87 2.57
N PRO A 93 -2.18 -13.13 3.45
CA PRO A 93 -2.25 -12.72 4.86
C PRO A 93 -2.94 -11.39 5.02
N CYS A 94 -2.60 -10.50 4.12
CA CYS A 94 -3.19 -9.20 4.11
C CYS A 94 -4.66 -9.30 3.81
N ARG A 95 -5.08 -10.12 2.82
CA ARG A 95 -6.50 -10.24 2.52
C ARG A 95 -7.31 -10.00 3.79
N PRO A 96 -7.08 -10.79 4.85
CA PRO A 96 -7.74 -10.54 6.14
C PRO A 96 -7.48 -9.11 6.63
N LEU A 97 -6.19 -8.74 6.68
CA LEU A 97 -5.76 -7.42 7.12
C LEU A 97 -6.40 -6.26 6.38
N HIS A 98 -6.70 -6.50 5.12
CA HIS A 98 -7.29 -5.50 4.27
C HIS A 98 -8.32 -4.72 5.03
N GLN A 99 -9.02 -5.45 5.88
CA GLN A 99 -10.11 -4.89 6.64
C GLN A 99 -10.21 -5.56 8.00
N LEU A 100 -9.05 -5.75 8.58
CA LEU A 100 -8.89 -6.39 9.87
C LEU A 100 -9.91 -5.94 10.89
N ALA A 101 -9.83 -4.67 11.25
CA ALA A 101 -10.66 -4.11 12.27
C ALA A 101 -12.14 -4.15 11.89
N THR A 102 -12.92 -3.54 12.75
CA THR A 102 -14.35 -3.41 12.56
C THR A 102 -14.62 -1.93 12.71
N ASP A 103 -13.51 -1.21 12.56
CA ASP A 103 -13.41 0.22 12.67
C ASP A 103 -14.76 0.93 12.62
N SER A 104 -15.43 0.95 13.76
CA SER A 104 -16.72 1.63 13.86
C SER A 104 -16.48 3.05 14.38
N THR A 105 -15.21 3.32 14.67
CA THR A 105 -14.78 4.62 15.16
C THR A 105 -13.99 5.38 14.11
N PHE A 106 -12.68 5.15 14.08
CA PHE A 106 -11.79 5.80 13.18
C PHE A 106 -10.41 5.17 13.28
N SER A 107 -10.18 4.50 14.41
CA SER A 107 -8.93 3.79 14.69
C SER A 107 -7.74 4.71 14.94
N LEU A 108 -7.71 5.86 14.30
CA LEU A 108 -6.60 6.77 14.44
C LEU A 108 -6.49 7.28 15.82
N ASP A 109 -7.62 7.38 16.46
CA ASP A 109 -7.64 7.91 17.79
C ASP A 109 -8.21 6.91 18.77
N GLN A 110 -8.26 5.67 18.34
CA GLN A 110 -8.76 4.63 19.12
C GLN A 110 -7.61 4.04 19.93
N PRO A 111 -7.93 3.67 21.15
CA PRO A 111 -6.98 3.11 22.11
C PRO A 111 -6.34 1.83 21.58
N GLY A 112 -5.35 2.01 20.72
CA GLY A 112 -4.67 0.90 20.11
C GLY A 112 -5.64 -0.08 19.47
N GLY A 113 -6.36 0.41 18.47
CA GLY A 113 -7.35 -0.39 17.79
C GLY A 113 -6.76 -1.52 16.98
N THR A 114 -7.24 -1.67 15.75
CA THR A 114 -6.82 -2.70 14.85
C THR A 114 -6.68 -2.15 13.46
N LEU A 115 -5.79 -1.24 13.31
CA LEU A 115 -5.55 -0.68 12.00
C LEU A 115 -5.52 -1.84 11.00
N ASP A 116 -6.04 -1.59 9.84
CA ASP A 116 -6.08 -2.60 8.81
C ASP A 116 -5.67 -1.93 7.50
N LEU A 117 -5.06 -2.67 6.61
CA LEU A 117 -4.55 -2.12 5.35
C LEU A 117 -5.32 -0.95 4.81
N THR A 118 -6.63 -1.04 4.69
CA THR A 118 -7.40 0.08 4.18
C THR A 118 -7.28 1.25 5.14
N LEU A 119 -7.27 0.91 6.42
CA LEU A 119 -7.08 1.86 7.49
C LEU A 119 -5.78 2.61 7.25
N ILE A 120 -4.72 1.82 7.30
CA ILE A 120 -3.36 2.28 7.06
C ILE A 120 -3.24 3.02 5.73
N ARG A 121 -4.00 2.52 4.78
CA ARG A 121 -4.02 3.04 3.43
C ARG A 121 -4.74 4.33 3.41
N ALA A 122 -5.58 4.43 4.37
CA ALA A 122 -6.39 5.60 4.56
C ALA A 122 -5.57 6.75 5.14
N ARG A 123 -4.64 6.47 6.05
CA ARG A 123 -3.81 7.52 6.61
C ARG A 123 -3.02 8.08 5.47
N LEU A 124 -2.47 7.14 4.72
CA LEU A 124 -1.70 7.40 3.56
C LEU A 124 -2.54 8.10 2.49
N GLN A 125 -3.81 7.73 2.40
CA GLN A 125 -4.74 8.29 1.42
C GLN A 125 -5.46 9.51 1.94
N GLU A 126 -5.36 9.71 3.24
CA GLU A 126 -6.06 10.79 3.91
C GLU A 126 -7.53 10.43 3.92
N LYS A 127 -7.78 9.16 3.63
CA LYS A 127 -9.07 8.59 3.62
C LYS A 127 -9.51 8.47 5.04
N LEU A 128 -8.53 8.10 5.83
CA LEU A 128 -8.70 7.91 7.24
C LEU A 128 -9.10 9.19 7.93
N SER A 129 -8.12 9.94 8.33
CA SER A 129 -8.38 11.21 8.99
C SER A 129 -7.57 12.33 8.43
N PRO A 130 -6.24 12.32 8.62
CA PRO A 130 -5.43 13.37 8.18
C PRO A 130 -4.50 12.90 7.04
N PRO A 131 -3.33 13.52 6.86
CA PRO A 131 -2.38 13.14 5.84
C PRO A 131 -1.20 12.36 6.40
N TYR A 132 -0.69 11.40 5.63
CA TYR A 132 0.46 10.66 6.05
C TYR A 132 1.52 11.63 6.47
N SER A 133 2.31 11.24 7.42
CA SER A 133 3.39 12.06 7.85
C SER A 133 4.67 11.28 7.71
N SER A 134 4.53 10.06 7.22
CA SER A 134 5.69 9.22 6.98
C SER A 134 5.25 7.81 6.67
N PRO A 135 6.03 7.09 5.87
CA PRO A 135 5.72 5.70 5.57
C PRO A 135 5.61 4.95 6.86
N GLN A 136 6.28 5.46 7.88
CA GLN A 136 6.22 4.84 9.15
C GLN A 136 4.82 5.03 9.74
N GLU A 137 4.10 6.05 9.29
CA GLU A 137 2.76 6.30 9.75
C GLU A 137 1.90 5.05 9.58
N PHE A 138 1.69 4.65 8.33
CA PHE A 138 0.88 3.50 8.03
C PHE A 138 1.68 2.27 8.28
N ALA A 139 2.93 2.27 7.88
CA ALA A 139 3.78 1.10 8.08
C ALA A 139 3.74 0.64 9.51
N GLN A 140 4.02 1.56 10.42
CA GLN A 140 4.01 1.24 11.81
C GLN A 140 2.66 0.67 12.17
N ASP A 141 1.65 1.23 11.52
CA ASP A 141 0.29 0.79 11.73
C ASP A 141 0.22 -0.63 11.20
N VAL A 142 0.74 -0.88 10.02
CA VAL A 142 0.79 -2.19 9.48
C VAL A 142 1.36 -3.17 10.45
N GLY A 143 2.53 -2.83 10.96
CA GLY A 143 3.15 -3.69 11.93
C GLY A 143 2.19 -4.02 13.03
N ARG A 144 1.29 -3.08 13.26
CA ARG A 144 0.25 -3.21 14.23
C ARG A 144 -0.82 -4.13 13.68
N MET A 145 -1.24 -3.80 12.47
CA MET A 145 -2.15 -4.57 11.70
C MET A 145 -1.84 -6.01 11.89
N PHE A 146 -0.55 -6.25 11.79
CA PHE A 146 0.05 -7.55 11.91
C PHE A 146 -0.08 -8.02 13.35
N LYS A 147 0.17 -7.11 14.28
CA LYS A 147 0.08 -7.44 15.68
C LYS A 147 -1.29 -7.99 16.04
N GLN A 148 -2.34 -7.28 15.63
CA GLN A 148 -3.67 -7.74 15.91
C GLN A 148 -3.99 -8.81 14.92
N PHE A 149 -3.29 -8.74 13.80
CA PHE A 149 -3.47 -9.71 12.75
C PHE A 149 -3.21 -11.07 13.35
N ASN A 150 -2.17 -11.09 14.15
CA ASN A 150 -1.71 -12.28 14.82
C ASN A 150 -2.42 -12.47 16.16
N LYS A 151 -2.88 -11.37 16.77
CA LYS A 151 -3.61 -11.44 18.03
C LYS A 151 -5.00 -12.02 17.80
N LEU A 152 -5.44 -11.92 16.55
CA LEU A 152 -6.69 -12.45 16.11
C LEU A 152 -6.57 -13.94 16.23
N THR A 153 -5.30 -14.32 16.12
CA THR A 153 -4.86 -15.68 16.26
C THR A 153 -5.81 -16.67 15.61
N GLU A 154 -6.31 -16.28 14.46
CA GLU A 154 -7.20 -17.12 13.69
C GLU A 154 -6.34 -17.98 12.79
N ASP A 155 -5.16 -17.43 12.51
CA ASP A 155 -4.18 -18.06 11.67
C ASP A 155 -3.38 -19.08 12.44
N LYS A 156 -3.10 -18.75 13.69
CA LYS A 156 -2.33 -19.56 14.58
C LYS A 156 -1.39 -20.56 13.92
N ALA A 157 -1.94 -21.59 13.31
CA ALA A 157 -1.11 -22.57 12.62
C ALA A 157 -0.72 -22.03 11.27
N ASP A 158 -0.83 -20.72 11.19
CA ASP A 158 -0.53 -19.98 10.02
C ASP A 158 0.00 -18.61 10.35
N VAL A 159 0.41 -18.43 11.60
CA VAL A 159 1.01 -17.21 12.04
C VAL A 159 2.15 -16.84 11.13
N GLN A 160 2.52 -17.79 10.31
CA GLN A 160 3.57 -17.59 9.34
C GLN A 160 3.00 -16.82 8.15
N SER A 161 1.73 -16.44 8.28
CA SER A 161 1.06 -15.70 7.26
C SER A 161 1.16 -14.28 7.71
N ILE A 162 0.86 -14.11 8.99
CA ILE A 162 0.99 -12.85 9.64
C ILE A 162 2.42 -12.45 9.53
N ILE A 163 3.27 -13.41 9.86
CA ILE A 163 4.68 -13.26 9.81
C ILE A 163 5.19 -13.03 8.40
N GLY A 164 4.94 -13.96 7.51
CA GLY A 164 5.42 -13.81 6.13
C GLY A 164 4.93 -12.54 5.47
N LEU A 165 3.77 -12.06 5.88
CA LEU A 165 3.23 -10.85 5.38
C LEU A 165 3.91 -9.74 6.13
N GLN A 166 4.23 -10.08 7.37
CA GLN A 166 4.93 -9.20 8.26
C GLN A 166 6.34 -8.97 7.69
N ARG A 167 6.84 -10.02 7.02
CA ARG A 167 8.13 -10.01 6.38
C ARG A 167 8.02 -9.35 5.02
N PHE A 168 6.95 -9.69 4.33
CA PHE A 168 6.64 -9.13 3.03
C PHE A 168 6.54 -7.62 3.20
N PHE A 169 5.86 -7.26 4.26
CA PHE A 169 5.73 -5.90 4.68
C PHE A 169 7.05 -5.20 4.62
N GLU A 170 7.87 -5.60 5.55
CA GLU A 170 9.16 -5.04 5.75
C GLU A 170 10.09 -5.15 4.55
N THR A 171 9.85 -6.14 3.73
CA THR A 171 10.64 -6.38 2.53
C THR A 171 10.50 -5.24 1.54
N ARG A 172 9.26 -4.99 1.15
CA ARG A 172 8.96 -3.95 0.20
C ARG A 172 9.20 -2.62 0.86
N MET A 173 8.76 -2.51 2.10
CA MET A 173 9.00 -1.33 2.88
C MET A 173 10.51 -1.15 3.00
N ASN A 174 11.25 -2.25 2.82
CA ASN A 174 12.71 -2.21 2.94
C ASN A 174 13.26 -1.83 1.59
N GLU A 175 12.61 -2.43 0.63
CA GLU A 175 12.92 -2.25 -0.76
C GLU A 175 12.83 -0.78 -1.10
N ALA A 176 11.61 -0.28 -1.07
CA ALA A 176 11.32 1.12 -1.32
C ALA A 176 12.24 2.02 -0.51
N PHE A 177 12.44 1.68 0.77
CA PHE A 177 13.33 2.48 1.62
C PHE A 177 14.79 2.17 1.31
N GLY A 178 15.05 1.80 0.06
CA GLY A 178 16.38 1.50 -0.39
C GLY A 178 16.55 1.81 -1.86
N ASP A 179 16.05 0.93 -2.72
CA ASP A 179 16.12 1.13 -4.17
C ASP A 179 14.83 0.67 -4.84
N THR A 180 13.88 0.23 -4.02
CA THR A 180 12.60 -0.27 -4.44
C THR A 180 12.77 -1.63 -5.04
N LYS A 181 13.86 -1.81 -5.78
CA LYS A 181 14.17 -3.07 -6.41
C LYS A 181 13.03 -3.52 -7.29
N PHE A 182 12.05 -2.66 -7.35
CA PHE A 182 10.87 -2.90 -8.15
C PHE A 182 11.11 -2.45 -9.58
N SER A 183 12.38 -2.20 -9.87
CA SER A 183 12.81 -1.82 -11.20
C SER A 183 13.60 -2.98 -11.78
N ALA A 184 13.80 -3.99 -10.94
CA ALA A 184 14.53 -5.20 -11.29
C ALA A 184 13.62 -6.40 -11.25
N VAL A 185 12.36 -6.14 -10.99
CA VAL A 185 11.35 -7.16 -10.92
C VAL A 185 10.86 -7.52 -12.29
N LEU A 186 11.50 -6.91 -13.26
CA LEU A 186 11.21 -7.12 -14.66
C LEU A 186 11.70 -8.48 -15.10
N VAL A 187 12.41 -9.09 -14.18
CA VAL A 187 12.97 -10.40 -14.35
C VAL A 187 11.97 -11.44 -13.90
N GLU A 188 10.81 -10.93 -13.56
CA GLU A 188 9.69 -11.72 -13.08
C GLU A 188 10.05 -12.52 -11.84
N PRO A 189 9.61 -12.07 -10.65
CA PRO A 189 9.90 -12.74 -9.39
C PRO A 189 8.87 -13.81 -9.05
ZN ZN B . -9.92 -6.01 -5.87
ZN ZN C . 3.94 -4.68 -10.99
N SER A 1 -0.48 -15.39 -13.26
CA SER A 1 -1.03 -15.47 -14.64
C SER A 1 -2.48 -15.01 -14.69
N ALA A 2 -3.09 -14.89 -13.51
CA ALA A 2 -4.48 -14.45 -13.42
C ALA A 2 -4.60 -12.96 -13.31
N THR A 3 -5.67 -12.44 -13.89
CA THR A 3 -5.96 -11.04 -13.77
C THR A 3 -6.30 -10.78 -12.33
N ILE A 4 -7.57 -10.97 -12.04
CA ILE A 4 -8.12 -10.82 -10.72
C ILE A 4 -7.18 -10.17 -9.75
N CYS A 5 -7.54 -8.96 -9.48
CA CYS A 5 -6.81 -8.10 -8.61
C CYS A 5 -6.10 -8.83 -7.50
N ARG A 6 -4.85 -9.14 -7.75
CA ARG A 6 -3.98 -9.86 -6.80
C ARG A 6 -4.38 -9.62 -5.35
N VAL A 7 -4.89 -8.44 -5.05
CA VAL A 7 -5.27 -8.09 -3.69
C VAL A 7 -6.55 -8.78 -3.27
N CYS A 8 -7.60 -8.53 -4.02
CA CYS A 8 -8.90 -9.12 -3.73
C CYS A 8 -9.38 -10.10 -4.83
N GLN A 9 -8.44 -10.45 -5.70
CA GLN A 9 -8.58 -11.41 -6.79
C GLN A 9 -9.87 -11.37 -7.58
N LYS A 10 -10.33 -10.21 -8.01
CA LYS A 10 -11.46 -10.20 -8.89
C LYS A 10 -11.08 -9.62 -10.23
N PRO A 11 -11.61 -10.23 -11.28
CA PRO A 11 -11.33 -9.89 -12.65
C PRO A 11 -12.34 -8.91 -13.23
N GLY A 12 -11.84 -7.87 -13.84
CA GLY A 12 -12.74 -6.91 -14.46
C GLY A 12 -12.22 -5.49 -14.48
N ASP A 13 -12.58 -4.71 -13.45
CA ASP A 13 -12.14 -3.34 -13.34
C ASP A 13 -10.68 -3.30 -12.98
N LEU A 14 -10.03 -4.35 -13.38
CA LEU A 14 -8.63 -4.57 -13.17
C LEU A 14 -7.74 -3.85 -14.12
N VAL A 15 -6.60 -3.56 -13.56
CA VAL A 15 -5.52 -2.97 -14.24
C VAL A 15 -4.31 -3.81 -13.87
N MET A 16 -3.82 -4.54 -14.83
CA MET A 16 -2.74 -5.47 -14.58
C MET A 16 -1.37 -4.86 -14.78
N CYS A 17 -0.50 -5.09 -13.78
CA CYS A 17 0.87 -4.62 -13.83
C CYS A 17 1.42 -4.93 -15.19
N ASN A 18 1.38 -3.94 -16.07
CA ASN A 18 1.85 -4.10 -17.42
C ASN A 18 3.26 -4.64 -17.45
N GLN A 19 3.84 -4.79 -16.26
CA GLN A 19 5.19 -5.26 -16.13
C GLN A 19 5.31 -6.56 -15.32
N CYS A 20 4.46 -6.76 -14.29
CA CYS A 20 4.60 -8.01 -13.51
C CYS A 20 3.27 -8.73 -13.22
N GLU A 21 2.38 -8.72 -14.21
CA GLU A 21 1.09 -9.40 -14.12
C GLU A 21 0.35 -9.15 -12.81
N PHE A 22 0.83 -8.21 -12.01
CA PHE A 22 0.20 -7.86 -10.76
C PHE A 22 -1.03 -6.99 -11.02
N CYS A 23 -2.19 -7.64 -11.12
CA CYS A 23 -3.43 -6.97 -11.41
C CYS A 23 -4.03 -6.46 -10.13
N PHE A 24 -4.60 -5.29 -10.23
CA PHE A 24 -5.21 -4.65 -9.08
C PHE A 24 -6.40 -3.85 -9.47
N HIS A 25 -7.51 -4.00 -8.79
CA HIS A 25 -8.59 -3.12 -9.12
C HIS A 25 -8.08 -1.74 -8.92
N LEU A 26 -8.33 -0.86 -9.85
CA LEU A 26 -7.87 0.49 -9.72
C LEU A 26 -8.04 0.91 -8.29
N ASP A 27 -9.23 0.67 -7.83
CA ASP A 27 -9.61 1.04 -6.47
C ASP A 27 -8.73 0.32 -5.48
N CYS A 28 -8.54 -0.97 -5.72
CA CYS A 28 -7.71 -1.78 -4.88
C CYS A 28 -6.26 -1.28 -4.91
N HIS A 29 -5.85 -0.66 -6.03
CA HIS A 29 -4.54 -0.06 -6.11
C HIS A 29 -4.40 0.74 -4.83
N LEU A 30 -3.26 0.65 -4.17
CA LEU A 30 -3.11 1.28 -2.87
C LEU A 30 -3.84 2.61 -2.72
N PRO A 31 -3.41 3.69 -3.37
CA PRO A 31 -4.09 4.95 -3.22
C PRO A 31 -5.30 5.04 -4.13
N ALA A 32 -5.56 3.93 -4.78
CA ALA A 32 -6.65 3.78 -5.71
C ALA A 32 -6.35 4.54 -6.96
N LEU A 33 -6.17 3.79 -8.02
CA LEU A 33 -5.83 4.31 -9.31
C LEU A 33 -6.75 5.41 -9.74
N GLN A 34 -6.62 5.75 -10.99
CA GLN A 34 -7.42 6.78 -11.59
C GLN A 34 -8.60 6.18 -12.32
N ASP A 35 -8.43 4.94 -12.71
CA ASP A 35 -9.42 4.18 -13.49
C ASP A 35 -8.68 3.22 -14.34
N VAL A 36 -7.45 3.62 -14.52
CA VAL A 36 -6.41 2.92 -15.18
C VAL A 36 -5.22 3.76 -15.56
N PRO A 37 -4.11 3.33 -14.97
CA PRO A 37 -2.79 3.92 -15.11
C PRO A 37 -2.28 3.91 -16.53
N GLY A 38 -3.18 3.57 -17.41
CA GLY A 38 -2.89 3.53 -18.82
C GLY A 38 -2.58 2.14 -19.32
N GLU A 39 -3.07 1.19 -18.58
CA GLU A 39 -2.88 -0.21 -18.87
C GLU A 39 -1.41 -0.55 -19.05
N GLU A 40 -0.54 0.41 -18.74
CA GLU A 40 0.88 0.25 -18.85
C GLU A 40 1.48 0.38 -17.47
N TRP A 41 0.61 0.29 -16.48
CA TRP A 41 0.97 0.39 -15.10
C TRP A 41 1.98 -0.64 -14.73
N SER A 42 2.27 -0.62 -13.48
CA SER A 42 3.17 -1.54 -12.87
C SER A 42 2.86 -1.57 -11.39
N CYS A 43 1.89 -2.40 -11.05
CA CYS A 43 1.39 -2.53 -9.68
C CYS A 43 2.24 -1.76 -8.65
N SER A 44 1.79 -0.54 -8.37
CA SER A 44 2.44 0.40 -7.42
C SER A 44 3.84 -0.05 -6.98
N LEU A 45 3.92 -1.19 -6.31
CA LEU A 45 5.19 -1.73 -5.86
C LEU A 45 6.22 -1.67 -6.98
N CYS A 46 5.70 -1.52 -8.18
CA CYS A 46 6.47 -1.42 -9.41
C CYS A 46 6.31 -0.03 -10.00
N HIS A 47 5.17 0.58 -9.71
CA HIS A 47 4.81 1.89 -10.25
C HIS A 47 3.93 2.65 -9.28
N VAL A 48 4.41 2.88 -8.08
CA VAL A 48 3.65 3.59 -7.10
C VAL A 48 3.36 5.01 -7.54
N LEU A 49 2.17 5.46 -7.23
CA LEU A 49 1.71 6.80 -7.61
C LEU A 49 1.10 7.57 -6.47
N PRO A 50 1.13 8.89 -6.63
CA PRO A 50 0.54 9.84 -5.68
C PRO A 50 -0.94 9.56 -5.43
N ASP A 51 -1.74 10.57 -5.63
CA ASP A 51 -3.19 10.49 -5.43
C ASP A 51 -3.88 11.75 -5.91
N LEU A 52 -3.13 12.84 -5.91
CA LEU A 52 -3.61 14.13 -6.32
C LEU A 52 -4.39 14.10 -7.63
N LYS A 53 -5.71 14.01 -7.49
CA LYS A 53 -6.60 14.00 -8.63
C LYS A 53 -6.35 15.22 -9.51
N GLU A 54 -6.20 16.37 -8.84
CA GLU A 54 -5.98 17.63 -9.51
C GLU A 54 -6.91 17.82 -10.70
N GLU A 55 -8.19 18.00 -10.40
CA GLU A 55 -9.19 18.21 -11.44
C GLU A 55 -9.18 19.65 -11.91
N ASP A 56 -8.12 20.35 -11.54
CA ASP A 56 -7.93 21.74 -11.90
C ASP A 56 -9.02 22.61 -11.31
N GLY A 57 -9.52 22.20 -10.14
CA GLY A 57 -10.56 22.96 -9.48
C GLY A 57 -10.00 24.25 -8.90
N SER A 58 -8.70 24.42 -9.01
CA SER A 58 -8.03 25.62 -8.50
C SER A 58 -6.70 25.85 -9.18
N LEU A 59 -6.19 24.83 -9.90
CA LEU A 59 -4.92 24.93 -10.59
C LEU A 59 -3.81 25.05 -9.58
N SER A 60 -2.94 24.06 -9.53
CA SER A 60 -1.89 24.05 -8.55
C SER A 60 -0.93 22.94 -8.93
N LEU A 61 -0.72 22.84 -10.22
CA LEU A 61 0.14 21.82 -10.78
C LEU A 61 1.51 21.79 -10.11
N ASP A 62 1.78 22.81 -9.28
CA ASP A 62 3.05 22.91 -8.57
C ASP A 62 3.49 21.57 -8.00
N GLY A 63 4.75 21.21 -8.26
CA GLY A 63 5.28 19.96 -7.77
C GLY A 63 5.81 20.06 -6.36
N ALA A 64 4.89 20.18 -5.41
CA ALA A 64 5.25 20.27 -4.02
C ALA A 64 4.02 20.21 -3.12
N ASP A 65 4.12 20.75 -1.91
CA ASP A 65 3.01 20.77 -0.97
C ASP A 65 1.71 21.16 -1.67
N SER A 66 0.85 20.17 -1.90
CA SER A 66 -0.41 20.42 -2.58
C SER A 66 -1.57 19.69 -1.89
N THR A 67 -2.44 20.47 -1.25
CA THR A 67 -3.62 19.93 -0.55
C THR A 67 -3.25 18.89 0.50
N GLY A 68 -1.95 18.67 0.73
CA GLY A 68 -1.55 17.69 1.71
C GLY A 68 -0.21 18.00 2.36
N VAL A 69 0.22 19.25 2.26
CA VAL A 69 1.48 19.72 2.83
C VAL A 69 2.50 18.58 3.00
N VAL A 70 3.26 18.32 1.94
CA VAL A 70 4.27 17.30 1.94
C VAL A 70 5.24 17.43 3.09
N ALA A 71 6.38 16.74 2.99
CA ALA A 71 7.38 16.75 4.04
C ALA A 71 6.93 15.88 5.17
N LYS A 72 5.62 15.72 5.24
CA LYS A 72 5.02 14.83 6.22
C LYS A 72 5.71 13.54 6.04
N LEU A 73 5.30 12.96 4.98
CA LEU A 73 5.80 11.75 4.46
C LEU A 73 7.10 11.99 3.76
N SER A 74 6.92 12.66 2.63
CA SER A 74 7.94 13.00 1.66
C SER A 74 7.49 12.42 0.33
N PRO A 75 7.95 12.96 -0.79
CA PRO A 75 7.57 12.48 -2.12
C PRO A 75 7.68 10.97 -2.25
N ALA A 76 8.88 10.50 -1.99
CA ALA A 76 9.21 9.11 -2.11
C ALA A 76 8.78 8.32 -0.90
N ASN A 77 8.85 8.91 0.28
CA ASN A 77 8.47 8.20 1.49
C ASN A 77 7.06 7.69 1.31
N GLN A 78 6.30 8.44 0.52
CA GLN A 78 4.95 8.15 0.22
C GLN A 78 4.96 7.00 -0.74
N ARG A 79 5.79 7.19 -1.74
CA ARG A 79 5.99 6.23 -2.79
C ARG A 79 6.30 4.83 -2.24
N LYS A 80 7.31 4.75 -1.41
CA LYS A 80 7.74 3.52 -0.81
C LYS A 80 6.64 2.81 -0.04
N CYS A 81 6.22 3.43 1.05
CA CYS A 81 5.18 2.89 1.87
C CYS A 81 3.96 2.55 1.03
N GLU A 82 3.58 3.47 0.15
CA GLU A 82 2.44 3.22 -0.70
C GLU A 82 2.61 1.90 -1.44
N ARG A 83 3.86 1.55 -1.68
CA ARG A 83 4.18 0.32 -2.37
C ARG A 83 3.97 -0.80 -1.38
N VAL A 84 4.16 -0.44 -0.13
CA VAL A 84 4.01 -1.36 0.96
C VAL A 84 2.57 -1.78 1.17
N LEU A 85 1.65 -0.84 1.47
CA LEU A 85 0.26 -1.19 1.72
C LEU A 85 -0.22 -1.99 0.56
N LEU A 86 0.20 -1.57 -0.62
CA LEU A 86 -0.20 -2.28 -1.80
C LEU A 86 0.25 -3.72 -1.71
N ALA A 87 1.51 -3.96 -1.34
CA ALA A 87 1.94 -5.33 -1.12
C ALA A 87 0.95 -5.94 -0.16
N LEU A 88 0.74 -5.17 0.91
CA LEU A 88 -0.16 -5.49 1.97
C LEU A 88 -1.56 -5.65 1.45
N PHE A 89 -1.72 -5.32 0.21
CA PHE A 89 -3.00 -5.46 -0.46
C PHE A 89 -2.99 -6.74 -1.28
N CYS A 90 -2.13 -6.73 -2.28
CA CYS A 90 -1.91 -7.85 -3.20
C CYS A 90 -1.79 -9.22 -2.54
N HIS A 91 -0.93 -9.38 -1.53
CA HIS A 91 -0.73 -10.70 -0.97
C HIS A 91 -1.97 -11.24 -0.27
N GLU A 92 -1.90 -12.51 0.13
CA GLU A 92 -3.05 -13.15 0.77
C GLU A 92 -3.17 -12.78 2.25
N PRO A 93 -2.14 -13.10 3.05
CA PRO A 93 -2.10 -12.75 4.48
C PRO A 93 -2.87 -11.48 4.80
N CYS A 94 -2.57 -10.46 4.03
CA CYS A 94 -3.21 -9.19 4.19
C CYS A 94 -4.68 -9.28 3.83
N ARG A 95 -5.06 -10.03 2.79
CA ARG A 95 -6.47 -10.14 2.46
C ARG A 95 -7.25 -10.10 3.77
N PRO A 96 -6.99 -11.04 4.71
CA PRO A 96 -7.60 -10.98 6.05
C PRO A 96 -7.42 -9.60 6.66
N LEU A 97 -6.17 -9.11 6.63
CA LEU A 97 -5.85 -7.81 7.17
C LEU A 97 -6.75 -6.70 6.65
N HIS A 98 -6.89 -6.61 5.32
CA HIS A 98 -7.69 -5.58 4.69
C HIS A 98 -8.93 -5.26 5.49
N GLN A 99 -9.67 -6.31 5.79
CA GLN A 99 -10.89 -6.22 6.52
C GLN A 99 -10.71 -6.83 7.91
N LEU A 100 -9.81 -6.22 8.67
CA LEU A 100 -9.48 -6.69 10.00
C LEU A 100 -10.43 -6.14 11.04
N ALA A 101 -10.61 -4.85 11.01
CA ALA A 101 -11.45 -4.18 11.98
C ALA A 101 -12.93 -4.25 11.59
N THR A 102 -13.68 -3.27 12.08
CA THR A 102 -15.10 -3.15 11.78
C THR A 102 -15.33 -1.74 11.34
N ASP A 103 -14.20 -1.14 10.98
CA ASP A 103 -14.08 0.22 10.54
C ASP A 103 -15.39 1.01 10.60
N SER A 104 -16.22 0.87 9.57
CA SER A 104 -17.50 1.58 9.50
C SER A 104 -17.31 3.05 9.86
N THR A 105 -16.15 3.59 9.49
CA THR A 105 -15.81 4.96 9.77
C THR A 105 -15.76 5.25 11.25
N PHE A 106 -14.71 4.79 11.91
CA PHE A 106 -14.56 5.09 13.31
C PHE A 106 -13.18 4.79 13.80
N SER A 107 -12.36 4.21 12.95
CA SER A 107 -11.01 3.87 13.34
C SER A 107 -10.11 5.09 13.38
N LEU A 108 -10.72 6.27 13.32
CA LEU A 108 -9.96 7.51 13.36
C LEU A 108 -9.58 7.80 14.80
N ASP A 109 -10.33 7.17 15.67
CA ASP A 109 -10.15 7.32 17.12
C ASP A 109 -11.01 6.29 17.83
N GLN A 110 -11.34 5.26 17.07
CA GLN A 110 -12.14 4.18 17.51
C GLN A 110 -11.91 3.87 18.97
N PRO A 111 -12.99 3.60 19.66
CA PRO A 111 -12.98 3.25 21.07
C PRO A 111 -12.09 2.04 21.29
N GLY A 112 -11.60 1.51 20.18
CA GLY A 112 -10.69 0.40 20.18
C GLY A 112 -10.79 -0.39 18.89
N GLY A 113 -10.47 0.28 17.79
CA GLY A 113 -10.54 -0.34 16.47
C GLY A 113 -9.46 -1.38 16.23
N THR A 114 -9.14 -1.57 14.96
CA THR A 114 -8.16 -2.53 14.55
C THR A 114 -7.63 -2.14 13.20
N LEU A 115 -6.40 -1.87 13.22
CA LEU A 115 -5.69 -1.52 12.05
C LEU A 115 -5.88 -2.54 10.99
N ASP A 116 -5.92 -2.06 9.78
CA ASP A 116 -6.10 -2.90 8.64
C ASP A 116 -5.75 -2.10 7.39
N LEU A 117 -5.36 -2.78 6.33
CA LEU A 117 -4.89 -2.15 5.10
C LEU A 117 -5.48 -0.82 4.79
N THR A 118 -6.79 -0.73 4.80
CA THR A 118 -7.45 0.49 4.42
C THR A 118 -7.31 1.56 5.48
N LEU A 119 -7.40 1.14 6.73
CA LEU A 119 -7.23 2.03 7.86
C LEU A 119 -5.92 2.78 7.69
N ILE A 120 -4.93 1.96 7.52
CA ILE A 120 -3.58 2.38 7.29
C ILE A 120 -3.43 3.19 6.04
N ARG A 121 -3.87 2.55 4.98
CA ARG A 121 -3.83 3.10 3.64
C ARG A 121 -4.42 4.45 3.66
N ALA A 122 -5.30 4.60 4.58
CA ALA A 122 -5.96 5.82 4.81
C ALA A 122 -4.97 6.86 5.28
N ARG A 123 -4.26 6.59 6.39
CA ARG A 123 -3.31 7.57 6.88
C ARG A 123 -2.48 8.01 5.73
N LEU A 124 -2.07 7.02 5.00
CA LEU A 124 -1.34 7.20 3.81
C LEU A 124 -2.20 7.93 2.78
N GLN A 125 -3.53 7.67 2.79
CA GLN A 125 -4.45 8.33 1.87
C GLN A 125 -5.07 9.59 2.50
N GLU A 126 -6.11 9.37 3.33
CA GLU A 126 -6.85 10.43 4.00
C GLU A 126 -8.15 9.89 4.55
N LYS A 127 -8.54 8.72 4.07
CA LYS A 127 -9.75 8.07 4.51
C LYS A 127 -9.85 8.05 6.02
N LEU A 128 -8.70 7.96 6.63
CA LEU A 128 -8.60 7.91 8.08
C LEU A 128 -8.99 9.25 8.71
N SER A 129 -8.20 10.25 8.47
CA SER A 129 -8.42 11.61 8.94
C SER A 129 -7.65 12.59 8.07
N PRO A 130 -6.35 12.83 8.28
CA PRO A 130 -5.62 13.73 7.46
C PRO A 130 -4.60 12.93 6.60
N PRO A 131 -3.41 13.46 6.26
CA PRO A 131 -2.42 12.76 5.46
C PRO A 131 -1.31 12.10 6.29
N TYR A 132 -0.61 11.13 5.68
CA TYR A 132 0.49 10.45 6.31
C TYR A 132 1.45 11.45 6.92
N SER A 133 2.34 10.96 7.73
CA SER A 133 3.34 11.78 8.35
C SER A 133 4.68 11.11 8.22
N SER A 134 4.65 9.83 7.85
CA SER A 134 5.87 9.07 7.66
C SER A 134 5.55 7.65 7.27
N PRO A 135 6.38 7.01 6.44
CA PRO A 135 6.15 5.63 6.04
C PRO A 135 6.01 4.73 7.24
N GLN A 136 6.46 5.21 8.37
CA GLN A 136 6.34 4.45 9.57
C GLN A 136 4.93 4.55 10.11
N GLU A 137 4.24 5.65 9.79
CA GLU A 137 2.88 5.86 10.22
C GLU A 137 2.03 4.62 9.93
N PHE A 138 1.92 4.29 8.66
CA PHE A 138 1.11 3.20 8.22
C PHE A 138 1.81 1.87 8.42
N ALA A 139 3.09 1.81 8.09
CA ALA A 139 3.86 0.59 8.25
C ALA A 139 3.75 0.08 9.66
N GLN A 140 4.03 0.96 10.61
CA GLN A 140 3.96 0.60 11.98
C GLN A 140 2.56 0.14 12.30
N ASP A 141 1.63 0.72 11.56
CA ASP A 141 0.23 0.41 11.70
C ASP A 141 -0.05 -0.95 11.10
N VAL A 142 0.83 -1.35 10.16
CA VAL A 142 0.78 -2.65 9.53
C VAL A 142 1.22 -3.69 10.49
N GLY A 143 2.29 -3.38 11.16
CA GLY A 143 2.78 -4.27 12.15
C GLY A 143 1.69 -4.50 13.15
N ARG A 144 0.88 -3.46 13.33
CA ARG A 144 -0.24 -3.47 14.23
C ARG A 144 -1.37 -4.26 13.64
N MET A 145 -1.56 -3.96 12.38
CA MET A 145 -2.55 -4.58 11.54
C MET A 145 -2.46 -6.04 11.72
N PHE A 146 -1.30 -6.46 11.43
CA PHE A 146 -0.94 -7.82 11.51
C PHE A 146 -0.75 -8.20 12.95
N LYS A 147 -0.67 -7.19 13.80
CA LYS A 147 -0.54 -7.44 15.24
C LYS A 147 -1.80 -8.05 15.80
N GLN A 148 -2.92 -7.35 15.62
CA GLN A 148 -4.17 -7.83 16.17
C GLN A 148 -4.55 -9.04 15.39
N PHE A 149 -4.29 -8.96 14.10
CA PHE A 149 -4.58 -10.02 13.17
C PHE A 149 -3.78 -11.27 13.50
N ASN A 150 -2.50 -11.09 13.75
CA ASN A 150 -1.65 -12.20 14.11
C ASN A 150 -2.13 -12.74 15.43
N LYS A 151 -2.99 -11.93 16.05
CA LYS A 151 -3.65 -12.29 17.28
C LYS A 151 -5.07 -12.80 16.99
N LEU A 152 -5.58 -12.46 15.79
CA LEU A 152 -6.88 -12.89 15.32
C LEU A 152 -6.73 -14.36 15.08
N THR A 153 -5.46 -14.66 14.84
CA THR A 153 -4.97 -15.99 14.64
C THR A 153 -5.94 -16.89 13.91
N GLU A 154 -6.54 -16.32 12.91
CA GLU A 154 -7.44 -17.04 12.03
C GLU A 154 -6.54 -17.67 10.99
N ASP A 155 -5.36 -17.06 10.91
CA ASP A 155 -4.32 -17.45 10.02
C ASP A 155 -3.29 -18.27 10.75
N LYS A 156 -3.63 -18.71 11.96
CA LYS A 156 -2.72 -19.49 12.78
C LYS A 156 -2.05 -20.60 12.02
N ALA A 157 -1.03 -21.17 12.65
CA ALA A 157 -0.23 -22.22 12.06
C ALA A 157 0.18 -21.84 10.67
N ASP A 158 0.02 -20.56 10.47
CA ASP A 158 0.30 -19.91 9.21
C ASP A 158 0.41 -18.43 9.41
N VAL A 159 0.69 -18.10 10.62
CA VAL A 159 0.85 -16.72 11.04
C VAL A 159 2.15 -16.24 10.54
N GLN A 160 2.85 -17.20 9.96
CA GLN A 160 4.08 -16.93 9.33
C GLN A 160 3.76 -16.41 7.96
N SER A 161 2.46 -16.21 7.77
CA SER A 161 1.93 -15.62 6.58
C SER A 161 1.83 -14.17 6.93
N ILE A 162 1.54 -13.92 8.21
CA ILE A 162 1.53 -12.59 8.75
C ILE A 162 2.95 -12.16 8.99
N ILE A 163 3.80 -13.12 9.34
CA ILE A 163 5.20 -12.82 9.49
C ILE A 163 5.91 -12.81 8.15
N GLY A 164 5.71 -13.85 7.37
CA GLY A 164 6.33 -13.92 6.06
C GLY A 164 5.96 -12.70 5.25
N LEU A 165 4.78 -12.17 5.53
CA LEU A 165 4.33 -10.99 4.88
C LEU A 165 4.74 -9.80 5.71
N GLN A 166 4.84 -9.95 7.02
CA GLN A 166 5.34 -8.85 7.82
C GLN A 166 6.72 -8.55 7.27
N ARG A 167 7.26 -9.58 6.62
CA ARG A 167 8.54 -9.52 5.93
C ARG A 167 8.32 -8.93 4.55
N PHE A 168 7.19 -9.30 3.90
CA PHE A 168 6.82 -8.76 2.61
C PHE A 168 6.67 -7.27 2.80
N PHE A 169 5.69 -6.96 3.62
CA PHE A 169 5.45 -5.65 4.12
C PHE A 169 6.72 -4.84 4.26
N GLU A 170 7.62 -5.37 5.06
CA GLU A 170 8.87 -4.71 5.39
C GLU A 170 9.91 -4.74 4.28
N THR A 171 9.71 -5.60 3.30
CA THR A 171 10.63 -5.71 2.19
C THR A 171 10.18 -4.86 1.01
N ARG A 172 8.88 -4.70 0.85
CA ARG A 172 8.39 -3.87 -0.23
C ARG A 172 8.69 -2.50 0.27
N MET A 173 8.66 -2.44 1.58
CA MET A 173 9.01 -1.28 2.32
C MET A 173 10.53 -1.13 2.33
N ASN A 174 11.25 -2.26 2.37
CA ASN A 174 12.71 -2.23 2.39
C ASN A 174 13.22 -1.76 1.04
N GLU A 175 12.84 -2.52 0.02
CA GLU A 175 13.18 -2.23 -1.35
C GLU A 175 13.00 -0.76 -1.61
N ALA A 176 11.75 -0.35 -1.56
CA ALA A 176 11.37 1.04 -1.76
C ALA A 176 12.25 1.99 -0.97
N PHE A 177 12.63 1.57 0.23
CA PHE A 177 13.46 2.36 1.11
C PHE A 177 14.94 2.23 0.77
N GLY A 178 15.24 2.01 -0.50
CA GLY A 178 16.61 1.85 -0.92
C GLY A 178 17.05 0.41 -0.91
N ASP A 179 16.63 -0.33 -1.93
CA ASP A 179 16.92 -1.76 -2.05
C ASP A 179 16.13 -2.37 -3.20
N THR A 180 15.08 -1.67 -3.67
CA THR A 180 14.28 -2.15 -4.76
C THR A 180 15.20 -2.62 -5.84
N LYS A 181 15.85 -1.68 -6.51
CA LYS A 181 16.78 -2.04 -7.55
C LYS A 181 16.12 -2.93 -8.55
N PHE A 182 14.81 -2.99 -8.37
CA PHE A 182 13.92 -3.81 -9.21
C PHE A 182 14.59 -4.24 -10.51
N SER A 183 15.26 -5.38 -10.39
CA SER A 183 16.05 -6.02 -11.44
C SER A 183 17.24 -6.67 -10.74
N ALA A 184 17.45 -6.21 -9.52
CA ALA A 184 18.50 -6.70 -8.65
C ALA A 184 18.58 -8.21 -8.66
N VAL A 185 19.79 -8.70 -8.80
CA VAL A 185 20.03 -10.13 -8.80
C VAL A 185 20.91 -10.53 -7.63
N LEU A 186 21.25 -9.52 -6.86
CA LEU A 186 22.09 -9.69 -5.68
C LEU A 186 21.35 -9.34 -4.41
N VAL A 187 20.16 -8.85 -4.59
CA VAL A 187 19.31 -8.43 -3.48
C VAL A 187 17.84 -8.70 -3.75
N GLU A 188 17.58 -9.49 -4.77
CA GLU A 188 16.22 -9.84 -5.16
C GLU A 188 15.51 -10.58 -4.02
N PRO A 189 14.50 -9.95 -3.38
CA PRO A 189 13.75 -10.57 -2.28
C PRO A 189 13.08 -11.88 -2.70
ZN ZN B . -9.72 -5.91 -5.97
ZN ZN C . 4.19 -5.24 -10.47
N SER A 1 -4.62 -18.77 -12.23
CA SER A 1 -5.88 -18.67 -12.99
C SER A 1 -6.51 -17.28 -12.83
N ALA A 2 -6.83 -16.65 -13.96
CA ALA A 2 -7.43 -15.32 -13.95
C ALA A 2 -6.51 -14.25 -13.39
N THR A 3 -6.62 -13.06 -13.95
CA THR A 3 -5.87 -11.92 -13.47
C THR A 3 -6.00 -11.81 -11.99
N ILE A 4 -7.23 -11.59 -11.62
CA ILE A 4 -7.67 -11.46 -10.24
C ILE A 4 -6.74 -10.64 -9.41
N CYS A 5 -7.24 -9.45 -9.22
CA CYS A 5 -6.60 -8.39 -8.49
C CYS A 5 -5.74 -8.88 -7.35
N ARG A 6 -4.49 -9.23 -7.65
CA ARG A 6 -3.53 -9.72 -6.67
C ARG A 6 -3.93 -9.34 -5.24
N VAL A 7 -4.33 -8.08 -5.07
CA VAL A 7 -4.75 -7.57 -3.79
C VAL A 7 -5.71 -8.51 -3.15
N CYS A 8 -6.86 -8.52 -3.75
CA CYS A 8 -7.95 -9.33 -3.28
C CYS A 8 -8.18 -10.56 -4.18
N GLN A 9 -7.27 -10.71 -5.15
CA GLN A 9 -7.22 -11.82 -6.08
C GLN A 9 -8.56 -12.18 -6.67
N LYS A 10 -9.35 -11.19 -6.96
CA LYS A 10 -10.58 -11.44 -7.63
C LYS A 10 -10.57 -10.81 -9.00
N PRO A 11 -11.28 -11.41 -9.93
CA PRO A 11 -11.34 -10.93 -11.29
C PRO A 11 -12.29 -9.77 -11.38
N GLY A 12 -11.93 -8.80 -12.18
CA GLY A 12 -12.78 -7.64 -12.29
C GLY A 12 -12.12 -6.40 -12.84
N ASP A 13 -12.21 -6.19 -14.14
CA ASP A 13 -11.62 -5.01 -14.75
C ASP A 13 -10.31 -4.65 -14.08
N LEU A 14 -9.52 -5.66 -13.85
CA LEU A 14 -8.25 -5.52 -13.20
C LEU A 14 -7.22 -4.94 -14.10
N VAL A 15 -6.32 -4.21 -13.47
CA VAL A 15 -5.22 -3.64 -14.17
C VAL A 15 -4.08 -4.61 -14.03
N MET A 16 -3.71 -5.22 -15.12
CA MET A 16 -2.65 -6.19 -15.06
C MET A 16 -1.34 -5.49 -15.25
N CYS A 17 -0.63 -5.27 -14.14
CA CYS A 17 0.65 -4.59 -14.19
C CYS A 17 1.36 -4.92 -15.47
N ASN A 18 1.45 -3.93 -16.34
CA ASN A 18 2.09 -4.09 -17.62
C ASN A 18 3.56 -4.46 -17.46
N GLN A 19 4.00 -4.58 -16.22
CA GLN A 19 5.40 -4.88 -15.96
C GLN A 19 5.64 -6.14 -15.13
N CYS A 20 4.77 -6.43 -14.17
CA CYS A 20 5.01 -7.61 -13.31
C CYS A 20 3.86 -8.62 -13.34
N GLU A 21 2.93 -8.46 -14.28
CA GLU A 21 1.80 -9.36 -14.45
C GLU A 21 0.74 -9.22 -13.35
N PHE A 22 1.06 -8.52 -12.26
CA PHE A 22 0.11 -8.27 -11.19
C PHE A 22 -1.24 -7.83 -11.74
N CYS A 23 -2.27 -7.79 -10.90
CA CYS A 23 -3.58 -7.34 -11.31
C CYS A 23 -4.21 -6.64 -10.15
N PHE A 24 -4.85 -5.53 -10.40
CA PHE A 24 -5.46 -4.81 -9.34
C PHE A 24 -6.82 -4.28 -9.76
N HIS A 25 -7.77 -4.39 -8.88
CA HIS A 25 -9.09 -3.85 -9.15
C HIS A 25 -9.05 -2.40 -9.31
N LEU A 26 -7.86 -1.84 -9.54
CA LEU A 26 -7.76 -0.43 -9.67
C LEU A 26 -8.05 0.21 -8.33
N ASP A 27 -9.25 -0.01 -7.85
CA ASP A 27 -9.63 0.49 -6.55
C ASP A 27 -8.82 -0.22 -5.48
N CYS A 28 -8.65 -1.54 -5.62
CA CYS A 28 -7.86 -2.27 -4.66
C CYS A 28 -6.42 -1.80 -4.81
N HIS A 29 -6.06 -1.16 -5.95
CA HIS A 29 -4.71 -0.64 -6.09
C HIS A 29 -4.50 0.25 -4.90
N LEU A 30 -3.31 0.22 -4.34
CA LEU A 30 -3.01 0.98 -3.17
C LEU A 30 -3.75 2.29 -3.10
N PRO A 31 -3.34 3.35 -3.81
CA PRO A 31 -4.06 4.58 -3.69
C PRO A 31 -5.22 4.58 -4.64
N ALA A 32 -5.46 3.38 -5.11
CA ALA A 32 -6.50 3.09 -6.07
C ALA A 32 -6.34 3.91 -7.31
N LEU A 33 -6.18 3.22 -8.43
CA LEU A 33 -6.05 3.84 -9.70
C LEU A 33 -7.06 4.93 -9.94
N GLN A 34 -7.06 5.39 -11.15
CA GLN A 34 -7.94 6.43 -11.55
C GLN A 34 -9.22 5.94 -12.16
N ASP A 35 -9.12 4.75 -12.72
CA ASP A 35 -10.24 4.12 -13.44
C ASP A 35 -9.70 2.99 -14.24
N VAL A 36 -8.51 3.29 -14.58
CA VAL A 36 -7.59 2.49 -15.29
C VAL A 36 -6.46 3.28 -15.90
N PRO A 37 -5.29 2.88 -15.45
CA PRO A 37 -4.00 3.43 -15.81
C PRO A 37 -3.58 3.04 -17.21
N GLY A 38 -4.58 2.76 -18.01
CA GLY A 38 -4.39 2.40 -19.39
C GLY A 38 -3.91 0.99 -19.56
N GLU A 39 -4.02 0.26 -18.48
CA GLU A 39 -3.61 -1.13 -18.42
C GLU A 39 -2.13 -1.31 -18.77
N GLU A 40 -1.45 -0.22 -19.10
CA GLU A 40 -0.06 -0.24 -19.41
C GLU A 40 0.67 0.12 -18.14
N TRP A 41 -0.13 0.19 -17.10
CA TRP A 41 0.25 0.50 -15.76
C TRP A 41 1.32 -0.45 -15.28
N SER A 42 1.52 -0.36 -14.02
CA SER A 42 2.43 -1.20 -13.31
C SER A 42 2.04 -1.18 -11.85
N CYS A 43 1.99 -2.36 -11.25
CA CYS A 43 1.56 -2.49 -9.87
C CYS A 43 2.44 -1.67 -8.96
N SER A 44 1.88 -0.56 -8.49
CA SER A 44 2.55 0.39 -7.59
C SER A 44 3.88 -0.10 -7.04
N LEU A 45 3.91 -1.33 -6.53
CA LEU A 45 5.14 -1.88 -5.98
C LEU A 45 6.33 -1.59 -6.91
N CYS A 46 6.01 -1.32 -8.18
CA CYS A 46 6.97 -1.02 -9.18
C CYS A 46 6.75 0.38 -9.69
N HIS A 47 5.47 0.71 -9.77
CA HIS A 47 5.01 1.99 -10.29
C HIS A 47 4.04 2.68 -9.34
N VAL A 48 4.41 2.84 -8.09
CA VAL A 48 3.54 3.50 -7.15
C VAL A 48 3.32 4.95 -7.54
N LEU A 49 2.15 5.45 -7.21
CA LEU A 49 1.77 6.81 -7.52
C LEU A 49 0.99 7.45 -6.40
N PRO A 50 1.02 8.77 -6.38
CA PRO A 50 0.28 9.57 -5.41
C PRO A 50 -1.19 9.17 -5.37
N ASP A 51 -2.03 10.11 -5.69
CA ASP A 51 -3.46 9.87 -5.73
C ASP A 51 -4.16 10.97 -6.54
N LEU A 52 -3.54 12.13 -6.51
CA LEU A 52 -4.01 13.31 -7.21
C LEU A 52 -4.79 13.00 -8.46
N LYS A 53 -6.01 13.51 -8.51
CA LYS A 53 -6.87 13.34 -9.65
C LYS A 53 -6.14 13.75 -10.93
N GLU A 54 -5.09 14.54 -10.75
CA GLU A 54 -4.30 15.04 -11.86
C GLU A 54 -5.17 15.66 -12.94
N GLU A 55 -5.74 16.82 -12.61
CA GLU A 55 -6.59 17.55 -13.54
C GLU A 55 -5.75 18.23 -14.59
N ASP A 56 -4.47 18.04 -14.44
CA ASP A 56 -3.45 18.58 -15.31
C ASP A 56 -3.64 20.07 -15.53
N GLY A 57 -4.23 20.73 -14.55
CA GLY A 57 -4.45 22.16 -14.64
C GLY A 57 -3.17 22.93 -14.34
N SER A 58 -2.15 22.18 -13.94
CA SER A 58 -0.85 22.76 -13.63
C SER A 58 0.23 21.66 -13.63
N LEU A 59 -0.15 20.47 -14.08
CA LEU A 59 0.76 19.35 -14.13
C LEU A 59 0.90 18.87 -15.57
N SER A 60 2.05 19.16 -16.17
CA SER A 60 2.30 18.79 -17.55
C SER A 60 3.71 19.21 -17.85
N LEU A 61 4.06 20.37 -17.31
CA LEU A 61 5.40 20.91 -17.44
C LEU A 61 5.50 22.28 -16.76
N ASP A 62 4.59 23.18 -17.12
CA ASP A 62 4.56 24.52 -16.55
C ASP A 62 4.71 24.49 -15.03
N GLY A 63 5.86 24.91 -14.56
CA GLY A 63 6.13 24.94 -13.13
C GLY A 63 6.21 23.57 -12.53
N ALA A 64 6.94 23.47 -11.42
CA ALA A 64 7.11 22.21 -10.74
C ALA A 64 5.88 21.84 -9.93
N ASP A 65 5.70 22.50 -8.79
CA ASP A 65 4.57 22.26 -7.92
C ASP A 65 3.25 22.36 -8.69
N SER A 66 2.23 21.64 -8.21
CA SER A 66 0.92 21.66 -8.86
C SER A 66 -0.15 22.11 -7.88
N THR A 67 -0.45 21.25 -6.90
CA THR A 67 -1.46 21.55 -5.89
C THR A 67 -0.91 21.26 -4.49
N GLY A 68 0.34 21.62 -4.27
CA GLY A 68 0.96 21.39 -2.97
C GLY A 68 1.66 20.04 -2.91
N VAL A 69 2.98 20.06 -2.77
CA VAL A 69 3.76 18.82 -2.70
C VAL A 69 3.24 17.90 -1.59
N VAL A 70 3.72 18.10 -0.36
CA VAL A 70 3.30 17.31 0.78
C VAL A 70 4.17 17.59 1.99
N ALA A 71 5.37 17.03 2.00
CA ALA A 71 6.33 17.21 3.09
C ALA A 71 5.93 16.38 4.29
N LYS A 72 4.67 16.48 4.63
CA LYS A 72 4.07 15.70 5.72
C LYS A 72 4.67 14.33 5.69
N LEU A 73 4.31 13.68 4.63
CA LEU A 73 4.75 12.38 4.27
C LEU A 73 6.03 12.49 3.47
N SER A 74 5.79 13.02 2.26
CA SER A 74 6.77 13.23 1.20
C SER A 74 6.19 12.58 -0.05
N PRO A 75 6.51 13.10 -1.22
CA PRO A 75 5.98 12.57 -2.48
C PRO A 75 6.39 11.14 -2.66
N ALA A 76 7.59 10.92 -2.19
CA ALA A 76 8.21 9.63 -2.28
C ALA A 76 7.93 8.78 -1.06
N ASN A 77 7.88 9.39 0.12
CA ASN A 77 7.63 8.63 1.32
C ASN A 77 6.24 8.03 1.23
N GLN A 78 5.40 8.70 0.43
CA GLN A 78 4.07 8.24 0.21
C GLN A 78 4.17 7.08 -0.71
N ARG A 79 4.95 7.32 -1.75
CA ARG A 79 5.23 6.34 -2.76
C ARG A 79 5.68 5.02 -2.16
N LYS A 80 6.83 5.08 -1.49
CA LYS A 80 7.46 3.93 -0.86
C LYS A 80 6.53 3.11 0.03
N CYS A 81 5.90 3.76 0.99
CA CYS A 81 5.04 3.07 1.90
C CYS A 81 3.84 2.58 1.12
N GLU A 82 3.32 3.40 0.22
CA GLU A 82 2.22 2.94 -0.60
C GLU A 82 2.67 1.71 -1.39
N ARG A 83 3.99 1.48 -1.48
CA ARG A 83 4.52 0.33 -2.16
C ARG A 83 4.45 -0.81 -1.17
N VAL A 84 4.31 -0.38 0.08
CA VAL A 84 4.20 -1.26 1.21
C VAL A 84 2.78 -1.70 1.50
N LEU A 85 1.81 -0.78 1.50
CA LEU A 85 0.49 -1.20 1.75
C LEU A 85 0.19 -2.15 0.67
N LEU A 86 0.75 -1.83 -0.49
CA LEU A 86 0.68 -2.68 -1.65
C LEU A 86 1.35 -3.97 -1.34
N ALA A 87 2.65 -3.89 -1.03
CA ALA A 87 3.36 -5.07 -0.67
C ALA A 87 2.44 -6.02 0.06
N LEU A 88 1.79 -5.50 1.08
CA LEU A 88 0.83 -6.26 1.83
C LEU A 88 -0.37 -6.57 0.96
N PHE A 89 -1.06 -5.50 0.66
CA PHE A 89 -2.28 -5.46 -0.18
C PHE A 89 -2.24 -6.54 -1.26
N CYS A 90 -1.34 -6.33 -2.21
CA CYS A 90 -1.15 -7.25 -3.32
C CYS A 90 -1.11 -8.74 -2.90
N HIS A 91 -0.55 -9.08 -1.74
CA HIS A 91 -0.47 -10.48 -1.37
C HIS A 91 -1.69 -10.98 -0.61
N GLU A 92 -1.69 -12.26 -0.24
CA GLU A 92 -2.84 -12.84 0.44
C GLU A 92 -2.86 -12.62 1.95
N PRO A 93 -1.76 -12.95 2.66
CA PRO A 93 -1.66 -12.72 4.09
C PRO A 93 -2.39 -11.45 4.49
N CYS A 94 -2.32 -10.48 3.60
CA CYS A 94 -2.97 -9.23 3.81
C CYS A 94 -4.45 -9.39 3.59
N ARG A 95 -4.85 -10.21 2.61
CA ARG A 95 -6.27 -10.44 2.38
C ARG A 95 -7.00 -10.30 3.72
N PRO A 96 -6.62 -11.08 4.77
CA PRO A 96 -7.20 -10.87 6.10
C PRO A 96 -6.87 -9.48 6.63
N LEU A 97 -5.57 -9.16 6.64
CA LEU A 97 -5.08 -7.89 7.10
C LEU A 97 -5.79 -6.71 6.50
N HIS A 98 -6.46 -6.94 5.42
CA HIS A 98 -7.15 -5.91 4.68
C HIS A 98 -8.26 -5.27 5.45
N GLN A 99 -9.09 -6.07 6.05
CA GLN A 99 -10.21 -5.55 6.76
C GLN A 99 -10.43 -6.25 8.09
N LEU A 100 -9.45 -6.13 8.96
CA LEU A 100 -9.49 -6.72 10.29
C LEU A 100 -10.29 -5.87 11.23
N ALA A 101 -10.09 -4.57 11.11
CA ALA A 101 -10.75 -3.63 11.95
C ALA A 101 -12.19 -3.48 11.52
N THR A 102 -12.74 -2.28 11.67
CA THR A 102 -14.09 -1.99 11.23
C THR A 102 -13.98 -0.79 10.34
N ASP A 103 -12.72 -0.56 9.97
CA ASP A 103 -12.32 0.55 9.14
C ASP A 103 -13.17 1.78 9.44
N SER A 104 -13.44 1.96 10.72
CA SER A 104 -14.24 3.05 11.25
C SER A 104 -14.37 2.85 12.75
N THR A 105 -13.55 1.93 13.26
CA THR A 105 -13.52 1.57 14.65
C THR A 105 -13.35 2.77 15.57
N PHE A 106 -12.14 3.33 15.59
CA PHE A 106 -11.85 4.45 16.45
C PHE A 106 -11.21 5.57 15.67
N SER A 107 -11.04 5.31 14.38
CA SER A 107 -10.42 6.28 13.48
C SER A 107 -8.98 6.54 13.84
N LEU A 108 -8.26 5.49 14.21
CA LEU A 108 -6.89 5.61 14.60
C LEU A 108 -6.72 6.58 15.74
N ASP A 109 -7.84 7.02 16.25
CA ASP A 109 -7.86 7.93 17.37
C ASP A 109 -7.47 7.13 18.59
N GLN A 110 -7.10 5.89 18.30
CA GLN A 110 -6.68 4.97 19.27
C GLN A 110 -5.18 4.83 19.18
N PRO A 111 -4.51 4.99 20.31
CA PRO A 111 -3.08 4.91 20.42
C PRO A 111 -2.51 3.61 19.89
N GLY A 112 -3.38 2.67 19.52
CA GLY A 112 -2.91 1.43 18.97
C GLY A 112 -3.96 0.33 18.93
N GLY A 113 -4.72 0.29 17.84
CA GLY A 113 -5.73 -0.74 17.68
C GLY A 113 -5.52 -1.52 16.40
N THR A 114 -6.59 -1.76 15.64
CA THR A 114 -6.51 -2.48 14.40
C THR A 114 -6.60 -1.52 13.24
N LEU A 115 -5.62 -1.61 12.37
CA LEU A 115 -5.56 -0.74 11.23
C LEU A 115 -5.26 -1.49 9.96
N ASP A 116 -6.18 -2.33 9.59
CA ASP A 116 -6.05 -3.18 8.44
C ASP A 116 -5.63 -2.37 7.20
N LEU A 117 -5.09 -3.05 6.19
CA LEU A 117 -4.60 -2.42 4.97
C LEU A 117 -5.35 -1.16 4.61
N THR A 118 -6.65 -1.21 4.73
CA THR A 118 -7.50 -0.09 4.32
C THR A 118 -7.46 1.02 5.34
N LEU A 119 -7.51 0.62 6.58
CA LEU A 119 -7.43 1.53 7.67
C LEU A 119 -6.17 2.37 7.51
N ILE A 120 -5.09 1.64 7.48
CA ILE A 120 -3.78 2.16 7.28
C ILE A 120 -3.73 2.96 5.98
N ARG A 121 -4.30 2.35 4.97
CA ARG A 121 -4.40 2.92 3.65
C ARG A 121 -4.99 4.28 3.69
N ALA A 122 -5.90 4.35 4.57
CA ALA A 122 -6.67 5.52 4.80
C ALA A 122 -5.90 6.62 5.54
N ARG A 123 -4.87 6.28 6.33
CA ARG A 123 -4.08 7.32 6.98
C ARG A 123 -3.36 7.95 5.83
N LEU A 124 -2.71 7.04 5.14
CA LEU A 124 -2.01 7.28 3.93
C LEU A 124 -2.78 8.13 2.96
N GLN A 125 -4.02 7.73 2.74
CA GLN A 125 -4.87 8.38 1.80
C GLN A 125 -5.55 9.62 2.39
N GLU A 126 -6.30 9.36 3.46
CA GLU A 126 -7.08 10.35 4.21
C GLU A 126 -8.51 9.87 4.29
N LYS A 127 -8.68 8.57 4.06
CA LYS A 127 -9.98 7.94 4.11
C LYS A 127 -10.33 7.76 5.56
N LEU A 128 -9.28 7.52 6.30
CA LEU A 128 -9.35 7.31 7.72
C LEU A 128 -9.55 8.61 8.47
N SER A 129 -8.46 9.24 8.78
CA SER A 129 -8.50 10.51 9.49
C SER A 129 -7.91 11.64 8.68
N PRO A 130 -6.60 11.90 8.69
CA PRO A 130 -6.06 12.96 7.94
C PRO A 130 -5.10 12.40 6.87
N PRO A 131 -4.07 13.13 6.45
CA PRO A 131 -3.12 12.65 5.46
C PRO A 131 -1.90 12.02 6.13
N TYR A 132 -1.37 10.96 5.52
CA TYR A 132 -0.19 10.33 6.04
C TYR A 132 0.79 11.36 6.48
N SER A 133 1.48 11.08 7.54
CA SER A 133 2.47 11.99 8.04
C SER A 133 3.84 11.39 7.95
N SER A 134 3.90 10.10 7.63
CA SER A 134 5.19 9.44 7.49
C SER A 134 5.03 7.97 7.24
N PRO A 135 5.93 7.38 6.44
CA PRO A 135 5.89 5.95 6.16
C PRO A 135 5.68 5.15 7.42
N GLN A 136 6.12 5.69 8.55
CA GLN A 136 5.96 5.01 9.79
C GLN A 136 4.49 4.99 10.20
N GLU A 137 3.76 6.06 9.89
CA GLU A 137 2.36 6.14 10.19
C GLU A 137 1.66 4.81 9.94
N PHE A 138 1.64 4.43 8.68
CA PHE A 138 0.96 3.25 8.25
C PHE A 138 1.82 2.04 8.45
N ALA A 139 3.08 2.12 8.09
CA ALA A 139 3.96 0.98 8.26
C ALA A 139 3.89 0.47 9.67
N GLN A 140 4.17 1.37 10.60
CA GLN A 140 4.15 1.02 11.97
C GLN A 140 2.82 0.42 12.30
N ASP A 141 1.80 0.97 11.68
CA ASP A 141 0.45 0.49 11.85
C ASP A 141 0.42 -0.93 11.32
N VAL A 142 0.94 -1.15 10.13
CA VAL A 142 1.01 -2.45 9.58
C VAL A 142 1.46 -3.43 10.61
N GLY A 143 2.38 -2.98 11.43
CA GLY A 143 2.83 -3.82 12.51
C GLY A 143 1.65 -4.17 13.37
N ARG A 144 0.85 -3.16 13.67
CA ARG A 144 -0.37 -3.34 14.42
C ARG A 144 -1.27 -4.29 13.66
N MET A 145 -1.59 -3.87 12.44
CA MET A 145 -2.33 -4.67 11.49
C MET A 145 -2.02 -6.12 11.72
N PHE A 146 -0.74 -6.34 11.71
CA PHE A 146 -0.15 -7.64 11.92
C PHE A 146 -0.54 -8.15 13.29
N LYS A 147 -0.33 -7.32 14.30
CA LYS A 147 -0.63 -7.69 15.67
C LYS A 147 -2.04 -8.17 15.91
N GLN A 148 -3.03 -7.34 15.61
CA GLN A 148 -4.39 -7.72 15.89
C GLN A 148 -4.72 -8.94 15.08
N PHE A 149 -4.59 -8.79 13.78
CA PHE A 149 -4.85 -9.85 12.82
C PHE A 149 -4.25 -11.16 13.32
N ASN A 150 -3.01 -11.08 13.75
CA ASN A 150 -2.28 -12.22 14.22
C ASN A 150 -2.99 -12.86 15.41
N LYS A 151 -3.74 -12.03 16.11
CA LYS A 151 -4.53 -12.46 17.26
C LYS A 151 -6.01 -12.63 16.96
N LEU A 152 -6.44 -12.11 15.82
CA LEU A 152 -7.84 -12.15 15.45
C LEU A 152 -8.24 -13.54 15.15
N THR A 153 -7.29 -14.26 14.64
CA THR A 153 -7.47 -15.63 14.33
C THR A 153 -7.80 -16.41 15.58
N GLU A 154 -6.78 -16.53 16.40
CA GLU A 154 -6.80 -17.21 17.68
C GLU A 154 -7.01 -18.72 17.54
N ASP A 155 -7.91 -19.08 16.64
CA ASP A 155 -8.23 -20.47 16.40
C ASP A 155 -7.13 -21.10 15.57
N LYS A 156 -6.54 -20.28 14.72
CA LYS A 156 -5.46 -20.70 13.84
C LYS A 156 -4.12 -20.20 14.32
N ALA A 157 -3.08 -20.54 13.58
CA ALA A 157 -1.77 -20.05 13.90
C ALA A 157 -1.75 -18.58 13.58
N ASP A 158 -1.80 -18.34 12.28
CA ASP A 158 -1.89 -17.03 11.70
C ASP A 158 -0.61 -16.27 11.78
N VAL A 159 0.01 -16.36 12.92
CA VAL A 159 1.23 -15.68 13.17
C VAL A 159 2.08 -15.67 11.94
N GLN A 160 2.59 -16.82 11.62
CA GLN A 160 3.47 -16.98 10.49
C GLN A 160 2.86 -16.34 9.24
N SER A 161 1.53 -16.38 9.15
CA SER A 161 0.86 -15.79 7.99
C SER A 161 1.09 -14.31 8.08
N ILE A 162 0.89 -13.80 9.28
CA ILE A 162 1.16 -12.44 9.56
C ILE A 162 2.57 -12.18 9.16
N ILE A 163 3.48 -12.93 9.78
CA ILE A 163 4.86 -12.84 9.50
C ILE A 163 5.12 -12.81 8.01
N GLY A 164 4.22 -13.42 7.27
CA GLY A 164 4.34 -13.40 5.83
C GLY A 164 4.33 -11.97 5.38
N LEU A 165 3.32 -11.22 5.82
CA LEU A 165 3.28 -9.83 5.53
C LEU A 165 4.45 -9.20 6.23
N GLN A 166 4.47 -9.35 7.53
CA GLN A 166 5.49 -8.75 8.33
C GLN A 166 6.85 -8.74 7.61
N ARG A 167 7.20 -9.83 6.95
CA ARG A 167 8.44 -9.91 6.19
C ARG A 167 8.27 -9.21 4.85
N PHE A 168 7.20 -9.55 4.12
CA PHE A 168 6.90 -8.94 2.85
C PHE A 168 6.86 -7.44 3.05
N PHE A 169 5.98 -7.04 3.93
CA PHE A 169 5.86 -5.69 4.42
C PHE A 169 7.20 -4.99 4.41
N GLU A 170 8.05 -5.46 5.28
CA GLU A 170 9.37 -4.90 5.47
C GLU A 170 10.27 -5.00 4.26
N THR A 171 10.00 -5.99 3.42
CA THR A 171 10.76 -6.22 2.21
C THR A 171 10.54 -5.14 1.21
N ARG A 172 9.30 -4.95 0.82
CA ARG A 172 8.95 -3.94 -0.16
C ARG A 172 9.15 -2.60 0.49
N MET A 173 8.85 -2.54 1.77
CA MET A 173 9.12 -1.36 2.51
C MET A 173 10.63 -1.13 2.50
N ASN A 174 11.37 -2.23 2.28
CA ASN A 174 12.83 -2.15 2.20
C ASN A 174 13.21 -1.93 0.74
N GLU A 175 12.27 -2.28 -0.11
CA GLU A 175 12.39 -2.15 -1.55
C GLU A 175 12.33 -0.68 -1.91
N ALA A 176 11.54 -0.01 -1.10
CA ALA A 176 11.30 1.42 -1.24
C ALA A 176 12.19 2.22 -0.31
N PHE A 177 12.69 1.58 0.73
CA PHE A 177 13.55 2.26 1.68
C PHE A 177 14.92 1.57 1.77
N GLY A 178 15.36 0.92 0.70
CA GLY A 178 16.64 0.25 0.76
C GLY A 178 17.33 -0.01 -0.57
N ASP A 179 16.75 -0.91 -1.39
CA ASP A 179 17.36 -1.31 -2.67
C ASP A 179 16.82 -2.67 -3.12
N THR A 180 16.05 -3.34 -2.24
CA THR A 180 15.50 -4.63 -2.54
C THR A 180 14.96 -4.65 -3.96
N LYS A 181 14.33 -3.52 -4.34
CA LYS A 181 13.77 -3.32 -5.67
C LYS A 181 13.73 -4.59 -6.49
N PHE A 182 12.87 -5.47 -6.01
CA PHE A 182 12.62 -6.77 -6.61
C PHE A 182 12.83 -6.73 -8.12
N SER A 183 13.94 -7.33 -8.56
CA SER A 183 14.28 -7.38 -9.98
C SER A 183 14.08 -6.02 -10.63
N ALA A 184 14.80 -5.02 -10.15
CA ALA A 184 14.71 -3.70 -10.69
C ALA A 184 15.94 -3.41 -11.50
N VAL A 185 15.75 -2.72 -12.58
CA VAL A 185 16.85 -2.38 -13.42
C VAL A 185 17.49 -1.09 -12.95
N LEU A 186 16.91 -0.58 -11.90
CA LEU A 186 17.35 0.63 -11.24
C LEU A 186 17.60 0.33 -9.78
N VAL A 187 17.39 -0.94 -9.49
CA VAL A 187 17.49 -1.51 -8.16
C VAL A 187 18.03 -0.56 -7.13
N GLU A 188 17.14 0.30 -6.70
CA GLU A 188 17.40 1.32 -5.70
C GLU A 188 16.24 2.30 -5.56
N PRO A 189 15.67 2.44 -4.36
CA PRO A 189 14.55 3.36 -4.11
C PRO A 189 14.81 4.76 -4.67
ZN ZN B . -9.61 -6.50 -5.77
ZN ZN C . 4.36 -4.13 -11.30
N SER A 1 -3.34 -17.68 -12.41
CA SER A 1 -4.57 -17.99 -13.21
C SER A 1 -5.51 -16.80 -13.25
N ALA A 2 -5.96 -16.45 -14.44
CA ALA A 2 -6.88 -15.33 -14.64
C ALA A 2 -6.27 -14.00 -14.22
N THR A 3 -6.88 -12.93 -14.71
CA THR A 3 -6.46 -11.58 -14.37
C THR A 3 -6.49 -11.40 -12.88
N ILE A 4 -7.71 -11.46 -12.38
CA ILE A 4 -8.05 -11.33 -10.99
C ILE A 4 -7.04 -10.53 -10.18
N CYS A 5 -7.58 -9.47 -9.67
CA CYS A 5 -6.86 -8.49 -8.90
C CYS A 5 -5.90 -9.08 -7.89
N ARG A 6 -4.67 -9.28 -8.33
CA ARG A 6 -3.59 -9.85 -7.53
C ARG A 6 -3.84 -9.70 -6.02
N VAL A 7 -4.31 -8.52 -5.61
CA VAL A 7 -4.57 -8.26 -4.22
C VAL A 7 -5.62 -9.17 -3.69
N CYS A 8 -6.82 -8.92 -4.15
CA CYS A 8 -7.93 -9.67 -3.67
C CYS A 8 -8.25 -10.84 -4.59
N GLN A 9 -7.39 -10.96 -5.59
CA GLN A 9 -7.45 -11.98 -6.60
C GLN A 9 -8.84 -12.12 -7.16
N LYS A 10 -9.65 -11.11 -6.99
CA LYS A 10 -10.94 -11.18 -7.57
C LYS A 10 -10.91 -10.69 -8.99
N PRO A 11 -11.45 -11.50 -9.87
CA PRO A 11 -11.51 -11.19 -11.27
C PRO A 11 -12.28 -9.90 -11.50
N GLY A 12 -11.96 -9.26 -12.59
CA GLY A 12 -12.63 -8.03 -12.91
C GLY A 12 -11.81 -7.17 -13.82
N ASP A 13 -12.19 -5.91 -13.92
CA ASP A 13 -11.46 -4.99 -14.73
C ASP A 13 -10.21 -4.54 -14.00
N LEU A 14 -9.32 -5.48 -13.76
CA LEU A 14 -8.10 -5.19 -13.09
C LEU A 14 -7.13 -4.50 -14.01
N VAL A 15 -6.18 -3.86 -13.40
CA VAL A 15 -5.12 -3.22 -14.13
C VAL A 15 -3.98 -4.19 -14.19
N MET A 16 -3.67 -4.66 -15.36
CA MET A 16 -2.62 -5.62 -15.49
C MET A 16 -1.30 -4.90 -15.52
N CYS A 17 -0.61 -4.92 -14.38
CA CYS A 17 0.68 -4.26 -14.24
C CYS A 17 1.43 -4.37 -15.55
N ASN A 18 1.44 -3.26 -16.29
CA ASN A 18 2.12 -3.21 -17.57
C ASN A 18 3.54 -3.74 -17.41
N GLN A 19 3.94 -3.90 -16.16
CA GLN A 19 5.26 -4.38 -15.85
C GLN A 19 5.29 -5.81 -15.33
N CYS A 20 4.28 -6.21 -14.54
CA CYS A 20 4.33 -7.59 -14.00
C CYS A 20 2.97 -8.25 -13.85
N GLU A 21 2.05 -7.98 -14.78
CA GLU A 21 0.73 -8.57 -14.77
C GLU A 21 -0.11 -8.22 -13.53
N PHE A 22 0.54 -7.89 -12.41
CA PHE A 22 -0.16 -7.52 -11.18
C PHE A 22 -1.47 -6.78 -11.48
N CYS A 23 -2.58 -7.54 -11.44
CA CYS A 23 -3.89 -7.02 -11.72
C CYS A 23 -4.47 -6.38 -10.49
N PHE A 24 -5.07 -5.25 -10.69
CA PHE A 24 -5.65 -4.54 -9.59
C PHE A 24 -6.98 -3.92 -9.92
N HIS A 25 -7.91 -4.15 -9.03
CA HIS A 25 -9.23 -3.56 -9.13
C HIS A 25 -9.18 -2.09 -9.06
N LEU A 26 -7.97 -1.60 -9.09
CA LEU A 26 -7.73 -0.21 -8.99
C LEU A 26 -7.95 0.23 -7.59
N ASP A 27 -9.18 0.06 -7.20
CA ASP A 27 -9.60 0.40 -5.87
C ASP A 27 -8.81 -0.43 -4.87
N CYS A 28 -8.53 -1.68 -5.23
CA CYS A 28 -7.71 -2.52 -4.35
C CYS A 28 -6.27 -2.01 -4.39
N HIS A 29 -5.88 -1.34 -5.49
CA HIS A 29 -4.54 -0.76 -5.53
C HIS A 29 -4.45 0.15 -4.32
N LEU A 30 -3.32 0.20 -3.67
CA LEU A 30 -3.18 0.99 -2.46
C LEU A 30 -3.84 2.35 -2.57
N PRO A 31 -3.24 3.33 -3.22
CA PRO A 31 -3.88 4.62 -3.27
C PRO A 31 -5.16 4.52 -4.08
N ALA A 32 -5.40 3.33 -4.58
CA ALA A 32 -6.58 3.04 -5.32
C ALA A 32 -6.71 3.90 -6.53
N LEU A 33 -6.45 3.29 -7.68
CA LEU A 33 -6.59 3.98 -8.92
C LEU A 33 -7.92 4.65 -8.94
N GLN A 34 -8.84 3.85 -8.45
CA GLN A 34 -10.21 4.20 -8.31
C GLN A 34 -10.82 4.40 -9.66
N ASP A 35 -9.93 4.29 -10.61
CA ASP A 35 -10.23 4.48 -11.98
C ASP A 35 -8.95 4.37 -12.74
N VAL A 36 -8.88 3.28 -13.44
CA VAL A 36 -7.74 2.86 -14.17
C VAL A 36 -6.72 3.92 -14.54
N PRO A 37 -5.49 3.52 -14.25
CA PRO A 37 -4.25 4.23 -14.49
C PRO A 37 -3.71 3.90 -15.85
N GLY A 38 -4.59 3.32 -16.63
CA GLY A 38 -4.26 2.87 -17.96
C GLY A 38 -3.59 1.51 -17.90
N GLU A 39 -3.61 0.79 -19.00
CA GLU A 39 -3.01 -0.53 -19.06
C GLU A 39 -1.48 -0.43 -19.07
N GLU A 40 -0.97 0.74 -18.72
CA GLU A 40 0.41 1.02 -18.68
C GLU A 40 0.92 1.13 -17.26
N TRP A 41 -0.03 1.11 -16.33
CA TRP A 41 0.25 1.23 -14.95
C TRP A 41 1.27 0.23 -14.50
N SER A 42 1.70 0.45 -13.32
CA SER A 42 2.68 -0.40 -12.67
C SER A 42 2.33 -0.60 -11.21
N CYS A 43 1.92 -1.82 -10.86
CA CYS A 43 1.57 -2.13 -9.49
C CYS A 43 2.63 -1.59 -8.53
N SER A 44 2.21 -1.13 -7.35
CA SER A 44 3.11 -0.54 -6.36
C SER A 44 4.50 -1.18 -6.33
N LEU A 45 4.57 -2.51 -6.41
CA LEU A 45 5.85 -3.21 -6.40
C LEU A 45 6.57 -2.99 -7.73
N CYS A 46 6.15 -1.93 -8.40
CA CYS A 46 6.66 -1.51 -9.69
C CYS A 46 6.41 -0.02 -9.85
N HIS A 47 5.37 0.47 -9.16
CA HIS A 47 5.02 1.89 -9.20
C HIS A 47 6.03 2.67 -8.40
N VAL A 48 7.08 1.97 -8.03
CA VAL A 48 8.19 2.54 -7.29
C VAL A 48 8.63 3.83 -7.95
N LEU A 49 8.34 3.87 -9.22
CA LEU A 49 8.61 4.99 -10.08
C LEU A 49 10.09 5.34 -10.19
N PRO A 50 10.50 5.80 -11.37
CA PRO A 50 11.87 6.20 -11.66
C PRO A 50 12.36 7.30 -10.74
N ASP A 51 11.76 8.46 -10.91
CA ASP A 51 12.05 9.66 -10.12
C ASP A 51 13.24 10.42 -10.68
N LEU A 52 13.74 9.93 -11.79
CA LEU A 52 14.85 10.53 -12.49
C LEU A 52 14.59 11.95 -12.95
N LYS A 53 13.56 12.59 -12.42
CA LYS A 53 13.24 13.96 -12.77
C LYS A 53 14.49 14.81 -12.68
N GLU A 54 15.40 14.41 -11.81
CA GLU A 54 16.64 15.11 -11.58
C GLU A 54 16.40 16.61 -11.40
N GLU A 55 16.28 17.02 -10.14
CA GLU A 55 16.03 18.41 -9.80
C GLU A 55 16.89 19.35 -10.63
N ASP A 56 16.22 20.17 -11.44
CA ASP A 56 16.88 21.15 -12.29
C ASP A 56 18.11 20.56 -12.98
N GLY A 57 17.97 19.33 -13.46
CA GLY A 57 19.06 18.69 -14.16
C GLY A 57 19.41 19.42 -15.43
N SER A 58 18.57 20.38 -15.80
CA SER A 58 18.78 21.18 -16.99
C SER A 58 18.33 22.62 -16.77
N LEU A 59 17.66 22.87 -15.63
CA LEU A 59 17.18 24.19 -15.30
C LEU A 59 16.08 24.58 -16.26
N SER A 60 14.87 24.59 -15.75
CA SER A 60 13.72 24.90 -16.58
C SER A 60 12.53 25.21 -15.69
N LEU A 61 12.81 25.16 -14.40
CA LEU A 61 11.83 25.42 -13.37
C LEU A 61 10.51 24.71 -13.65
N ASP A 62 10.61 23.45 -14.05
CA ASP A 62 9.42 22.65 -14.36
C ASP A 62 8.31 22.84 -13.34
N GLY A 63 7.18 23.35 -13.80
CA GLY A 63 6.05 23.60 -12.93
C GLY A 63 6.37 24.51 -11.78
N ALA A 64 5.70 24.30 -10.66
CA ALA A 64 5.93 25.10 -9.48
C ALA A 64 5.69 24.28 -8.21
N ASP A 65 4.43 24.19 -7.80
CA ASP A 65 4.07 23.44 -6.60
C ASP A 65 4.44 21.97 -6.76
N SER A 66 5.67 21.63 -6.36
CA SER A 66 6.14 20.25 -6.45
C SER A 66 7.24 19.99 -5.43
N THR A 67 7.83 18.79 -5.50
CA THR A 67 8.90 18.39 -4.59
C THR A 67 8.49 18.64 -3.14
N GLY A 68 7.63 17.76 -2.64
CA GLY A 68 7.15 17.90 -1.28
C GLY A 68 5.88 18.73 -1.23
N VAL A 69 4.96 18.42 -2.13
CA VAL A 69 3.70 19.14 -2.22
C VAL A 69 2.95 19.08 -0.88
N VAL A 70 3.30 18.08 -0.08
CA VAL A 70 2.72 17.87 1.20
C VAL A 70 3.79 17.93 2.25
N ALA A 71 4.74 17.04 2.10
CA ALA A 71 5.89 16.96 2.95
C ALA A 71 5.53 16.79 4.41
N LYS A 72 4.46 16.04 4.61
CA LYS A 72 3.98 15.70 5.93
C LYS A 72 5.00 14.77 6.53
N LEU A 73 4.96 13.59 5.98
CA LEU A 73 5.89 12.55 6.30
C LEU A 73 7.04 12.62 5.30
N SER A 74 6.71 12.27 4.05
CA SER A 74 7.64 12.27 2.92
C SER A 74 6.95 11.77 1.67
N PRO A 75 7.05 12.53 0.56
CA PRO A 75 6.41 12.18 -0.71
C PRO A 75 6.95 10.90 -1.24
N ALA A 76 8.17 10.71 -0.84
CA ALA A 76 8.96 9.58 -1.24
C ALA A 76 8.73 8.42 -0.32
N ASN A 77 8.64 8.71 0.97
CA ASN A 77 8.40 7.66 1.91
C ASN A 77 7.05 7.08 1.60
N GLN A 78 6.06 7.97 1.46
CA GLN A 78 4.72 7.54 1.18
C GLN A 78 4.77 6.73 -0.06
N ARG A 79 5.65 7.17 -0.93
CA ARG A 79 5.89 6.50 -2.16
C ARG A 79 6.33 5.05 -1.88
N LYS A 80 7.29 4.92 -0.97
CA LYS A 80 7.82 3.63 -0.57
C LYS A 80 6.75 2.76 0.09
N CYS A 81 6.30 3.18 1.26
CA CYS A 81 5.28 2.48 1.98
C CYS A 81 4.14 2.20 1.05
N GLU A 82 3.78 3.17 0.21
CA GLU A 82 2.73 2.91 -0.72
C GLU A 82 3.00 1.60 -1.46
N ARG A 83 4.27 1.37 -1.74
CA ARG A 83 4.66 0.15 -2.41
C ARG A 83 4.37 -0.99 -1.46
N VAL A 84 4.22 -0.60 -0.20
CA VAL A 84 3.98 -1.52 0.89
C VAL A 84 2.51 -1.81 1.24
N LEU A 85 1.59 -0.83 1.38
CA LEU A 85 0.25 -1.20 1.75
C LEU A 85 -0.17 -2.09 0.67
N LEU A 86 0.24 -1.68 -0.49
CA LEU A 86 -0.02 -2.41 -1.65
C LEU A 86 0.77 -3.70 -1.61
N ALA A 87 2.08 -3.67 -1.31
CA ALA A 87 2.84 -4.92 -1.20
C ALA A 87 2.03 -5.91 -0.38
N LEU A 88 1.62 -5.45 0.81
CA LEU A 88 0.80 -6.22 1.68
C LEU A 88 -0.39 -6.71 0.92
N PHE A 89 -1.19 -5.74 0.57
CA PHE A 89 -2.41 -5.91 -0.21
C PHE A 89 -2.32 -7.04 -1.24
N CYS A 90 -1.47 -6.80 -2.25
CA CYS A 90 -1.24 -7.74 -3.33
C CYS A 90 -1.09 -9.18 -2.86
N HIS A 91 -0.46 -9.42 -1.72
CA HIS A 91 -0.28 -10.77 -1.25
C HIS A 91 -1.46 -11.25 -0.44
N GLU A 92 -1.39 -12.48 0.07
CA GLU A 92 -2.52 -13.01 0.80
C GLU A 92 -2.55 -12.66 2.30
N PRO A 93 -1.47 -12.97 3.05
CA PRO A 93 -1.38 -12.65 4.47
C PRO A 93 -2.15 -11.38 4.81
N CYS A 94 -2.06 -10.42 3.92
CA CYS A 94 -2.78 -9.19 4.10
C CYS A 94 -4.25 -9.46 3.97
N ARG A 95 -4.65 -10.25 2.97
CA ARG A 95 -6.06 -10.56 2.78
C ARG A 95 -6.77 -10.53 4.13
N PRO A 96 -6.36 -11.35 5.13
CA PRO A 96 -6.94 -11.27 6.47
C PRO A 96 -6.76 -9.87 7.06
N LEU A 97 -5.53 -9.36 6.98
CA LEU A 97 -5.19 -8.04 7.48
C LEU A 97 -6.11 -6.94 6.96
N HIS A 98 -6.32 -6.93 5.65
CA HIS A 98 -7.14 -5.92 4.99
C HIS A 98 -8.34 -5.58 5.83
N GLN A 99 -8.81 -6.59 6.52
CA GLN A 99 -9.98 -6.47 7.32
C GLN A 99 -9.83 -7.17 8.66
N LEU A 100 -9.62 -6.38 9.70
CA LEU A 100 -9.46 -6.90 11.05
C LEU A 100 -10.17 -6.04 12.06
N ALA A 101 -10.09 -4.74 11.86
CA ALA A 101 -10.63 -3.79 12.79
C ALA A 101 -12.12 -3.57 12.58
N THR A 102 -12.63 -2.60 13.31
CA THR A 102 -14.03 -2.20 13.23
C THR A 102 -14.03 -0.73 12.92
N ASP A 103 -12.84 -0.33 12.47
CA ASP A 103 -12.49 1.02 12.12
C ASP A 103 -13.60 2.03 12.37
N SER A 104 -14.41 2.30 11.34
CA SER A 104 -15.50 3.27 11.47
C SER A 104 -14.95 4.60 11.97
N THR A 105 -13.82 5.01 11.39
CA THR A 105 -13.17 6.24 11.77
C THR A 105 -12.79 6.26 13.23
N PHE A 106 -11.83 5.44 13.62
CA PHE A 106 -11.42 5.47 14.99
C PHE A 106 -10.10 4.76 15.24
N SER A 107 -9.57 4.08 14.25
CA SER A 107 -8.31 3.38 14.46
C SER A 107 -7.21 4.29 14.97
N LEU A 108 -7.41 5.60 14.84
CA LEU A 108 -6.44 6.58 15.29
C LEU A 108 -6.35 6.60 16.78
N ASP A 109 -7.41 6.11 17.39
CA ASP A 109 -7.49 6.05 18.83
C ASP A 109 -8.73 5.30 19.27
N GLN A 110 -9.02 4.26 18.52
CA GLN A 110 -10.13 3.44 18.75
C GLN A 110 -10.01 2.84 20.14
N PRO A 111 -11.01 2.08 20.57
CA PRO A 111 -11.02 1.48 21.88
C PRO A 111 -9.89 0.45 22.06
N GLY A 112 -8.89 0.52 21.19
CA GLY A 112 -7.75 -0.38 21.30
C GLY A 112 -6.79 -0.31 20.13
N GLY A 113 -7.30 -0.53 18.92
CA GLY A 113 -6.45 -0.48 17.74
C GLY A 113 -6.23 -1.84 17.10
N THR A 114 -6.70 -2.00 15.87
CA THR A 114 -6.56 -3.23 15.14
C THR A 114 -6.08 -2.93 13.75
N LEU A 115 -6.51 -1.77 13.30
CA LEU A 115 -6.22 -1.29 11.99
C LEU A 115 -6.37 -2.40 10.97
N ASP A 116 -5.87 -2.12 9.79
CA ASP A 116 -5.89 -3.05 8.70
C ASP A 116 -5.44 -2.29 7.45
N LEU A 117 -5.00 -2.98 6.41
CA LEU A 117 -4.49 -2.34 5.20
C LEU A 117 -5.23 -1.11 4.82
N THR A 118 -6.50 -1.31 4.64
CA THR A 118 -7.39 -0.28 4.14
C THR A 118 -7.36 0.95 5.00
N LEU A 119 -7.22 0.74 6.28
CA LEU A 119 -7.14 1.84 7.20
C LEU A 119 -5.93 2.66 6.88
N ILE A 120 -4.83 2.02 7.09
CA ILE A 120 -3.53 2.54 6.83
C ILE A 120 -3.38 3.09 5.43
N ARG A 121 -4.17 2.52 4.55
CA ARG A 121 -4.14 2.82 3.14
C ARG A 121 -4.87 4.10 2.83
N ALA A 122 -6.02 4.21 3.40
CA ALA A 122 -6.84 5.38 3.20
C ALA A 122 -6.18 6.48 3.93
N ARG A 123 -5.58 6.04 5.00
CA ARG A 123 -4.83 6.86 5.89
C ARG A 123 -3.87 7.68 5.08
N LEU A 124 -3.04 6.95 4.36
CA LEU A 124 -2.12 7.52 3.42
C LEU A 124 -2.85 8.52 2.57
N GLN A 125 -4.00 8.08 2.07
CA GLN A 125 -4.83 8.86 1.21
C GLN A 125 -5.45 10.02 1.99
N GLU A 126 -5.37 9.89 3.31
CA GLU A 126 -5.89 10.87 4.27
C GLU A 126 -7.36 10.58 4.55
N LYS A 127 -7.87 9.57 3.88
CA LYS A 127 -9.22 9.13 4.05
C LYS A 127 -9.45 8.57 5.42
N LEU A 128 -8.38 8.02 5.96
CA LEU A 128 -8.46 7.39 7.27
C LEU A 128 -8.11 8.29 8.44
N SER A 129 -7.35 9.32 8.22
CA SER A 129 -7.02 10.23 9.30
C SER A 129 -6.42 11.54 8.86
N PRO A 130 -6.45 12.50 9.79
CA PRO A 130 -5.90 13.80 9.56
C PRO A 130 -4.41 13.80 9.17
N PRO A 131 -3.51 13.23 10.01
CA PRO A 131 -2.07 13.21 9.71
C PRO A 131 -1.78 12.32 8.52
N TYR A 132 -0.69 11.56 8.56
CA TYR A 132 -0.37 10.67 7.49
C TYR A 132 0.03 11.39 6.25
N SER A 133 0.67 10.60 5.41
CA SER A 133 1.19 11.03 4.16
C SER A 133 2.37 10.19 3.77
N SER A 134 2.72 9.16 4.60
CA SER A 134 3.86 8.27 4.32
C SER A 134 4.07 7.18 5.42
N PRO A 135 5.03 6.24 5.17
CA PRO A 135 5.37 5.08 6.01
C PRO A 135 5.29 5.21 7.51
N GLN A 136 6.14 6.05 8.09
CA GLN A 136 6.18 6.15 9.53
C GLN A 136 4.78 5.94 10.06
N GLU A 137 3.87 6.65 9.45
CA GLU A 137 2.50 6.58 9.75
C GLU A 137 1.87 5.23 9.50
N PHE A 138 1.94 4.84 8.26
CA PHE A 138 1.29 3.66 7.77
C PHE A 138 2.03 2.43 8.15
N ALA A 139 3.26 2.34 7.72
CA ALA A 139 4.09 1.19 8.03
C ALA A 139 3.99 0.86 9.49
N GLN A 140 4.16 1.88 10.35
CA GLN A 140 4.11 1.62 11.73
C GLN A 140 2.80 0.96 12.09
N ASP A 141 1.73 1.46 11.48
CA ASP A 141 0.43 0.89 11.72
C ASP A 141 0.47 -0.53 11.24
N VAL A 142 0.84 -0.76 10.00
CA VAL A 142 0.99 -2.08 9.50
C VAL A 142 1.61 -3.00 10.51
N GLY A 143 2.69 -2.54 11.10
CA GLY A 143 3.33 -3.34 12.09
C GLY A 143 2.33 -3.74 13.15
N ARG A 144 1.39 -2.84 13.39
CA ARG A 144 0.31 -3.08 14.30
C ARG A 144 -0.64 -4.06 13.67
N MET A 145 -1.07 -3.71 12.46
CA MET A 145 -1.90 -4.53 11.64
C MET A 145 -1.56 -5.94 11.92
N PHE A 146 -0.29 -6.16 11.71
CA PHE A 146 0.40 -7.41 11.91
C PHE A 146 0.20 -7.90 13.34
N LYS A 147 0.45 -7.01 14.29
CA LYS A 147 0.28 -7.34 15.70
C LYS A 147 -1.08 -7.94 15.98
N GLN A 148 -2.11 -7.16 15.69
CA GLN A 148 -3.48 -7.60 15.92
C GLN A 148 -3.81 -8.67 14.91
N PHE A 149 -3.13 -8.60 13.80
CA PHE A 149 -3.29 -9.55 12.74
C PHE A 149 -2.95 -10.92 13.29
N ASN A 150 -1.95 -10.90 14.16
CA ASN A 150 -1.42 -12.09 14.78
C ASN A 150 -2.17 -12.51 16.04
N LYS A 151 -2.90 -11.59 16.64
CA LYS A 151 -3.65 -11.86 17.85
C LYS A 151 -5.13 -12.13 17.58
N LEU A 152 -5.57 -11.72 16.42
CA LEU A 152 -6.93 -11.85 15.99
C LEU A 152 -7.11 -13.14 15.26
N THR A 153 -6.12 -13.43 14.44
CA THR A 153 -6.10 -14.63 13.65
C THR A 153 -6.46 -15.82 14.49
N GLU A 154 -5.48 -16.28 15.23
CA GLU A 154 -5.57 -17.42 16.12
C GLU A 154 -6.03 -18.68 15.41
N ASP A 155 -6.61 -18.50 14.22
CA ASP A 155 -7.13 -19.59 13.44
C ASP A 155 -6.07 -20.06 12.47
N LYS A 156 -5.30 -19.09 11.98
CA LYS A 156 -4.23 -19.33 11.07
C LYS A 156 -3.15 -20.19 11.71
N ALA A 157 -1.91 -20.05 11.26
CA ALA A 157 -0.84 -20.79 11.86
C ALA A 157 -0.63 -20.23 13.23
N ASP A 158 -0.43 -18.93 13.23
CA ASP A 158 -0.23 -18.13 14.41
C ASP A 158 0.42 -16.83 14.03
N VAL A 159 1.71 -16.93 13.90
CA VAL A 159 2.56 -15.84 13.55
C VAL A 159 2.89 -15.84 12.10
N GLN A 160 3.32 -16.99 11.66
CA GLN A 160 3.80 -17.17 10.32
C GLN A 160 2.91 -16.53 9.26
N SER A 161 1.60 -16.45 9.52
CA SER A 161 0.70 -15.86 8.55
C SER A 161 0.99 -14.38 8.52
N ILE A 162 1.10 -13.87 9.72
CA ILE A 162 1.42 -12.52 9.95
C ILE A 162 2.78 -12.29 9.35
N ILE A 163 3.69 -13.23 9.57
CA ILE A 163 5.00 -13.19 9.01
C ILE A 163 4.93 -13.09 7.50
N GLY A 164 3.86 -13.59 6.95
CA GLY A 164 3.74 -13.52 5.52
C GLY A 164 3.76 -12.09 5.15
N LEU A 165 2.85 -11.34 5.74
CA LEU A 165 2.86 -9.93 5.57
C LEU A 165 4.14 -9.39 6.11
N GLN A 166 4.22 -9.44 7.41
CA GLN A 166 5.33 -8.91 8.16
C GLN A 166 6.64 -9.03 7.40
N ARG A 167 6.87 -10.15 6.73
CA ARG A 167 8.09 -10.33 5.99
C ARG A 167 8.00 -9.59 4.65
N PHE A 168 6.89 -9.82 3.95
CA PHE A 168 6.60 -9.17 2.68
C PHE A 168 6.62 -7.66 2.91
N PHE A 169 5.81 -7.22 3.84
CA PHE A 169 5.78 -5.85 4.30
C PHE A 169 7.14 -5.26 4.18
N GLU A 170 7.98 -5.74 5.06
CA GLU A 170 9.32 -5.29 5.20
C GLU A 170 10.15 -5.43 3.94
N THR A 171 9.86 -6.44 3.14
CA THR A 171 10.57 -6.70 1.90
C THR A 171 10.45 -5.55 0.93
N ARG A 172 9.23 -5.32 0.49
CA ARG A 172 8.95 -4.27 -0.47
C ARG A 172 9.23 -2.96 0.21
N MET A 173 8.81 -2.88 1.46
CA MET A 173 9.08 -1.72 2.26
C MET A 173 10.59 -1.53 2.34
N ASN A 174 11.34 -2.61 2.07
CA ASN A 174 12.80 -2.55 2.11
C ASN A 174 13.32 -2.26 0.73
N GLU A 175 12.57 -2.78 -0.21
CA GLU A 175 12.83 -2.65 -1.62
C GLU A 175 12.55 -1.22 -2.07
N ALA A 176 11.81 -0.53 -1.21
CA ALA A 176 11.38 0.85 -1.43
C ALA A 176 12.23 1.87 -0.71
N PHE A 177 12.46 1.62 0.58
CA PHE A 177 13.23 2.52 1.43
C PHE A 177 14.71 2.59 1.08
N GLY A 178 15.01 2.43 -0.22
CA GLY A 178 16.38 2.50 -0.70
C GLY A 178 16.51 1.78 -2.02
N ASP A 179 16.50 0.47 -1.94
CA ASP A 179 16.58 -0.39 -3.11
C ASP A 179 16.08 -1.77 -2.71
N THR A 180 16.61 -2.21 -1.56
CA THR A 180 16.30 -3.48 -0.93
C THR A 180 17.58 -4.02 -0.29
N LYS A 181 18.63 -3.24 -0.44
CA LYS A 181 19.94 -3.55 0.11
C LYS A 181 19.91 -3.63 1.62
N PHE A 182 20.15 -2.50 2.24
CA PHE A 182 20.17 -2.39 3.69
C PHE A 182 21.28 -3.26 4.27
N SER A 183 22.22 -2.63 4.97
CA SER A 183 23.35 -3.34 5.55
C SER A 183 24.14 -4.06 4.46
N ALA A 184 23.79 -3.75 3.21
CA ALA A 184 24.45 -4.34 2.06
C ALA A 184 25.08 -3.27 1.20
N VAL A 185 24.89 -2.04 1.62
CA VAL A 185 25.42 -0.89 0.94
C VAL A 185 26.83 -0.58 1.40
N LEU A 186 27.38 -1.51 2.13
CA LEU A 186 28.72 -1.41 2.66
C LEU A 186 29.69 -2.18 1.80
N VAL A 187 29.12 -2.84 0.83
CA VAL A 187 29.88 -3.65 -0.11
C VAL A 187 30.05 -2.90 -1.41
N GLU A 188 29.36 -1.79 -1.47
CA GLU A 188 29.38 -0.89 -2.62
C GLU A 188 29.50 -1.67 -3.94
N PRO A 189 28.35 -2.01 -4.57
CA PRO A 189 28.35 -2.76 -5.83
C PRO A 189 28.88 -1.92 -7.00
ZN ZN B . -9.53 -6.57 -5.89
ZN ZN C . 4.05 -4.93 -10.93
N SER A 1 -3.89 -16.09 -13.21
CA SER A 1 -5.04 -16.92 -12.77
C SER A 1 -6.29 -16.06 -12.59
N ALA A 2 -7.18 -16.11 -13.57
CA ALA A 2 -8.42 -15.33 -13.55
C ALA A 2 -8.17 -13.85 -13.47
N THR A 3 -6.91 -13.43 -13.57
CA THR A 3 -6.58 -12.01 -13.47
C THR A 3 -6.71 -11.54 -12.03
N ILE A 4 -7.92 -11.59 -11.54
CA ILE A 4 -8.26 -11.21 -10.17
C ILE A 4 -7.26 -10.32 -9.49
N CYS A 5 -7.74 -9.15 -9.18
CA CYS A 5 -6.96 -8.12 -8.54
C CYS A 5 -6.13 -8.68 -7.41
N ARG A 6 -4.93 -9.08 -7.75
CA ARG A 6 -3.98 -9.69 -6.82
C ARG A 6 -4.25 -9.35 -5.36
N VAL A 7 -4.63 -8.10 -5.07
CA VAL A 7 -4.85 -7.70 -3.70
C VAL A 7 -6.05 -8.39 -3.12
N CYS A 8 -7.19 -8.18 -3.74
CA CYS A 8 -8.39 -8.78 -3.22
C CYS A 8 -8.71 -10.07 -4.00
N GLN A 9 -7.87 -10.28 -5.01
CA GLN A 9 -7.87 -11.44 -5.88
C GLN A 9 -9.21 -11.77 -6.47
N LYS A 10 -9.96 -10.76 -6.84
CA LYS A 10 -11.19 -11.00 -7.50
C LYS A 10 -11.12 -10.53 -8.93
N PRO A 11 -11.80 -11.24 -9.82
CA PRO A 11 -11.78 -10.96 -11.23
C PRO A 11 -12.67 -9.81 -11.58
N GLY A 12 -12.26 -9.06 -12.58
CA GLY A 12 -13.05 -7.93 -12.97
C GLY A 12 -12.35 -7.00 -13.92
N ASP A 13 -12.63 -5.72 -13.74
CA ASP A 13 -12.02 -4.67 -14.53
C ASP A 13 -10.61 -4.43 -14.04
N LEU A 14 -9.91 -5.51 -13.85
CA LEU A 14 -8.56 -5.48 -13.38
C LEU A 14 -7.64 -5.04 -14.43
N VAL A 15 -6.67 -4.37 -13.94
CA VAL A 15 -5.64 -3.84 -14.74
C VAL A 15 -4.46 -4.74 -14.60
N MET A 16 -3.40 -4.41 -15.24
CA MET A 16 -2.26 -5.30 -15.19
C MET A 16 -0.93 -4.56 -15.19
N CYS A 17 -0.12 -4.80 -14.13
CA CYS A 17 1.19 -4.18 -14.05
C CYS A 17 1.92 -4.44 -15.35
N ASN A 18 2.14 -3.39 -16.11
CA ASN A 18 2.83 -3.52 -17.36
C ASN A 18 4.21 -4.13 -17.15
N GLN A 19 4.52 -4.41 -15.88
CA GLN A 19 5.80 -4.98 -15.53
C GLN A 19 5.68 -6.28 -14.72
N CYS A 20 4.64 -6.41 -13.88
CA CYS A 20 4.52 -7.63 -13.05
C CYS A 20 3.40 -8.56 -13.52
N GLU A 21 2.62 -8.15 -14.50
CA GLU A 21 1.50 -8.93 -14.99
C GLU A 21 0.39 -9.04 -13.95
N PHE A 22 0.64 -8.51 -12.74
CA PHE A 22 -0.34 -8.48 -11.67
C PHE A 22 -1.66 -7.90 -12.15
N CYS A 23 -2.71 -8.01 -11.35
CA CYS A 23 -3.99 -7.45 -11.70
C CYS A 23 -4.56 -6.67 -10.56
N PHE A 24 -5.19 -5.56 -10.86
CA PHE A 24 -5.73 -4.73 -9.84
C PHE A 24 -7.04 -4.07 -10.25
N HIS A 25 -8.01 -4.17 -9.38
CA HIS A 25 -9.31 -3.52 -9.57
C HIS A 25 -9.17 -2.06 -9.61
N LEU A 26 -7.94 -1.62 -9.58
CA LEU A 26 -7.63 -0.23 -9.58
C LEU A 26 -7.96 0.37 -8.23
N ASP A 27 -9.23 0.32 -7.93
CA ASP A 27 -9.75 0.81 -6.68
C ASP A 27 -9.04 0.11 -5.52
N CYS A 28 -8.76 -1.18 -5.68
CA CYS A 28 -8.04 -1.92 -4.66
C CYS A 28 -6.55 -1.62 -4.80
N HIS A 29 -6.15 -1.11 -5.98
CA HIS A 29 -4.75 -0.75 -6.22
C HIS A 29 -4.35 0.31 -5.21
N LEU A 30 -4.05 -0.16 -4.03
CA LEU A 30 -3.66 0.66 -2.90
C LEU A 30 -4.24 2.09 -2.91
N PRO A 31 -3.62 3.13 -3.52
CA PRO A 31 -4.22 4.45 -3.50
C PRO A 31 -5.31 4.61 -4.54
N ALA A 32 -5.71 3.46 -5.02
CA ALA A 32 -6.70 3.31 -6.06
C ALA A 32 -6.33 4.06 -7.33
N LEU A 33 -6.45 3.36 -8.45
CA LEU A 33 -6.17 3.93 -9.75
C LEU A 33 -6.99 5.19 -9.97
N GLN A 34 -7.15 5.52 -11.21
CA GLN A 34 -7.90 6.66 -11.59
C GLN A 34 -9.00 6.18 -12.48
N ASP A 35 -8.62 5.09 -13.13
CA ASP A 35 -9.43 4.41 -14.09
C ASP A 35 -8.53 3.75 -15.07
N VAL A 36 -8.52 2.48 -14.92
CA VAL A 36 -7.70 1.58 -15.64
C VAL A 36 -6.65 2.22 -16.54
N PRO A 37 -5.43 2.04 -16.05
CA PRO A 37 -4.18 2.49 -16.63
C PRO A 37 -3.66 1.42 -17.57
N GLY A 38 -4.63 0.80 -18.22
CA GLY A 38 -4.38 -0.27 -19.16
C GLY A 38 -3.27 0.00 -20.11
N GLU A 39 -2.89 1.24 -20.14
CA GLU A 39 -1.82 1.68 -21.01
C GLU A 39 -0.52 0.94 -20.69
N GLU A 40 0.20 1.43 -19.68
CA GLU A 40 1.45 0.84 -19.28
C GLU A 40 1.64 1.01 -17.79
N TRP A 41 0.58 0.79 -17.04
CA TRP A 41 0.63 0.93 -15.62
C TRP A 41 1.69 0.03 -15.08
N SER A 42 1.74 -0.02 -13.81
CA SER A 42 2.69 -0.85 -13.13
C SER A 42 2.35 -0.91 -11.66
N CYS A 43 1.70 -2.00 -11.27
CA CYS A 43 1.26 -2.21 -9.89
C CYS A 43 1.96 -1.27 -8.92
N SER A 44 1.17 -0.47 -8.18
CA SER A 44 1.68 0.54 -7.22
C SER A 44 3.14 0.33 -6.82
N LEU A 45 3.50 -0.91 -6.53
CA LEU A 45 4.88 -1.25 -6.16
C LEU A 45 5.82 -0.93 -7.31
N CYS A 46 5.21 -0.35 -8.32
CA CYS A 46 5.86 0.06 -9.54
C CYS A 46 5.30 1.41 -9.97
N HIS A 47 4.02 1.64 -9.64
CA HIS A 47 3.33 2.87 -10.00
C HIS A 47 2.36 3.30 -8.91
N VAL A 48 2.86 3.38 -7.69
CA VAL A 48 2.04 3.76 -6.55
C VAL A 48 1.33 5.06 -6.80
N LEU A 49 2.08 6.01 -7.28
CA LEU A 49 1.56 7.33 -7.59
C LEU A 49 1.95 7.81 -8.96
N PRO A 50 1.03 8.55 -9.60
CA PRO A 50 1.25 9.10 -10.93
C PRO A 50 2.37 10.08 -10.96
N ASP A 51 3.44 9.55 -11.44
CA ASP A 51 4.69 10.27 -11.61
C ASP A 51 4.74 10.92 -12.98
N LEU A 52 3.73 10.57 -13.75
CA LEU A 52 3.55 11.06 -15.11
C LEU A 52 4.15 12.44 -15.32
N LYS A 53 5.26 12.48 -16.05
CA LYS A 53 5.92 13.72 -16.35
C LYS A 53 4.95 14.67 -17.05
N GLU A 54 3.82 14.13 -17.49
CA GLU A 54 2.80 14.90 -18.17
C GLU A 54 3.38 15.73 -19.30
N GLU A 55 2.87 16.94 -19.49
CA GLU A 55 3.36 17.82 -20.55
C GLU A 55 4.68 18.46 -20.16
N ASP A 56 5.21 18.01 -19.03
CA ASP A 56 6.48 18.51 -18.51
C ASP A 56 6.54 20.04 -18.56
N GLY A 57 7.75 20.58 -18.53
CA GLY A 57 7.91 22.03 -18.55
C GLY A 57 7.29 22.67 -17.34
N SER A 58 6.80 21.83 -16.43
CA SER A 58 6.17 22.29 -15.19
C SER A 58 6.17 21.17 -14.16
N LEU A 59 6.36 19.93 -14.61
CA LEU A 59 6.38 18.79 -13.71
C LEU A 59 7.44 17.79 -14.13
N SER A 60 8.45 17.61 -13.29
CA SER A 60 9.53 16.70 -13.57
C SER A 60 10.44 16.70 -12.36
N LEU A 61 10.66 17.91 -11.86
CA LEU A 61 11.46 18.13 -10.69
C LEU A 61 11.67 19.61 -10.42
N ASP A 62 12.05 20.34 -11.48
CA ASP A 62 12.28 21.77 -11.40
C ASP A 62 11.18 22.47 -10.62
N GLY A 63 11.57 23.18 -9.58
CA GLY A 63 10.62 23.90 -8.75
C GLY A 63 10.11 23.08 -7.60
N ALA A 64 9.35 23.72 -6.72
CA ALA A 64 8.82 23.05 -5.55
C ALA A 64 7.84 21.96 -5.94
N ASP A 65 6.63 22.37 -6.33
CA ASP A 65 5.60 21.44 -6.73
C ASP A 65 6.09 20.48 -7.80
N SER A 66 6.49 19.28 -7.39
CA SER A 66 6.99 18.28 -8.33
C SER A 66 6.25 16.96 -8.18
N THR A 67 6.60 16.21 -7.13
CA THR A 67 5.97 14.92 -6.87
C THR A 67 4.94 15.04 -5.76
N GLY A 68 4.95 16.18 -5.07
CA GLY A 68 4.00 16.39 -3.99
C GLY A 68 4.49 17.42 -3.00
N VAL A 69 5.81 17.54 -2.89
CA VAL A 69 6.45 18.51 -1.99
C VAL A 69 5.69 18.64 -0.67
N VAL A 70 6.03 17.79 0.29
CA VAL A 70 5.40 17.80 1.58
C VAL A 70 6.34 17.25 2.63
N ALA A 71 7.03 16.19 2.26
CA ALA A 71 8.01 15.56 3.12
C ALA A 71 7.43 15.16 4.46
N LYS A 72 6.15 14.97 4.44
CA LYS A 72 5.46 14.46 5.60
C LYS A 72 6.04 13.08 5.73
N LEU A 73 5.38 12.13 5.14
CA LEU A 73 5.90 10.81 5.07
C LEU A 73 6.97 10.93 4.02
N SER A 74 6.70 11.92 3.15
CA SER A 74 7.54 12.31 2.03
C SER A 74 7.00 11.72 0.76
N PRO A 75 7.22 12.39 -0.36
CA PRO A 75 6.71 11.94 -1.66
C PRO A 75 7.13 10.53 -1.95
N ALA A 76 8.35 10.27 -1.56
CA ALA A 76 9.02 8.99 -1.80
C ALA A 76 8.75 7.94 -0.74
N ASN A 77 8.77 8.32 0.53
CA ASN A 77 8.51 7.38 1.60
C ASN A 77 7.02 7.09 1.68
N GLN A 78 6.18 8.08 1.39
CA GLN A 78 4.77 7.84 1.36
C GLN A 78 4.55 7.00 0.15
N ARG A 79 5.33 7.31 -0.87
CA ARG A 79 5.33 6.55 -2.09
C ARG A 79 5.59 5.10 -1.72
N LYS A 80 6.67 4.94 -0.99
CA LYS A 80 7.12 3.75 -0.47
C LYS A 80 6.09 2.96 0.31
N CYS A 81 5.85 3.42 1.51
CA CYS A 81 4.90 2.80 2.37
C CYS A 81 3.66 2.50 1.57
N GLU A 82 3.21 3.48 0.78
CA GLU A 82 2.05 3.23 -0.05
C GLU A 82 2.31 1.92 -0.80
N ARG A 83 3.49 1.86 -1.40
CA ARG A 83 3.90 0.69 -2.15
C ARG A 83 3.78 -0.57 -1.30
N VAL A 84 4.19 -0.50 -0.03
CA VAL A 84 4.07 -1.63 0.83
C VAL A 84 2.62 -1.96 1.10
N LEU A 85 1.79 -0.96 1.38
CA LEU A 85 0.41 -1.20 1.64
C LEU A 85 -0.06 -2.13 0.58
N LEU A 86 0.15 -1.71 -0.65
CA LEU A 86 -0.25 -2.54 -1.73
C LEU A 86 0.44 -3.88 -1.64
N ALA A 87 1.77 -3.86 -1.69
CA ALA A 87 2.55 -5.07 -1.58
C ALA A 87 1.84 -6.05 -0.68
N LEU A 88 1.44 -5.57 0.49
CA LEU A 88 0.71 -6.34 1.41
C LEU A 88 -0.58 -6.75 0.78
N PHE A 89 -1.38 -5.74 0.56
CA PHE A 89 -2.70 -5.87 -0.06
C PHE A 89 -2.74 -7.04 -1.06
N CYS A 90 -1.84 -6.93 -2.03
CA CYS A 90 -1.63 -7.92 -3.08
C CYS A 90 -1.56 -9.38 -2.59
N HIS A 91 -0.90 -9.66 -1.46
CA HIS A 91 -0.81 -11.05 -1.02
C HIS A 91 -2.05 -11.54 -0.27
N GLU A 92 -1.94 -12.71 0.37
CA GLU A 92 -3.06 -13.28 1.09
C GLU A 92 -3.18 -12.77 2.53
N PRO A 93 -2.14 -12.99 3.37
CA PRO A 93 -2.12 -12.53 4.76
C PRO A 93 -2.84 -11.20 4.92
N CYS A 94 -2.51 -10.33 4.01
CA CYS A 94 -3.09 -9.02 4.01
C CYS A 94 -4.57 -9.11 3.72
N ARG A 95 -5.02 -9.91 2.74
CA ARG A 95 -6.44 -10.00 2.44
C ARG A 95 -7.23 -9.73 3.72
N PRO A 96 -7.01 -10.53 4.79
CA PRO A 96 -7.64 -10.26 6.09
C PRO A 96 -7.30 -8.87 6.59
N LEU A 97 -6.01 -8.55 6.56
CA LEU A 97 -5.52 -7.25 7.01
C LEU A 97 -6.22 -6.08 6.37
N HIS A 98 -6.42 -6.16 5.07
CA HIS A 98 -7.07 -5.10 4.35
C HIS A 98 -8.18 -4.56 5.21
N GLN A 99 -8.77 -5.49 5.93
CA GLN A 99 -9.87 -5.21 6.80
C GLN A 99 -9.97 -6.14 8.00
N LEU A 100 -9.41 -5.71 9.13
CA LEU A 100 -9.47 -6.48 10.37
C LEU A 100 -10.26 -5.72 11.40
N ALA A 101 -10.04 -4.42 11.37
CA ALA A 101 -10.66 -3.52 12.30
C ALA A 101 -12.14 -3.34 12.01
N THR A 102 -12.68 -2.20 12.41
CA THR A 102 -14.08 -1.88 12.18
C THR A 102 -14.11 -0.51 11.56
N ASP A 103 -12.93 -0.15 11.07
CA ASP A 103 -12.62 1.11 10.46
C ASP A 103 -13.83 2.04 10.34
N SER A 104 -14.22 2.57 11.49
CA SER A 104 -15.33 3.50 11.61
C SER A 104 -15.08 4.34 12.85
N THR A 105 -13.96 4.03 13.48
CA THR A 105 -13.50 4.69 14.69
C THR A 105 -12.02 5.02 14.60
N PHE A 106 -11.23 4.14 14.00
CA PHE A 106 -9.80 4.34 13.93
C PHE A 106 -9.39 5.58 13.16
N SER A 107 -10.34 6.42 12.84
CA SER A 107 -10.03 7.66 12.15
C SER A 107 -9.43 8.66 13.11
N LEU A 108 -9.55 8.35 14.39
CA LEU A 108 -9.04 9.18 15.45
C LEU A 108 -7.62 8.84 15.76
N ASP A 109 -7.30 7.63 15.37
CA ASP A 109 -5.97 7.05 15.56
C ASP A 109 -5.85 6.47 16.94
N GLN A 110 -6.90 5.77 17.29
CA GLN A 110 -7.06 5.08 18.53
C GLN A 110 -5.74 4.66 19.12
N PRO A 111 -5.62 4.79 20.44
CA PRO A 111 -4.43 4.41 21.17
C PRO A 111 -4.05 2.97 20.83
N GLY A 112 -4.96 2.31 20.15
CA GLY A 112 -4.74 0.97 19.69
C GLY A 112 -6.03 0.21 19.44
N GLY A 113 -6.39 0.08 18.16
CA GLY A 113 -7.59 -0.62 17.80
C GLY A 113 -7.34 -1.96 17.13
N THR A 114 -7.04 -1.96 15.84
CA THR A 114 -6.79 -3.15 15.09
C THR A 114 -6.09 -2.81 13.83
N LEU A 115 -6.57 -1.76 13.26
CA LEU A 115 -6.07 -1.25 12.04
C LEU A 115 -6.30 -2.23 10.94
N ASP A 116 -6.06 -1.79 9.74
CA ASP A 116 -6.16 -2.62 8.61
C ASP A 116 -5.44 -1.89 7.48
N LEU A 117 -5.04 -2.57 6.44
CA LEU A 117 -4.28 -1.95 5.39
C LEU A 117 -4.96 -0.74 4.85
N THR A 118 -6.24 -0.88 4.54
CA THR A 118 -6.99 0.24 3.99
C THR A 118 -7.03 1.36 5.02
N LEU A 119 -6.79 1.00 6.28
CA LEU A 119 -6.74 1.96 7.37
C LEU A 119 -5.56 2.88 7.11
N ILE A 120 -4.39 2.27 7.30
CA ILE A 120 -3.09 2.86 7.05
C ILE A 120 -3.07 3.58 5.71
N ARG A 121 -3.71 2.90 4.80
CA ARG A 121 -3.81 3.28 3.42
C ARG A 121 -4.58 4.56 3.24
N ALA A 122 -5.66 4.63 3.95
CA ALA A 122 -6.53 5.78 3.91
C ALA A 122 -5.83 7.02 4.43
N ARG A 123 -4.97 6.84 5.42
CA ARG A 123 -4.27 7.95 6.01
C ARG A 123 -3.38 8.45 4.94
N LEU A 124 -2.55 7.51 4.58
CA LEU A 124 -1.63 7.59 3.50
C LEU A 124 -2.24 8.27 2.30
N GLN A 125 -3.42 7.78 1.94
CA GLN A 125 -4.12 8.26 0.80
C GLN A 125 -4.65 9.65 1.05
N GLU A 126 -5.68 9.67 1.89
CA GLU A 126 -6.43 10.84 2.33
C GLU A 126 -7.89 10.44 2.52
N LYS A 127 -8.14 9.12 2.41
CA LYS A 127 -9.46 8.58 2.59
C LYS A 127 -9.84 8.81 4.02
N LEU A 128 -8.80 8.73 4.80
CA LEU A 128 -8.87 8.94 6.21
C LEU A 128 -8.62 10.39 6.54
N SER A 129 -7.35 10.71 6.68
CA SER A 129 -6.95 12.08 6.95
C SER A 129 -5.74 12.50 6.18
N PRO A 130 -5.56 13.80 6.10
CA PRO A 130 -4.45 14.36 5.40
C PRO A 130 -3.07 14.00 5.99
N PRO A 131 -2.74 14.48 7.21
CA PRO A 131 -1.47 14.26 7.93
C PRO A 131 -0.53 13.19 7.40
N TYR A 132 -0.07 12.31 8.30
CA TYR A 132 0.87 11.30 7.95
C TYR A 132 2.12 11.92 7.52
N SER A 133 3.15 11.60 8.25
CA SER A 133 4.39 12.23 8.01
C SER A 133 5.57 11.32 8.22
N SER A 134 5.37 10.01 8.10
CA SER A 134 6.52 9.15 8.29
C SER A 134 6.27 7.69 8.06
N PRO A 135 7.28 6.99 7.55
CA PRO A 135 7.22 5.55 7.36
C PRO A 135 6.52 4.89 8.51
N GLN A 136 6.87 5.35 9.70
CA GLN A 136 6.30 4.81 10.89
C GLN A 136 4.79 5.02 10.91
N GLU A 137 4.29 6.21 10.57
CA GLU A 137 2.89 6.43 10.52
C GLU A 137 2.18 5.20 10.06
N PHE A 138 2.53 4.89 8.85
CA PHE A 138 2.02 3.79 8.11
C PHE A 138 2.40 2.45 8.72
N ALA A 139 3.68 2.15 8.59
CA ALA A 139 4.30 0.90 9.02
C ALA A 139 3.97 0.50 10.43
N GLN A 140 3.70 1.48 11.24
CA GLN A 140 3.36 1.25 12.58
C GLN A 140 1.93 0.85 12.68
N ASP A 141 1.15 1.38 11.76
CA ASP A 141 -0.27 1.09 11.70
C ASP A 141 -0.51 -0.25 11.00
N VAL A 142 0.30 -0.51 9.99
CA VAL A 142 0.27 -1.70 9.24
C VAL A 142 1.05 -2.73 9.99
N GLY A 143 1.94 -2.22 10.81
CA GLY A 143 2.74 -3.05 11.67
C GLY A 143 1.91 -3.39 12.87
N ARG A 144 0.92 -2.54 13.12
CA ARG A 144 -0.01 -2.72 14.19
C ARG A 144 -0.96 -3.75 13.73
N MET A 145 -1.32 -3.48 12.49
CA MET A 145 -2.17 -4.31 11.73
C MET A 145 -1.76 -5.70 11.95
N PHE A 146 -0.52 -5.89 11.56
CA PHE A 146 0.21 -7.14 11.64
C PHE A 146 0.14 -7.65 13.06
N LYS A 147 0.32 -6.75 14.01
CA LYS A 147 0.27 -7.11 15.41
C LYS A 147 -1.03 -7.78 15.77
N GLN A 148 -2.12 -7.06 15.63
CA GLN A 148 -3.42 -7.60 15.97
C GLN A 148 -3.77 -8.63 14.94
N PHE A 149 -3.13 -8.50 13.79
CA PHE A 149 -3.31 -9.39 12.68
C PHE A 149 -2.98 -10.77 13.18
N ASN A 150 -1.92 -10.81 13.95
CA ASN A 150 -1.43 -12.03 14.54
C ASN A 150 -2.21 -12.35 15.81
N LYS A 151 -2.90 -11.35 16.33
CA LYS A 151 -3.72 -11.50 17.52
C LYS A 151 -5.08 -12.07 17.20
N LEU A 152 -5.47 -11.87 15.97
CA LEU A 152 -6.70 -12.34 15.42
C LEU A 152 -7.07 -13.71 15.96
N THR A 153 -6.05 -14.50 16.26
CA THR A 153 -6.25 -15.81 16.83
C THR A 153 -6.06 -15.71 18.33
N GLU A 154 -4.93 -15.13 18.66
CA GLU A 154 -4.52 -14.88 20.03
C GLU A 154 -3.11 -14.32 20.01
N ASP A 155 -2.29 -15.00 19.25
CA ASP A 155 -0.91 -14.67 19.05
C ASP A 155 -0.45 -15.43 17.83
N LYS A 156 -1.44 -15.75 17.02
CA LYS A 156 -1.29 -16.55 15.85
C LYS A 156 -1.93 -15.91 14.61
N ALA A 157 -3.10 -16.46 14.22
CA ALA A 157 -3.83 -16.00 13.05
C ALA A 157 -2.97 -16.39 11.91
N ASP A 158 -2.12 -17.30 12.29
CA ASP A 158 -1.12 -17.84 11.50
C ASP A 158 -0.05 -16.85 11.43
N VAL A 159 0.72 -16.93 12.46
CA VAL A 159 1.85 -16.15 12.65
C VAL A 159 2.67 -16.18 11.40
N GLN A 160 2.47 -17.23 10.65
CA GLN A 160 3.22 -17.40 9.44
C GLN A 160 2.62 -16.62 8.29
N SER A 161 1.42 -16.15 8.50
CA SER A 161 0.73 -15.34 7.53
C SER A 161 1.01 -13.91 7.87
N ILE A 162 1.03 -13.63 9.17
CA ILE A 162 1.32 -12.34 9.68
C ILE A 162 2.76 -12.02 9.42
N ILE A 163 3.63 -12.94 9.77
CA ILE A 163 5.03 -12.77 9.58
C ILE A 163 5.44 -12.81 8.12
N GLY A 164 4.97 -13.78 7.36
CA GLY A 164 5.32 -13.83 5.96
C GLY A 164 4.98 -12.54 5.26
N LEU A 165 3.90 -11.92 5.72
CA LEU A 165 3.42 -10.68 5.21
C LEU A 165 4.15 -9.54 5.89
N GLN A 166 4.50 -9.76 7.15
CA GLN A 166 5.18 -8.77 7.94
C GLN A 166 6.59 -8.55 7.40
N ARG A 167 7.17 -9.60 6.85
CA ARG A 167 8.47 -9.54 6.23
C ARG A 167 8.29 -8.97 4.83
N PHE A 168 7.19 -9.35 4.20
CA PHE A 168 6.85 -8.88 2.86
C PHE A 168 6.66 -7.38 2.94
N PHE A 169 6.08 -6.98 4.04
CA PHE A 169 5.90 -5.61 4.39
C PHE A 169 7.22 -4.88 4.39
N GLU A 170 8.03 -5.30 5.34
CA GLU A 170 9.31 -4.71 5.60
C GLU A 170 10.29 -4.86 4.46
N THR A 171 10.04 -5.81 3.58
CA THR A 171 10.89 -6.06 2.43
C THR A 171 10.69 -4.98 1.41
N ARG A 172 9.44 -4.82 1.00
CA ARG A 172 9.08 -3.80 0.06
C ARG A 172 9.48 -2.51 0.70
N MET A 173 8.92 -2.27 1.89
CA MET A 173 9.28 -1.14 2.65
C MET A 173 10.81 -1.03 2.73
N ASN A 174 11.51 -2.15 2.64
CA ASN A 174 12.98 -2.11 2.73
C ASN A 174 13.57 -1.81 1.37
N GLU A 175 12.79 -2.10 0.36
CA GLU A 175 13.21 -1.89 -1.02
C GLU A 175 13.40 -0.43 -1.36
N ALA A 176 12.33 0.32 -1.34
CA ALA A 176 12.35 1.74 -1.69
C ALA A 176 12.72 2.66 -0.53
N PHE A 177 12.77 2.15 0.71
CA PHE A 177 13.13 3.00 1.85
C PHE A 177 14.54 3.57 1.68
N GLY A 178 15.16 3.30 0.54
CA GLY A 178 16.50 3.80 0.28
C GLY A 178 17.57 2.76 0.50
N ASP A 179 17.54 1.69 -0.30
CA ASP A 179 18.54 0.64 -0.16
C ASP A 179 18.51 -0.33 -1.34
N THR A 180 17.32 -0.56 -1.87
CA THR A 180 17.15 -1.46 -2.98
C THR A 180 16.75 -0.71 -4.26
N LYS A 181 15.73 0.15 -4.18
CA LYS A 181 15.29 0.95 -5.34
C LYS A 181 14.89 0.07 -6.50
N PHE A 182 14.79 -1.20 -6.20
CA PHE A 182 14.40 -2.21 -7.19
C PHE A 182 15.42 -2.24 -8.32
N SER A 183 16.62 -1.69 -8.04
CA SER A 183 17.69 -1.60 -9.04
C SER A 183 17.26 -0.67 -10.17
N ALA A 184 16.01 -0.24 -10.10
CA ALA A 184 15.40 0.66 -11.08
C ALA A 184 15.32 0.06 -12.48
N VAL A 185 15.97 -1.07 -12.67
CA VAL A 185 15.99 -1.73 -13.95
C VAL A 185 15.36 -3.10 -13.91
N LEU A 186 15.01 -3.49 -12.71
CA LEU A 186 14.38 -4.77 -12.46
C LEU A 186 12.91 -4.60 -12.14
N VAL A 187 12.63 -4.37 -10.87
CA VAL A 187 11.30 -4.19 -10.37
C VAL A 187 10.39 -5.35 -10.78
N GLU A 188 11.03 -6.30 -11.41
CA GLU A 188 10.35 -7.50 -11.90
C GLU A 188 10.34 -8.59 -10.83
N PRO A 189 9.17 -9.22 -10.59
CA PRO A 189 9.04 -10.28 -9.58
C PRO A 189 9.99 -11.45 -9.86
ZN ZN B . -9.88 -6.05 -5.91
ZN ZN C . 4.61 -4.16 -10.68
N SER A 1 -4.68 -18.87 -11.99
CA SER A 1 -4.21 -18.47 -13.34
C SER A 1 -5.24 -17.57 -14.01
N ALA A 2 -5.58 -16.46 -13.35
CA ALA A 2 -6.53 -15.51 -13.89
C ALA A 2 -6.10 -14.08 -13.68
N THR A 3 -6.86 -13.17 -14.27
CA THR A 3 -6.63 -11.75 -14.13
C THR A 3 -6.58 -11.37 -12.69
N ILE A 4 -7.67 -11.69 -12.01
CA ILE A 4 -7.86 -11.46 -10.59
C ILE A 4 -6.91 -10.48 -9.97
N CYS A 5 -7.51 -9.44 -9.45
CA CYS A 5 -6.80 -8.38 -8.82
C CYS A 5 -5.86 -8.89 -7.73
N ARG A 6 -4.63 -9.18 -8.10
CA ARG A 6 -3.61 -9.72 -7.20
C ARG A 6 -3.97 -9.52 -5.73
N VAL A 7 -4.42 -8.32 -5.41
CA VAL A 7 -4.80 -7.96 -4.10
C VAL A 7 -5.82 -8.92 -3.55
N CYS A 8 -6.99 -8.82 -4.14
CA CYS A 8 -8.09 -9.64 -3.72
C CYS A 8 -8.35 -10.80 -4.68
N GLN A 9 -7.47 -10.89 -5.69
CA GLN A 9 -7.48 -11.93 -6.68
C GLN A 9 -8.83 -12.26 -7.19
N LYS A 10 -9.65 -11.26 -7.33
CA LYS A 10 -10.92 -11.48 -7.96
C LYS A 10 -10.87 -10.94 -9.36
N PRO A 11 -11.44 -11.70 -10.27
CA PRO A 11 -11.46 -11.34 -11.67
C PRO A 11 -12.34 -10.14 -11.93
N GLY A 12 -12.07 -9.48 -13.03
CA GLY A 12 -12.88 -8.32 -13.38
C GLY A 12 -12.17 -7.36 -14.31
N ASP A 13 -12.56 -6.09 -14.23
CA ASP A 13 -11.94 -5.06 -15.02
C ASP A 13 -10.64 -4.66 -14.37
N LEU A 14 -9.83 -5.66 -14.16
CA LEU A 14 -8.55 -5.54 -13.53
C LEU A 14 -7.52 -4.94 -14.44
N VAL A 15 -6.62 -4.22 -13.83
CA VAL A 15 -5.53 -3.59 -14.55
C VAL A 15 -4.35 -4.49 -14.53
N MET A 16 -3.99 -4.98 -15.68
CA MET A 16 -2.87 -5.87 -15.76
C MET A 16 -1.60 -5.07 -15.78
N CYS A 17 -0.93 -5.00 -14.61
CA CYS A 17 0.31 -4.26 -14.50
C CYS A 17 1.07 -4.42 -15.78
N ASN A 18 1.04 -3.38 -16.60
CA ASN A 18 1.72 -3.38 -17.86
C ASN A 18 3.16 -3.83 -17.66
N GLN A 19 3.56 -3.89 -16.39
CA GLN A 19 4.90 -4.29 -16.05
C GLN A 19 4.99 -5.70 -15.48
N CYS A 20 3.99 -6.13 -14.68
CA CYS A 20 4.11 -7.47 -14.09
C CYS A 20 2.79 -8.20 -13.89
N GLU A 21 1.88 -8.08 -14.85
CA GLU A 21 0.60 -8.75 -14.81
C GLU A 21 -0.24 -8.43 -13.57
N PHE A 22 0.36 -7.79 -12.58
CA PHE A 22 -0.36 -7.42 -11.37
C PHE A 22 -1.68 -6.74 -11.71
N CYS A 23 -2.77 -7.53 -11.71
CA CYS A 23 -4.07 -7.04 -12.03
C CYS A 23 -4.72 -6.44 -10.81
N PHE A 24 -5.45 -5.38 -11.04
CA PHE A 24 -6.11 -4.69 -9.95
C PHE A 24 -7.49 -4.15 -10.32
N HIS A 25 -8.43 -4.40 -9.42
CA HIS A 25 -9.80 -3.89 -9.52
C HIS A 25 -9.83 -2.39 -9.50
N LEU A 26 -8.67 -1.84 -9.60
CA LEU A 26 -8.42 -0.43 -9.53
C LEU A 26 -8.57 0.06 -8.12
N ASP A 27 -9.72 -0.20 -7.57
CA ASP A 27 -10.01 0.20 -6.20
C ASP A 27 -9.12 -0.53 -5.22
N CYS A 28 -9.11 -1.85 -5.30
CA CYS A 28 -8.27 -2.62 -4.42
C CYS A 28 -6.84 -2.11 -4.54
N HIS A 29 -6.49 -1.47 -5.67
CA HIS A 29 -5.16 -0.91 -5.80
C HIS A 29 -4.98 0.17 -4.74
N LEU A 30 -3.79 0.24 -4.17
CA LEU A 30 -3.52 1.18 -3.10
C LEU A 30 -4.09 2.58 -3.33
N PRO A 31 -3.48 3.49 -4.12
CA PRO A 31 -4.12 4.79 -4.32
C PRO A 31 -5.43 4.62 -5.06
N ALA A 32 -5.74 3.37 -5.31
CA ALA A 32 -6.97 2.98 -5.95
C ALA A 32 -7.31 3.76 -7.20
N LEU A 33 -7.07 3.12 -8.34
CA LEU A 33 -7.42 3.65 -9.63
C LEU A 33 -8.90 3.89 -9.64
N GLN A 34 -9.51 3.07 -8.81
CA GLN A 34 -10.92 3.08 -8.57
C GLN A 34 -11.72 3.05 -9.85
N ASP A 35 -10.96 2.91 -10.91
CA ASP A 35 -11.46 2.91 -12.26
C ASP A 35 -10.29 3.13 -13.14
N VAL A 36 -9.98 2.07 -13.80
CA VAL A 36 -8.82 1.94 -14.60
C VAL A 36 -8.02 3.18 -14.92
N PRO A 37 -6.72 3.04 -14.60
CA PRO A 37 -5.65 4.03 -14.78
C PRO A 37 -5.54 4.57 -16.18
N GLY A 38 -6.39 4.04 -17.02
CA GLY A 38 -6.47 4.50 -18.38
C GLY A 38 -5.78 3.64 -19.41
N GLU A 39 -4.55 3.26 -19.14
CA GLU A 39 -3.80 2.51 -20.13
C GLU A 39 -3.02 1.30 -19.62
N GLU A 40 -1.70 1.46 -19.60
CA GLU A 40 -0.74 0.44 -19.26
C GLU A 40 -0.23 0.60 -17.86
N TRP A 41 -1.15 0.78 -16.97
CA TRP A 41 -0.83 0.96 -15.61
C TRP A 41 -0.06 -0.18 -15.08
N SER A 42 0.82 0.20 -14.26
CA SER A 42 1.70 -0.72 -13.60
C SER A 42 1.41 -0.71 -12.12
N CYS A 43 1.25 -1.89 -11.55
CA CYS A 43 0.95 -2.00 -10.13
C CYS A 43 1.92 -1.13 -9.34
N SER A 44 1.43 -0.55 -8.24
CA SER A 44 2.27 0.33 -7.43
C SER A 44 3.61 -0.31 -7.07
N LEU A 45 3.66 -1.64 -6.88
CA LEU A 45 4.92 -2.30 -6.62
C LEU A 45 5.89 -2.04 -7.78
N CYS A 46 5.37 -1.39 -8.80
CA CYS A 46 6.11 -1.06 -10.01
C CYS A 46 5.93 0.40 -10.40
N HIS A 47 4.77 0.94 -10.05
CA HIS A 47 4.41 2.29 -10.45
C HIS A 47 3.76 3.09 -9.33
N VAL A 48 4.25 2.93 -8.11
CA VAL A 48 3.72 3.69 -7.00
C VAL A 48 3.55 5.17 -7.37
N LEU A 49 2.79 5.88 -6.55
CA LEU A 49 2.50 7.29 -6.80
C LEU A 49 3.73 8.08 -7.22
N PRO A 50 3.60 8.87 -8.30
CA PRO A 50 4.67 9.71 -8.84
C PRO A 50 5.04 10.85 -7.93
N ASP A 51 4.01 11.39 -7.35
CA ASP A 51 4.10 12.51 -6.41
C ASP A 51 4.28 13.82 -7.15
N LEU A 52 4.41 13.69 -8.47
CA LEU A 52 4.57 14.82 -9.36
C LEU A 52 5.69 15.74 -8.94
N LYS A 53 6.77 15.15 -8.44
CA LYS A 53 7.94 15.90 -8.00
C LYS A 53 8.32 16.97 -9.01
N GLU A 54 8.30 16.60 -10.29
CA GLU A 54 8.65 17.51 -11.37
C GLU A 54 10.08 18.02 -11.26
N GLU A 55 10.80 17.55 -10.24
CA GLU A 55 12.17 17.94 -10.00
C GLU A 55 13.12 17.18 -10.94
N ASP A 56 14.33 16.92 -10.45
CA ASP A 56 15.35 16.21 -11.20
C ASP A 56 15.51 16.77 -12.61
N GLY A 57 16.10 15.97 -13.49
CA GLY A 57 16.33 16.42 -14.86
C GLY A 57 17.56 17.30 -14.92
N SER A 58 18.06 17.65 -13.74
CA SER A 58 19.24 18.48 -13.60
C SER A 58 19.85 18.28 -12.22
N LEU A 59 19.01 17.94 -11.24
CA LEU A 59 19.44 17.71 -9.88
C LEU A 59 20.05 18.99 -9.34
N SER A 60 19.27 19.69 -8.54
CA SER A 60 19.70 20.96 -8.01
C SER A 60 18.68 21.45 -7.00
N LEU A 61 17.66 20.62 -6.82
CA LEU A 61 16.58 20.89 -5.91
C LEU A 61 15.98 22.28 -6.16
N ASP A 62 15.86 22.63 -7.44
CA ASP A 62 15.30 23.91 -7.85
C ASP A 62 14.07 24.28 -7.04
N GLY A 63 14.07 25.49 -6.49
CA GLY A 63 12.95 25.95 -5.70
C GLY A 63 12.76 25.17 -4.44
N ALA A 64 11.53 25.15 -3.95
CA ALA A 64 11.20 24.41 -2.75
C ALA A 64 9.72 24.02 -2.73
N ASP A 65 8.87 24.99 -2.38
CA ASP A 65 7.44 24.76 -2.33
C ASP A 65 6.90 24.34 -3.69
N SER A 66 6.79 23.02 -3.91
CA SER A 66 6.30 22.50 -5.18
C SER A 66 5.62 21.15 -4.98
N THR A 67 6.24 20.29 -4.19
CA THR A 67 5.70 18.96 -3.93
C THR A 67 4.74 18.97 -2.75
N GLY A 68 4.17 20.14 -2.46
CA GLY A 68 3.24 20.25 -1.35
C GLY A 68 3.92 20.65 -0.07
N VAL A 69 5.24 20.52 -0.07
CA VAL A 69 6.08 20.86 1.08
C VAL A 69 5.42 20.47 2.40
N VAL A 70 5.55 19.21 2.76
CA VAL A 70 5.00 18.67 3.97
C VAL A 70 5.81 17.47 4.41
N ALA A 71 6.16 16.65 3.43
CA ALA A 71 6.96 15.47 3.64
C ALA A 71 6.58 14.73 4.89
N LYS A 72 5.30 14.46 5.00
CA LYS A 72 4.78 13.70 6.11
C LYS A 72 5.48 12.37 6.10
N LEU A 73 4.80 11.39 5.56
CA LEU A 73 5.36 10.09 5.40
C LEU A 73 6.63 10.28 4.62
N SER A 74 6.49 11.20 3.66
CA SER A 74 7.50 11.58 2.67
C SER A 74 6.94 11.31 1.31
N PRO A 75 7.29 12.10 0.31
CA PRO A 75 6.80 11.87 -1.05
C PRO A 75 7.28 10.51 -1.47
N ALA A 76 8.41 10.20 -0.88
CA ALA A 76 9.14 8.97 -1.16
C ALA A 76 8.72 7.85 -0.26
N ASN A 77 8.59 8.13 1.02
CA ASN A 77 8.15 7.13 1.93
C ASN A 77 6.69 6.86 1.65
N GLN A 78 5.89 7.90 1.50
CA GLN A 78 4.52 7.67 1.22
C GLN A 78 4.45 6.89 -0.07
N ARG A 79 5.48 7.11 -0.85
CA ARG A 79 5.68 6.41 -2.08
C ARG A 79 5.99 4.94 -1.77
N LYS A 80 6.79 4.74 -0.74
CA LYS A 80 7.27 3.49 -0.30
C LYS A 80 6.18 2.67 0.40
N CYS A 81 5.26 3.37 1.04
CA CYS A 81 4.21 2.77 1.78
C CYS A 81 3.15 2.38 0.83
N GLU A 82 2.83 3.28 -0.08
CA GLU A 82 1.88 2.92 -1.07
C GLU A 82 2.47 1.71 -1.78
N ARG A 83 3.79 1.61 -1.64
CA ARG A 83 4.55 0.53 -2.21
C ARG A 83 4.41 -0.68 -1.31
N VAL A 84 4.18 -0.39 -0.02
CA VAL A 84 4.02 -1.41 1.01
C VAL A 84 2.58 -1.84 1.16
N LEU A 85 1.70 -0.98 1.66
CA LEU A 85 0.31 -1.35 1.79
C LEU A 85 -0.04 -2.15 0.59
N LEU A 86 0.41 -1.69 -0.57
CA LEU A 86 0.13 -2.42 -1.72
C LEU A 86 0.85 -3.74 -1.66
N ALA A 87 2.17 -3.68 -1.48
CA ALA A 87 2.96 -4.88 -1.38
C ALA A 87 2.15 -5.91 -0.62
N LEU A 88 1.67 -5.49 0.54
CA LEU A 88 0.84 -6.26 1.39
C LEU A 88 -0.41 -6.68 0.65
N PHE A 89 -1.19 -5.67 0.35
CA PHE A 89 -2.46 -5.81 -0.35
C PHE A 89 -2.47 -7.00 -1.32
N CYS A 90 -1.56 -6.92 -2.27
CA CYS A 90 -1.39 -7.93 -3.30
C CYS A 90 -1.35 -9.37 -2.77
N HIS A 91 -0.63 -9.63 -1.68
CA HIS A 91 -0.53 -10.99 -1.22
C HIS A 91 -1.77 -11.52 -0.51
N GLU A 92 -1.67 -12.75 -0.04
CA GLU A 92 -2.80 -13.44 0.60
C GLU A 92 -2.99 -13.10 2.08
N PRO A 93 -1.97 -13.36 2.90
CA PRO A 93 -2.06 -13.13 4.34
C PRO A 93 -2.57 -11.73 4.66
N CYS A 94 -2.32 -10.80 3.76
CA CYS A 94 -2.84 -9.46 3.95
C CYS A 94 -4.31 -9.51 3.70
N ARG A 95 -4.78 -10.26 2.69
CA ARG A 95 -6.22 -10.34 2.44
C ARG A 95 -6.91 -10.19 3.80
N PRO A 96 -6.57 -11.05 4.79
CA PRO A 96 -7.07 -10.87 6.16
C PRO A 96 -6.78 -9.47 6.69
N LEU A 97 -5.50 -9.07 6.59
CA LEU A 97 -5.06 -7.77 7.05
C LEU A 97 -5.91 -6.63 6.53
N HIS A 98 -6.18 -6.65 5.24
CA HIS A 98 -6.98 -5.62 4.60
C HIS A 98 -8.13 -5.19 5.47
N GLN A 99 -8.63 -6.16 6.21
CA GLN A 99 -9.77 -5.97 7.05
C GLN A 99 -9.64 -6.66 8.41
N LEU A 100 -9.49 -5.85 9.44
CA LEU A 100 -9.38 -6.35 10.80
C LEU A 100 -10.11 -5.43 11.74
N ALA A 101 -9.93 -4.15 11.50
CA ALA A 101 -10.55 -3.11 12.32
C ALA A 101 -12.03 -2.96 11.98
N THR A 102 -12.54 -1.74 12.13
CA THR A 102 -13.93 -1.45 11.82
C THR A 102 -13.92 -0.28 10.88
N ASP A 103 -12.73 -0.07 10.35
CA ASP A 103 -12.39 1.01 9.44
C ASP A 103 -13.51 2.02 9.26
N SER A 104 -14.23 1.94 8.13
CA SER A 104 -15.31 2.88 7.84
C SER A 104 -14.85 4.31 8.14
N THR A 105 -13.59 4.57 7.84
CA THR A 105 -12.98 5.85 8.07
C THR A 105 -12.92 6.18 9.55
N PHE A 106 -11.99 5.57 10.26
CA PHE A 106 -11.87 5.90 11.65
C PHE A 106 -10.55 5.50 12.26
N SER A 107 -9.69 4.82 11.53
CA SER A 107 -8.41 4.41 12.10
C SER A 107 -7.57 5.62 12.53
N LEU A 108 -8.01 6.81 12.15
CA LEU A 108 -7.32 8.04 12.50
C LEU A 108 -7.46 8.35 13.95
N ASP A 109 -8.48 7.77 14.51
CA ASP A 109 -8.78 7.95 15.92
C ASP A 109 -9.68 6.85 16.42
N GLN A 110 -9.68 5.78 15.66
CA GLN A 110 -10.46 4.63 15.92
C GLN A 110 -10.53 4.31 17.40
N PRO A 111 -11.75 4.05 17.87
CA PRO A 111 -12.02 3.69 19.24
C PRO A 111 -11.59 2.25 19.50
N GLY A 112 -10.35 1.96 19.16
CA GLY A 112 -9.82 0.64 19.33
C GLY A 112 -8.39 0.51 18.81
N GLY A 113 -8.18 1.01 17.59
CA GLY A 113 -6.86 0.95 17.00
C GLY A 113 -6.45 -0.45 16.56
N THR A 114 -7.04 -0.94 15.47
CA THR A 114 -6.72 -2.25 14.95
C THR A 114 -6.07 -2.10 13.61
N LEU A 115 -6.28 -0.94 13.04
CA LEU A 115 -5.85 -0.55 11.72
C LEU A 115 -5.57 -1.73 10.81
N ASP A 116 -6.16 -1.67 9.65
CA ASP A 116 -6.01 -2.69 8.64
C ASP A 116 -5.40 -2.02 7.41
N LEU A 117 -5.19 -2.74 6.33
CA LEU A 117 -4.57 -2.15 5.17
C LEU A 117 -5.46 -1.15 4.52
N THR A 118 -6.70 -1.50 4.36
CA THR A 118 -7.59 -0.65 3.63
C THR A 118 -7.67 0.72 4.27
N LEU A 119 -7.45 0.74 5.57
CA LEU A 119 -7.47 1.99 6.28
C LEU A 119 -6.10 2.65 6.21
N ILE A 120 -5.07 2.04 6.79
CA ILE A 120 -3.71 2.59 6.71
C ILE A 120 -3.48 3.13 5.32
N ARG A 121 -3.79 2.25 4.40
CA ARG A 121 -3.72 2.49 2.98
C ARG A 121 -4.38 3.78 2.61
N ALA A 122 -5.59 3.87 3.02
CA ALA A 122 -6.38 5.04 2.82
C ALA A 122 -5.71 6.26 3.46
N ARG A 123 -4.99 6.01 4.56
CA ARG A 123 -4.27 7.08 5.28
C ARG A 123 -3.26 7.63 4.33
N LEU A 124 -2.43 6.72 3.89
CA LEU A 124 -1.44 6.99 2.92
C LEU A 124 -2.01 7.91 1.88
N GLN A 125 -3.24 7.53 1.49
CA GLN A 125 -3.97 8.22 0.46
C GLN A 125 -4.62 9.50 0.94
N GLU A 126 -5.88 9.35 1.29
CA GLU A 126 -6.74 10.43 1.75
C GLU A 126 -8.17 9.92 1.80
N LYS A 127 -8.31 8.60 1.70
CA LYS A 127 -9.57 7.94 1.75
C LYS A 127 -9.98 7.88 3.17
N LEU A 128 -8.95 7.79 3.96
CA LEU A 128 -9.08 7.76 5.39
C LEU A 128 -8.63 9.09 5.97
N SER A 129 -7.34 9.19 6.07
CA SER A 129 -6.67 10.38 6.55
C SER A 129 -5.74 10.84 5.46
N PRO A 130 -4.98 11.92 5.65
CA PRO A 130 -4.11 12.39 4.63
C PRO A 130 -2.73 11.72 4.78
N PRO A 131 -1.62 12.33 4.32
CA PRO A 131 -0.31 11.68 4.43
C PRO A 131 -0.02 11.43 5.91
N TYR A 132 0.58 10.28 6.23
CA TYR A 132 0.84 10.00 7.64
C TYR A 132 1.66 11.09 8.28
N SER A 133 2.97 10.88 8.22
CA SER A 133 3.93 11.81 8.79
C SER A 133 5.31 11.20 8.82
N SER A 134 5.35 9.90 8.67
CA SER A 134 6.63 9.20 8.68
C SER A 134 6.47 7.74 8.34
N PRO A 135 7.53 7.15 7.77
CA PRO A 135 7.55 5.74 7.41
C PRO A 135 7.03 4.85 8.51
N GLN A 136 7.27 5.24 9.75
CA GLN A 136 6.82 4.46 10.86
C GLN A 136 5.36 4.73 11.22
N GLU A 137 4.80 5.84 10.77
CA GLU A 137 3.40 6.11 11.07
C GLU A 137 2.60 4.99 10.54
N PHE A 138 2.93 4.78 9.32
CA PHE A 138 2.34 3.84 8.47
C PHE A 138 2.72 2.46 8.90
N ALA A 139 3.98 2.18 8.68
CA ALA A 139 4.58 0.91 8.99
C ALA A 139 4.21 0.44 10.36
N GLN A 140 4.35 1.31 11.34
CA GLN A 140 4.04 0.93 12.67
C GLN A 140 2.62 0.47 12.76
N ASP A 141 1.76 1.14 12.00
CA ASP A 141 0.38 0.78 12.01
C ASP A 141 0.28 -0.55 11.35
N VAL A 142 0.71 -0.67 10.13
CA VAL A 142 0.63 -1.93 9.48
C VAL A 142 1.15 -3.04 10.34
N GLY A 143 2.28 -2.84 10.89
CA GLY A 143 2.81 -3.84 11.76
C GLY A 143 1.83 -4.12 12.89
N ARG A 144 0.96 -3.14 13.14
CA ARG A 144 -0.10 -3.23 14.14
C ARG A 144 -1.20 -4.05 13.51
N MET A 145 -1.60 -3.58 12.36
CA MET A 145 -2.48 -4.26 11.48
C MET A 145 -2.26 -5.73 11.66
N PHE A 146 -1.00 -6.03 11.50
CA PHE A 146 -0.47 -7.35 11.65
C PHE A 146 -0.63 -7.82 13.08
N LYS A 147 -0.35 -6.94 14.03
CA LYS A 147 -0.45 -7.24 15.44
C LYS A 147 -1.84 -7.73 15.88
N GLN A 148 -2.88 -7.00 15.51
CA GLN A 148 -4.23 -7.37 15.90
C GLN A 148 -4.66 -8.53 15.04
N PHE A 149 -4.19 -8.52 13.83
CA PHE A 149 -4.46 -9.57 12.87
C PHE A 149 -3.81 -10.88 13.35
N ASN A 150 -2.64 -10.72 13.91
CA ASN A 150 -1.82 -11.82 14.40
C ASN A 150 -2.30 -12.35 15.76
N LYS A 151 -2.85 -11.45 16.56
CA LYS A 151 -3.32 -11.81 17.89
C LYS A 151 -4.81 -12.09 18.00
N LEU A 152 -5.61 -11.47 17.15
CA LEU A 152 -7.04 -11.63 17.19
C LEU A 152 -7.42 -13.01 16.70
N THR A 153 -6.43 -13.66 16.16
CA THR A 153 -6.58 -15.01 15.70
C THR A 153 -7.16 -15.87 16.80
N GLU A 154 -6.70 -15.57 18.00
CA GLU A 154 -7.14 -16.25 19.21
C GLU A 154 -6.95 -17.74 19.10
N ASP A 155 -6.30 -18.10 18.02
CA ASP A 155 -5.98 -19.48 17.72
C ASP A 155 -4.77 -19.50 16.81
N LYS A 156 -4.02 -18.42 16.91
CA LYS A 156 -2.83 -18.20 16.11
C LYS A 156 -1.97 -19.45 15.96
N ALA A 157 -1.70 -19.76 14.72
CA ALA A 157 -0.88 -20.89 14.34
C ALA A 157 -0.46 -20.68 12.91
N ASP A 158 -0.68 -19.45 12.48
CA ASP A 158 -0.38 -19.01 11.15
C ASP A 158 0.12 -17.59 11.14
N VAL A 159 0.39 -17.07 12.32
CA VAL A 159 0.94 -15.77 12.48
C VAL A 159 2.17 -15.64 11.65
N GLN A 160 2.66 -16.77 11.21
CA GLN A 160 3.81 -16.79 10.36
C GLN A 160 3.38 -16.30 8.99
N SER A 161 2.12 -15.88 8.92
CA SER A 161 1.55 -15.36 7.71
C SER A 161 1.71 -13.89 7.88
N ILE A 162 1.40 -13.44 9.09
CA ILE A 162 1.60 -12.08 9.51
C ILE A 162 3.06 -11.79 9.39
N ILE A 163 3.87 -12.76 9.74
CA ILE A 163 5.29 -12.64 9.65
C ILE A 163 5.80 -12.53 8.24
N GLY A 164 5.46 -13.46 7.37
CA GLY A 164 5.93 -13.32 5.99
C GLY A 164 5.35 -12.07 5.39
N LEU A 165 4.13 -11.80 5.81
CA LEU A 165 3.42 -10.61 5.47
C LEU A 165 4.24 -9.46 5.96
N GLN A 166 4.86 -9.67 7.13
CA GLN A 166 5.71 -8.70 7.77
C GLN A 166 7.05 -8.58 7.03
N ARG A 167 7.54 -9.71 6.51
CA ARG A 167 8.77 -9.75 5.80
C ARG A 167 8.57 -9.17 4.42
N PHE A 168 7.34 -9.25 3.98
CA PHE A 168 6.90 -8.70 2.71
C PHE A 168 6.67 -7.21 2.92
N PHE A 169 6.00 -6.94 4.02
CA PHE A 169 5.73 -5.61 4.49
C PHE A 169 7.01 -4.79 4.57
N GLU A 170 8.01 -5.39 5.21
CA GLU A 170 9.28 -4.74 5.46
C GLU A 170 10.26 -4.79 4.30
N THR A 171 10.20 -5.83 3.49
CA THR A 171 11.10 -5.99 2.37
C THR A 171 10.84 -4.93 1.33
N ARG A 172 9.57 -4.68 1.05
CA ARG A 172 9.19 -3.70 0.06
C ARG A 172 9.38 -2.33 0.67
N MET A 173 8.97 -2.19 1.92
CA MET A 173 9.17 -0.98 2.64
C MET A 173 10.67 -0.69 2.71
N ASN A 174 11.48 -1.74 2.57
CA ASN A 174 12.93 -1.61 2.63
C ASN A 174 13.45 -1.34 1.24
N GLU A 175 12.82 -2.03 0.31
CA GLU A 175 13.13 -1.93 -1.10
C GLU A 175 12.80 -0.53 -1.60
N ALA A 176 11.95 0.14 -0.82
CA ALA A 176 11.50 1.48 -1.12
C ALA A 176 12.24 2.55 -0.31
N PHE A 177 12.67 2.20 0.90
CA PHE A 177 13.38 3.15 1.77
C PHE A 177 14.71 3.61 1.18
N GLY A 178 15.01 3.19 -0.03
CA GLY A 178 16.25 3.58 -0.66
C GLY A 178 16.15 3.74 -2.17
N ASP A 179 14.95 3.61 -2.73
CA ASP A 179 14.75 3.73 -4.17
C ASP A 179 15.42 2.54 -4.81
N THR A 180 15.77 1.62 -3.94
CA THR A 180 16.41 0.37 -4.25
C THR A 180 15.71 -0.32 -5.42
N LYS A 181 14.44 0.01 -5.62
CA LYS A 181 13.65 -0.60 -6.67
C LYS A 181 13.49 -2.09 -6.41
N PHE A 182 12.51 -2.69 -7.06
CA PHE A 182 12.25 -4.10 -6.88
C PHE A 182 13.12 -4.93 -7.81
N SER A 183 14.03 -4.23 -8.51
CA SER A 183 14.96 -4.84 -9.44
C SER A 183 15.75 -3.76 -10.15
N ALA A 184 15.07 -3.01 -11.03
CA ALA A 184 15.71 -1.93 -11.77
C ALA A 184 14.71 -1.23 -12.69
N VAL A 185 15.18 -0.86 -13.88
CA VAL A 185 14.36 -0.17 -14.83
C VAL A 185 13.42 -1.12 -15.53
N LEU A 186 13.41 -2.33 -15.04
CA LEU A 186 12.57 -3.39 -15.54
C LEU A 186 11.62 -3.75 -14.43
N VAL A 187 11.86 -3.07 -13.33
CA VAL A 187 11.15 -3.21 -12.09
C VAL A 187 10.12 -4.32 -12.13
N GLU A 188 10.63 -5.48 -11.78
CA GLU A 188 9.86 -6.70 -11.75
C GLU A 188 10.17 -7.50 -10.47
N PRO A 189 9.14 -7.99 -9.77
CA PRO A 189 9.33 -8.77 -8.55
C PRO A 189 9.86 -10.18 -8.82
ZN ZN B . -9.85 -6.75 -6.02
ZN ZN C . 3.77 -4.63 -11.21
N SER A 1 -0.18 -16.41 -14.17
CA SER A 1 -1.06 -16.58 -12.99
C SER A 1 -2.43 -15.95 -13.23
N ALA A 2 -3.24 -15.90 -12.18
CA ALA A 2 -4.57 -15.31 -12.28
C ALA A 2 -4.54 -13.81 -12.38
N THR A 3 -5.57 -13.26 -13.00
CA THR A 3 -5.71 -11.83 -13.09
C THR A 3 -6.03 -11.31 -11.73
N ILE A 4 -7.27 -11.56 -11.34
CA ILE A 4 -7.81 -11.20 -10.07
C ILE A 4 -6.91 -10.30 -9.25
N CYS A 5 -7.36 -9.10 -9.17
CA CYS A 5 -6.69 -8.01 -8.50
C CYS A 5 -5.91 -8.42 -7.27
N ARG A 6 -4.63 -8.69 -7.44
CA ARG A 6 -3.76 -9.11 -6.35
C ARG A 6 -4.27 -8.63 -4.98
N VAL A 7 -4.72 -7.38 -4.90
CA VAL A 7 -5.23 -6.80 -3.69
C VAL A 7 -6.21 -7.71 -3.05
N CYS A 8 -7.31 -7.83 -3.74
CA CYS A 8 -8.41 -8.64 -3.27
C CYS A 8 -8.57 -9.94 -4.07
N GLN A 9 -7.69 -10.10 -5.04
CA GLN A 9 -7.60 -11.27 -5.90
C GLN A 9 -8.90 -11.68 -6.53
N LYS A 10 -9.67 -10.71 -6.98
CA LYS A 10 -10.86 -11.00 -7.69
C LYS A 10 -10.75 -10.47 -9.11
N PRO A 11 -11.43 -11.11 -10.04
CA PRO A 11 -11.38 -10.74 -11.44
C PRO A 11 -12.27 -9.58 -11.75
N GLY A 12 -11.77 -8.72 -12.61
CA GLY A 12 -12.50 -7.54 -13.01
C GLY A 12 -11.70 -6.65 -13.91
N ASP A 13 -11.91 -5.34 -13.78
CA ASP A 13 -11.15 -4.39 -14.56
C ASP A 13 -9.78 -4.22 -13.92
N LEU A 14 -9.09 -5.32 -13.83
CA LEU A 14 -7.78 -5.35 -13.24
C LEU A 14 -6.72 -4.82 -14.17
N VAL A 15 -5.80 -4.13 -13.58
CA VAL A 15 -4.69 -3.59 -14.32
C VAL A 15 -3.56 -4.56 -14.21
N MET A 16 -3.19 -5.16 -15.32
CA MET A 16 -2.14 -6.14 -15.28
C MET A 16 -0.80 -5.46 -15.31
N CYS A 17 -0.17 -5.39 -14.14
CA CYS A 17 1.13 -4.75 -14.03
C CYS A 17 1.91 -5.01 -15.28
N ASN A 18 2.12 -3.98 -16.07
CA ASN A 18 2.84 -4.16 -17.29
C ASN A 18 4.26 -4.62 -16.97
N GLN A 19 4.53 -4.73 -15.67
CA GLN A 19 5.83 -5.15 -15.23
C GLN A 19 5.81 -6.54 -14.59
N CYS A 20 4.74 -6.88 -13.86
CA CYS A 20 4.73 -8.18 -13.20
C CYS A 20 3.35 -8.81 -13.05
N GLU A 21 2.54 -8.72 -14.11
CA GLU A 21 1.21 -9.30 -14.14
C GLU A 21 0.36 -8.95 -12.92
N PHE A 22 0.89 -8.12 -12.04
CA PHE A 22 0.17 -7.67 -10.85
C PHE A 22 -1.12 -6.94 -11.24
N CYS A 23 -2.25 -7.67 -11.22
CA CYS A 23 -3.55 -7.15 -11.60
C CYS A 23 -4.21 -6.47 -10.44
N PHE A 24 -4.85 -5.35 -10.71
CA PHE A 24 -5.52 -4.61 -9.67
C PHE A 24 -6.82 -3.96 -10.15
N HIS A 25 -7.87 -4.12 -9.38
CA HIS A 25 -9.19 -3.52 -9.67
C HIS A 25 -9.14 -2.07 -9.70
N LEU A 26 -7.95 -1.58 -9.57
CA LEU A 26 -7.70 -0.19 -9.56
C LEU A 26 -8.08 0.45 -8.27
N ASP A 27 -9.36 0.43 -8.02
CA ASP A 27 -9.91 1.04 -6.83
C ASP A 27 -9.44 0.25 -5.64
N CYS A 28 -8.95 -0.91 -5.96
CA CYS A 28 -8.37 -1.81 -5.00
C CYS A 28 -6.92 -1.41 -4.82
N HIS A 29 -6.34 -0.81 -5.87
CA HIS A 29 -4.96 -0.31 -5.83
C HIS A 29 -4.81 0.51 -4.56
N LEU A 30 -3.64 0.45 -3.94
CA LEU A 30 -3.41 1.17 -2.69
C LEU A 30 -4.04 2.55 -2.68
N PRO A 31 -3.62 3.46 -3.56
CA PRO A 31 -4.20 4.77 -3.60
C PRO A 31 -5.43 4.77 -4.47
N ALA A 32 -5.66 3.59 -5.01
CA ALA A 32 -6.77 3.32 -5.88
C ALA A 32 -6.73 4.09 -7.16
N LEU A 33 -6.39 3.34 -8.18
CA LEU A 33 -6.34 3.77 -9.51
C LEU A 33 -7.57 4.55 -9.90
N GLN A 34 -7.59 5.00 -11.14
CA GLN A 34 -8.66 5.83 -11.57
C GLN A 34 -9.30 5.41 -12.86
N ASP A 35 -9.30 4.13 -13.08
CA ASP A 35 -9.85 3.53 -14.32
C ASP A 35 -8.68 3.44 -15.25
N VAL A 36 -7.66 3.36 -14.50
CA VAL A 36 -6.30 3.29 -14.78
C VAL A 36 -5.91 2.30 -15.88
N PRO A 37 -4.60 1.95 -15.98
CA PRO A 37 -4.02 1.05 -16.98
C PRO A 37 -4.87 -0.18 -17.30
N GLY A 38 -4.19 -1.27 -17.51
CA GLY A 38 -4.82 -2.54 -17.83
C GLY A 38 -3.83 -3.55 -18.30
N GLU A 39 -2.88 -3.06 -19.04
CA GLU A 39 -1.81 -3.85 -19.59
C GLU A 39 -0.53 -3.05 -19.77
N GLU A 40 -0.57 -1.76 -19.43
CA GLU A 40 0.56 -0.90 -19.60
C GLU A 40 1.02 -0.31 -18.28
N TRP A 41 0.45 -0.80 -17.19
CA TRP A 41 0.78 -0.33 -15.86
C TRP A 41 2.18 -0.79 -15.47
N SER A 42 2.32 -0.97 -14.19
CA SER A 42 3.54 -1.43 -13.53
C SER A 42 3.25 -1.39 -12.04
N CYS A 43 2.21 -2.13 -11.65
CA CYS A 43 1.68 -2.18 -10.26
C CYS A 43 2.53 -1.45 -9.23
N SER A 44 1.87 -0.74 -8.29
CA SER A 44 2.58 0.05 -7.26
C SER A 44 3.91 -0.59 -6.86
N LEU A 45 3.92 -1.92 -6.70
CA LEU A 45 5.15 -2.62 -6.37
C LEU A 45 6.14 -2.53 -7.54
N CYS A 46 5.88 -1.59 -8.45
CA CYS A 46 6.68 -1.42 -9.63
C CYS A 46 6.50 0.01 -10.15
N HIS A 47 5.32 0.57 -9.87
CA HIS A 47 4.99 1.92 -10.34
C HIS A 47 4.87 2.89 -9.21
N VAL A 48 4.28 2.37 -8.16
CA VAL A 48 3.97 3.06 -6.92
C VAL A 48 2.99 4.21 -7.13
N LEU A 49 3.11 4.79 -8.28
CA LEU A 49 2.28 5.88 -8.74
C LEU A 49 2.38 7.13 -7.89
N PRO A 50 2.24 8.28 -8.54
CA PRO A 50 2.31 9.60 -7.92
C PRO A 50 1.34 9.83 -6.78
N ASP A 51 0.08 9.96 -7.15
CA ASP A 51 -1.03 10.22 -6.24
C ASP A 51 -1.15 11.70 -6.00
N LEU A 52 -0.16 12.42 -6.50
CA LEU A 52 -0.08 13.84 -6.41
C LEU A 52 -1.38 14.54 -6.78
N LYS A 53 -2.13 14.92 -5.76
CA LYS A 53 -3.38 15.62 -5.96
C LYS A 53 -3.14 16.86 -6.83
N GLU A 54 -1.98 17.48 -6.61
CA GLU A 54 -1.60 18.67 -7.35
C GLU A 54 -2.74 19.68 -7.43
N GLU A 55 -3.63 19.61 -6.44
CA GLU A 55 -4.76 20.49 -6.36
C GLU A 55 -4.32 21.93 -6.10
N ASP A 56 -5.17 22.69 -5.41
CA ASP A 56 -4.89 24.07 -5.10
C ASP A 56 -4.71 24.90 -6.38
N GLY A 57 -4.48 26.20 -6.22
CA GLY A 57 -4.33 27.06 -7.38
C GLY A 57 -5.66 27.33 -8.04
N SER A 58 -6.68 26.63 -7.56
CA SER A 58 -8.04 26.74 -8.07
C SER A 58 -8.97 25.85 -7.27
N LEU A 59 -8.41 25.18 -6.26
CA LEU A 59 -9.18 24.29 -5.41
C LEU A 59 -8.66 24.37 -3.98
N SER A 60 -9.41 25.07 -3.14
CA SER A 60 -9.04 25.27 -1.75
C SER A 60 -10.08 26.17 -1.14
N LEU A 61 -11.32 25.75 -1.32
CA LEU A 61 -12.46 26.51 -0.84
C LEU A 61 -12.21 27.10 0.55
N ASP A 62 -11.41 26.41 1.35
CA ASP A 62 -11.09 26.84 2.70
C ASP A 62 -10.17 25.84 3.38
N GLY A 63 -8.93 26.26 3.62
CA GLY A 63 -7.96 25.41 4.27
C GLY A 63 -6.57 25.58 3.71
N ALA A 64 -6.06 24.49 3.16
CA ALA A 64 -4.74 24.45 2.57
C ALA A 64 -3.66 24.76 3.61
N ASP A 65 -2.40 24.71 3.18
CA ASP A 65 -1.28 24.97 4.07
C ASP A 65 0.05 24.94 3.30
N SER A 66 0.49 23.74 2.93
CA SER A 66 1.74 23.59 2.21
C SER A 66 1.59 22.66 1.01
N THR A 67 1.09 23.20 -0.10
CA THR A 67 0.89 22.42 -1.32
C THR A 67 0.15 21.11 -1.03
N GLY A 68 -1.14 21.20 -0.79
CA GLY A 68 -1.94 20.02 -0.51
C GLY A 68 -1.40 19.23 0.67
N VAL A 69 -0.94 19.94 1.70
CA VAL A 69 -0.40 19.33 2.91
C VAL A 69 0.37 18.05 2.60
N VAL A 70 1.67 18.20 2.35
CA VAL A 70 2.53 17.10 2.04
C VAL A 70 3.78 17.23 2.88
N ALA A 71 4.85 16.54 2.47
CA ALA A 71 6.10 16.62 3.20
C ALA A 71 5.96 16.01 4.56
N LYS A 72 4.71 15.74 4.88
CA LYS A 72 4.35 15.09 6.12
C LYS A 72 5.16 13.83 6.16
N LEU A 73 4.74 12.99 5.29
CA LEU A 73 5.36 11.74 5.02
C LEU A 73 6.37 11.97 3.91
N SER A 74 5.85 12.68 2.90
CA SER A 74 6.56 13.05 1.68
C SER A 74 6.09 12.16 0.57
N PRO A 75 5.84 12.75 -0.60
CA PRO A 75 5.33 12.03 -1.77
C PRO A 75 6.26 10.93 -2.16
N ALA A 76 7.43 11.09 -1.63
CA ALA A 76 8.53 10.16 -1.85
C ALA A 76 8.48 9.01 -0.87
N ASN A 77 8.42 9.35 0.40
CA ASN A 77 8.30 8.36 1.42
C ASN A 77 6.94 7.72 1.23
N GLN A 78 6.03 8.53 0.66
CA GLN A 78 4.71 8.10 0.34
C GLN A 78 4.87 7.07 -0.71
N ARG A 79 5.70 7.45 -1.66
CA ARG A 79 6.04 6.61 -2.75
C ARG A 79 6.46 5.25 -2.21
N LYS A 80 7.02 5.26 -1.01
CA LYS A 80 7.50 4.03 -0.36
C LYS A 80 6.46 3.29 0.43
N CYS A 81 5.56 4.00 1.10
CA CYS A 81 4.63 3.30 1.91
C CYS A 81 3.49 2.91 1.01
N GLU A 82 3.45 3.55 -0.14
CA GLU A 82 2.44 3.24 -1.10
C GLU A 82 2.80 1.92 -1.75
N ARG A 83 4.09 1.78 -2.08
CA ARG A 83 4.60 0.54 -2.64
C ARG A 83 4.36 -0.55 -1.62
N VAL A 84 4.26 -0.08 -0.39
CA VAL A 84 4.10 -0.88 0.79
C VAL A 84 2.71 -1.38 1.10
N LEU A 85 1.74 -0.52 1.38
CA LEU A 85 0.44 -1.03 1.72
C LEU A 85 -0.01 -1.83 0.61
N LEU A 86 0.21 -1.34 -0.58
CA LEU A 86 -0.19 -2.12 -1.69
C LEU A 86 0.47 -3.45 -1.54
N ALA A 87 1.79 -3.41 -1.35
CA ALA A 87 2.52 -4.63 -1.17
C ALA A 87 1.68 -5.54 -0.28
N LEU A 88 1.25 -4.99 0.87
CA LEU A 88 0.37 -5.69 1.76
C LEU A 88 -0.79 -6.22 0.95
N PHE A 89 -1.59 -5.26 0.57
CA PHE A 89 -2.81 -5.44 -0.20
C PHE A 89 -2.74 -6.60 -1.21
N CYS A 90 -1.86 -6.44 -2.17
CA CYS A 90 -1.62 -7.41 -3.23
C CYS A 90 -1.52 -8.87 -2.74
N HIS A 91 -0.97 -9.12 -1.55
CA HIS A 91 -0.89 -10.49 -1.09
C HIS A 91 -2.17 -10.92 -0.38
N GLU A 92 -2.25 -12.17 0.06
CA GLU A 92 -3.46 -12.62 0.72
C GLU A 92 -3.51 -12.33 2.22
N PRO A 93 -2.51 -12.77 3.00
CA PRO A 93 -2.45 -12.49 4.43
C PRO A 93 -3.04 -11.12 4.75
N CYS A 94 -2.67 -10.16 3.93
CA CYS A 94 -3.21 -8.83 4.09
C CYS A 94 -4.70 -8.89 3.88
N ARG A 95 -5.16 -9.64 2.88
CA ARG A 95 -6.61 -9.76 2.66
C ARG A 95 -7.32 -9.60 4.00
N PRO A 96 -7.10 -10.51 4.99
CA PRO A 96 -7.69 -10.33 6.31
C PRO A 96 -7.39 -8.94 6.85
N LEU A 97 -6.12 -8.54 6.76
CA LEU A 97 -5.67 -7.23 7.23
C LEU A 97 -6.39 -6.06 6.61
N HIS A 98 -6.71 -6.18 5.35
CA HIS A 98 -7.39 -5.14 4.62
C HIS A 98 -8.42 -4.52 5.54
N GLN A 99 -8.98 -5.37 6.37
CA GLN A 99 -10.00 -5.00 7.33
C GLN A 99 -10.04 -5.97 8.52
N LEU A 100 -9.60 -5.50 9.69
CA LEU A 100 -9.62 -6.33 10.90
C LEU A 100 -10.26 -5.59 12.05
N ALA A 101 -10.03 -4.30 12.09
CA ALA A 101 -10.53 -3.47 13.16
C ALA A 101 -12.02 -3.26 13.02
N THR A 102 -12.53 -2.30 13.78
CA THR A 102 -13.94 -1.95 13.75
C THR A 102 -14.02 -0.47 13.52
N ASP A 103 -12.89 -0.01 12.99
CA ASP A 103 -12.64 1.36 12.69
C ASP A 103 -13.87 2.25 12.67
N SER A 104 -14.66 2.17 11.60
CA SER A 104 -15.86 3.01 11.47
C SER A 104 -15.47 4.46 11.65
N THR A 105 -15.59 4.93 12.87
CA THR A 105 -15.23 6.28 13.23
C THR A 105 -14.53 6.30 14.57
N PHE A 106 -13.60 5.38 14.79
CA PHE A 106 -12.91 5.35 16.03
C PHE A 106 -11.76 4.42 15.97
N SER A 107 -10.95 4.63 14.98
CA SER A 107 -9.75 3.84 14.78
C SER A 107 -8.56 4.67 15.20
N LEU A 108 -8.74 5.97 15.11
CA LEU A 108 -7.74 6.93 15.49
C LEU A 108 -7.50 6.86 16.95
N ASP A 109 -8.51 6.35 17.60
CA ASP A 109 -8.45 6.22 19.03
C ASP A 109 -9.07 4.92 19.47
N GLN A 110 -9.30 4.06 18.50
CA GLN A 110 -9.86 2.78 18.72
C GLN A 110 -9.47 2.22 20.07
N PRO A 111 -10.44 2.22 20.98
CA PRO A 111 -10.29 1.74 22.34
C PRO A 111 -9.31 0.57 22.45
N GLY A 112 -9.20 -0.21 21.38
CA GLY A 112 -8.28 -1.32 21.37
C GLY A 112 -7.28 -1.25 20.22
N GLY A 113 -7.63 -0.52 19.16
CA GLY A 113 -6.74 -0.40 18.01
C GLY A 113 -6.37 -1.75 17.40
N THR A 114 -6.83 -2.01 16.18
CA THR A 114 -6.53 -3.25 15.52
C THR A 114 -5.88 -3.02 14.22
N LEU A 115 -6.10 -1.86 13.70
CA LEU A 115 -5.55 -1.53 12.47
C LEU A 115 -5.99 -2.47 11.40
N ASP A 116 -5.76 -2.05 10.22
CA ASP A 116 -6.05 -2.81 9.06
C ASP A 116 -5.65 -1.93 7.89
N LEU A 117 -5.62 -2.44 6.68
CA LEU A 117 -5.16 -1.64 5.59
C LEU A 117 -6.08 -0.49 5.31
N THR A 118 -7.34 -0.60 5.64
CA THR A 118 -8.24 0.51 5.40
C THR A 118 -7.83 1.71 6.22
N LEU A 119 -7.27 1.42 7.36
CA LEU A 119 -6.77 2.42 8.27
C LEU A 119 -5.51 3.00 7.69
N ILE A 120 -4.55 2.14 7.72
CA ILE A 120 -3.23 2.34 7.21
C ILE A 120 -3.26 3.02 5.84
N ARG A 121 -4.10 2.50 5.01
CA ARG A 121 -4.33 2.95 3.64
C ARG A 121 -4.69 4.39 3.60
N ALA A 122 -5.73 4.63 4.29
CA ALA A 122 -6.35 5.91 4.37
C ALA A 122 -5.45 6.99 4.97
N ARG A 123 -4.52 6.62 5.85
CA ARG A 123 -3.62 7.61 6.40
C ARG A 123 -2.74 8.09 5.28
N LEU A 124 -2.13 7.13 4.58
CA LEU A 124 -1.29 7.43 3.43
C LEU A 124 -2.11 8.11 2.34
N GLN A 125 -3.39 7.75 2.30
CA GLN A 125 -4.31 8.29 1.32
C GLN A 125 -4.97 9.56 1.80
N GLU A 126 -4.88 9.80 3.10
CA GLU A 126 -5.52 10.96 3.72
C GLU A 126 -7.01 10.79 3.60
N LYS A 127 -7.40 9.53 3.43
CA LYS A 127 -8.76 9.13 3.31
C LYS A 127 -9.37 9.04 4.68
N LEU A 128 -8.52 8.59 5.56
CA LEU A 128 -8.85 8.38 6.94
C LEU A 128 -9.14 9.68 7.67
N SER A 129 -8.50 9.88 8.80
CA SER A 129 -8.75 11.09 9.56
C SER A 129 -7.92 12.20 9.05
N PRO A 130 -6.59 12.09 9.12
CA PRO A 130 -5.75 13.12 8.69
C PRO A 130 -4.86 12.62 7.52
N PRO A 131 -3.65 13.18 7.36
CA PRO A 131 -2.70 12.76 6.34
C PRO A 131 -1.55 11.97 6.97
N TYR A 132 -0.73 11.31 6.16
CA TYR A 132 0.40 10.61 6.70
C TYR A 132 1.31 11.56 7.45
N SER A 133 2.56 11.18 7.49
CA SER A 133 3.60 11.94 8.14
C SER A 133 4.88 11.18 8.01
N SER A 134 4.70 9.90 7.71
CA SER A 134 5.81 9.02 7.48
C SER A 134 5.31 7.63 7.18
N PRO A 135 5.98 6.87 6.33
CA PRO A 135 5.59 5.49 6.05
C PRO A 135 5.50 4.74 7.33
N GLN A 136 6.26 5.16 8.32
CA GLN A 136 6.20 4.54 9.61
C GLN A 136 4.83 4.80 10.24
N GLU A 137 4.15 5.83 9.76
CA GLU A 137 2.83 6.13 10.25
C GLU A 137 1.92 4.92 10.05
N PHE A 138 1.66 4.57 8.81
CA PHE A 138 0.80 3.48 8.52
C PHE A 138 1.53 2.17 8.62
N ALA A 139 2.82 2.20 8.32
CA ALA A 139 3.67 1.01 8.35
C ALA A 139 3.75 0.46 9.75
N GLN A 140 3.88 1.34 10.73
CA GLN A 140 3.89 0.92 12.08
C GLN A 140 2.52 0.42 12.42
N ASP A 141 1.55 1.05 11.77
CA ASP A 141 0.16 0.71 11.91
C ASP A 141 -0.05 -0.67 11.31
N VAL A 142 0.80 -0.98 10.37
CA VAL A 142 0.83 -2.24 9.74
C VAL A 142 1.48 -3.25 10.62
N GLY A 143 2.64 -2.88 11.10
CA GLY A 143 3.36 -3.75 12.00
C GLY A 143 2.47 -4.08 13.16
N ARG A 144 1.57 -3.15 13.42
CA ARG A 144 0.59 -3.28 14.45
C ARG A 144 -0.48 -4.19 13.97
N MET A 145 -0.90 -3.86 12.76
CA MET A 145 -1.87 -4.59 12.04
C MET A 145 -1.59 -6.04 12.24
N PHE A 146 -0.41 -6.33 11.79
CA PHE A 146 0.29 -7.59 11.86
C PHE A 146 0.18 -8.17 13.28
N LYS A 147 0.34 -7.32 14.28
CA LYS A 147 0.24 -7.77 15.66
C LYS A 147 -1.10 -8.38 15.97
N GLN A 148 -2.16 -7.60 15.81
CA GLN A 148 -3.50 -8.10 16.10
C GLN A 148 -3.87 -9.04 15.01
N PHE A 149 -3.22 -8.84 13.89
CA PHE A 149 -3.40 -9.65 12.72
C PHE A 149 -3.10 -11.08 13.10
N ASN A 150 -1.99 -11.20 13.79
CA ASN A 150 -1.46 -12.47 14.24
C ASN A 150 -2.24 -13.00 15.42
N LYS A 151 -2.94 -12.11 16.10
CA LYS A 151 -3.77 -12.50 17.24
C LYS A 151 -5.17 -12.88 16.79
N LEU A 152 -5.53 -12.42 15.59
CA LEU A 152 -6.82 -12.66 15.00
C LEU A 152 -6.79 -13.83 14.06
N THR A 153 -5.58 -14.15 13.61
CA THR A 153 -5.36 -15.25 12.68
C THR A 153 -5.51 -16.58 13.36
N GLU A 154 -6.39 -16.60 14.33
CA GLU A 154 -6.73 -17.79 15.06
C GLU A 154 -7.29 -18.81 14.09
N ASP A 155 -7.95 -18.26 13.09
CA ASP A 155 -8.55 -19.03 12.02
C ASP A 155 -7.51 -19.37 10.95
N LYS A 156 -6.65 -18.40 10.70
CA LYS A 156 -5.59 -18.52 9.72
C LYS A 156 -4.51 -19.50 10.17
N ALA A 157 -3.28 -19.33 9.68
CA ALA A 157 -2.19 -20.18 10.09
C ALA A 157 -1.92 -19.88 11.52
N ASP A 158 -1.40 -18.68 11.72
CA ASP A 158 -1.10 -18.14 13.02
C ASP A 158 -0.09 -17.03 12.93
N VAL A 159 1.15 -17.43 12.79
CA VAL A 159 2.25 -16.51 12.73
C VAL A 159 2.71 -16.25 11.34
N GLN A 160 3.28 -17.28 10.75
CA GLN A 160 3.87 -17.20 9.42
C GLN A 160 2.89 -16.76 8.35
N SER A 161 1.66 -16.46 8.75
CA SER A 161 0.67 -15.97 7.81
C SER A 161 0.82 -14.48 7.86
N ILE A 162 0.93 -14.07 9.10
CA ILE A 162 1.14 -12.72 9.49
C ILE A 162 2.52 -12.31 9.14
N ILE A 163 3.49 -13.10 9.53
CA ILE A 163 4.86 -12.79 9.26
C ILE A 163 5.21 -12.94 7.80
N GLY A 164 4.89 -14.05 7.18
CA GLY A 164 5.21 -14.14 5.76
C GLY A 164 4.74 -12.86 5.10
N LEU A 165 3.63 -12.37 5.62
CA LEU A 165 3.05 -11.14 5.22
C LEU A 165 3.90 -10.02 5.79
N GLN A 166 4.24 -10.13 7.07
CA GLN A 166 5.00 -9.13 7.73
C GLN A 166 6.29 -8.90 6.96
N ARG A 167 7.13 -9.93 6.87
CA ARG A 167 8.38 -9.84 6.13
C ARG A 167 8.14 -9.28 4.74
N PHE A 168 7.00 -9.61 4.14
CA PHE A 168 6.64 -9.13 2.82
C PHE A 168 6.44 -7.63 2.81
N PHE A 169 5.35 -7.20 3.38
CA PHE A 169 5.03 -5.80 3.46
C PHE A 169 6.15 -5.00 4.14
N GLU A 170 7.00 -5.69 4.91
CA GLU A 170 8.10 -5.05 5.63
C GLU A 170 9.33 -4.92 4.75
N THR A 171 9.49 -5.86 3.81
CA THR A 171 10.62 -5.83 2.90
C THR A 171 10.24 -5.03 1.69
N ARG A 172 8.96 -4.83 1.51
CA ARG A 172 8.48 -4.02 0.42
C ARG A 172 8.67 -2.63 0.93
N MET A 173 8.58 -2.55 2.25
CA MET A 173 8.87 -1.36 2.96
C MET A 173 10.38 -1.18 3.01
N ASN A 174 11.10 -2.32 3.04
CA ASN A 174 12.56 -2.28 3.08
C ASN A 174 13.10 -1.89 1.73
N GLU A 175 12.41 -2.37 0.70
CA GLU A 175 12.78 -2.09 -0.68
C GLU A 175 12.60 -0.62 -0.98
N ALA A 176 11.34 -0.22 -1.04
CA ALA A 176 10.98 1.16 -1.30
C ALA A 176 11.86 2.12 -0.52
N PHE A 177 12.18 1.74 0.72
CA PHE A 177 12.99 2.58 1.58
C PHE A 177 14.48 2.53 1.23
N GLY A 178 14.97 1.40 0.72
CA GLY A 178 16.39 1.32 0.38
C GLY A 178 16.79 0.03 -0.28
N ASP A 179 16.38 -0.16 -1.53
CA ASP A 179 16.71 -1.34 -2.30
C ASP A 179 15.88 -1.37 -3.57
N THR A 180 14.60 -1.66 -3.41
CA THR A 180 13.67 -1.73 -4.52
C THR A 180 14.27 -2.50 -5.68
N LYS A 181 13.60 -2.43 -6.83
CA LYS A 181 14.08 -3.12 -8.02
C LYS A 181 14.23 -4.61 -7.75
N PHE A 182 13.73 -5.03 -6.60
CA PHE A 182 13.77 -6.42 -6.15
C PHE A 182 13.98 -7.39 -7.32
N SER A 183 15.23 -7.79 -7.52
CA SER A 183 15.62 -8.69 -8.59
C SER A 183 14.92 -8.36 -9.89
N ALA A 184 13.75 -8.98 -10.09
CA ALA A 184 12.96 -8.76 -11.29
C ALA A 184 11.73 -9.67 -11.32
N VAL A 185 11.35 -10.12 -12.51
CA VAL A 185 10.23 -11.00 -12.66
C VAL A 185 10.62 -12.43 -12.36
N LEU A 186 11.80 -12.54 -11.78
CA LEU A 186 12.37 -13.83 -11.41
C LEU A 186 12.27 -14.04 -9.92
N VAL A 187 11.80 -13.01 -9.26
CA VAL A 187 11.64 -13.01 -7.81
C VAL A 187 10.16 -12.98 -7.44
N GLU A 188 9.34 -13.01 -8.47
CA GLU A 188 7.89 -12.98 -8.31
C GLU A 188 7.43 -14.07 -7.33
N PRO A 189 6.47 -13.75 -6.45
CA PRO A 189 5.95 -14.71 -5.47
C PRO A 189 5.15 -15.84 -6.13
ZN ZN B . -9.90 -6.10 -6.09
ZN ZN C . 4.35 -5.13 -10.61
N SER A 1 -2.50 -17.09 -13.41
CA SER A 1 -3.64 -17.93 -13.87
C SER A 1 -4.78 -17.07 -14.38
N ALA A 2 -5.22 -16.13 -13.55
CA ALA A 2 -6.31 -15.23 -13.92
C ALA A 2 -5.96 -13.78 -13.69
N THR A 3 -6.74 -12.91 -14.30
CA THR A 3 -6.58 -11.47 -14.14
C THR A 3 -6.50 -11.13 -12.67
N ILE A 4 -7.60 -11.41 -12.00
CA ILE A 4 -7.81 -11.18 -10.58
C ILE A 4 -6.85 -10.22 -9.96
N CYS A 5 -7.46 -9.16 -9.51
CA CYS A 5 -6.79 -8.07 -8.87
C CYS A 5 -5.81 -8.54 -7.81
N ARG A 6 -4.61 -8.88 -8.24
CA ARG A 6 -3.54 -9.38 -7.36
C ARG A 6 -3.76 -8.98 -5.90
N VAL A 7 -4.20 -7.73 -5.69
CA VAL A 7 -4.47 -7.23 -4.38
C VAL A 7 -5.40 -8.17 -3.68
N CYS A 8 -6.60 -8.19 -4.19
CA CYS A 8 -7.61 -9.02 -3.62
C CYS A 8 -7.88 -10.29 -4.44
N GLN A 9 -7.08 -10.47 -5.50
CA GLN A 9 -7.13 -11.65 -6.37
C GLN A 9 -8.53 -11.96 -6.87
N LYS A 10 -9.36 -10.95 -6.94
CA LYS A 10 -10.68 -11.13 -7.48
C LYS A 10 -10.68 -10.70 -8.94
N PRO A 11 -11.26 -11.51 -9.80
CA PRO A 11 -11.31 -11.22 -11.22
C PRO A 11 -12.25 -10.08 -11.54
N GLY A 12 -12.11 -9.55 -12.74
CA GLY A 12 -12.97 -8.46 -13.16
C GLY A 12 -12.33 -7.58 -14.19
N ASP A 13 -12.82 -6.34 -14.27
CA ASP A 13 -12.26 -5.38 -15.17
C ASP A 13 -11.00 -4.82 -14.54
N LEU A 14 -10.13 -5.73 -14.19
CA LEU A 14 -8.89 -5.44 -13.55
C LEU A 14 -7.86 -4.87 -14.44
N VAL A 15 -7.11 -4.05 -13.78
CA VAL A 15 -6.02 -3.36 -14.37
C VAL A 15 -4.79 -4.19 -14.08
N MET A 16 -4.30 -4.80 -15.13
CA MET A 16 -3.20 -5.72 -15.02
C MET A 16 -1.87 -5.01 -15.16
N CYS A 17 -1.08 -5.04 -14.10
CA CYS A 17 0.21 -4.40 -14.14
C CYS A 17 0.91 -4.80 -15.42
N ASN A 18 1.03 -3.84 -16.32
CA ASN A 18 1.66 -4.09 -17.60
C ASN A 18 3.10 -4.53 -17.42
N GLN A 19 3.56 -4.58 -16.16
CA GLN A 19 4.93 -4.96 -15.87
C GLN A 19 5.06 -6.25 -15.05
N CYS A 20 4.12 -6.50 -14.13
CA CYS A 20 4.23 -7.70 -13.29
C CYS A 20 2.90 -8.45 -13.16
N GLU A 21 1.98 -8.22 -14.08
CA GLU A 21 0.66 -8.82 -14.07
C GLU A 21 -0.20 -8.16 -13.01
N PHE A 22 0.22 -8.26 -11.75
CA PHE A 22 -0.46 -7.64 -10.64
C PHE A 22 -1.70 -6.88 -11.07
N CYS A 23 -2.85 -7.54 -11.05
CA CYS A 23 -4.06 -6.90 -11.42
C CYS A 23 -4.61 -6.18 -10.26
N PHE A 24 -5.45 -5.27 -10.57
CA PHE A 24 -6.06 -4.48 -9.56
C PHE A 24 -7.47 -4.17 -9.94
N HIS A 25 -8.17 -3.63 -9.00
CA HIS A 25 -9.53 -3.27 -9.20
C HIS A 25 -9.63 -1.83 -9.37
N LEU A 26 -8.50 -1.27 -9.77
CA LEU A 26 -8.41 0.11 -9.94
C LEU A 26 -8.50 0.83 -8.61
N ASP A 27 -9.50 0.45 -7.82
CA ASP A 27 -9.71 1.05 -6.52
C ASP A 27 -8.86 0.31 -5.51
N CYS A 28 -8.88 -1.01 -5.65
CA CYS A 28 -8.07 -1.88 -4.83
C CYS A 28 -6.64 -1.39 -4.88
N HIS A 29 -6.29 -0.70 -5.98
CA HIS A 29 -4.95 -0.16 -6.10
C HIS A 29 -4.65 0.69 -4.88
N LEU A 30 -3.44 0.54 -4.36
CA LEU A 30 -3.04 1.25 -3.16
C LEU A 30 -3.66 2.64 -3.08
N PRO A 31 -3.34 3.57 -3.98
CA PRO A 31 -3.92 4.89 -3.94
C PRO A 31 -5.14 4.93 -4.83
N ALA A 32 -5.38 3.76 -5.39
CA ALA A 32 -6.49 3.53 -6.29
C ALA A 32 -6.27 4.21 -7.60
N LEU A 33 -5.54 3.52 -8.48
CA LEU A 33 -5.18 3.99 -9.78
C LEU A 33 -5.41 5.47 -10.01
N GLN A 34 -5.72 5.76 -11.25
CA GLN A 34 -6.05 7.07 -11.69
C GLN A 34 -7.38 6.95 -12.39
N ASP A 35 -7.65 5.67 -12.63
CA ASP A 35 -8.81 5.15 -13.30
C ASP A 35 -8.34 4.47 -14.54
N VAL A 36 -8.52 3.19 -14.49
CA VAL A 36 -8.08 2.25 -15.46
C VAL A 36 -7.01 2.76 -16.40
N PRO A 37 -5.81 2.26 -16.14
CA PRO A 37 -4.59 2.53 -16.87
C PRO A 37 -4.28 1.40 -17.81
N GLY A 38 -5.35 0.91 -18.41
CA GLY A 38 -5.30 -0.18 -19.36
C GLY A 38 -4.16 -0.08 -20.33
N GLU A 39 -3.61 1.09 -20.40
CA GLU A 39 -2.49 1.36 -21.28
C GLU A 39 -1.30 0.46 -20.96
N GLU A 40 -0.47 0.90 -20.02
CA GLU A 40 0.71 0.17 -19.62
C GLU A 40 1.01 0.37 -18.16
N TRP A 41 -0.03 0.38 -17.35
CA TRP A 41 0.12 0.57 -15.95
C TRP A 41 1.13 -0.38 -15.38
N SER A 42 1.31 -0.24 -14.12
CA SER A 42 2.20 -1.10 -13.38
C SER A 42 1.87 -0.96 -11.91
N CYS A 43 1.87 -2.07 -11.20
CA CYS A 43 1.51 -2.04 -9.80
C CYS A 43 2.40 -1.08 -9.03
N SER A 44 1.82 -0.41 -8.03
CA SER A 44 2.54 0.58 -7.22
C SER A 44 3.75 0.00 -6.50
N LEU A 45 4.19 -1.18 -6.91
CA LEU A 45 5.35 -1.81 -6.31
C LEU A 45 6.53 -1.63 -7.25
N CYS A 46 6.20 -1.51 -8.52
CA CYS A 46 7.15 -1.33 -9.58
C CYS A 46 7.00 0.09 -10.10
N HIS A 47 5.75 0.46 -10.25
CA HIS A 47 5.36 1.76 -10.76
C HIS A 47 5.28 2.78 -9.66
N VAL A 48 4.83 2.29 -8.53
CA VAL A 48 4.63 3.09 -7.32
C VAL A 48 3.98 4.42 -7.65
N LEU A 49 4.73 5.32 -8.21
CA LEU A 49 4.22 6.61 -8.62
C LEU A 49 4.53 6.87 -10.08
N PRO A 50 3.59 7.52 -10.78
CA PRO A 50 3.71 7.84 -12.19
C PRO A 50 5.04 8.49 -12.58
N ASP A 51 5.02 9.78 -12.80
CA ASP A 51 6.23 10.51 -13.16
C ASP A 51 6.25 11.88 -12.52
N LEU A 52 5.31 12.10 -11.63
CA LEU A 52 5.17 13.34 -10.90
C LEU A 52 6.39 13.71 -10.07
N LYS A 53 7.53 13.07 -10.36
CA LYS A 53 8.75 13.33 -9.67
C LYS A 53 9.09 14.81 -9.69
N GLU A 54 8.49 15.53 -10.64
CA GLU A 54 8.71 16.95 -10.79
C GLU A 54 10.18 17.29 -10.79
N GLU A 55 10.51 18.54 -10.49
CA GLU A 55 11.90 18.97 -10.45
C GLU A 55 12.68 18.17 -9.42
N ASP A 56 13.87 17.73 -9.82
CA ASP A 56 14.74 16.97 -8.94
C ASP A 56 14.10 15.66 -8.51
N GLY A 57 14.58 15.11 -7.41
CA GLY A 57 14.07 13.84 -6.93
C GLY A 57 14.72 12.69 -7.66
N SER A 58 15.49 13.03 -8.69
CA SER A 58 16.20 12.06 -9.49
C SER A 58 17.46 12.69 -10.07
N LEU A 59 17.48 14.02 -10.15
CA LEU A 59 18.62 14.74 -10.68
C LEU A 59 19.01 15.88 -9.76
N SER A 60 20.10 15.68 -9.01
CA SER A 60 20.58 16.68 -8.08
C SER A 60 21.85 16.17 -7.43
N LEU A 61 22.23 14.97 -7.86
CA LEU A 61 23.40 14.29 -7.37
C LEU A 61 23.31 14.09 -5.85
N ASP A 62 22.14 13.67 -5.40
CA ASP A 62 21.89 13.44 -3.98
C ASP A 62 21.96 14.73 -3.18
N GLY A 63 20.81 15.18 -2.71
CA GLY A 63 20.75 16.40 -1.93
C GLY A 63 19.33 16.87 -1.70
N ALA A 64 18.91 16.72 -0.45
CA ALA A 64 17.57 17.11 -0.03
C ALA A 64 16.49 16.38 -0.82
N ASP A 65 15.24 16.58 -0.43
CA ASP A 65 14.12 15.94 -1.11
C ASP A 65 13.86 16.58 -2.47
N SER A 66 13.34 17.81 -2.46
CA SER A 66 13.04 18.52 -3.70
C SER A 66 12.24 17.65 -4.67
N THR A 67 11.00 17.36 -4.31
CA THR A 67 10.13 16.54 -5.14
C THR A 67 8.65 16.80 -4.83
N GLY A 68 8.34 16.93 -3.54
CA GLY A 68 6.97 17.17 -3.13
C GLY A 68 6.87 18.12 -1.96
N VAL A 69 7.94 18.88 -1.76
CA VAL A 69 8.06 19.87 -0.69
C VAL A 69 6.92 19.78 0.32
N VAL A 70 7.00 18.79 1.19
CA VAL A 70 6.00 18.59 2.21
C VAL A 70 6.67 18.13 3.49
N ALA A 71 7.56 17.16 3.35
CA ALA A 71 8.31 16.63 4.47
C ALA A 71 7.42 16.29 5.64
N LYS A 72 6.19 16.02 5.28
CA LYS A 72 5.15 15.59 6.21
C LYS A 72 5.31 14.12 6.22
N LEU A 73 5.23 13.66 5.03
CA LEU A 73 5.44 12.31 4.65
C LEU A 73 6.76 12.30 3.94
N SER A 74 6.72 13.02 2.81
CA SER A 74 7.82 13.25 1.90
C SER A 74 7.57 12.46 0.63
N PRO A 75 7.65 13.12 -0.53
CA PRO A 75 7.39 12.52 -1.84
C PRO A 75 7.77 11.08 -1.92
N ALA A 76 9.02 10.86 -1.59
CA ALA A 76 9.60 9.54 -1.64
C ALA A 76 9.16 8.67 -0.48
N ASN A 77 9.05 9.24 0.70
CA ASN A 77 8.64 8.46 1.84
C ASN A 77 7.28 7.87 1.54
N GLN A 78 6.45 8.64 0.84
CA GLN A 78 5.15 8.19 0.48
C GLN A 78 5.34 6.97 -0.37
N ARG A 79 6.23 7.17 -1.32
CA ARG A 79 6.62 6.17 -2.28
C ARG A 79 6.91 4.83 -1.60
N LYS A 80 7.68 4.87 -0.51
CA LYS A 80 8.07 3.65 0.20
C LYS A 80 6.91 2.89 0.77
N CYS A 81 6.26 3.50 1.73
CA CYS A 81 5.14 2.89 2.37
C CYS A 81 4.17 2.47 1.31
N GLU A 82 4.04 3.32 0.29
CA GLU A 82 3.14 3.01 -0.79
C GLU A 82 3.54 1.65 -1.37
N ARG A 83 4.83 1.38 -1.32
CA ARG A 83 5.36 0.13 -1.82
C ARG A 83 4.88 -1.01 -0.94
N VAL A 84 4.63 -0.71 0.33
CA VAL A 84 4.19 -1.70 1.31
C VAL A 84 2.71 -1.88 1.43
N LEU A 85 1.93 -0.84 1.38
CA LEU A 85 0.51 -0.99 1.51
C LEU A 85 0.06 -1.82 0.39
N LEU A 86 0.52 -1.44 -0.78
CA LEU A 86 0.22 -2.21 -1.93
C LEU A 86 0.80 -3.59 -1.75
N ALA A 87 2.14 -3.69 -1.65
CA ALA A 87 2.78 -4.98 -1.46
C ALA A 87 1.90 -5.85 -0.61
N LEU A 88 1.60 -5.31 0.56
CA LEU A 88 0.74 -5.94 1.48
C LEU A 88 -0.50 -6.42 0.76
N PHE A 89 -1.26 -5.44 0.28
CA PHE A 89 -2.49 -5.72 -0.44
C PHE A 89 -2.34 -6.89 -1.42
N CYS A 90 -1.38 -6.75 -2.33
CA CYS A 90 -1.11 -7.73 -3.38
C CYS A 90 -1.05 -9.16 -2.86
N HIS A 91 -0.59 -9.36 -1.63
CA HIS A 91 -0.49 -10.70 -1.12
C HIS A 91 -1.71 -11.12 -0.34
N GLU A 92 -1.88 -12.42 -0.23
CA GLU A 92 -3.03 -12.99 0.43
C GLU A 92 -3.05 -12.82 1.95
N PRO A 93 -1.95 -13.11 2.64
CA PRO A 93 -1.88 -12.90 4.09
C PRO A 93 -2.49 -11.55 4.51
N CYS A 94 -2.16 -10.52 3.76
CA CYS A 94 -2.71 -9.24 4.07
C CYS A 94 -4.09 -9.12 3.48
N ARG A 95 -4.52 -10.13 2.73
CA ARG A 95 -5.85 -10.11 2.19
C ARG A 95 -6.81 -10.11 3.38
N PRO A 96 -6.59 -10.96 4.41
CA PRO A 96 -7.36 -10.85 5.65
C PRO A 96 -7.19 -9.45 6.19
N LEU A 97 -5.91 -9.02 6.22
CA LEU A 97 -5.58 -7.68 6.70
C LEU A 97 -6.28 -6.59 5.94
N HIS A 98 -6.59 -6.87 4.69
CA HIS A 98 -7.24 -5.91 3.84
C HIS A 98 -8.33 -5.23 4.63
N GLN A 99 -8.89 -6.02 5.54
CA GLN A 99 -9.98 -5.61 6.40
C GLN A 99 -10.06 -6.51 7.64
N LEU A 100 -9.70 -5.96 8.80
CA LEU A 100 -9.74 -6.74 10.04
C LEU A 100 -10.58 -6.04 11.09
N ALA A 101 -10.42 -4.74 11.13
CA ALA A 101 -11.09 -3.92 12.11
C ALA A 101 -12.60 -3.93 11.91
N THR A 102 -13.26 -2.85 12.29
CA THR A 102 -14.70 -2.73 12.15
C THR A 102 -14.97 -1.40 11.52
N ASP A 103 -13.92 -0.94 10.85
CA ASP A 103 -13.88 0.32 10.17
C ASP A 103 -15.25 0.81 9.72
N SER A 104 -15.90 1.56 10.60
CA SER A 104 -17.21 2.14 10.33
C SER A 104 -17.15 3.62 10.65
N THR A 105 -16.32 4.34 9.88
CA THR A 105 -16.10 5.74 10.08
C THR A 105 -15.43 5.97 11.42
N PHE A 106 -14.69 4.97 11.88
CA PHE A 106 -13.99 5.07 13.12
C PHE A 106 -12.88 4.08 13.19
N SER A 107 -11.90 4.38 12.40
CA SER A 107 -10.69 3.57 12.32
C SER A 107 -9.49 4.45 12.55
N LEU A 108 -9.64 5.71 12.17
CA LEU A 108 -8.63 6.71 12.35
C LEU A 108 -8.34 6.91 13.81
N ASP A 109 -9.35 6.62 14.60
CA ASP A 109 -9.28 6.76 16.04
C ASP A 109 -9.17 5.39 16.60
N GLN A 110 -8.96 4.49 15.65
CA GLN A 110 -8.84 3.08 15.89
C GLN A 110 -9.45 2.66 17.22
N PRO A 111 -10.78 2.86 17.36
CA PRO A 111 -11.51 2.49 18.57
C PRO A 111 -11.27 1.05 18.96
N GLY A 112 -10.78 0.28 18.01
CA GLY A 112 -10.49 -1.12 18.27
C GLY A 112 -9.02 -1.44 18.14
N GLY A 113 -8.25 -0.49 17.60
CA GLY A 113 -6.82 -0.69 17.42
C GLY A 113 -6.51 -2.01 16.75
N THR A 114 -7.05 -2.21 15.56
CA THR A 114 -6.84 -3.42 14.81
C THR A 114 -6.18 -3.16 13.49
N LEU A 115 -6.22 -1.90 13.11
CA LEU A 115 -5.74 -1.42 11.83
C LEU A 115 -5.61 -2.48 10.78
N ASP A 116 -6.16 -2.18 9.66
CA ASP A 116 -6.13 -3.10 8.56
C ASP A 116 -5.73 -2.30 7.31
N LEU A 117 -5.27 -2.97 6.26
CA LEU A 117 -4.83 -2.29 5.03
C LEU A 117 -5.61 -1.02 4.76
N THR A 118 -6.89 -0.99 5.14
CA THR A 118 -7.74 0.20 4.91
C THR A 118 -7.38 1.29 5.89
N LEU A 119 -7.46 0.95 7.16
CA LEU A 119 -7.08 1.85 8.22
C LEU A 119 -5.84 2.60 7.75
N ILE A 120 -4.90 1.78 7.47
CA ILE A 120 -3.62 2.12 6.94
C ILE A 120 -3.73 2.94 5.66
N ARG A 121 -4.41 2.31 4.74
CA ARG A 121 -4.67 2.82 3.41
C ARG A 121 -5.08 4.25 3.42
N ALA A 122 -6.23 4.42 3.92
CA ALA A 122 -6.86 5.69 4.02
C ALA A 122 -6.00 6.68 4.81
N ARG A 123 -5.09 6.17 5.64
CA ARG A 123 -4.19 7.03 6.38
C ARG A 123 -3.30 7.72 5.36
N LEU A 124 -2.72 6.86 4.53
CA LEU A 124 -1.85 7.29 3.46
C LEU A 124 -2.62 8.04 2.38
N GLN A 125 -3.88 7.66 2.16
CA GLN A 125 -4.71 8.27 1.14
C GLN A 125 -5.40 9.52 1.64
N GLU A 126 -5.57 9.57 2.95
CA GLU A 126 -6.25 10.67 3.64
C GLU A 126 -7.76 10.46 3.57
N LYS A 127 -8.15 9.23 3.30
CA LYS A 127 -9.55 8.87 3.24
C LYS A 127 -10.06 8.80 4.64
N LEU A 128 -9.15 8.36 5.46
CA LEU A 128 -9.36 8.20 6.87
C LEU A 128 -8.97 9.43 7.66
N SER A 129 -7.72 9.45 8.03
CA SER A 129 -7.15 10.53 8.78
C SER A 129 -6.72 11.58 7.81
N PRO A 130 -5.80 12.50 8.14
CA PRO A 130 -5.45 13.48 7.18
C PRO A 130 -4.24 12.99 6.34
N PRO A 131 -3.38 13.86 5.81
CA PRO A 131 -2.24 13.40 5.00
C PRO A 131 -1.19 12.68 5.82
N TYR A 132 -0.65 11.59 5.28
CA TYR A 132 0.39 10.83 5.94
C TYR A 132 1.38 11.77 6.56
N SER A 133 1.99 11.32 7.61
CA SER A 133 3.00 12.09 8.25
C SER A 133 4.29 11.33 8.21
N SER A 134 4.23 10.18 7.54
CA SER A 134 5.42 9.34 7.36
C SER A 134 5.01 7.94 7.01
N PRO A 135 5.86 7.19 6.31
CA PRO A 135 5.57 5.80 6.01
C PRO A 135 5.33 5.09 7.29
N GLN A 136 5.98 5.54 8.34
CA GLN A 136 5.78 4.93 9.62
C GLN A 136 4.34 5.15 10.07
N GLU A 137 3.65 6.13 9.49
CA GLU A 137 2.28 6.39 9.83
C GLU A 137 1.42 5.13 9.59
N PHE A 138 1.31 4.72 8.33
CA PHE A 138 0.51 3.58 7.97
C PHE A 138 1.29 2.33 8.20
N ALA A 139 2.59 2.42 8.03
CA ALA A 139 3.47 1.27 8.25
C ALA A 139 3.35 0.84 9.69
N GLN A 140 3.63 1.76 10.63
CA GLN A 140 3.52 1.43 12.00
C GLN A 140 2.19 0.79 12.22
N ASP A 141 1.22 1.27 11.46
CA ASP A 141 -0.10 0.72 11.48
C ASP A 141 0.08 -0.72 11.08
N VAL A 142 0.43 -0.95 9.82
CA VAL A 142 0.69 -2.26 9.32
C VAL A 142 1.33 -3.17 10.34
N GLY A 143 2.47 -2.76 10.84
CA GLY A 143 3.15 -3.56 11.83
C GLY A 143 2.17 -4.01 12.87
N ARG A 144 1.33 -3.08 13.28
CA ARG A 144 0.27 -3.32 14.22
C ARG A 144 -0.70 -4.30 13.60
N MET A 145 -1.13 -3.94 12.39
CA MET A 145 -2.00 -4.77 11.59
C MET A 145 -1.66 -6.17 11.91
N PHE A 146 -0.46 -6.47 11.50
CA PHE A 146 0.23 -7.72 11.72
C PHE A 146 0.05 -8.21 13.16
N LYS A 147 0.24 -7.32 14.12
CA LYS A 147 0.09 -7.66 15.53
C LYS A 147 -1.28 -8.24 15.83
N GLN A 148 -2.31 -7.46 15.52
CA GLN A 148 -3.68 -7.89 15.78
C GLN A 148 -4.03 -8.90 14.74
N PHE A 149 -3.26 -8.85 13.68
CA PHE A 149 -3.42 -9.73 12.56
C PHE A 149 -3.07 -11.14 12.99
N ASN A 150 -2.11 -11.21 13.87
CA ASN A 150 -1.61 -12.47 14.38
C ASN A 150 -2.43 -12.94 15.58
N LYS A 151 -3.13 -12.02 16.19
CA LYS A 151 -3.94 -12.31 17.36
C LYS A 151 -5.43 -12.47 17.07
N LEU A 152 -5.85 -12.03 15.90
CA LEU A 152 -7.24 -12.05 15.52
C LEU A 152 -7.54 -13.20 14.60
N THR A 153 -6.49 -13.69 13.97
CA THR A 153 -6.60 -14.78 13.04
C THR A 153 -7.13 -16.02 13.70
N GLU A 154 -6.21 -16.67 14.37
CA GLU A 154 -6.43 -17.93 15.07
C GLU A 154 -6.89 -19.04 14.12
N ASP A 155 -7.50 -18.64 13.01
CA ASP A 155 -8.01 -19.55 12.02
C ASP A 155 -6.96 -19.82 10.95
N LYS A 156 -6.20 -18.76 10.63
CA LYS A 156 -5.15 -18.84 9.63
C LYS A 156 -3.91 -19.52 10.19
N ALA A 157 -2.75 -19.26 9.61
CA ALA A 157 -1.53 -19.85 10.12
C ALA A 157 -1.42 -19.44 11.56
N ASP A 158 -1.79 -18.19 11.74
CA ASP A 158 -1.87 -17.52 13.02
C ASP A 158 -0.74 -16.55 13.11
N VAL A 159 0.42 -17.12 13.03
CA VAL A 159 1.63 -16.38 13.04
C VAL A 159 2.20 -16.24 11.67
N GLN A 160 2.64 -17.35 11.17
CA GLN A 160 3.34 -17.42 9.90
C GLN A 160 2.57 -16.81 8.74
N SER A 161 1.28 -16.55 8.92
CA SER A 161 0.53 -15.93 7.87
C SER A 161 0.85 -14.47 7.97
N ILE A 162 0.87 -14.07 9.23
CA ILE A 162 1.19 -12.75 9.64
C ILE A 162 2.63 -12.47 9.37
N ILE A 163 3.49 -13.43 9.70
CA ILE A 163 4.89 -13.28 9.52
C ILE A 163 5.30 -13.19 8.06
N GLY A 164 5.07 -14.23 7.28
CA GLY A 164 5.47 -14.16 5.89
C GLY A 164 5.00 -12.87 5.25
N LEU A 165 3.89 -12.37 5.76
CA LEU A 165 3.32 -11.13 5.33
C LEU A 165 4.09 -9.99 5.98
N GLN A 166 4.43 -10.21 7.23
CA GLN A 166 5.14 -9.23 8.03
C GLN A 166 6.55 -9.01 7.45
N ARG A 167 7.13 -10.07 6.89
CA ARG A 167 8.43 -10.01 6.26
C ARG A 167 8.27 -9.33 4.93
N PHE A 168 7.16 -9.67 4.28
CA PHE A 168 6.79 -9.12 2.99
C PHE A 168 6.69 -7.61 3.12
N PHE A 169 5.99 -7.20 4.16
CA PHE A 169 5.88 -5.82 4.53
C PHE A 169 7.20 -5.13 4.44
N GLU A 170 8.03 -5.54 5.37
CA GLU A 170 9.33 -5.00 5.53
C GLU A 170 10.22 -5.15 4.32
N THR A 171 9.95 -6.15 3.52
CA THR A 171 10.72 -6.41 2.31
C THR A 171 10.63 -5.26 1.36
N ARG A 172 9.42 -4.93 0.96
CA ARG A 172 9.15 -3.85 0.04
C ARG A 172 9.38 -2.55 0.75
N MET A 173 8.85 -2.49 1.97
CA MET A 173 9.08 -1.36 2.81
C MET A 173 10.58 -1.17 2.99
N ASN A 174 11.37 -2.22 2.69
CA ASN A 174 12.83 -2.14 2.79
C ASN A 174 13.37 -1.79 1.43
N GLU A 175 12.78 -2.44 0.46
CA GLU A 175 13.09 -2.28 -0.94
C GLU A 175 13.00 -0.81 -1.29
N ALA A 176 12.24 -0.12 -0.47
CA ALA A 176 12.01 1.30 -0.60
C ALA A 176 12.88 2.10 0.37
N PHE A 177 12.78 1.76 1.65
CA PHE A 177 13.55 2.44 2.69
C PHE A 177 15.01 1.99 2.68
N GLY A 178 15.53 1.61 1.52
CA GLY A 178 16.89 1.15 1.45
C GLY A 178 17.69 1.71 0.29
N ASP A 179 17.36 1.25 -0.93
CA ASP A 179 18.08 1.64 -2.15
C ASP A 179 17.90 0.53 -3.17
N THR A 180 17.39 -0.61 -2.71
CA THR A 180 17.15 -1.73 -3.52
C THR A 180 16.26 -1.28 -4.66
N LYS A 181 15.14 -0.64 -4.30
CA LYS A 181 14.22 -0.10 -5.29
C LYS A 181 13.95 -1.13 -6.36
N PHE A 182 14.19 -2.36 -5.97
CA PHE A 182 14.00 -3.53 -6.84
C PHE A 182 15.11 -3.60 -7.87
N SER A 183 16.34 -3.88 -7.41
CA SER A 183 17.50 -3.97 -8.29
C SER A 183 17.63 -2.72 -9.15
N ALA A 184 16.87 -1.68 -8.79
CA ALA A 184 16.90 -0.40 -9.49
C ALA A 184 16.56 -0.49 -10.96
N VAL A 185 16.27 -1.70 -11.42
CA VAL A 185 15.94 -1.93 -12.81
C VAL A 185 14.47 -1.72 -13.08
N LEU A 186 13.81 -1.20 -12.08
CA LEU A 186 12.38 -0.92 -12.14
C LEU A 186 12.11 0.57 -12.20
N VAL A 187 13.16 1.31 -12.03
CA VAL A 187 13.10 2.77 -12.05
C VAL A 187 14.27 3.36 -12.84
N GLU A 188 15.10 2.47 -13.36
CA GLU A 188 16.27 2.84 -14.15
C GLU A 188 16.85 4.20 -13.73
N PRO A 189 17.66 4.22 -12.65
CA PRO A 189 18.27 5.46 -12.15
C PRO A 189 19.47 5.89 -12.99
ZN ZN B . -9.56 -6.20 -5.90
ZN ZN C . 4.09 -4.13 -11.39
N SER A 1 -4.05 -19.05 -13.20
CA SER A 1 -3.51 -17.67 -13.05
C SER A 1 -4.47 -16.64 -13.66
N ALA A 2 -5.52 -16.30 -12.90
CA ALA A 2 -6.50 -15.34 -13.37
C ALA A 2 -6.05 -13.91 -13.12
N THR A 3 -6.79 -12.98 -13.69
CA THR A 3 -6.54 -11.57 -13.53
C THR A 3 -6.46 -11.23 -12.06
N ILE A 4 -7.57 -11.47 -11.41
CA ILE A 4 -7.77 -11.24 -9.99
C ILE A 4 -6.87 -10.22 -9.36
N CYS A 5 -7.53 -9.21 -8.84
CA CYS A 5 -6.89 -8.11 -8.17
C CYS A 5 -6.00 -8.62 -7.05
N ARG A 6 -4.76 -8.93 -7.40
CA ARG A 6 -3.75 -9.47 -6.46
C ARG A 6 -4.19 -9.27 -5.02
N VAL A 7 -4.66 -8.06 -4.74
CA VAL A 7 -5.14 -7.69 -3.44
C VAL A 7 -6.23 -8.62 -3.02
N CYS A 8 -7.36 -8.45 -3.67
CA CYS A 8 -8.52 -9.28 -3.41
C CYS A 8 -8.34 -10.69 -3.98
N GLN A 9 -7.66 -10.76 -5.11
CA GLN A 9 -7.47 -11.99 -5.86
C GLN A 9 -8.77 -12.36 -6.53
N LYS A 10 -9.59 -11.34 -6.79
CA LYS A 10 -10.82 -11.49 -7.49
C LYS A 10 -10.74 -10.91 -8.87
N PRO A 11 -11.25 -11.64 -9.85
CA PRO A 11 -11.24 -11.21 -11.23
C PRO A 11 -12.16 -10.03 -11.44
N GLY A 12 -11.92 -9.32 -12.53
CA GLY A 12 -12.76 -8.17 -12.82
C GLY A 12 -12.10 -7.15 -13.71
N ASP A 13 -12.46 -5.88 -13.51
CA ASP A 13 -11.90 -4.77 -14.25
C ASP A 13 -10.53 -4.45 -13.70
N LEU A 14 -9.79 -5.51 -13.47
CA LEU A 14 -8.47 -5.43 -12.92
C LEU A 14 -7.47 -4.98 -13.92
N VAL A 15 -6.42 -4.46 -13.37
CA VAL A 15 -5.35 -3.91 -14.14
C VAL A 15 -4.03 -4.58 -13.79
N MET A 16 -3.38 -5.13 -14.79
CA MET A 16 -2.16 -5.85 -14.59
C MET A 16 -0.96 -4.92 -14.60
N CYS A 17 0.04 -5.26 -13.80
CA CYS A 17 1.25 -4.47 -13.75
C CYS A 17 1.94 -4.62 -15.06
N ASN A 18 2.20 -3.52 -15.72
CA ASN A 18 2.85 -3.62 -17.00
C ASN A 18 4.17 -4.36 -16.83
N GLN A 19 4.56 -4.55 -15.56
CA GLN A 19 5.80 -5.23 -15.21
C GLN A 19 5.58 -6.59 -14.53
N CYS A 20 4.52 -6.73 -13.73
CA CYS A 20 4.30 -8.00 -12.99
C CYS A 20 2.92 -8.63 -13.21
N GLU A 21 2.17 -8.20 -14.21
CA GLU A 21 0.85 -8.73 -14.46
C GLU A 21 -0.11 -8.45 -13.27
N PHE A 22 0.46 -8.03 -12.14
CA PHE A 22 -0.29 -7.67 -10.95
C PHE A 22 -1.59 -6.96 -11.29
N CYS A 23 -2.70 -7.69 -11.23
CA CYS A 23 -3.99 -7.14 -11.52
C CYS A 23 -4.58 -6.50 -10.30
N PHE A 24 -5.18 -5.38 -10.52
CA PHE A 24 -5.78 -4.63 -9.45
C PHE A 24 -7.10 -3.98 -9.84
N HIS A 25 -8.07 -4.14 -8.97
CA HIS A 25 -9.37 -3.49 -9.12
C HIS A 25 -9.23 -2.02 -9.18
N LEU A 26 -8.00 -1.58 -9.15
CA LEU A 26 -7.67 -0.17 -9.14
C LEU A 26 -7.96 0.44 -7.82
N ASP A 27 -9.20 0.36 -7.47
CA ASP A 27 -9.68 0.86 -6.21
C ASP A 27 -8.85 0.25 -5.08
N CYS A 28 -8.38 -0.98 -5.31
CA CYS A 28 -7.53 -1.64 -4.36
C CYS A 28 -6.08 -1.27 -4.61
N HIS A 29 -5.78 -0.79 -5.84
CA HIS A 29 -4.43 -0.30 -6.12
C HIS A 29 -4.16 0.75 -5.05
N LEU A 30 -3.63 0.31 -3.93
CA LEU A 30 -3.36 1.14 -2.76
C LEU A 30 -4.01 2.51 -2.79
N PRO A 31 -3.51 3.50 -3.55
CA PRO A 31 -4.13 4.80 -3.54
C PRO A 31 -5.22 4.96 -4.58
N ALA A 32 -5.79 3.83 -4.87
CA ALA A 32 -6.86 3.68 -5.83
C ALA A 32 -6.55 4.30 -7.19
N LEU A 33 -6.39 3.46 -8.20
CA LEU A 33 -6.16 3.93 -9.54
C LEU A 33 -7.20 4.93 -9.87
N GLN A 34 -8.36 4.50 -9.46
CA GLN A 34 -9.59 5.18 -9.59
C GLN A 34 -10.15 4.98 -10.96
N ASP A 35 -9.27 4.56 -11.83
CA ASP A 35 -9.62 4.37 -13.21
C ASP A 35 -8.42 3.92 -13.97
N VAL A 36 -8.47 2.67 -14.28
CA VAL A 36 -7.47 1.97 -14.95
C VAL A 36 -6.41 2.77 -15.66
N PRO A 37 -5.19 2.42 -15.28
CA PRO A 37 -3.94 2.91 -15.78
C PRO A 37 -3.54 2.04 -16.94
N GLY A 38 -4.59 1.64 -17.66
CA GLY A 38 -4.51 0.77 -18.81
C GLY A 38 -3.34 1.02 -19.71
N GLU A 39 -2.76 2.17 -19.54
CA GLU A 39 -1.61 2.56 -20.33
C GLU A 39 -0.50 1.52 -20.16
N GLU A 40 0.34 1.75 -19.16
CA GLU A 40 1.43 0.87 -18.83
C GLU A 40 1.68 0.96 -17.35
N TRP A 41 0.64 0.68 -16.57
CA TRP A 41 0.74 0.77 -15.17
C TRP A 41 1.83 -0.14 -14.70
N SER A 42 2.01 -0.15 -13.45
CA SER A 42 3.02 -1.00 -12.87
C SER A 42 2.74 -1.17 -11.40
N CYS A 43 2.03 -2.25 -11.08
CA CYS A 43 1.64 -2.57 -9.69
C CYS A 43 2.39 -1.70 -8.72
N SER A 44 1.68 -0.71 -8.14
CA SER A 44 2.25 0.26 -7.19
C SER A 44 3.68 -0.06 -6.78
N LEU A 45 3.94 -1.30 -6.36
CA LEU A 45 5.29 -1.72 -6.02
C LEU A 45 6.26 -1.36 -7.16
N CYS A 46 5.67 -0.85 -8.24
CA CYS A 46 6.38 -0.48 -9.45
C CYS A 46 5.97 0.90 -9.93
N HIS A 47 4.78 1.36 -9.52
CA HIS A 47 4.27 2.62 -10.02
C HIS A 47 3.38 3.32 -9.01
N VAL A 48 3.74 3.28 -7.74
CA VAL A 48 2.98 3.95 -6.73
C VAL A 48 2.57 5.35 -7.17
N LEU A 49 1.33 5.71 -6.88
CA LEU A 49 0.80 7.00 -7.26
C LEU A 49 0.16 7.76 -6.12
N PRO A 50 0.12 9.08 -6.27
CA PRO A 50 -0.48 10.00 -5.31
C PRO A 50 -1.91 9.60 -4.94
N ASP A 51 -2.85 10.49 -5.20
CA ASP A 51 -4.25 10.25 -4.90
C ASP A 51 -5.17 11.05 -5.80
N LEU A 52 -4.57 11.90 -6.62
CA LEU A 52 -5.30 12.73 -7.55
C LEU A 52 -6.33 13.60 -6.87
N LYS A 53 -5.91 14.27 -5.81
CA LYS A 53 -6.78 15.16 -5.06
C LYS A 53 -7.39 16.22 -5.96
N GLU A 54 -6.80 16.39 -7.14
CA GLU A 54 -7.27 17.38 -8.09
C GLU A 54 -7.46 18.72 -7.41
N GLU A 55 -6.35 19.38 -7.10
CA GLU A 55 -6.35 20.65 -6.43
C GLU A 55 -7.38 21.61 -7.04
N ASP A 56 -8.28 22.09 -6.20
CA ASP A 56 -9.32 23.01 -6.63
C ASP A 56 -10.16 22.41 -7.74
N GLY A 57 -10.37 21.10 -7.67
CA GLY A 57 -11.17 20.44 -8.66
C GLY A 57 -12.61 20.90 -8.62
N SER A 58 -12.97 21.59 -7.54
CA SER A 58 -14.32 22.10 -7.36
C SER A 58 -14.36 23.24 -6.36
N LEU A 59 -13.17 23.76 -5.99
CA LEU A 59 -13.08 24.86 -5.04
C LEU A 59 -13.51 24.38 -3.68
N SER A 60 -12.55 24.26 -2.78
CA SER A 60 -12.82 23.75 -1.46
C SER A 60 -11.62 24.04 -0.57
N LEU A 61 -10.72 24.82 -1.13
CA LEU A 61 -9.50 25.23 -0.47
C LEU A 61 -8.95 24.12 0.42
N ASP A 62 -8.41 23.08 -0.21
CA ASP A 62 -7.84 21.95 0.51
C ASP A 62 -6.99 22.41 1.68
N GLY A 63 -7.47 22.11 2.89
CA GLY A 63 -6.76 22.49 4.09
C GLY A 63 -5.48 21.72 4.28
N ALA A 64 -5.61 20.42 4.46
CA ALA A 64 -4.46 19.56 4.67
C ALA A 64 -3.49 19.66 3.50
N ASP A 65 -2.27 19.14 3.72
CA ASP A 65 -1.23 19.15 2.68
C ASP A 65 -0.80 20.58 2.36
N SER A 66 0.49 20.84 2.44
CA SER A 66 1.02 22.17 2.15
C SER A 66 1.41 22.29 0.68
N THR A 67 1.30 21.19 -0.05
CA THR A 67 1.65 21.15 -1.47
C THR A 67 3.16 21.21 -1.68
N GLY A 68 3.86 21.90 -0.79
CA GLY A 68 5.30 22.00 -0.90
C GLY A 68 6.01 20.97 -0.05
N VAL A 69 5.44 19.76 -0.01
CA VAL A 69 5.98 18.65 0.76
C VAL A 69 6.64 19.10 2.07
N VAL A 70 5.83 19.16 3.12
CA VAL A 70 6.26 19.55 4.42
C VAL A 70 6.98 18.43 5.15
N ALA A 71 7.45 17.50 4.37
CA ALA A 71 8.14 16.34 4.89
C ALA A 71 7.27 15.58 5.86
N LYS A 72 5.99 15.76 5.64
CA LYS A 72 4.96 15.07 6.40
C LYS A 72 5.21 13.64 6.13
N LEU A 73 4.89 13.29 4.93
CA LEU A 73 5.12 11.98 4.43
C LEU A 73 6.43 11.99 3.69
N SER A 74 6.43 12.80 2.63
CA SER A 74 7.56 12.99 1.72
C SER A 74 7.30 12.23 0.42
N PRO A 75 7.81 12.74 -0.72
CA PRO A 75 7.59 12.14 -2.06
C PRO A 75 7.85 10.64 -2.13
N ALA A 76 9.10 10.28 -1.92
CA ALA A 76 9.54 8.91 -1.98
C ALA A 76 9.07 8.10 -0.80
N ASN A 77 8.75 8.78 0.28
CA ASN A 77 8.26 8.11 1.45
C ASN A 77 6.80 7.82 1.22
N GLN A 78 6.20 8.64 0.36
CA GLN A 78 4.82 8.47 0.01
C GLN A 78 4.82 7.28 -0.89
N ARG A 79 5.78 7.35 -1.78
CA ARG A 79 6.04 6.30 -2.71
C ARG A 79 6.14 5.01 -1.93
N LYS A 80 7.02 5.03 -0.95
CA LYS A 80 7.28 3.99 -0.08
C LYS A 80 6.10 3.21 0.44
N CYS A 81 5.37 3.82 1.33
CA CYS A 81 4.26 3.21 1.97
C CYS A 81 3.28 2.76 0.93
N GLU A 82 3.15 3.55 -0.12
CA GLU A 82 2.27 3.17 -1.17
C GLU A 82 2.76 1.84 -1.73
N ARG A 83 4.08 1.73 -1.73
CA ARG A 83 4.75 0.52 -2.17
C ARG A 83 4.60 -0.54 -1.10
N VAL A 84 4.38 -0.09 0.14
CA VAL A 84 4.27 -1.00 1.25
C VAL A 84 2.91 -1.63 1.40
N LEU A 85 1.83 -0.87 1.58
CA LEU A 85 0.55 -1.49 1.69
C LEU A 85 0.36 -2.23 0.46
N LEU A 86 0.47 -1.55 -0.64
CA LEU A 86 0.26 -2.23 -1.87
C LEU A 86 1.03 -3.51 -1.87
N ALA A 87 2.18 -3.51 -1.23
CA ALA A 87 2.91 -4.74 -1.10
C ALA A 87 2.07 -5.70 -0.27
N LEU A 88 1.61 -5.22 0.89
CA LEU A 88 0.74 -5.97 1.74
C LEU A 88 -0.52 -6.30 0.96
N PHE A 89 -1.26 -5.25 0.69
CA PHE A 89 -2.49 -5.28 -0.10
C PHE A 89 -2.44 -6.35 -1.20
N CYS A 90 -1.57 -6.12 -2.17
CA CYS A 90 -1.38 -7.01 -3.30
C CYS A 90 -1.27 -8.49 -2.93
N HIS A 91 -0.61 -8.82 -1.81
CA HIS A 91 -0.44 -10.22 -1.48
C HIS A 91 -1.62 -10.81 -0.73
N GLU A 92 -1.50 -12.08 -0.36
CA GLU A 92 -2.60 -12.77 0.29
C GLU A 92 -2.67 -12.53 1.81
N PRO A 93 -1.57 -12.81 2.55
CA PRO A 93 -1.52 -12.60 3.99
C PRO A 93 -2.29 -11.35 4.40
N CYS A 94 -2.22 -10.35 3.55
CA CYS A 94 -2.92 -9.12 3.81
C CYS A 94 -4.40 -9.27 3.59
N ARG A 95 -4.82 -9.97 2.53
CA ARG A 95 -6.25 -10.17 2.30
C ARG A 95 -6.95 -10.17 3.65
N PRO A 96 -6.51 -11.03 4.60
CA PRO A 96 -7.07 -11.02 5.96
C PRO A 96 -6.77 -9.69 6.66
N LEU A 97 -5.49 -9.30 6.67
CA LEU A 97 -5.04 -8.07 7.29
C LEU A 97 -5.81 -6.84 6.87
N HIS A 98 -6.37 -6.86 5.68
CA HIS A 98 -7.10 -5.74 5.14
C HIS A 98 -8.17 -5.24 6.08
N GLN A 99 -8.78 -6.15 6.78
CA GLN A 99 -9.84 -5.82 7.69
C GLN A 99 -9.81 -6.68 8.95
N LEU A 100 -9.39 -6.06 10.04
CA LEU A 100 -9.28 -6.71 11.34
C LEU A 100 -9.71 -5.76 12.42
N ALA A 101 -9.31 -4.52 12.25
CA ALA A 101 -9.61 -3.46 13.18
C ALA A 101 -11.00 -2.90 12.93
N THR A 102 -11.24 -2.55 11.66
CA THR A 102 -12.54 -2.02 11.25
C THR A 102 -13.40 -3.20 10.90
N ASP A 103 -12.85 -4.36 11.24
CA ASP A 103 -13.47 -5.64 11.03
C ASP A 103 -15.00 -5.55 10.98
N SER A 104 -15.61 -5.51 12.15
CA SER A 104 -17.06 -5.41 12.27
C SER A 104 -17.40 -4.64 13.54
N THR A 105 -16.38 -4.18 14.22
CA THR A 105 -16.53 -3.42 15.45
C THR A 105 -16.94 -1.99 15.15
N PHE A 106 -15.96 -1.16 14.80
CA PHE A 106 -16.20 0.23 14.53
C PHE A 106 -14.86 0.90 14.19
N SER A 107 -13.85 0.61 14.99
CA SER A 107 -12.47 1.09 14.79
C SER A 107 -12.33 2.61 14.59
N LEU A 108 -13.42 3.35 14.62
CA LEU A 108 -13.36 4.80 14.47
C LEU A 108 -12.37 5.41 15.44
N ASP A 109 -12.13 4.64 16.47
CA ASP A 109 -11.22 5.01 17.54
C ASP A 109 -10.32 3.83 17.81
N GLN A 110 -10.48 2.88 16.93
CA GLN A 110 -9.76 1.65 16.94
C GLN A 110 -9.95 0.85 18.22
N PRO A 111 -10.22 -0.45 18.07
CA PRO A 111 -10.41 -1.36 19.18
C PRO A 111 -9.08 -1.80 19.76
N GLY A 112 -8.17 -0.83 19.84
CA GLY A 112 -6.85 -1.09 20.37
C GLY A 112 -5.79 -0.89 19.31
N GLY A 113 -6.21 -0.40 18.15
CA GLY A 113 -5.28 -0.16 17.06
C GLY A 113 -4.84 -1.45 16.39
N THR A 114 -5.80 -2.25 15.91
CA THR A 114 -5.52 -3.49 15.25
C THR A 114 -5.09 -3.25 13.85
N LEU A 115 -5.46 -2.11 13.38
CA LEU A 115 -5.22 -1.73 12.05
C LEU A 115 -5.70 -2.80 11.09
N ASP A 116 -5.52 -2.50 9.84
CA ASP A 116 -5.88 -3.37 8.75
C ASP A 116 -5.71 -2.58 7.42
N LEU A 117 -5.09 -3.18 6.42
CA LEU A 117 -4.74 -2.48 5.16
C LEU A 117 -5.59 -1.29 4.74
N THR A 118 -6.88 -1.30 4.99
CA THR A 118 -7.70 -0.19 4.47
C THR A 118 -7.55 1.05 5.33
N LEU A 119 -7.60 0.89 6.65
CA LEU A 119 -7.44 2.02 7.55
C LEU A 119 -6.11 2.70 7.29
N ILE A 120 -5.12 1.86 7.27
CA ILE A 120 -3.77 2.24 7.06
C ILE A 120 -3.59 2.89 5.69
N ARG A 121 -4.04 2.21 4.66
CA ARG A 121 -3.98 2.71 3.29
C ARG A 121 -4.69 4.01 3.19
N ALA A 122 -5.67 4.13 4.03
CA ALA A 122 -6.47 5.31 4.08
C ALA A 122 -5.66 6.50 4.55
N ARG A 123 -4.78 6.31 5.55
CA ARG A 123 -3.99 7.41 6.02
C ARG A 123 -3.14 7.87 4.86
N LEU A 124 -2.50 6.90 4.23
CA LEU A 124 -1.68 7.16 3.08
C LEU A 124 -2.53 7.73 1.95
N GLN A 125 -3.82 7.40 1.96
CA GLN A 125 -4.75 7.88 0.95
C GLN A 125 -5.39 9.20 1.38
N GLU A 126 -6.42 9.06 2.20
CA GLU A 126 -7.22 10.17 2.73
C GLU A 126 -8.61 9.68 3.10
N LYS A 127 -8.78 8.36 3.07
CA LYS A 127 -10.03 7.73 3.41
C LYS A 127 -10.17 7.80 4.88
N LEU A 128 -9.02 7.66 5.49
CA LEU A 128 -8.90 7.70 6.92
C LEU A 128 -9.39 9.02 7.47
N SER A 129 -8.52 9.99 7.42
CA SER A 129 -8.87 11.33 7.88
C SER A 129 -7.94 12.37 7.38
N PRO A 130 -6.68 12.35 7.81
CA PRO A 130 -5.79 13.36 7.46
C PRO A 130 -4.72 12.87 6.46
N PRO A 131 -3.52 13.45 6.46
CA PRO A 131 -2.43 13.03 5.58
C PRO A 131 -1.37 12.24 6.32
N TYR A 132 -0.74 11.29 5.63
CA TYR A 132 0.33 10.53 6.22
C TYR A 132 1.34 11.48 6.82
N SER A 133 2.15 10.94 7.67
CA SER A 133 3.22 11.70 8.26
C SER A 133 4.47 10.92 8.02
N SER A 134 4.30 9.84 7.24
CA SER A 134 5.40 8.97 6.82
C SER A 134 4.91 7.55 6.71
N PRO A 135 5.60 6.70 5.95
CA PRO A 135 5.24 5.29 5.89
C PRO A 135 5.13 4.79 7.28
N GLN A 136 6.07 5.18 8.11
CA GLN A 136 6.05 4.79 9.49
C GLN A 136 4.71 5.14 10.11
N GLU A 137 3.90 5.95 9.43
CA GLU A 137 2.59 6.27 9.90
C GLU A 137 1.70 5.02 9.83
N PHE A 138 1.36 4.60 8.62
CA PHE A 138 0.49 3.49 8.48
C PHE A 138 1.27 2.21 8.59
N ALA A 139 2.52 2.29 8.18
CA ALA A 139 3.46 1.18 8.20
C ALA A 139 3.61 0.67 9.61
N GLN A 140 3.85 1.59 10.54
CA GLN A 140 3.95 1.20 11.90
C GLN A 140 2.63 0.64 12.31
N ASP A 141 1.61 1.10 11.61
CA ASP A 141 0.26 0.66 11.85
C ASP A 141 0.10 -0.70 11.20
N VAL A 142 0.94 -0.99 10.22
CA VAL A 142 0.98 -2.26 9.57
C VAL A 142 1.59 -3.24 10.51
N GLY A 143 2.61 -2.79 11.19
CA GLY A 143 3.19 -3.63 12.18
C GLY A 143 2.10 -4.03 13.10
N ARG A 144 1.43 -3.01 13.64
CA ARG A 144 0.27 -3.19 14.49
C ARG A 144 -0.66 -4.19 13.87
N MET A 145 -1.02 -3.86 12.64
CA MET A 145 -1.83 -4.70 11.82
C MET A 145 -1.47 -6.10 12.15
N PHE A 146 -0.28 -6.42 11.71
CA PHE A 146 0.35 -7.70 11.92
C PHE A 146 0.21 -8.17 13.36
N LYS A 147 0.38 -7.25 14.30
CA LYS A 147 0.30 -7.59 15.69
C LYS A 147 -1.02 -8.22 16.08
N GLN A 148 -2.11 -7.50 15.85
CA GLN A 148 -3.41 -8.00 16.22
C GLN A 148 -3.93 -8.81 15.07
N PHE A 149 -3.23 -8.67 13.98
CA PHE A 149 -3.52 -9.40 12.78
C PHE A 149 -3.16 -10.83 13.09
N ASN A 150 -2.09 -10.94 13.87
CA ASN A 150 -1.51 -12.20 14.28
C ASN A 150 -2.12 -12.74 15.57
N LYS A 151 -2.61 -11.84 16.41
CA LYS A 151 -3.19 -12.24 17.69
C LYS A 151 -4.67 -12.56 17.61
N LEU A 152 -5.36 -11.88 16.71
CA LEU A 152 -6.76 -12.09 16.52
C LEU A 152 -6.90 -13.34 15.73
N THR A 153 -6.10 -13.32 14.68
CA THR A 153 -6.02 -14.38 13.69
C THR A 153 -7.24 -15.26 13.72
N GLU A 154 -8.36 -14.61 13.93
CA GLU A 154 -9.65 -15.27 13.96
C GLU A 154 -9.97 -15.77 12.57
N ASP A 155 -9.45 -15.03 11.62
CA ASP A 155 -9.61 -15.31 10.22
C ASP A 155 -8.51 -16.24 9.75
N LYS A 156 -7.33 -16.01 10.29
CA LYS A 156 -6.14 -16.76 9.97
C LYS A 156 -6.09 -18.14 10.61
N ALA A 157 -4.99 -18.83 10.35
CA ALA A 157 -4.74 -20.16 10.87
C ALA A 157 -3.26 -20.44 10.82
N ASP A 158 -2.52 -19.37 10.76
CA ASP A 158 -1.12 -19.39 10.67
C ASP A 158 -0.59 -18.00 10.65
N VAL A 159 -0.25 -17.62 11.84
CA VAL A 159 0.35 -16.37 12.13
C VAL A 159 1.56 -16.20 11.28
N GLN A 160 1.97 -17.29 10.69
CA GLN A 160 3.14 -17.25 9.84
C GLN A 160 2.76 -16.61 8.51
N SER A 161 1.48 -16.26 8.39
CA SER A 161 0.98 -15.61 7.21
C SER A 161 1.07 -14.16 7.53
N ILE A 162 0.78 -13.88 8.79
CA ILE A 162 0.95 -12.59 9.33
C ILE A 162 2.38 -12.28 9.08
N ILE A 163 3.21 -13.12 9.66
CA ILE A 163 4.62 -13.01 9.49
C ILE A 163 4.93 -12.89 8.01
N GLY A 164 4.06 -13.49 7.22
CA GLY A 164 4.21 -13.41 5.78
C GLY A 164 4.35 -11.98 5.34
N LEU A 165 3.39 -11.12 5.69
CA LEU A 165 3.57 -9.72 5.34
C LEU A 165 4.60 -9.17 6.24
N GLN A 166 4.50 -9.45 7.52
CA GLN A 166 5.44 -8.89 8.43
C GLN A 166 6.80 -8.83 7.72
N ARG A 167 7.11 -9.90 6.96
CA ARG A 167 8.33 -9.98 6.16
C ARG A 167 8.13 -9.24 4.82
N PHE A 168 7.03 -9.56 4.12
CA PHE A 168 6.69 -8.94 2.85
C PHE A 168 6.66 -7.44 3.06
N PHE A 169 5.81 -7.04 3.98
CA PHE A 169 5.73 -5.69 4.46
C PHE A 169 7.07 -5.01 4.41
N GLU A 170 7.90 -5.45 5.34
CA GLU A 170 9.20 -4.91 5.56
C GLU A 170 10.09 -4.96 4.34
N THR A 171 9.80 -5.85 3.42
CA THR A 171 10.56 -6.02 2.21
C THR A 171 10.45 -4.82 1.31
N ARG A 172 9.23 -4.57 0.84
CA ARG A 172 9.01 -3.44 -0.02
C ARG A 172 9.32 -2.21 0.77
N MET A 173 8.81 -2.19 1.99
CA MET A 173 9.10 -1.12 2.90
C MET A 173 10.63 -1.03 3.08
N ASN A 174 11.33 -2.10 2.72
CA ASN A 174 12.78 -2.15 2.84
C ASN A 174 13.38 -1.71 1.54
N GLU A 175 12.59 -1.91 0.52
CA GLU A 175 12.95 -1.60 -0.84
C GLU A 175 13.25 -0.12 -1.04
N ALA A 176 12.35 0.73 -0.56
CA ALA A 176 12.52 2.18 -0.71
C ALA A 176 13.14 2.87 0.51
N PHE A 177 12.98 2.31 1.74
CA PHE A 177 13.59 2.96 2.91
C PHE A 177 15.09 2.72 2.94
N GLY A 178 15.68 2.58 1.75
CA GLY A 178 17.09 2.33 1.63
C GLY A 178 17.36 1.22 0.65
N ASP A 179 17.48 0.01 1.18
CA ASP A 179 17.72 -1.19 0.37
C ASP A 179 17.86 -2.39 1.28
N THR A 180 18.46 -2.12 2.42
CA THR A 180 18.69 -3.11 3.45
C THR A 180 19.23 -2.35 4.65
N LYS A 181 20.21 -2.89 5.34
CA LYS A 181 20.79 -2.19 6.48
C LYS A 181 19.77 -2.02 7.60
N PHE A 182 18.58 -2.53 7.37
CA PHE A 182 17.50 -2.46 8.35
C PHE A 182 17.82 -3.34 9.55
N SER A 183 18.48 -4.46 9.27
CA SER A 183 18.85 -5.41 10.31
C SER A 183 20.05 -6.25 9.88
N ALA A 184 19.84 -7.02 8.82
CA ALA A 184 20.88 -7.88 8.29
C ALA A 184 21.02 -7.73 6.79
N VAL A 185 22.07 -8.32 6.25
CA VAL A 185 22.32 -8.27 4.82
C VAL A 185 21.63 -9.43 4.13
N LEU A 186 20.87 -10.15 4.93
CA LEU A 186 20.12 -11.31 4.47
C LEU A 186 18.64 -11.00 4.45
N VAL A 187 18.34 -9.82 4.94
CA VAL A 187 16.97 -9.33 5.02
C VAL A 187 16.39 -9.08 3.65
N GLU A 188 17.30 -8.95 2.72
CA GLU A 188 16.98 -8.71 1.33
C GLU A 188 16.23 -9.90 0.73
N PRO A 189 15.19 -9.65 -0.10
CA PRO A 189 14.42 -10.74 -0.72
C PRO A 189 15.16 -11.36 -1.91
ZN ZN B . -9.55 -5.72 -5.34
ZN ZN C . 4.93 -4.60 -10.70
N SER A 1 -5.34 -17.60 -16.66
CA SER A 1 -6.78 -17.85 -16.43
C SER A 1 -7.52 -16.56 -16.07
N ALA A 2 -7.26 -16.04 -14.87
CA ALA A 2 -7.90 -14.81 -14.43
C ALA A 2 -6.89 -13.78 -13.95
N THR A 3 -7.13 -12.53 -14.31
CA THR A 3 -6.30 -11.44 -13.87
C THR A 3 -6.16 -11.50 -12.36
N ILE A 4 -7.30 -11.36 -11.73
CA ILE A 4 -7.47 -11.42 -10.28
C ILE A 4 -6.50 -10.58 -9.52
N CYS A 5 -7.04 -9.44 -9.14
CA CYS A 5 -6.34 -8.39 -8.40
C CYS A 5 -5.28 -8.99 -7.53
N ARG A 6 -4.11 -9.21 -8.14
CA ARG A 6 -2.96 -9.83 -7.46
C ARG A 6 -3.12 -9.80 -5.96
N VAL A 7 -3.57 -8.64 -5.47
CA VAL A 7 -3.82 -8.45 -4.07
C VAL A 7 -4.87 -9.40 -3.58
N CYS A 8 -6.10 -9.15 -4.01
CA CYS A 8 -7.20 -9.99 -3.62
C CYS A 8 -7.11 -11.35 -4.27
N GLN A 9 -6.52 -11.33 -5.47
CA GLN A 9 -6.43 -12.47 -6.34
C GLN A 9 -7.79 -12.82 -6.84
N LYS A 10 -8.60 -11.77 -6.93
CA LYS A 10 -9.91 -11.90 -7.47
C LYS A 10 -10.10 -11.03 -8.69
N PRO A 11 -10.91 -11.52 -9.61
CA PRO A 11 -11.15 -10.89 -10.87
C PRO A 11 -12.18 -9.81 -10.76
N GLY A 12 -11.97 -8.77 -11.52
CA GLY A 12 -12.89 -7.67 -11.49
C GLY A 12 -12.37 -6.42 -12.15
N ASP A 13 -12.51 -5.31 -11.45
CA ASP A 13 -12.03 -4.04 -11.92
C ASP A 13 -10.53 -3.97 -11.74
N LEU A 14 -9.89 -5.03 -12.14
CA LEU A 14 -8.47 -5.16 -12.04
C LEU A 14 -7.75 -4.37 -13.07
N VAL A 15 -6.50 -4.24 -12.81
CA VAL A 15 -5.59 -3.65 -13.72
C VAL A 15 -4.39 -4.51 -13.78
N MET A 16 -4.20 -5.15 -14.89
CA MET A 16 -3.06 -6.00 -15.02
C MET A 16 -1.93 -5.13 -15.50
N CYS A 17 -1.11 -4.71 -14.56
CA CYS A 17 0.03 -3.87 -14.83
C CYS A 17 0.36 -3.83 -16.30
N ASN A 18 0.27 -2.64 -16.90
CA ASN A 18 0.57 -2.50 -18.31
C ASN A 18 1.94 -3.09 -18.61
N GLN A 19 2.65 -3.45 -17.55
CA GLN A 19 3.98 -4.01 -17.69
C GLN A 19 4.16 -5.37 -17.00
N CYS A 20 3.58 -5.55 -15.81
CA CYS A 20 3.76 -6.84 -15.10
C CYS A 20 2.45 -7.55 -14.84
N GLU A 21 1.46 -7.21 -15.66
CA GLU A 21 0.12 -7.79 -15.64
C GLU A 21 -0.41 -8.24 -14.27
N PHE A 22 0.17 -7.77 -13.16
CA PHE A 22 -0.38 -8.17 -11.88
C PHE A 22 -1.33 -7.07 -11.45
N CYS A 23 -2.57 -7.50 -11.24
CA CYS A 23 -3.66 -6.62 -11.00
C CYS A 23 -3.89 -6.15 -9.61
N PHE A 24 -4.61 -5.07 -9.66
CA PHE A 24 -5.11 -4.37 -8.51
C PHE A 24 -6.53 -3.91 -8.86
N HIS A 25 -7.43 -4.00 -7.91
CA HIS A 25 -8.80 -3.54 -8.12
C HIS A 25 -8.83 -2.06 -8.15
N LEU A 26 -7.77 -1.46 -8.67
CA LEU A 26 -7.66 -0.05 -8.67
C LEU A 26 -7.62 0.43 -7.25
N ASP A 27 -8.75 0.26 -6.62
CA ASP A 27 -8.92 0.61 -5.24
C ASP A 27 -7.87 -0.13 -4.41
N CYS A 28 -7.62 -1.40 -4.72
CA CYS A 28 -6.59 -2.16 -4.01
C CYS A 28 -5.23 -1.71 -4.50
N HIS A 29 -5.20 -0.99 -5.62
CA HIS A 29 -3.94 -0.51 -6.15
C HIS A 29 -3.29 0.47 -5.17
N LEU A 30 -3.97 0.71 -4.06
CA LEU A 30 -3.52 1.58 -2.97
C LEU A 30 -3.87 3.04 -3.22
N PRO A 31 -3.18 3.83 -4.08
CA PRO A 31 -3.62 5.20 -4.27
C PRO A 31 -4.95 5.16 -4.96
N ALA A 32 -5.36 3.93 -5.25
CA ALA A 32 -6.62 3.65 -5.87
C ALA A 32 -6.79 4.33 -7.20
N LEU A 33 -6.77 3.53 -8.27
CA LEU A 33 -7.00 4.07 -9.58
C LEU A 33 -8.32 4.73 -9.57
N GLN A 34 -9.14 4.09 -8.76
CA GLN A 34 -10.48 4.47 -8.49
C GLN A 34 -11.33 4.28 -9.69
N ASP A 35 -10.63 4.03 -10.76
CA ASP A 35 -11.19 3.89 -12.06
C ASP A 35 -10.07 3.71 -13.02
N VAL A 36 -9.97 2.48 -13.42
CA VAL A 36 -8.94 2.00 -14.26
C VAL A 36 -8.13 3.01 -15.05
N PRO A 37 -6.83 2.75 -14.95
CA PRO A 37 -5.72 3.46 -15.58
C PRO A 37 -5.49 2.92 -16.96
N GLY A 38 -6.60 2.51 -17.55
CA GLY A 38 -6.67 1.96 -18.89
C GLY A 38 -5.58 2.43 -19.82
N GLU A 39 -5.06 3.58 -19.53
CA GLU A 39 -4.01 4.17 -20.32
C GLU A 39 -2.85 3.19 -20.44
N GLU A 40 -2.10 3.08 -19.35
CA GLU A 40 -0.99 2.19 -19.25
C GLU A 40 -0.46 2.22 -17.83
N TRP A 41 -1.18 1.52 -17.01
CA TRP A 41 -0.88 1.45 -15.61
C TRP A 41 0.41 0.69 -15.43
N SER A 42 0.66 0.39 -14.20
CA SER A 42 1.82 -0.36 -13.79
C SER A 42 1.92 -0.36 -12.29
N CYS A 43 1.03 -1.10 -11.65
CA CYS A 43 0.98 -1.15 -10.19
C CYS A 43 1.28 0.22 -9.59
N SER A 44 1.56 0.25 -8.30
CA SER A 44 1.96 1.49 -7.65
C SER A 44 3.39 1.30 -7.18
N LEU A 45 3.91 0.13 -7.51
CA LEU A 45 5.27 -0.27 -7.21
C LEU A 45 6.05 -0.24 -8.50
N CYS A 46 5.29 -0.34 -9.59
CA CYS A 46 5.81 -0.30 -10.95
C CYS A 46 5.59 1.09 -11.58
N HIS A 47 4.50 1.73 -11.17
CA HIS A 47 4.12 3.05 -11.70
C HIS A 47 4.45 4.17 -10.73
N VAL A 48 5.48 3.96 -9.94
CA VAL A 48 5.89 4.94 -8.96
C VAL A 48 7.36 5.26 -9.09
N LEU A 49 7.94 4.69 -10.13
CA LEU A 49 9.35 4.87 -10.45
C LEU A 49 9.85 6.26 -10.23
N PRO A 50 11.15 6.34 -9.91
CA PRO A 50 11.87 7.58 -9.67
C PRO A 50 11.60 8.66 -10.73
N ASP A 51 12.63 9.04 -11.45
CA ASP A 51 12.53 10.05 -12.50
C ASP A 51 12.39 11.45 -11.91
N LEU A 52 12.42 11.50 -10.59
CA LEU A 52 12.30 12.73 -9.83
C LEU A 52 13.10 13.86 -10.44
N LYS A 53 12.70 15.06 -10.07
CA LYS A 53 13.37 16.26 -10.53
C LYS A 53 14.85 16.22 -10.12
N GLU A 54 15.15 15.37 -9.14
CA GLU A 54 16.50 15.20 -8.64
C GLU A 54 17.18 16.53 -8.33
N GLU A 55 18.43 16.68 -8.77
CA GLU A 55 19.20 17.90 -8.53
C GLU A 55 18.76 19.04 -9.44
N ASP A 56 17.62 18.84 -10.08
CA ASP A 56 17.04 19.82 -10.99
C ASP A 56 18.11 20.44 -11.90
N GLY A 57 19.01 19.60 -12.40
CA GLY A 57 20.04 20.10 -13.29
C GLY A 57 19.46 20.88 -14.44
N SER A 58 18.17 20.68 -14.69
CA SER A 58 17.48 21.37 -15.76
C SER A 58 15.98 21.04 -15.75
N LEU A 59 15.50 20.46 -14.65
CA LEU A 59 14.10 20.10 -14.55
C LEU A 59 13.59 20.29 -13.12
N SER A 60 12.63 21.20 -12.96
CA SER A 60 12.06 21.48 -11.65
C SER A 60 10.90 22.43 -11.83
N LEU A 61 10.93 23.10 -12.97
CA LEU A 61 9.91 24.05 -13.36
C LEU A 61 10.03 25.35 -12.57
N ASP A 62 9.96 25.23 -11.24
CA ASP A 62 10.07 26.37 -10.34
C ASP A 62 9.87 25.91 -8.90
N GLY A 63 10.95 25.96 -8.12
CA GLY A 63 10.88 25.56 -6.73
C GLY A 63 11.19 24.10 -6.54
N ALA A 64 10.24 23.37 -5.96
CA ALA A 64 10.42 21.95 -5.73
C ALA A 64 9.16 21.18 -6.09
N ASP A 65 9.34 19.91 -6.47
CA ASP A 65 8.23 19.05 -6.85
C ASP A 65 8.61 17.59 -6.68
N SER A 66 7.64 16.79 -6.21
CA SER A 66 7.85 15.37 -5.99
C SER A 66 9.03 15.10 -5.07
N THR A 67 9.43 16.13 -4.32
CA THR A 67 10.54 16.01 -3.39
C THR A 67 10.20 16.66 -2.06
N GLY A 68 8.93 17.02 -1.89
CA GLY A 68 8.49 17.64 -0.66
C GLY A 68 7.18 18.37 -0.82
N VAL A 69 6.16 17.66 -1.29
CA VAL A 69 4.84 18.24 -1.49
C VAL A 69 4.15 18.47 -0.16
N VAL A 70 4.66 17.82 0.88
CA VAL A 70 4.13 17.93 2.21
C VAL A 70 5.26 17.86 3.20
N ALA A 71 6.08 16.86 2.94
CA ALA A 71 7.25 16.59 3.72
C ALA A 71 6.93 16.06 5.08
N LYS A 72 5.70 15.58 5.15
CA LYS A 72 5.21 14.91 6.34
C LYS A 72 5.64 13.51 6.17
N LEU A 73 4.88 12.86 5.35
CA LEU A 73 5.16 11.54 4.92
C LEU A 73 6.19 11.74 3.84
N SER A 74 5.74 12.48 2.83
CA SER A 74 6.55 12.88 1.67
C SER A 74 6.12 12.13 0.42
N PRO A 75 6.14 12.81 -0.73
CA PRO A 75 5.78 12.22 -2.02
C PRO A 75 6.33 10.83 -2.19
N ALA A 76 7.64 10.76 -2.09
CA ALA A 76 8.37 9.54 -2.24
C ALA A 76 8.21 8.63 -1.04
N ASN A 77 8.24 9.19 0.13
CA ASN A 77 8.10 8.39 1.32
C ASN A 77 6.77 7.65 1.24
N GLN A 78 5.73 8.39 0.86
CA GLN A 78 4.42 7.84 0.74
C GLN A 78 4.47 6.78 -0.31
N ARG A 79 5.34 7.02 -1.26
CA ARG A 79 5.57 6.13 -2.37
C ARG A 79 6.10 4.79 -1.88
N LYS A 80 6.96 4.82 -0.85
CA LYS A 80 7.53 3.60 -0.29
C LYS A 80 6.48 2.75 0.38
N CYS A 81 5.78 3.37 1.31
CA CYS A 81 4.78 2.75 2.10
C CYS A 81 3.62 2.40 1.23
N GLU A 82 3.50 3.11 0.12
CA GLU A 82 2.43 2.78 -0.77
C GLU A 82 2.86 1.57 -1.56
N ARG A 83 4.17 1.35 -1.56
CA ARG A 83 4.77 0.23 -2.22
C ARG A 83 4.73 -0.92 -1.24
N VAL A 84 4.55 -0.54 0.01
CA VAL A 84 4.45 -1.48 1.11
C VAL A 84 3.05 -1.94 1.30
N LEU A 85 2.14 -1.06 1.66
CA LEU A 85 0.79 -1.47 1.79
C LEU A 85 0.52 -2.32 0.62
N LEU A 86 0.90 -1.85 -0.54
CA LEU A 86 0.73 -2.64 -1.71
C LEU A 86 1.53 -3.91 -1.57
N ALA A 87 2.78 -3.81 -1.14
CA ALA A 87 3.56 -5.01 -0.91
C ALA A 87 2.70 -6.03 -0.17
N LEU A 88 2.16 -5.59 0.96
CA LEU A 88 1.28 -6.37 1.76
C LEU A 88 0.10 -6.80 0.92
N PHE A 89 -0.66 -5.81 0.56
CA PHE A 89 -1.85 -5.93 -0.27
C PHE A 89 -1.74 -7.07 -1.29
N CYS A 90 -0.77 -6.90 -2.16
CA CYS A 90 -0.47 -7.85 -3.23
C CYS A 90 -0.49 -9.31 -2.79
N HIS A 91 0.02 -9.63 -1.61
CA HIS A 91 0.05 -11.02 -1.20
C HIS A 91 -1.25 -11.48 -0.57
N GLU A 92 -1.27 -12.74 -0.12
CA GLU A 92 -2.47 -13.31 0.47
C GLU A 92 -2.63 -12.97 1.96
N PRO A 93 -1.61 -13.28 2.78
CA PRO A 93 -1.64 -12.98 4.21
C PRO A 93 -2.36 -11.69 4.51
N CYS A 94 -2.00 -10.70 3.75
CA CYS A 94 -2.59 -9.42 3.89
C CYS A 94 -4.06 -9.44 3.56
N ARG A 95 -4.47 -10.12 2.49
CA ARG A 95 -5.88 -10.17 2.13
C ARG A 95 -6.71 -10.09 3.41
N PRO A 96 -6.53 -11.05 4.35
CA PRO A 96 -7.23 -10.97 5.63
C PRO A 96 -6.97 -9.63 6.31
N LEU A 97 -5.69 -9.26 6.42
CA LEU A 97 -5.27 -8.02 7.03
C LEU A 97 -5.92 -6.78 6.46
N HIS A 98 -6.22 -6.77 5.19
CA HIS A 98 -6.86 -5.63 4.55
C HIS A 98 -8.10 -5.22 5.30
N GLN A 99 -8.68 -6.23 5.90
CA GLN A 99 -9.91 -6.08 6.61
C GLN A 99 -9.93 -6.85 7.92
N LEU A 100 -9.91 -6.12 9.02
CA LEU A 100 -9.91 -6.73 10.35
C LEU A 100 -10.57 -5.80 11.34
N ALA A 101 -10.22 -4.54 11.24
CA ALA A 101 -10.72 -3.53 12.14
C ALA A 101 -12.18 -3.18 11.85
N THR A 102 -12.59 -2.00 12.30
CA THR A 102 -13.96 -1.53 12.12
C THR A 102 -13.94 -0.02 12.06
N ASP A 103 -12.91 0.49 11.40
CA ASP A 103 -12.66 1.91 11.27
C ASP A 103 -13.94 2.76 11.30
N SER A 104 -13.81 3.95 11.85
CA SER A 104 -14.90 4.91 11.99
C SER A 104 -14.39 6.19 12.64
N THR A 105 -13.24 6.65 12.14
CA THR A 105 -12.59 7.86 12.65
C THR A 105 -12.30 7.80 14.13
N PHE A 106 -11.25 7.06 14.45
CA PHE A 106 -10.80 6.84 15.77
C PHE A 106 -9.62 5.85 15.75
N SER A 107 -9.60 5.00 14.71
CA SER A 107 -8.60 3.94 14.57
C SER A 107 -7.38 4.51 13.91
N LEU A 108 -7.63 5.61 13.22
CA LEU A 108 -6.59 6.35 12.58
C LEU A 108 -5.70 6.96 13.64
N ASP A 109 -6.20 6.79 14.87
CA ASP A 109 -5.52 7.24 16.07
C ASP A 109 -5.62 6.12 17.07
N GLN A 110 -6.09 5.01 16.53
CA GLN A 110 -6.30 3.78 17.22
C GLN A 110 -6.55 3.91 18.71
N PRO A 111 -7.82 3.78 19.09
CA PRO A 111 -8.26 3.81 20.46
C PRO A 111 -8.32 2.39 20.97
N GLY A 112 -7.52 1.57 20.30
CA GLY A 112 -7.46 0.17 20.58
C GLY A 112 -8.15 -0.61 19.48
N GLY A 113 -8.08 -0.05 18.27
CA GLY A 113 -8.73 -0.67 17.12
C GLY A 113 -8.13 -2.00 16.69
N THR A 114 -7.73 -2.07 15.42
CA THR A 114 -7.18 -3.26 14.84
C THR A 114 -6.51 -2.95 13.53
N LEU A 115 -6.95 -1.86 12.95
CA LEU A 115 -6.53 -1.43 11.65
C LEU A 115 -6.60 -2.56 10.69
N ASP A 116 -6.21 -2.28 9.49
CA ASP A 116 -6.22 -3.27 8.45
C ASP A 116 -5.68 -2.62 7.19
N LEU A 117 -5.02 -3.39 6.36
CA LEU A 117 -4.35 -2.88 5.19
C LEU A 117 -5.09 -1.78 4.52
N THR A 118 -6.38 -1.92 4.41
CA THR A 118 -7.14 -0.88 3.77
C THR A 118 -7.18 0.33 4.70
N LEU A 119 -7.42 0.07 5.98
CA LEU A 119 -7.41 1.11 6.98
C LEU A 119 -6.24 2.05 6.67
N ILE A 120 -5.09 1.43 6.78
CA ILE A 120 -3.82 2.05 6.53
C ILE A 120 -3.66 2.64 5.13
N ARG A 121 -4.05 1.87 4.14
CA ARG A 121 -3.95 2.30 2.74
C ARG A 121 -4.61 3.60 2.48
N ALA A 122 -5.68 3.80 3.16
CA ALA A 122 -6.43 5.00 3.00
C ALA A 122 -5.75 6.16 3.71
N ARG A 123 -5.12 5.88 4.85
CA ARG A 123 -4.41 6.94 5.55
C ARG A 123 -3.33 7.42 4.63
N LEU A 124 -2.52 6.45 4.24
CA LEU A 124 -1.46 6.68 3.31
C LEU A 124 -2.00 7.42 2.09
N GLN A 125 -3.22 7.04 1.72
CA GLN A 125 -3.94 7.63 0.59
C GLN A 125 -4.58 8.96 0.91
N GLU A 126 -4.76 9.20 2.19
CA GLU A 126 -5.45 10.38 2.68
C GLU A 126 -6.92 10.17 2.38
N LYS A 127 -7.24 8.92 2.05
CA LYS A 127 -8.54 8.48 1.76
C LYS A 127 -9.35 8.50 3.02
N LEU A 128 -8.64 8.10 4.05
CA LEU A 128 -9.18 8.01 5.38
C LEU A 128 -8.81 9.22 6.19
N SER A 129 -7.63 9.13 6.77
CA SER A 129 -7.09 10.20 7.57
C SER A 129 -6.49 11.17 6.59
N PRO A 130 -5.59 12.09 6.99
CA PRO A 130 -5.06 13.00 6.04
C PRO A 130 -3.70 12.50 5.52
N PRO A 131 -2.77 13.38 5.07
CA PRO A 131 -1.46 12.95 4.58
C PRO A 131 -0.62 12.46 5.76
N TYR A 132 0.06 11.33 5.62
CA TYR A 132 0.82 10.85 6.74
C TYR A 132 2.07 11.65 6.98
N SER A 133 2.86 11.14 7.91
CA SER A 133 4.07 11.79 8.31
C SER A 133 5.28 10.91 8.05
N SER A 134 5.03 9.69 7.56
CA SER A 134 6.15 8.81 7.25
C SER A 134 5.68 7.44 6.82
N PRO A 135 6.47 6.74 6.01
CA PRO A 135 6.16 5.39 5.61
C PRO A 135 6.30 4.51 6.83
N GLN A 136 6.79 5.13 7.89
CA GLN A 136 6.93 4.45 9.15
C GLN A 136 5.64 4.68 9.91
N GLU A 137 4.85 5.64 9.42
CA GLU A 137 3.56 5.94 9.98
C GLU A 137 2.61 4.83 9.70
N PHE A 138 2.38 4.69 8.43
CA PHE A 138 1.52 3.71 7.89
C PHE A 138 2.02 2.37 8.35
N ALA A 139 3.33 2.26 8.33
CA ALA A 139 4.02 1.07 8.75
C ALA A 139 3.64 0.78 10.12
N GLN A 140 3.97 1.73 10.95
CA GLN A 140 3.70 1.65 12.32
C GLN A 140 2.34 1.07 12.53
N ASP A 141 1.45 1.42 11.63
CA ASP A 141 0.13 0.93 11.73
C ASP A 141 0.13 -0.48 11.26
N VAL A 142 0.62 -0.76 10.08
CA VAL A 142 0.60 -2.08 9.62
C VAL A 142 1.26 -3.03 10.60
N GLY A 143 2.43 -2.67 11.08
CA GLY A 143 3.06 -3.46 12.08
C GLY A 143 2.09 -3.77 13.18
N ARG A 144 1.17 -2.84 13.38
CA ARG A 144 0.12 -2.98 14.37
C ARG A 144 -0.87 -3.97 13.85
N MET A 145 -1.36 -3.63 12.67
CA MET A 145 -2.25 -4.46 11.93
C MET A 145 -1.84 -5.86 12.21
N PHE A 146 -0.68 -6.15 11.70
CA PHE A 146 0.01 -7.43 11.84
C PHE A 146 -0.13 -7.94 13.26
N LYS A 147 0.02 -7.05 14.23
CA LYS A 147 -0.09 -7.42 15.62
C LYS A 147 -1.45 -8.00 15.99
N GLN A 148 -2.51 -7.28 15.67
CA GLN A 148 -3.86 -7.68 16.01
C GLN A 148 -4.33 -8.64 14.97
N PHE A 149 -3.68 -8.47 13.85
CA PHE A 149 -3.83 -9.28 12.68
C PHE A 149 -3.39 -10.68 13.04
N ASN A 150 -2.48 -10.71 13.98
CA ASN A 150 -1.91 -11.91 14.49
C ASN A 150 -2.51 -12.27 15.84
N LYS A 151 -3.22 -11.31 16.42
CA LYS A 151 -3.83 -11.48 17.74
C LYS A 151 -5.31 -11.76 17.68
N LEU A 152 -5.87 -11.64 16.51
CA LEU A 152 -7.27 -11.87 16.32
C LEU A 152 -7.40 -13.29 15.85
N THR A 153 -6.25 -13.76 15.41
CA THR A 153 -6.03 -15.12 14.94
C THR A 153 -7.30 -15.93 14.86
N GLU A 154 -8.20 -15.41 14.07
CA GLU A 154 -9.48 -16.05 13.84
C GLU A 154 -9.29 -17.08 12.76
N ASP A 155 -8.32 -16.78 11.92
CA ASP A 155 -7.92 -17.64 10.83
C ASP A 155 -6.86 -18.59 11.29
N LYS A 156 -5.96 -18.08 12.10
CA LYS A 156 -4.87 -18.81 12.64
C LYS A 156 -4.21 -19.70 11.59
N ALA A 157 -3.23 -20.49 12.02
CA ALA A 157 -2.47 -21.32 11.10
C ALA A 157 -2.08 -20.51 9.91
N ASP A 158 -2.15 -19.23 10.17
CA ASP A 158 -1.87 -18.18 9.23
C ASP A 158 -1.13 -17.07 9.90
N VAL A 159 -0.64 -17.40 11.07
CA VAL A 159 0.13 -16.48 11.88
C VAL A 159 1.46 -16.36 11.25
N GLN A 160 1.66 -17.21 10.30
CA GLN A 160 2.88 -17.21 9.54
C GLN A 160 2.61 -16.49 8.26
N SER A 161 1.38 -16.01 8.17
CA SER A 161 0.96 -15.24 7.04
C SER A 161 1.10 -13.83 7.51
N ILE A 162 0.67 -13.62 8.76
CA ILE A 162 0.84 -12.37 9.40
C ILE A 162 2.29 -12.06 9.32
N ILE A 163 3.08 -13.07 9.66
CA ILE A 163 4.50 -12.97 9.58
C ILE A 163 5.01 -12.84 8.17
N GLY A 164 4.70 -13.78 7.30
CA GLY A 164 5.19 -13.70 5.94
C GLY A 164 4.83 -12.39 5.28
N LEU A 165 3.78 -11.77 5.77
CA LEU A 165 3.32 -10.52 5.31
C LEU A 165 4.05 -9.44 6.07
N GLN A 166 4.38 -9.77 7.32
CA GLN A 166 5.13 -8.89 8.19
C GLN A 166 6.57 -8.73 7.69
N ARG A 167 7.12 -9.81 7.11
CA ARG A 167 8.45 -9.79 6.57
C ARG A 167 8.40 -9.10 5.22
N PHE A 168 7.33 -9.39 4.50
CA PHE A 168 7.07 -8.82 3.20
C PHE A 168 6.91 -7.33 3.36
N PHE A 169 6.27 -6.98 4.45
CA PHE A 169 6.07 -5.63 4.87
C PHE A 169 7.39 -4.89 4.87
N GLU A 170 8.29 -5.38 5.70
CA GLU A 170 9.60 -4.79 5.89
C GLU A 170 10.53 -4.90 4.69
N THR A 171 10.33 -5.92 3.88
CA THR A 171 11.14 -6.15 2.71
C THR A 171 10.95 -5.09 1.64
N ARG A 172 9.72 -4.95 1.18
CA ARG A 172 9.40 -3.98 0.14
C ARG A 172 9.58 -2.61 0.71
N MET A 173 9.19 -2.44 1.95
CA MET A 173 9.38 -1.21 2.64
C MET A 173 10.88 -0.98 2.76
N ASN A 174 11.65 -2.07 2.70
CA ASN A 174 13.10 -1.96 2.80
C ASN A 174 13.63 -1.66 1.43
N GLU A 175 12.93 -2.23 0.49
CA GLU A 175 13.20 -2.08 -0.92
C GLU A 175 13.09 -0.62 -1.30
N ALA A 176 11.88 -0.11 -1.25
CA ALA A 176 11.60 1.28 -1.56
C ALA A 176 12.52 2.21 -0.78
N PHE A 177 12.79 1.84 0.47
CA PHE A 177 13.64 2.65 1.33
C PHE A 177 15.14 2.48 1.01
N GLY A 178 15.44 2.19 -0.25
CA GLY A 178 16.83 2.03 -0.65
C GLY A 178 17.24 0.57 -0.73
N ASP A 179 16.81 -0.10 -1.80
CA ASP A 179 17.11 -1.52 -2.01
C ASP A 179 16.32 -2.07 -3.18
N THR A 180 15.22 -1.42 -3.51
CA THR A 180 14.38 -1.82 -4.60
C THR A 180 15.11 -1.57 -5.90
N LYS A 181 14.47 -0.89 -6.85
CA LYS A 181 15.11 -0.64 -8.12
C LYS A 181 15.44 -1.96 -8.77
N PHE A 182 15.06 -3.01 -8.06
CA PHE A 182 15.29 -4.39 -8.48
C PHE A 182 14.65 -4.70 -9.84
N SER A 183 15.37 -4.38 -10.91
CA SER A 183 14.90 -4.65 -12.27
C SER A 183 13.60 -3.91 -12.57
N ALA A 184 13.56 -3.28 -13.74
CA ALA A 184 12.39 -2.54 -14.18
C ALA A 184 11.31 -3.43 -14.75
N VAL A 185 11.37 -3.63 -16.04
CA VAL A 185 10.41 -4.44 -16.74
C VAL A 185 10.61 -5.93 -16.54
N LEU A 186 11.21 -6.26 -15.42
CA LEU A 186 11.51 -7.61 -15.05
C LEU A 186 10.91 -7.89 -13.70
N VAL A 187 10.28 -6.85 -13.19
CA VAL A 187 9.68 -6.83 -11.89
C VAL A 187 9.02 -8.13 -11.52
N GLU A 188 9.89 -9.01 -11.16
CA GLU A 188 9.54 -10.36 -10.72
C GLU A 188 9.66 -10.48 -9.20
N PRO A 189 8.52 -10.69 -8.49
CA PRO A 189 8.52 -10.83 -7.03
C PRO A 189 9.53 -11.86 -6.54
ZN ZN B . -8.61 -6.29 -4.96
ZN ZN C . 3.42 -4.17 -11.93
N SER A 1 -4.99 -19.16 -14.69
CA SER A 1 -4.96 -17.74 -15.14
C SER A 1 -6.37 -17.17 -15.20
N ALA A 2 -6.51 -15.93 -14.75
CA ALA A 2 -7.81 -15.26 -14.72
C ALA A 2 -7.67 -13.76 -14.57
N THR A 3 -6.43 -13.26 -14.58
CA THR A 3 -6.20 -11.82 -14.39
C THR A 3 -6.34 -11.46 -12.94
N ILE A 4 -7.49 -11.81 -12.40
CA ILE A 4 -7.83 -11.58 -11.01
C ILE A 4 -6.87 -10.69 -10.26
N CYS A 5 -7.40 -9.56 -9.92
CA CYS A 5 -6.69 -8.51 -9.22
C CYS A 5 -5.74 -9.03 -8.17
N ARG A 6 -4.49 -9.20 -8.56
CA ARG A 6 -3.42 -9.70 -7.70
C ARG A 6 -3.74 -9.55 -6.21
N VAL A 7 -4.30 -8.39 -5.86
CA VAL A 7 -4.65 -8.08 -4.52
C VAL A 7 -5.64 -9.05 -3.96
N CYS A 8 -6.85 -8.94 -4.46
CA CYS A 8 -7.91 -9.74 -3.95
C CYS A 8 -8.11 -10.97 -4.83
N GLN A 9 -7.33 -10.99 -5.90
CA GLN A 9 -7.27 -12.06 -6.86
C GLN A 9 -8.61 -12.46 -7.41
N LYS A 10 -9.42 -11.47 -7.71
CA LYS A 10 -10.67 -11.73 -8.35
C LYS A 10 -10.68 -11.13 -9.73
N PRO A 11 -11.39 -11.78 -10.64
CA PRO A 11 -11.45 -11.37 -12.03
C PRO A 11 -12.40 -10.22 -12.27
N GLY A 12 -12.01 -9.37 -13.20
CA GLY A 12 -12.82 -8.22 -13.53
C GLY A 12 -12.08 -7.24 -14.42
N ASP A 13 -12.41 -5.96 -14.28
CA ASP A 13 -11.74 -4.92 -15.02
C ASP A 13 -10.43 -4.62 -14.35
N LEU A 14 -9.60 -5.63 -14.28
CA LEU A 14 -8.33 -5.57 -13.64
C LEU A 14 -7.29 -4.90 -14.48
N VAL A 15 -6.43 -4.21 -13.80
CA VAL A 15 -5.31 -3.52 -14.43
C VAL A 15 -4.12 -4.39 -14.35
N MET A 16 -3.69 -4.87 -15.49
CA MET A 16 -2.55 -5.73 -15.52
C MET A 16 -1.30 -4.90 -15.50
N CYS A 17 -0.69 -4.81 -14.32
CA CYS A 17 0.51 -4.02 -14.14
C CYS A 17 1.34 -4.12 -15.40
N ASN A 18 1.28 -3.08 -16.22
CA ASN A 18 2.02 -3.05 -17.47
C ASN A 18 3.46 -3.45 -17.20
N GLN A 19 3.83 -3.43 -15.92
CA GLN A 19 5.17 -3.78 -15.53
C GLN A 19 5.29 -5.17 -14.90
N CYS A 20 4.30 -5.61 -14.12
CA CYS A 20 4.45 -6.94 -13.48
C CYS A 20 3.18 -7.76 -13.36
N GLU A 21 2.33 -7.70 -14.37
CA GLU A 21 1.09 -8.45 -14.40
C GLU A 21 0.10 -8.08 -13.30
N PHE A 22 0.59 -7.70 -12.10
CA PHE A 22 -0.26 -7.32 -11.00
C PHE A 22 -1.57 -6.70 -11.47
N CYS A 23 -2.62 -7.51 -11.54
CA CYS A 23 -3.91 -7.06 -11.98
C CYS A 23 -4.64 -6.44 -10.82
N PHE A 24 -5.41 -5.43 -11.13
CA PHE A 24 -6.13 -4.74 -10.09
C PHE A 24 -7.50 -4.23 -10.50
N HIS A 25 -8.46 -4.54 -9.66
CA HIS A 25 -9.82 -4.08 -9.81
C HIS A 25 -9.90 -2.59 -9.75
N LEU A 26 -8.75 -2.00 -9.71
CA LEU A 26 -8.59 -0.57 -9.57
C LEU A 26 -8.86 -0.22 -8.15
N ASP A 27 -10.07 -0.49 -7.74
CA ASP A 27 -10.50 -0.19 -6.39
C ASP A 27 -9.58 -0.85 -5.38
N CYS A 28 -9.29 -2.14 -5.56
CA CYS A 28 -8.41 -2.84 -4.67
C CYS A 28 -7.02 -2.22 -4.75
N HIS A 29 -6.74 -1.48 -5.84
CA HIS A 29 -5.45 -0.81 -5.95
C HIS A 29 -5.23 0.01 -4.69
N LEU A 30 -4.00 0.03 -4.19
CA LEU A 30 -3.70 0.75 -2.97
C LEU A 30 -4.53 2.01 -2.82
N PRO A 31 -4.38 3.02 -3.67
CA PRO A 31 -5.17 4.19 -3.54
C PRO A 31 -6.39 4.10 -4.43
N ALA A 32 -6.51 2.92 -5.02
CA ALA A 32 -7.59 2.59 -5.91
C ALA A 32 -7.50 3.38 -7.20
N LEU A 33 -7.47 2.70 -8.36
CA LEU A 33 -7.44 3.42 -9.60
C LEU A 33 -8.59 4.39 -9.65
N GLN A 34 -8.78 4.98 -10.79
CA GLN A 34 -9.83 5.92 -10.97
C GLN A 34 -10.79 5.39 -11.98
N ASP A 35 -10.29 4.40 -12.67
CA ASP A 35 -10.94 3.72 -13.74
C ASP A 35 -9.88 3.44 -14.74
N VAL A 36 -9.49 2.22 -14.69
CA VAL A 36 -8.40 1.69 -15.44
C VAL A 36 -7.54 2.71 -16.20
N PRO A 37 -6.26 2.70 -15.84
CA PRO A 37 -5.19 3.54 -16.39
C PRO A 37 -5.02 3.37 -17.88
N GLY A 38 -5.81 2.47 -18.40
CA GLY A 38 -5.84 2.16 -19.82
C GLY A 38 -4.51 1.78 -20.41
N GLU A 39 -3.78 2.81 -20.78
CA GLU A 39 -2.49 2.69 -21.43
C GLU A 39 -1.60 1.59 -20.84
N GLU A 40 -0.80 1.95 -19.85
CA GLU A 40 0.13 1.04 -19.23
C GLU A 40 0.33 1.41 -17.80
N TRP A 41 -0.47 0.82 -16.96
CA TRP A 41 -0.41 1.07 -15.57
C TRP A 41 0.74 0.31 -14.97
N SER A 42 0.89 0.57 -13.73
CA SER A 42 1.89 -0.10 -12.92
C SER A 42 1.41 -0.14 -11.49
N CYS A 43 1.16 -1.34 -11.00
CA CYS A 43 0.67 -1.54 -9.65
C CYS A 43 1.47 -0.72 -8.63
N SER A 44 0.76 0.07 -7.81
CA SER A 44 1.38 0.98 -6.82
C SER A 44 2.71 0.49 -6.25
N LEU A 45 2.82 -0.78 -5.84
CA LEU A 45 4.09 -1.25 -5.30
C LEU A 45 5.12 -1.45 -6.43
N CYS A 46 4.84 -0.73 -7.52
CA CYS A 46 5.66 -0.61 -8.75
C CYS A 46 5.61 0.86 -9.13
N HIS A 47 4.41 1.41 -8.92
CA HIS A 47 4.11 2.81 -9.25
C HIS A 47 4.42 3.73 -8.11
N VAL A 48 3.59 3.60 -7.10
CA VAL A 48 3.68 4.40 -5.89
C VAL A 48 3.27 5.84 -6.18
N LEU A 49 2.89 6.07 -7.43
CA LEU A 49 2.46 7.39 -7.88
C LEU A 49 0.94 7.49 -7.99
N PRO A 50 0.40 8.66 -7.64
CA PRO A 50 -1.03 8.93 -7.69
C PRO A 50 -1.61 8.76 -9.07
N ASP A 51 -0.98 9.45 -10.00
CA ASP A 51 -1.34 9.45 -11.42
C ASP A 51 -2.47 10.43 -11.70
N LEU A 52 -2.98 10.99 -10.64
CA LEU A 52 -4.05 11.95 -10.70
C LEU A 52 -3.81 13.05 -11.72
N LYS A 53 -4.21 12.78 -12.96
CA LYS A 53 -4.07 13.75 -14.03
C LYS A 53 -4.72 15.07 -13.63
N GLU A 54 -5.90 14.97 -13.03
CA GLU A 54 -6.65 16.13 -12.58
C GLU A 54 -6.74 17.22 -13.64
N GLU A 55 -7.08 18.43 -13.22
CA GLU A 55 -7.21 19.56 -14.11
C GLU A 55 -5.86 20.24 -14.34
N ASP A 56 -4.81 19.52 -13.99
CA ASP A 56 -3.45 20.01 -14.14
C ASP A 56 -3.21 20.55 -15.55
N GLY A 57 -2.03 21.14 -15.74
CA GLY A 57 -1.72 21.73 -17.03
C GLY A 57 -2.12 23.18 -17.06
N SER A 58 -2.82 23.59 -16.00
CA SER A 58 -3.31 24.94 -15.85
C SER A 58 -3.89 25.12 -14.46
N LEU A 59 -3.94 24.04 -13.69
CA LEU A 59 -4.47 24.07 -12.34
C LEU A 59 -3.53 23.35 -11.39
N SER A 60 -2.86 24.12 -10.53
CA SER A 60 -1.92 23.56 -9.57
C SER A 60 -1.43 24.66 -8.66
N LEU A 61 -1.96 25.85 -8.92
CA LEU A 61 -1.62 27.04 -8.18
C LEU A 61 -0.12 27.28 -8.18
N ASP A 62 0.44 27.41 -9.37
CA ASP A 62 1.88 27.64 -9.55
C ASP A 62 2.45 28.49 -8.42
N GLY A 63 3.36 27.87 -7.65
CA GLY A 63 3.98 28.56 -6.54
C GLY A 63 4.06 27.70 -5.31
N ALA A 64 5.26 27.54 -4.81
CA ALA A 64 5.51 26.74 -3.63
C ALA A 64 5.08 25.29 -3.85
N ASP A 65 4.86 24.56 -2.75
CA ASP A 65 4.44 23.16 -2.82
C ASP A 65 5.53 22.29 -3.42
N SER A 66 5.57 21.03 -2.98
CA SER A 66 6.56 20.08 -3.47
C SER A 66 5.94 19.05 -4.39
N THR A 67 5.19 18.10 -3.81
CA THR A 67 4.55 17.05 -4.59
C THR A 67 3.04 17.01 -4.34
N GLY A 68 2.62 16.34 -3.27
CA GLY A 68 1.22 16.23 -2.95
C GLY A 68 0.85 16.97 -1.68
N VAL A 69 1.47 18.14 -1.48
CA VAL A 69 1.24 18.97 -0.30
C VAL A 69 0.96 18.15 0.95
N VAL A 70 2.03 17.74 1.63
CA VAL A 70 1.95 16.97 2.83
C VAL A 70 3.24 17.08 3.59
N ALA A 71 4.23 16.38 3.07
CA ALA A 71 5.56 16.39 3.65
C ALA A 71 5.51 16.26 5.15
N LYS A 72 4.53 15.52 5.60
CA LYS A 72 4.36 15.27 7.02
C LYS A 72 5.58 14.53 7.48
N LEU A 73 5.64 13.34 6.97
CA LEU A 73 6.73 12.44 7.16
C LEU A 73 7.74 12.66 6.05
N SER A 74 7.30 12.24 4.86
CA SER A 74 8.11 12.34 3.65
C SER A 74 7.31 11.94 2.42
N PRO A 75 7.35 12.78 1.39
CA PRO A 75 6.65 12.55 0.11
C PRO A 75 7.15 11.29 -0.49
N ALA A 76 8.36 11.02 -0.09
CA ALA A 76 9.10 9.89 -0.56
C ALA A 76 8.93 8.70 0.34
N ASN A 77 9.02 8.89 1.66
CA ASN A 77 8.86 7.75 2.52
C ASN A 77 7.51 7.19 2.18
N GLN A 78 6.54 8.09 2.05
CA GLN A 78 5.22 7.71 1.64
C GLN A 78 5.32 6.95 0.35
N ARG A 79 6.03 7.52 -0.58
CA ARG A 79 6.25 6.86 -1.84
C ARG A 79 6.56 5.37 -1.56
N LYS A 80 7.52 5.16 -0.69
CA LYS A 80 7.96 3.83 -0.31
C LYS A 80 6.90 3.07 0.51
N CYS A 81 6.01 3.82 1.12
CA CYS A 81 4.94 3.30 1.94
C CYS A 81 3.87 2.69 1.05
N GLU A 82 3.45 3.46 0.06
CA GLU A 82 2.47 2.98 -0.88
C GLU A 82 3.02 1.72 -1.49
N ARG A 83 4.34 1.63 -1.47
CA ARG A 83 5.01 0.45 -1.94
C ARG A 83 4.59 -0.70 -1.04
N VAL A 84 4.59 -0.43 0.26
CA VAL A 84 4.23 -1.41 1.25
C VAL A 84 2.76 -1.82 1.23
N LEU A 85 1.80 -0.92 1.49
CA LEU A 85 0.40 -1.31 1.52
C LEU A 85 0.08 -2.13 0.36
N LEU A 86 0.48 -1.69 -0.81
CA LEU A 86 0.18 -2.46 -1.92
C LEU A 86 0.92 -3.78 -1.90
N ALA A 87 2.25 -3.72 -1.84
CA ALA A 87 3.04 -4.93 -1.78
C ALA A 87 2.32 -5.94 -0.90
N LEU A 88 1.85 -5.41 0.23
CA LEU A 88 1.11 -6.13 1.20
C LEU A 88 -0.14 -6.70 0.56
N PHE A 89 -0.97 -5.78 0.18
CA PHE A 89 -2.25 -6.04 -0.48
C PHE A 89 -2.14 -7.16 -1.52
N CYS A 90 -1.34 -6.88 -2.53
CA CYS A 90 -1.10 -7.81 -3.63
C CYS A 90 -0.90 -9.24 -3.17
N HIS A 91 -0.23 -9.44 -2.03
CA HIS A 91 -0.01 -10.78 -1.55
C HIS A 91 -1.20 -11.28 -0.77
N GLU A 92 -1.26 -12.59 -0.59
CA GLU A 92 -2.42 -13.18 0.07
C GLU A 92 -2.42 -12.99 1.59
N PRO A 93 -1.34 -13.34 2.28
CA PRO A 93 -1.28 -13.14 3.72
C PRO A 93 -2.00 -11.85 4.08
N CYS A 94 -1.82 -10.83 3.25
CA CYS A 94 -2.51 -9.60 3.50
C CYS A 94 -3.96 -9.82 3.21
N ARG A 95 -4.32 -10.54 2.13
CA ARG A 95 -5.74 -10.79 1.85
C ARG A 95 -6.54 -10.66 3.15
N PRO A 96 -6.23 -11.47 4.19
CA PRO A 96 -6.89 -11.30 5.49
C PRO A 96 -6.63 -9.90 6.04
N LEU A 97 -5.35 -9.50 6.05
CA LEU A 97 -4.95 -8.18 6.53
C LEU A 97 -5.69 -7.04 5.88
N HIS A 98 -6.01 -7.20 4.61
CA HIS A 98 -6.69 -6.19 3.84
C HIS A 98 -7.73 -5.50 4.68
N GLN A 99 -8.32 -6.29 5.56
CA GLN A 99 -9.35 -5.84 6.45
C GLN A 99 -9.33 -6.66 7.74
N LEU A 100 -9.09 -5.98 8.85
CA LEU A 100 -9.00 -6.65 10.14
C LEU A 100 -9.94 -6.02 11.13
N ALA A 101 -10.04 -4.71 11.05
CA ALA A 101 -10.85 -3.97 11.97
C ALA A 101 -12.31 -3.95 11.53
N THR A 102 -13.05 -3.00 12.06
CA THR A 102 -14.46 -2.82 11.74
C THR A 102 -14.63 -1.35 11.44
N ASP A 103 -13.48 -0.77 11.12
CA ASP A 103 -13.31 0.63 10.82
C ASP A 103 -14.62 1.36 10.52
N SER A 104 -15.26 1.83 11.58
CA SER A 104 -16.50 2.58 11.44
C SER A 104 -16.19 4.07 11.58
N THR A 105 -15.04 4.44 11.01
CA THR A 105 -14.53 5.79 11.05
C THR A 105 -14.02 6.16 12.42
N PHE A 106 -13.06 5.42 12.93
CA PHE A 106 -12.50 5.77 14.20
C PHE A 106 -11.21 5.07 14.49
N SER A 107 -10.78 4.20 13.60
CA SER A 107 -9.54 3.49 13.82
C SER A 107 -8.36 4.45 13.88
N LEU A 108 -8.61 5.69 13.50
CA LEU A 108 -7.60 6.73 13.49
C LEU A 108 -7.30 7.22 14.86
N ASP A 109 -8.29 7.07 15.69
CA ASP A 109 -8.19 7.48 17.07
C ASP A 109 -8.97 6.55 17.95
N GLN A 110 -9.26 5.40 17.38
CA GLN A 110 -10.00 4.39 18.02
C GLN A 110 -9.51 4.18 19.44
N PRO A 111 -10.46 4.10 20.35
CA PRO A 111 -10.17 3.90 21.76
C PRO A 111 -9.30 2.68 21.96
N GLY A 112 -9.14 1.93 20.88
CA GLY A 112 -8.30 0.76 20.89
C GLY A 112 -8.85 -0.34 20.01
N GLY A 113 -8.90 -0.09 18.71
CA GLY A 113 -9.43 -1.07 17.78
C GLY A 113 -8.36 -1.91 17.11
N THR A 114 -8.50 -2.08 15.80
CA THR A 114 -7.58 -2.86 15.02
C THR A 114 -7.23 -2.13 13.76
N LEU A 115 -6.06 -2.45 13.29
CA LEU A 115 -5.57 -1.92 12.09
C LEU A 115 -5.60 -2.93 11.01
N ASP A 116 -5.73 -2.43 9.82
CA ASP A 116 -5.73 -3.28 8.68
C ASP A 116 -5.17 -2.48 7.53
N LEU A 117 -5.20 -3.05 6.36
CA LEU A 117 -4.63 -2.41 5.21
C LEU A 117 -5.45 -1.28 4.76
N THR A 118 -6.61 -1.58 4.27
CA THR A 118 -7.52 -0.57 3.78
C THR A 118 -7.59 0.56 4.80
N LEU A 119 -7.34 0.19 6.04
CA LEU A 119 -7.32 1.11 7.15
C LEU A 119 -6.18 2.11 6.96
N ILE A 120 -5.00 1.56 7.13
CA ILE A 120 -3.76 2.27 6.97
C ILE A 120 -3.69 2.98 5.62
N ARG A 121 -4.17 2.25 4.65
CA ARG A 121 -4.20 2.63 3.26
C ARG A 121 -5.09 3.80 3.07
N ALA A 122 -6.07 3.83 3.91
CA ALA A 122 -7.02 4.91 3.90
C ALA A 122 -6.30 6.19 4.26
N ARG A 123 -5.39 6.06 5.22
CA ARG A 123 -4.60 7.19 5.69
C ARG A 123 -3.85 7.74 4.48
N LEU A 124 -3.20 6.80 3.82
CA LEU A 124 -2.46 7.02 2.59
C LEU A 124 -3.34 7.63 1.57
N GLN A 125 -4.55 7.11 1.58
CA GLN A 125 -5.56 7.52 0.67
C GLN A 125 -6.23 8.81 1.08
N GLU A 126 -6.10 9.14 2.36
CA GLU A 126 -6.75 10.30 2.93
C GLU A 126 -8.21 9.95 3.05
N LYS A 127 -8.47 8.69 2.76
CA LYS A 127 -9.74 8.11 2.84
C LYS A 127 -10.16 8.11 4.26
N LEU A 128 -9.16 7.75 5.04
CA LEU A 128 -9.28 7.66 6.45
C LEU A 128 -9.71 8.97 7.11
N SER A 129 -8.74 9.73 7.60
CA SER A 129 -9.06 10.98 8.30
C SER A 129 -7.88 11.85 8.68
N PRO A 130 -6.90 11.22 9.34
CA PRO A 130 -5.74 11.92 9.91
C PRO A 130 -4.39 11.93 9.14
N PRO A 131 -4.37 11.69 7.82
CA PRO A 131 -3.20 11.62 6.99
C PRO A 131 -1.89 12.14 7.53
N TYR A 132 -0.94 11.27 7.30
CA TYR A 132 0.45 11.42 7.57
C TYR A 132 1.08 11.93 6.31
N SER A 133 1.99 11.12 5.81
CA SER A 133 2.64 11.36 4.60
C SER A 133 3.70 10.31 4.39
N SER A 134 3.61 9.15 5.07
CA SER A 134 4.60 8.11 4.83
C SER A 134 4.29 6.81 5.56
N PRO A 135 5.20 5.80 5.46
CA PRO A 135 4.99 4.52 6.08
C PRO A 135 5.24 4.56 7.56
N GLN A 136 6.38 5.05 7.98
CA GLN A 136 6.69 5.02 9.40
C GLN A 136 5.42 5.23 10.18
N GLU A 137 4.58 6.12 9.69
CA GLU A 137 3.31 6.34 10.30
C GLU A 137 2.47 5.08 10.21
N PHE A 138 2.13 4.75 8.96
CA PHE A 138 1.31 3.64 8.64
C PHE A 138 2.05 2.32 8.71
N ALA A 139 3.21 2.22 8.09
CA ALA A 139 4.05 1.05 8.18
C ALA A 139 4.03 0.55 9.60
N GLN A 140 4.19 1.46 10.54
CA GLN A 140 4.13 1.10 11.91
C GLN A 140 2.74 0.61 12.28
N ASP A 141 1.77 1.23 11.62
CA ASP A 141 0.36 0.88 11.81
C ASP A 141 0.07 -0.46 11.16
N VAL A 142 0.95 -0.89 10.27
CA VAL A 142 0.81 -2.16 9.64
C VAL A 142 1.61 -3.18 10.37
N GLY A 143 2.69 -2.74 10.95
CA GLY A 143 3.41 -3.63 11.80
C GLY A 143 2.44 -3.95 12.91
N ARG A 144 1.51 -3.01 13.03
CA ARG A 144 0.39 -3.05 13.93
C ARG A 144 -0.63 -3.97 13.39
N MET A 145 -0.94 -3.70 12.13
CA MET A 145 -1.85 -4.52 11.39
C MET A 145 -1.52 -5.90 11.78
N PHE A 146 -0.35 -6.26 11.35
CA PHE A 146 0.26 -7.54 11.60
C PHE A 146 0.09 -7.90 13.06
N LYS A 147 0.20 -6.89 13.92
CA LYS A 147 0.06 -7.10 15.35
C LYS A 147 -1.29 -7.66 15.75
N GLN A 148 -2.37 -6.97 15.37
CA GLN A 148 -3.69 -7.47 15.71
C GLN A 148 -3.92 -8.60 14.76
N PHE A 149 -3.58 -8.31 13.53
CA PHE A 149 -3.65 -9.23 12.43
C PHE A 149 -3.34 -10.62 12.94
N ASN A 150 -2.26 -10.71 13.71
CA ASN A 150 -1.81 -11.94 14.28
C ASN A 150 -2.52 -12.26 15.58
N LYS A 151 -2.72 -11.25 16.42
CA LYS A 151 -3.40 -11.43 17.70
C LYS A 151 -4.84 -11.90 17.50
N LEU A 152 -5.33 -11.73 16.29
CA LEU A 152 -6.62 -12.14 15.90
C LEU A 152 -6.58 -13.63 15.95
N THR A 153 -5.44 -14.08 15.44
CA THR A 153 -5.08 -15.47 15.37
C THR A 153 -6.29 -16.36 15.27
N GLU A 154 -7.26 -15.85 14.54
CA GLU A 154 -8.49 -16.56 14.30
C GLU A 154 -8.18 -17.70 13.37
N ASP A 155 -7.22 -17.43 12.51
CA ASP A 155 -6.74 -18.38 11.55
C ASP A 155 -5.74 -19.29 12.21
N LYS A 156 -4.87 -18.65 12.98
CA LYS A 156 -3.83 -19.32 13.67
C LYS A 156 -3.10 -20.35 12.82
N ALA A 157 -1.99 -20.84 13.34
CA ALA A 157 -1.17 -21.77 12.60
C ALA A 157 -0.96 -21.25 11.20
N ASP A 158 -1.25 -19.98 11.12
CA ASP A 158 -1.19 -19.20 9.92
C ASP A 158 -0.75 -17.80 10.24
N VAL A 159 -0.24 -17.67 11.42
CA VAL A 159 0.27 -16.41 11.92
C VAL A 159 1.52 -16.13 11.20
N GLN A 160 1.89 -17.10 10.41
CA GLN A 160 3.06 -16.99 9.61
C GLN A 160 2.67 -16.35 8.30
N SER A 161 1.39 -15.99 8.23
CA SER A 161 0.86 -15.27 7.12
C SER A 161 0.98 -13.85 7.56
N ILE A 162 0.77 -13.69 8.87
CA ILE A 162 0.94 -12.45 9.51
C ILE A 162 2.40 -12.13 9.45
N ILE A 163 3.20 -13.10 9.86
CA ILE A 163 4.61 -12.97 9.77
C ILE A 163 5.01 -12.91 8.31
N GLY A 164 4.21 -13.54 7.50
CA GLY A 164 4.45 -13.57 6.08
C GLY A 164 4.54 -12.19 5.52
N LEU A 165 3.60 -11.30 5.89
CA LEU A 165 3.69 -9.94 5.44
C LEU A 165 4.65 -9.24 6.32
N GLN A 166 4.54 -9.47 7.61
CA GLN A 166 5.44 -8.82 8.49
C GLN A 166 6.83 -8.79 7.82
N ARG A 167 7.15 -9.90 7.13
CA ARG A 167 8.38 -10.02 6.36
C ARG A 167 8.22 -9.41 4.96
N PHE A 168 7.12 -9.76 4.28
CA PHE A 168 6.80 -9.22 2.96
C PHE A 168 6.82 -7.71 3.09
N PHE A 169 5.94 -7.23 3.92
CA PHE A 169 5.89 -5.85 4.31
C PHE A 169 7.26 -5.24 4.31
N GLU A 170 7.99 -5.63 5.33
CA GLU A 170 9.29 -5.10 5.58
C GLU A 170 10.25 -5.17 4.41
N THR A 171 10.14 -6.21 3.60
CA THR A 171 11.03 -6.40 2.48
C THR A 171 10.67 -5.46 1.36
N ARG A 172 9.38 -5.22 1.16
CA ARG A 172 8.92 -4.34 0.10
C ARG A 172 9.15 -2.94 0.56
N MET A 173 8.79 -2.74 1.81
CA MET A 173 9.02 -1.51 2.49
C MET A 173 10.54 -1.27 2.50
N ASN A 174 11.30 -2.35 2.25
CA ASN A 174 12.76 -2.29 2.19
C ASN A 174 13.18 -2.04 0.76
N GLU A 175 12.45 -2.70 -0.14
CA GLU A 175 12.67 -2.60 -1.57
C GLU A 175 12.31 -1.20 -2.04
N ALA A 176 11.55 -0.54 -1.18
CA ALA A 176 11.07 0.82 -1.39
C ALA A 176 12.07 1.82 -0.87
N PHE A 177 12.46 1.63 0.39
CA PHE A 177 13.43 2.49 1.04
C PHE A 177 14.81 2.25 0.42
N GLY A 178 14.82 1.49 -0.66
CA GLY A 178 16.05 1.20 -1.38
C GLY A 178 16.01 1.68 -2.81
N ASP A 179 15.23 1.00 -3.66
CA ASP A 179 15.12 1.34 -5.08
C ASP A 179 14.60 0.13 -5.84
N THR A 180 14.75 -1.02 -5.21
CA THR A 180 14.34 -2.28 -5.73
C THR A 180 12.89 -2.26 -6.18
N LYS A 181 12.56 -3.12 -7.15
CA LYS A 181 11.21 -3.19 -7.68
C LYS A 181 10.81 -1.89 -8.35
N PHE A 182 11.73 -0.95 -8.31
CA PHE A 182 11.49 0.36 -8.89
C PHE A 182 12.64 0.75 -9.80
N SER A 183 13.46 -0.24 -10.17
CA SER A 183 14.58 -0.05 -11.06
C SER A 183 14.24 -0.61 -12.43
N ALA A 184 12.99 -1.07 -12.55
CA ALA A 184 12.44 -1.63 -13.77
C ALA A 184 13.04 -2.98 -14.13
N VAL A 185 14.06 -3.37 -13.41
CA VAL A 185 14.72 -4.62 -13.64
C VAL A 185 14.42 -5.65 -12.56
N LEU A 186 13.64 -5.22 -11.61
CA LEU A 186 13.23 -6.06 -10.48
C LEU A 186 11.74 -6.31 -10.48
N VAL A 187 11.07 -5.65 -11.38
CA VAL A 187 9.63 -5.76 -11.52
C VAL A 187 9.23 -7.14 -11.95
N GLU A 188 10.23 -7.92 -12.24
CA GLU A 188 10.06 -9.30 -12.67
C GLU A 188 10.41 -10.28 -11.54
N PRO A 189 9.40 -10.76 -10.79
CA PRO A 189 9.61 -11.70 -9.69
C PRO A 189 10.66 -12.77 -10.02
ZN ZN B . -9.77 -7.01 -6.37
ZN ZN C . 3.64 -4.18 -10.58
#